data_7KIP
#
_entry.id   7KIP
#
loop_
_entity.id
_entity.type
_entity.pdbx_description
1 polymer 'Spike glycoprotein'
2 branched alpha-D-mannopyranose-(1-2)-alpha-D-mannopyranose-(1-3)-[alpha-D-mannopyranose-(1-6)]beta-D-mannopyranose-(1-4)-2-acetamido-2-deoxy-beta-D-glucopyranose-(1-4)-2-acetamido-2-deoxy-beta-D-glucopyranose
3 branched 2-acetamido-2-deoxy-beta-D-glucopyranose-(1-4)-2-acetamido-2-deoxy-beta-D-glucopyranose
4 branched alpha-D-mannopyranose-(1-3)-beta-D-mannopyranose-(1-4)-2-acetamido-2-deoxy-beta-D-glucopyranose-(1-4)-2-acetamido-2-deoxy-beta-D-glucopyranose
5 branched alpha-D-mannopyranose-(1-6)-beta-D-mannopyranose-(1-4)-2-acetamido-2-deoxy-beta-D-glucopyranose-(1-4)-2-acetamido-2-deoxy-beta-D-glucopyranose
6 branched alpha-D-mannopyranose-(1-2)-alpha-D-mannopyranose-(1-2)-alpha-D-mannopyranose-(1-3)-[alpha-D-mannopyranose-(1-3)-alpha-D-mannopyranose-(1-6)]beta-D-mannopyranose-(1-4)-2-acetamido-2-deoxy-beta-D-glucopyranose-(1-4)-2-acetamido-2-deoxy-beta-D-glucopyranose
7 branched beta-D-mannopyranose-(1-4)-2-acetamido-2-deoxy-beta-D-glucopyranose
8 branched alpha-D-mannopyranose-(1-3)-[alpha-D-mannopyranose-(1-6)]beta-D-mannopyranose-(1-4)-2-acetamido-2-deoxy-beta-D-glucopyranose-(1-4)-2-acetamido-2-deoxy-beta-D-glucopyranose
9 branched beta-D-mannopyranose-(1-4)-2-acetamido-2-deoxy-beta-D-glucopyranose-(1-4)-2-acetamido-2-deoxy-beta-D-glucopyranose
10 non-polymer 2-acetamido-2-deoxy-beta-D-glucopyranose
#
_entity_poly.entity_id   1
_entity_poly.type   'polypeptide(L)'
_entity_poly.pdbx_seq_one_letter_code
;MKLFLILLVLPLASCFFTCNSNANLSMLQLGVPDNSSTIVTGLLPTHWFCANQSTSVYSANGFFYIDVGNHRSAFALHTG
YYDANQYYIYVTNEIGLNASVTLKICKFSRNTTFDFLSNASSSFDCIVNLLFTEQLGAPLGITISGETVRLHLYNVTRTF
YVPAAYKLTKLSVKCYFNYSCVFSVVNATVTVNVTTHNGRVVNYTVCDDCNGYTDNIFSVQQDGRIPNGFPFNNWFLLTN
GSTLVDGVSRLYQPLRLTCLWPVPGLKSSTGFVYFNATGSDVNCNGYQHNSVVDVMRYNLNFSANSLDNLKSGVIVFKTL
QYDVLFYCSNSSSGVLDTTIPFGPSSQPYYCFINSTINTTHVSTFVGILPPTVREIVVARTGQFYINGFKYFDLGFIEAV
NFNVTTASATDFWTVAFATFVDVLVNVSATNIQNLLYCDSPFEKLQCEHLQFGLQDGFYSANFLDDNVLPETYVALPIYY
QHTDINFTATASFGGSCYVCKPHQVNISLNGNTSVCVRTSHFSIRYIYNRVKSGSPGDSSWHIYLKSGTCPFSFSKLNNF
QKFKTICFSTVEVPGSCNFPLEATWHYTSYTIVGALYVTWSEGNSITGVPYPVSGIREFSNLVLNNCTKYNIYDYVGTGI
IRSSNQSLAGGITYVSNSGNLLGFKNVSTGNIFIVTPCNQPDQVAVYQQSIIGAMTAVNESRYGLQNLLQLPNFYYVSNG
GNNCTTAVMTYSNFGICADGSLIPVRPRNSSDNGISAIITANLSIPSNWTTSVQVEYLQITSTPIVVDCATYVCNGNPRC
KNLLKQYTSACKTIEDALRLSAHLETNDVSSMLTFDSNAFSLANVTSFGDYNLSSVLPQRNIRSSRIAGRSALEDLLFSK
VVTSGLGTVDVDYKSCTKGLSIADLACAQYYNGIMVLPGVADAERMAMYTGSLIGGMVLGGLTSAAAIPFSLALQARLNY
VALQTDVLQENQKILAASFNKAINNIVASFSSVNDAITQTAEAIHTVTIALNKIQDVVNQQGSALNHLTSQLRHNFQAIS
NSIQAIYDRLDSIQADQQVDRLITGRLAALNAFVSQVLNKYTEVRGSRRLAQQKINECVKSQSNRYGFCGNGTHIFSIVN
SAPDGLLFLHTVLLPTDYKNVKAWSGICVDGIYGYVLRQPNLVLYSDNGVFRVTSRVMFQPRLPVLSDFVQIYNCNVTFV
NISRVELHTVIPDYVDVNKTLQEFAQNLPKYVKPNFDLTPFNLTYLNLSSELKQLEAKTASLFQTTVELQGLIDQINSTY
VDLKLLNRFENYIKWPWWVWLIISVVFVVLLSLLVFCCLSTGCCGCCNCLTSSMRGCCDCGSTKLPYYEFEKVHVQ
;
_entity_poly.pdbx_strand_id   A,B,C
#
loop_
_chem_comp.id
_chem_comp.type
_chem_comp.name
_chem_comp.formula
BMA D-saccharide, beta linking beta-D-mannopyranose 'C6 H12 O6'
MAN D-saccharide, alpha linking alpha-D-mannopyranose 'C6 H12 O6'
NAG D-saccharide, beta linking 2-acetamido-2-deoxy-beta-D-glucopyranose 'C8 H15 N O6'
#
# COMPACT_ATOMS: atom_id res chain seq x y z
N ALA A 23 48.65 -47.06 -14.63
CA ALA A 23 47.37 -46.53 -14.19
C ALA A 23 46.39 -47.64 -13.92
N ASN A 24 46.01 -47.81 -12.65
CA ASN A 24 45.06 -48.84 -12.25
C ASN A 24 44.11 -48.23 -11.21
N LEU A 25 42.98 -47.72 -11.68
CA LEU A 25 42.00 -47.09 -10.82
C LEU A 25 40.98 -48.13 -10.38
N SER A 26 39.89 -47.69 -9.76
CA SER A 26 38.82 -48.58 -9.34
C SER A 26 37.87 -48.80 -10.51
N MET A 27 36.72 -49.40 -10.25
CA MET A 27 35.64 -49.39 -11.24
C MET A 27 34.74 -48.18 -11.08
N LEU A 28 34.50 -47.74 -9.84
CA LEU A 28 33.65 -46.58 -9.61
C LEU A 28 34.29 -45.28 -10.07
N GLN A 29 35.61 -45.22 -10.17
CA GLN A 29 36.23 -44.03 -10.71
C GLN A 29 36.15 -43.97 -12.22
N LEU A 30 35.78 -45.06 -12.88
CA LEU A 30 35.62 -45.05 -14.33
C LEU A 30 34.21 -45.38 -14.80
N GLY A 31 33.43 -46.13 -14.01
CA GLY A 31 32.06 -46.40 -14.39
C GLY A 31 31.93 -47.45 -15.47
N VAL A 32 32.42 -48.64 -15.19
CA VAL A 32 32.39 -49.75 -16.15
C VAL A 32 31.69 -50.91 -15.47
N PRO A 33 31.21 -51.89 -16.23
CA PRO A 33 30.66 -53.10 -15.59
C PRO A 33 31.70 -54.16 -15.31
N ASP A 34 31.24 -55.30 -14.79
CA ASP A 34 32.09 -56.45 -14.53
C ASP A 34 32.11 -57.37 -15.75
N ASN A 35 33.32 -57.86 -16.07
CA ASN A 35 33.56 -58.86 -17.10
C ASN A 35 33.09 -58.39 -18.48
N SER A 36 33.66 -57.26 -18.92
CA SER A 36 33.26 -56.64 -20.17
C SER A 36 34.44 -55.84 -20.71
N SER A 37 34.19 -55.11 -21.79
CA SER A 37 35.21 -54.28 -22.43
C SER A 37 34.52 -53.14 -23.14
N THR A 38 34.62 -51.94 -22.57
CA THR A 38 33.86 -50.79 -23.02
C THR A 38 34.76 -49.74 -23.67
N ILE A 39 34.16 -48.59 -23.99
CA ILE A 39 34.85 -47.44 -24.54
C ILE A 39 34.51 -46.26 -23.66
N VAL A 40 35.51 -45.69 -22.98
CA VAL A 40 35.29 -44.64 -22.00
C VAL A 40 35.97 -43.38 -22.50
N THR A 41 35.25 -42.26 -22.52
CA THR A 41 35.80 -40.98 -22.89
C THR A 41 35.61 -39.96 -21.77
N GLY A 42 36.46 -38.94 -21.77
CA GLY A 42 36.39 -37.88 -20.78
C GLY A 42 37.78 -37.48 -20.34
N LEU A 43 37.85 -36.81 -19.19
CA LEU A 43 39.11 -36.36 -18.61
C LEU A 43 39.73 -37.53 -17.85
N LEU A 44 40.74 -38.16 -18.43
CA LEU A 44 41.30 -39.38 -17.87
C LEU A 44 42.82 -39.26 -17.78
N PRO A 45 43.43 -39.93 -16.81
CA PRO A 45 44.89 -39.80 -16.65
C PRO A 45 45.66 -40.63 -17.67
N THR A 46 46.80 -40.08 -18.10
CA THR A 46 47.59 -40.71 -19.15
C THR A 46 48.97 -41.15 -18.67
N HIS A 47 49.79 -40.23 -18.16
CA HIS A 47 51.19 -40.53 -17.86
C HIS A 47 51.55 -40.01 -16.47
N TRP A 48 52.37 -40.78 -15.77
CA TRP A 48 52.81 -40.41 -14.44
C TRP A 48 54.12 -39.63 -14.51
N PHE A 49 54.38 -38.84 -13.47
CA PHE A 49 55.62 -38.08 -13.34
C PHE A 49 56.44 -38.59 -12.18
N CYS A 50 57.74 -38.29 -12.23
CA CYS A 50 58.69 -38.56 -11.15
C CYS A 50 59.68 -37.39 -11.14
N ALA A 51 59.40 -36.38 -10.32
CA ALA A 51 60.18 -35.15 -10.32
C ALA A 51 60.59 -34.79 -8.89
N ASN A 52 61.66 -33.98 -8.80
CA ASN A 52 62.21 -33.55 -7.52
C ASN A 52 62.61 -32.09 -7.59
N GLN A 53 61.96 -31.32 -8.45
CA GLN A 53 62.31 -29.92 -8.65
C GLN A 53 61.68 -29.01 -7.61
N SER A 54 60.73 -29.53 -6.83
CA SER A 54 60.14 -28.95 -5.61
C SER A 54 59.22 -27.75 -5.87
N THR A 55 59.17 -27.25 -7.10
CA THR A 55 58.33 -26.12 -7.47
C THR A 55 58.14 -26.14 -8.98
N SER A 56 56.90 -26.15 -9.44
CA SER A 56 56.62 -26.10 -10.86
C SER A 56 55.21 -25.54 -11.07
N VAL A 57 55.09 -24.64 -12.03
CA VAL A 57 53.79 -24.08 -12.39
C VAL A 57 53.39 -24.72 -13.72
N TYR A 58 52.41 -25.62 -13.65
CA TYR A 58 51.91 -26.30 -14.82
C TYR A 58 50.69 -25.59 -15.37
N SER A 59 50.18 -26.10 -16.49
CA SER A 59 48.85 -25.77 -16.99
C SER A 59 48.08 -27.07 -17.07
N ALA A 60 46.92 -27.11 -16.42
CA ALA A 60 46.23 -28.39 -16.25
C ALA A 60 44.75 -28.14 -16.00
N ASN A 61 44.02 -29.23 -15.88
CA ASN A 61 42.64 -29.22 -15.42
C ASN A 61 42.38 -30.26 -14.35
N GLY A 62 43.40 -30.94 -13.86
CA GLY A 62 43.19 -31.92 -12.82
C GLY A 62 44.46 -32.68 -12.51
N PHE A 63 44.34 -33.56 -11.52
CA PHE A 63 45.49 -34.32 -11.04
C PHE A 63 45.02 -35.53 -10.26
N PHE A 64 45.72 -36.65 -10.46
CA PHE A 64 45.62 -37.81 -9.59
C PHE A 64 46.95 -37.99 -8.88
N TYR A 65 46.93 -38.69 -7.74
CA TYR A 65 48.17 -38.95 -7.01
C TYR A 65 48.01 -40.13 -6.08
N ILE A 66 49.14 -40.73 -5.70
CA ILE A 66 49.21 -41.82 -4.74
C ILE A 66 50.30 -41.47 -3.73
N ASP A 67 49.95 -41.48 -2.44
CA ASP A 67 50.92 -41.17 -1.38
C ASP A 67 50.90 -42.24 -0.31
N VAL A 68 52.09 -42.66 0.13
CA VAL A 68 52.25 -43.55 1.27
C VAL A 68 53.32 -43.02 2.20
N GLY A 69 54.00 -41.96 1.78
CA GLY A 69 55.19 -41.47 2.47
C GLY A 69 54.87 -40.40 3.50
N ASN A 70 55.58 -40.46 4.63
CA ASN A 70 55.34 -39.55 5.75
C ASN A 70 56.00 -38.22 5.44
N HIS A 71 55.25 -37.36 4.74
CA HIS A 71 55.73 -36.04 4.37
C HIS A 71 54.52 -35.18 4.01
N ARG A 72 54.67 -33.88 4.20
CA ARG A 72 53.61 -32.95 3.79
C ARG A 72 53.55 -32.88 2.27
N SER A 73 52.35 -33.11 1.73
CA SER A 73 52.16 -33.11 0.28
C SER A 73 50.92 -32.30 -0.02
N ALA A 74 51.10 -31.11 -0.60
CA ALA A 74 50.02 -30.17 -0.80
C ALA A 74 49.92 -29.77 -2.25
N PHE A 75 48.70 -29.75 -2.77
CA PHE A 75 48.39 -29.45 -4.15
C PHE A 75 47.43 -28.27 -4.19
N ALA A 76 47.60 -27.39 -5.18
CA ALA A 76 46.78 -26.18 -5.20
C ALA A 76 46.57 -25.67 -6.62
N LEU A 77 45.32 -25.34 -6.94
CA LEU A 77 44.94 -24.77 -8.23
C LEU A 77 44.72 -23.28 -8.07
N HIS A 78 45.12 -22.50 -9.06
CA HIS A 78 45.02 -21.05 -8.98
C HIS A 78 45.18 -20.45 -10.37
N THR A 79 44.95 -19.14 -10.46
CA THR A 79 45.21 -18.41 -11.68
C THR A 79 46.63 -17.87 -11.63
N GLY A 80 46.96 -16.97 -12.55
CA GLY A 80 48.27 -16.37 -12.61
C GLY A 80 48.43 -15.06 -11.87
N TYR A 81 47.42 -14.63 -11.12
CA TYR A 81 47.49 -13.38 -10.40
C TYR A 81 46.53 -13.42 -9.22
N TYR A 82 46.88 -12.71 -8.16
CA TYR A 82 46.09 -12.71 -6.95
C TYR A 82 44.80 -11.90 -7.13
N ASP A 83 43.73 -12.37 -6.49
CA ASP A 83 42.46 -11.69 -6.55
C ASP A 83 41.74 -11.93 -5.23
N ALA A 84 40.83 -11.01 -4.89
CA ALA A 84 40.09 -11.07 -3.63
C ALA A 84 38.66 -11.55 -3.81
N ASN A 85 38.29 -12.00 -4.99
CA ASN A 85 36.94 -12.50 -5.24
C ASN A 85 36.97 -13.80 -6.04
N GLN A 86 37.97 -14.63 -5.80
CA GLN A 86 38.17 -15.83 -6.60
C GLN A 86 38.24 -17.02 -5.65
N TYR A 87 37.61 -18.12 -6.04
CA TYR A 87 37.64 -19.33 -5.25
C TYR A 87 38.87 -20.15 -5.63
N TYR A 88 39.64 -20.56 -4.63
CA TYR A 88 40.85 -21.32 -4.85
C TYR A 88 40.71 -22.70 -4.21
N ILE A 89 41.23 -23.71 -4.88
CA ILE A 89 41.14 -25.09 -4.43
C ILE A 89 42.47 -25.46 -3.81
N TYR A 90 42.43 -26.09 -2.63
CA TYR A 90 43.64 -26.35 -1.86
C TYR A 90 43.49 -27.68 -1.14
N VAL A 91 44.35 -28.64 -1.47
CA VAL A 91 44.30 -29.98 -0.92
C VAL A 91 45.58 -30.22 -0.12
N THR A 92 45.45 -30.77 1.07
CA THR A 92 46.62 -31.08 1.89
C THR A 92 46.48 -32.45 2.53
N ASN A 93 47.44 -33.32 2.26
CA ASN A 93 47.51 -34.63 2.87
C ASN A 93 48.47 -34.57 4.06
N GLU A 94 48.10 -35.24 5.15
CA GLU A 94 48.97 -35.39 6.31
C GLU A 94 48.81 -36.84 6.78
N ILE A 95 49.70 -37.70 6.31
CA ILE A 95 49.53 -39.15 6.47
C ILE A 95 49.86 -39.55 7.91
N GLY A 96 48.88 -40.14 8.60
CA GLY A 96 49.10 -40.77 9.88
C GLY A 96 48.84 -42.26 9.82
N LEU A 97 47.72 -42.69 10.41
CA LEU A 97 47.31 -44.08 10.30
C LEU A 97 46.45 -44.33 9.06
N ASN A 98 45.77 -43.29 8.58
CA ASN A 98 44.99 -43.36 7.34
C ASN A 98 45.28 -42.10 6.55
N ALA A 99 44.52 -41.88 5.49
CA ALA A 99 44.73 -40.73 4.61
C ALA A 99 43.90 -39.56 5.14
N SER A 100 44.56 -38.64 5.82
CA SER A 100 43.93 -37.42 6.30
C SER A 100 44.01 -36.37 5.19
N VAL A 101 42.87 -36.07 4.57
CA VAL A 101 42.80 -35.19 3.42
C VAL A 101 41.94 -33.99 3.81
N THR A 102 42.41 -32.79 3.50
CA THR A 102 41.71 -31.56 3.86
C THR A 102 41.42 -30.75 2.60
N LEU A 103 40.23 -30.93 2.05
CA LEU A 103 39.79 -30.12 0.92
C LEU A 103 39.21 -28.81 1.42
N LYS A 104 39.65 -27.69 0.84
CA LYS A 104 39.20 -26.36 1.28
C LYS A 104 39.01 -25.47 0.06
N ILE A 105 37.79 -25.42 -0.47
CA ILE A 105 37.45 -24.48 -1.53
C ILE A 105 36.96 -23.20 -0.84
N CYS A 106 37.85 -22.24 -0.68
CA CYS A 106 37.54 -21.05 0.10
C CYS A 106 38.17 -19.83 -0.53
N LYS A 107 37.57 -18.67 -0.30
CA LYS A 107 38.25 -17.42 -0.60
C LYS A 107 39.41 -17.24 0.37
N PHE A 108 40.49 -16.63 -0.10
CA PHE A 108 41.68 -16.42 0.72
C PHE A 108 41.96 -14.93 0.89
N SER A 109 42.80 -14.62 1.88
CA SER A 109 43.26 -13.25 2.16
C SER A 109 44.79 -13.25 2.21
N ARG A 110 45.42 -13.16 1.04
CA ARG A 110 46.88 -13.16 0.85
C ARG A 110 47.63 -14.27 1.58
N SER A 121 46.56 -17.46 4.23
CA SER A 121 45.66 -18.58 4.47
C SER A 121 44.55 -18.20 5.45
N SER A 122 43.88 -17.08 5.16
CA SER A 122 42.77 -16.59 5.98
C SER A 122 41.48 -16.85 5.21
N SER A 123 40.94 -18.05 5.38
CA SER A 123 39.70 -18.42 4.72
C SER A 123 38.51 -17.78 5.42
N PHE A 124 37.63 -17.16 4.65
CA PHE A 124 36.49 -16.47 5.25
C PHE A 124 35.17 -16.74 4.54
N ASP A 125 35.14 -17.61 3.54
CA ASP A 125 33.90 -18.01 2.90
C ASP A 125 34.17 -19.34 2.22
N CYS A 126 33.63 -20.42 2.78
CA CYS A 126 33.98 -21.76 2.33
C CYS A 126 32.75 -22.47 1.80
N ILE A 127 32.76 -22.79 0.50
CA ILE A 127 31.74 -23.64 -0.08
C ILE A 127 31.82 -25.03 0.52
N VAL A 128 33.02 -25.60 0.53
CA VAL A 128 33.27 -26.85 1.24
C VAL A 128 34.53 -26.68 2.07
N ASN A 129 34.52 -27.26 3.27
CA ASN A 129 35.66 -27.24 4.18
C ASN A 129 35.53 -28.50 5.04
N LEU A 130 36.15 -29.58 4.59
CA LEU A 130 35.89 -30.87 5.21
C LEU A 130 37.20 -31.54 5.62
N LEU A 131 37.05 -32.82 5.97
CA LEU A 131 38.17 -33.64 6.41
C LEU A 131 37.77 -35.10 6.20
N PHE A 132 38.48 -35.78 5.31
CA PHE A 132 38.12 -37.13 4.91
C PHE A 132 39.12 -38.13 5.47
N THR A 133 38.62 -39.27 5.90
CA THR A 133 39.45 -40.39 6.30
C THR A 133 39.36 -41.44 5.19
N GLU A 134 40.41 -41.54 4.39
CA GLU A 134 40.39 -42.35 3.19
C GLU A 134 41.29 -43.57 3.35
N GLN A 135 40.94 -44.62 2.63
CA GLN A 135 41.70 -45.86 2.66
C GLN A 135 43.06 -45.68 2.01
N LEU A 136 44.10 -46.15 2.70
CA LEU A 136 45.45 -46.05 2.18
C LEU A 136 45.66 -47.02 1.03
N GLY A 137 46.29 -46.55 -0.04
CA GLY A 137 46.49 -47.33 -1.23
C GLY A 137 45.48 -47.10 -2.34
N ALA A 138 44.77 -45.97 -2.31
CA ALA A 138 43.77 -45.68 -3.32
C ALA A 138 43.94 -44.24 -3.79
N PRO A 139 44.07 -43.99 -5.09
CA PRO A 139 44.35 -42.63 -5.57
C PRO A 139 43.10 -41.76 -5.58
N LEU A 140 43.29 -40.47 -5.32
CA LEU A 140 42.19 -39.51 -5.32
C LEU A 140 42.32 -38.60 -6.53
N GLY A 141 41.45 -37.61 -6.64
CA GLY A 141 41.56 -36.67 -7.74
C GLY A 141 40.43 -35.66 -7.91
N ILE A 142 40.74 -34.54 -8.54
CA ILE A 142 39.80 -33.47 -8.82
C ILE A 142 39.86 -33.17 -10.30
N THR A 143 38.71 -32.98 -10.94
CA THR A 143 38.64 -32.49 -12.31
C THR A 143 37.67 -31.31 -12.35
N ILE A 144 37.84 -30.45 -13.34
CA ILE A 144 37.00 -29.26 -13.50
C ILE A 144 36.45 -29.23 -14.91
N SER A 145 35.15 -29.01 -15.04
CA SER A 145 34.49 -28.93 -16.35
C SER A 145 33.42 -27.85 -16.26
N GLY A 146 33.64 -26.72 -16.92
CA GLY A 146 32.67 -25.65 -16.84
C GLY A 146 32.74 -24.99 -15.47
N GLU A 147 31.59 -24.79 -14.84
CA GLU A 147 31.55 -24.32 -13.46
C GLU A 147 31.31 -25.46 -12.47
N THR A 148 31.64 -26.69 -12.86
CA THR A 148 31.40 -27.87 -12.05
C THR A 148 32.72 -28.44 -11.59
N VAL A 149 32.84 -28.69 -10.29
CA VAL A 149 34.04 -29.29 -9.72
C VAL A 149 33.69 -30.70 -9.30
N ARG A 150 34.19 -31.69 -10.01
CA ARG A 150 33.97 -33.07 -9.61
C ARG A 150 34.94 -33.45 -8.52
N LEU A 151 34.75 -34.65 -7.97
CA LEU A 151 35.61 -35.13 -6.88
C LEU A 151 35.54 -36.65 -6.85
N HIS A 152 36.58 -37.29 -7.37
CA HIS A 152 36.64 -38.74 -7.35
C HIS A 152 37.23 -39.20 -6.02
N LEU A 153 36.57 -40.17 -5.38
CA LEU A 153 37.02 -40.55 -4.04
C LEU A 153 37.01 -42.05 -3.80
N TYR A 154 37.13 -42.87 -4.85
CA TYR A 154 37.34 -44.33 -4.85
C TYR A 154 36.10 -45.12 -4.40
N ASN A 155 35.11 -44.42 -3.85
CA ASN A 155 33.89 -45.09 -3.42
C ASN A 155 32.63 -44.32 -3.78
N VAL A 156 32.70 -43.01 -3.99
CA VAL A 156 31.57 -42.17 -4.40
C VAL A 156 32.06 -41.23 -5.48
N THR A 157 31.17 -40.32 -5.90
CA THR A 157 31.55 -39.25 -6.82
C THR A 157 30.69 -38.04 -6.45
N ARG A 158 31.28 -37.09 -5.74
CA ARG A 158 30.56 -35.95 -5.21
C ARG A 158 30.81 -34.74 -6.12
N THR A 159 29.81 -33.87 -6.25
CA THR A 159 29.81 -32.82 -7.25
C THR A 159 29.44 -31.48 -6.62
N PHE A 160 30.25 -30.46 -6.87
CA PHE A 160 30.04 -29.12 -6.34
C PHE A 160 29.89 -28.14 -7.50
N TYR A 161 29.21 -27.03 -7.25
CA TYR A 161 28.98 -26.01 -8.29
C TYR A 161 29.64 -24.70 -7.86
N VAL A 162 30.92 -24.55 -8.16
CA VAL A 162 31.67 -23.37 -7.77
C VAL A 162 31.47 -22.27 -8.80
N PRO A 163 31.05 -21.08 -8.40
CA PRO A 163 30.90 -19.99 -9.37
C PRO A 163 32.25 -19.47 -9.83
N ALA A 164 32.36 -19.25 -11.14
CA ALA A 164 33.55 -18.74 -11.83
C ALA A 164 34.78 -19.58 -11.52
N ALA A 165 34.67 -20.88 -11.82
CA ALA A 165 35.75 -21.82 -11.56
C ALA A 165 36.37 -22.35 -12.83
N TYR A 166 35.99 -21.83 -13.99
CA TYR A 166 36.63 -22.20 -15.24
C TYR A 166 37.99 -21.54 -15.41
N LYS A 167 38.25 -20.46 -14.69
CA LYS A 167 39.49 -19.71 -14.81
C LYS A 167 40.69 -20.39 -14.15
N LEU A 168 40.46 -21.42 -13.34
CA LEU A 168 41.55 -22.05 -12.60
C LEU A 168 42.33 -22.94 -13.56
N THR A 169 43.33 -22.34 -14.20
CA THR A 169 44.09 -23.03 -15.23
C THR A 169 45.43 -23.56 -14.72
N LYS A 170 46.12 -22.81 -13.87
CA LYS A 170 47.46 -23.20 -13.46
C LYS A 170 47.40 -24.29 -12.39
N LEU A 171 48.56 -24.79 -11.98
CA LEU A 171 48.64 -25.83 -10.97
C LEU A 171 49.99 -25.74 -10.28
N SER A 172 49.97 -25.59 -8.96
CA SER A 172 51.18 -25.52 -8.15
C SER A 172 51.31 -26.77 -7.32
N VAL A 173 52.39 -27.50 -7.51
CA VAL A 173 52.56 -28.83 -6.94
C VAL A 173 53.75 -28.84 -5.99
N LYS A 174 53.53 -29.32 -4.77
CA LYS A 174 54.58 -29.54 -3.78
C LYS A 174 54.59 -31.04 -3.47
N CYS A 175 55.31 -31.81 -4.29
CA CYS A 175 55.35 -33.26 -4.19
C CYS A 175 56.78 -33.74 -4.43
N TYR A 176 57.21 -34.74 -3.66
CA TYR A 176 58.57 -35.24 -3.68
C TYR A 176 58.56 -36.73 -3.97
N PHE A 177 59.22 -37.13 -5.07
CA PHE A 177 59.32 -38.55 -5.39
C PHE A 177 60.19 -39.30 -4.39
N ASN A 178 61.14 -38.60 -3.76
CA ASN A 178 62.00 -39.22 -2.75
C ASN A 178 61.23 -39.64 -1.51
N TYR A 179 60.08 -39.02 -1.23
CA TYR A 179 59.19 -39.44 -0.17
C TYR A 179 58.03 -40.27 -0.69
N SER A 180 58.20 -40.89 -1.87
CA SER A 180 57.22 -41.78 -2.51
C SER A 180 55.89 -41.07 -2.78
N CYS A 181 55.98 -39.92 -3.44
CA CYS A 181 54.83 -39.18 -3.94
C CYS A 181 54.92 -39.12 -5.46
N VAL A 182 53.91 -39.70 -6.14
CA VAL A 182 53.82 -39.66 -7.59
C VAL A 182 52.50 -39.04 -7.99
N PHE A 183 52.46 -38.45 -9.17
CA PHE A 183 51.26 -37.72 -9.59
C PHE A 183 51.21 -37.62 -11.10
N SER A 184 49.99 -37.52 -11.63
CA SER A 184 49.73 -37.34 -13.04
C SER A 184 49.01 -36.02 -13.27
N VAL A 185 49.04 -35.57 -14.52
CA VAL A 185 48.48 -34.28 -14.91
C VAL A 185 47.55 -34.49 -16.08
N VAL A 186 46.32 -34.00 -15.97
CA VAL A 186 45.30 -34.22 -16.97
C VAL A 186 45.25 -33.01 -17.90
N ASN A 187 45.37 -33.26 -19.20
CA ASN A 187 45.20 -32.20 -20.20
C ASN A 187 43.78 -32.12 -20.74
N ALA A 188 43.35 -33.14 -21.50
CA ALA A 188 42.09 -33.09 -22.23
C ALA A 188 41.68 -34.41 -22.86
N THR A 189 40.44 -34.84 -22.59
CA THR A 189 39.52 -35.58 -23.48
C THR A 189 40.17 -36.76 -24.19
N VAL A 190 40.55 -37.75 -23.41
CA VAL A 190 41.25 -38.92 -23.92
C VAL A 190 40.24 -40.04 -24.14
N THR A 191 40.45 -40.84 -25.19
CA THR A 191 39.61 -42.01 -25.49
C THR A 191 40.37 -43.26 -25.09
N VAL A 192 39.78 -44.06 -24.19
CA VAL A 192 40.48 -45.16 -23.53
C VAL A 192 39.67 -46.43 -23.67
N ASN A 193 40.31 -47.50 -24.16
CA ASN A 193 39.73 -48.83 -24.16
C ASN A 193 40.05 -49.51 -22.83
N VAL A 194 39.03 -50.01 -22.14
CA VAL A 194 39.16 -50.56 -20.79
C VAL A 194 38.68 -52.01 -20.79
N THR A 195 39.48 -52.90 -20.22
CA THR A 195 39.13 -54.31 -20.08
C THR A 195 39.10 -54.67 -18.61
N THR A 196 38.00 -55.25 -18.15
CA THR A 196 37.87 -55.68 -16.77
C THR A 196 37.71 -57.19 -16.69
N HIS A 197 38.15 -57.75 -15.56
CA HIS A 197 37.92 -59.17 -15.27
C HIS A 197 37.86 -59.33 -13.75
N ASN A 198 36.63 -59.57 -13.26
CA ASN A 198 36.33 -59.84 -11.85
C ASN A 198 36.80 -58.72 -10.93
N GLY A 199 36.36 -57.51 -11.22
CA GLY A 199 36.63 -56.37 -10.37
C GLY A 199 38.02 -55.80 -10.48
N ARG A 200 38.83 -56.28 -11.41
CA ARG A 200 40.21 -55.83 -11.55
C ARG A 200 40.40 -55.25 -12.95
N VAL A 201 40.87 -54.00 -13.00
CA VAL A 201 41.15 -53.35 -14.28
C VAL A 201 42.39 -54.01 -14.87
N VAL A 202 42.21 -54.73 -15.98
CA VAL A 202 43.28 -55.54 -16.55
C VAL A 202 44.11 -54.72 -17.53
N ASN A 203 43.50 -54.23 -18.59
CA ASN A 203 44.20 -53.45 -19.60
C ASN A 203 43.72 -52.01 -19.60
N TYR A 204 44.55 -51.13 -20.17
CA TYR A 204 44.27 -49.70 -20.17
C TYR A 204 45.07 -49.10 -21.32
N THR A 205 44.39 -48.79 -22.43
CA THR A 205 45.08 -48.43 -23.66
C THR A 205 44.44 -47.18 -24.27
N VAL A 206 45.29 -46.23 -24.66
CA VAL A 206 44.85 -44.96 -25.23
C VAL A 206 44.78 -45.08 -26.75
N CYS A 207 43.67 -44.66 -27.33
CA CYS A 207 43.54 -44.57 -28.78
C CYS A 207 44.45 -43.52 -29.40
N ASP A 208 45.42 -43.94 -30.22
CA ASP A 208 45.99 -43.05 -31.23
C ASP A 208 45.11 -43.00 -32.46
N ASP A 209 44.21 -43.96 -32.57
CA ASP A 209 43.05 -43.97 -33.46
C ASP A 209 41.94 -43.22 -32.74
N CYS A 210 40.68 -43.51 -33.09
CA CYS A 210 39.48 -43.03 -32.40
C CYS A 210 39.33 -41.53 -32.59
N ASN A 211 39.32 -41.08 -33.85
CA ASN A 211 39.09 -39.69 -34.20
C ASN A 211 37.63 -39.34 -33.98
N GLY A 212 37.39 -38.22 -33.31
CA GLY A 212 36.05 -37.72 -33.12
C GLY A 212 35.20 -38.44 -32.11
N TYR A 213 35.73 -39.47 -31.44
CA TYR A 213 34.91 -40.20 -30.48
C TYR A 213 34.69 -39.44 -29.19
N THR A 214 35.40 -38.34 -28.96
CA THR A 214 35.25 -37.63 -27.70
C THR A 214 33.96 -36.81 -27.63
N ASP A 215 33.26 -36.64 -28.74
CA ASP A 215 32.07 -35.79 -28.77
C ASP A 215 30.80 -36.59 -29.06
N ASN A 216 30.89 -37.89 -29.28
CA ASN A 216 29.70 -38.64 -29.65
C ASN A 216 29.52 -39.97 -28.94
N ILE A 217 30.52 -40.51 -28.26
CA ILE A 217 30.43 -41.82 -27.65
C ILE A 217 30.69 -41.65 -26.15
N PHE A 218 29.95 -42.39 -25.33
CA PHE A 218 30.22 -42.43 -23.89
C PHE A 218 29.84 -43.80 -23.36
N SER A 219 29.82 -43.95 -22.04
CA SER A 219 29.43 -45.19 -21.40
C SER A 219 28.36 -44.90 -20.36
N VAL A 220 27.33 -45.73 -20.33
CA VAL A 220 26.15 -45.48 -19.50
C VAL A 220 26.49 -45.79 -18.05
N GLN A 221 26.18 -44.86 -17.15
CA GLN A 221 26.47 -45.01 -15.74
C GLN A 221 25.43 -45.91 -15.08
N GLN A 222 25.45 -45.93 -13.75
CA GLN A 222 24.46 -46.69 -12.98
C GLN A 222 23.09 -46.03 -13.09
N ASP A 223 22.06 -46.88 -13.24
CA ASP A 223 20.65 -46.47 -13.35
C ASP A 223 20.42 -45.61 -14.59
N GLY A 224 21.15 -45.90 -15.66
CA GLY A 224 20.87 -45.32 -16.95
C GLY A 224 21.12 -43.85 -17.09
N ARG A 225 21.99 -43.27 -16.27
CA ARG A 225 22.26 -41.85 -16.38
C ARG A 225 23.20 -41.56 -17.54
N ILE A 226 23.38 -40.29 -17.81
CA ILE A 226 24.39 -39.79 -18.76
C ILE A 226 25.49 -39.12 -17.95
N PRO A 227 26.76 -39.43 -18.21
CA PRO A 227 27.85 -38.93 -17.35
C PRO A 227 28.00 -37.42 -17.44
N ASN A 228 28.71 -36.87 -16.47
CA ASN A 228 28.92 -35.45 -16.41
C ASN A 228 30.02 -35.05 -17.40
N GLY A 229 29.99 -33.79 -17.81
CA GLY A 229 31.02 -33.27 -18.68
C GLY A 229 30.98 -33.79 -20.09
N PHE A 230 29.81 -34.19 -20.56
CA PHE A 230 29.66 -34.64 -21.94
C PHE A 230 29.05 -33.53 -22.77
N PRO A 231 29.78 -32.95 -23.72
CA PRO A 231 29.21 -31.89 -24.56
C PRO A 231 28.18 -32.47 -25.51
N PHE A 232 26.93 -32.04 -25.35
CA PHE A 232 25.83 -32.61 -26.13
C PHE A 232 25.95 -32.13 -27.57
N ASN A 233 26.45 -33.00 -28.44
CA ASN A 233 26.76 -32.58 -29.80
C ASN A 233 25.50 -32.43 -30.64
N ASN A 234 24.67 -33.47 -30.68
CA ASN A 234 23.45 -33.45 -31.46
C ASN A 234 22.30 -33.92 -30.62
N TRP A 235 22.15 -33.37 -29.43
CA TRP A 235 21.11 -33.76 -28.50
C TRP A 235 20.17 -32.57 -28.36
N PHE A 236 19.13 -32.56 -29.18
CA PHE A 236 18.18 -31.47 -29.20
C PHE A 236 17.08 -31.70 -28.16
N LEU A 237 16.39 -30.61 -27.83
CA LEU A 237 15.21 -30.69 -27.00
C LEU A 237 13.99 -30.93 -27.89
N LEU A 238 13.08 -31.76 -27.43
CA LEU A 238 11.90 -32.10 -28.20
C LEU A 238 10.76 -31.17 -27.82
N THR A 239 9.86 -30.92 -28.77
CA THR A 239 8.78 -29.98 -28.51
C THR A 239 7.59 -30.23 -29.42
N ASN A 240 6.41 -29.87 -28.92
CA ASN A 240 5.19 -29.82 -29.71
C ASN A 240 4.87 -28.41 -30.20
N GLY A 241 5.56 -27.39 -29.69
CA GLY A 241 5.23 -26.01 -30.00
C GLY A 241 6.44 -25.14 -30.34
N SER A 242 6.64 -24.08 -29.56
CA SER A 242 7.74 -23.17 -29.80
C SER A 242 9.05 -23.78 -29.32
N THR A 243 10.15 -23.12 -29.65
CA THR A 243 11.49 -23.55 -29.25
C THR A 243 12.06 -22.57 -28.23
N LEU A 244 12.65 -23.12 -27.17
CA LEU A 244 13.30 -22.28 -26.18
C LEU A 244 14.60 -21.72 -26.72
N VAL A 245 15.05 -20.61 -26.14
CA VAL A 245 16.28 -19.94 -26.55
C VAL A 245 17.31 -19.93 -25.43
N ASP A 246 16.99 -19.26 -24.32
CA ASP A 246 17.92 -19.13 -23.21
C ASP A 246 17.19 -19.31 -21.88
N GLY A 247 17.95 -19.52 -20.83
CA GLY A 247 17.45 -19.52 -19.47
C GLY A 247 17.33 -20.93 -18.90
N VAL A 248 17.15 -20.98 -17.57
CA VAL A 248 17.04 -22.23 -16.85
C VAL A 248 15.57 -22.56 -16.67
N SER A 249 15.21 -23.82 -16.98
CA SER A 249 13.81 -24.20 -16.97
C SER A 249 13.68 -25.71 -16.83
N ARG A 250 12.78 -26.16 -15.95
CA ARG A 250 12.48 -27.59 -15.83
C ARG A 250 11.77 -28.09 -17.07
N LEU A 251 11.90 -29.38 -17.33
CA LEU A 251 11.33 -29.98 -18.53
C LEU A 251 10.88 -31.39 -18.19
N TYR A 252 10.53 -32.15 -19.22
CA TYR A 252 10.17 -33.56 -19.12
C TYR A 252 10.57 -34.21 -20.44
N GLN A 253 11.77 -34.76 -20.46
CA GLN A 253 12.46 -35.12 -21.70
C GLN A 253 12.96 -36.56 -21.66
N PRO A 254 13.22 -37.18 -22.83
CA PRO A 254 13.78 -38.55 -22.82
C PRO A 254 15.29 -38.61 -22.63
N LEU A 255 15.74 -38.59 -21.38
CA LEU A 255 17.17 -38.57 -21.08
C LEU A 255 17.54 -39.59 -20.01
N ARG A 256 17.03 -40.82 -20.13
CA ARG A 256 17.48 -41.92 -19.28
C ARG A 256 17.63 -43.15 -20.17
N LEU A 257 18.86 -43.50 -20.47
CA LEU A 257 19.09 -44.52 -21.48
C LEU A 257 18.95 -45.91 -20.87
N THR A 258 18.73 -46.91 -21.74
CA THR A 258 18.84 -48.30 -21.36
C THR A 258 19.83 -49.08 -22.21
N CYS A 259 20.27 -48.53 -23.34
CA CYS A 259 21.37 -49.10 -24.11
C CYS A 259 22.01 -47.98 -24.91
N LEU A 260 23.06 -48.32 -25.64
CA LEU A 260 23.76 -47.40 -26.53
C LEU A 260 24.56 -48.27 -27.46
N TRP A 261 24.44 -48.05 -28.77
CA TRP A 261 25.03 -48.98 -29.72
C TRP A 261 25.97 -48.23 -30.63
N PRO A 262 27.23 -48.11 -30.24
CA PRO A 262 28.13 -47.19 -30.92
C PRO A 262 28.69 -47.80 -32.19
N VAL A 263 28.78 -46.97 -33.22
CA VAL A 263 29.18 -47.28 -34.58
C VAL A 263 28.38 -48.49 -35.06
N PRO A 264 27.10 -48.33 -35.39
CA PRO A 264 26.33 -49.52 -35.75
C PRO A 264 26.67 -50.06 -37.14
N GLY A 265 26.88 -49.18 -38.12
CA GLY A 265 27.05 -49.59 -39.49
C GLY A 265 25.85 -50.31 -40.06
N LEU A 266 24.72 -49.62 -40.16
CA LEU A 266 23.52 -50.24 -40.70
C LEU A 266 23.62 -50.33 -42.21
N LYS A 267 23.05 -51.40 -42.77
CA LYS A 267 23.19 -51.65 -44.20
C LYS A 267 21.83 -51.79 -44.87
N SER A 268 21.84 -52.23 -46.12
CA SER A 268 20.60 -52.52 -46.82
C SER A 268 20.01 -53.87 -46.44
N SER A 269 20.78 -54.71 -45.75
CA SER A 269 20.32 -56.05 -45.42
C SER A 269 20.36 -56.31 -43.92
N THR A 270 19.87 -55.35 -43.13
CA THR A 270 19.80 -55.54 -41.69
C THR A 270 18.43 -56.04 -41.25
N GLY A 271 17.37 -55.28 -41.58
CA GLY A 271 16.01 -55.69 -41.27
C GLY A 271 15.30 -54.63 -40.44
N PHE A 272 14.47 -55.11 -39.52
CA PHE A 272 13.77 -54.21 -38.62
C PHE A 272 14.51 -54.09 -37.29
N VAL A 273 14.05 -53.17 -36.45
CA VAL A 273 14.55 -52.98 -35.09
C VAL A 273 13.34 -52.82 -34.18
N TYR A 274 13.26 -53.62 -33.12
CA TYR A 274 12.00 -53.82 -32.40
C TYR A 274 11.98 -53.21 -30.99
N PHE A 275 12.59 -52.03 -30.80
CA PHE A 275 12.49 -51.23 -29.58
C PHE A 275 13.00 -51.94 -28.32
N ASN A 276 13.89 -52.92 -28.45
CA ASN A 276 14.55 -53.51 -27.27
C ASN A 276 15.89 -54.09 -27.65
N ALA A 277 16.85 -53.94 -26.74
CA ALA A 277 18.24 -54.31 -26.98
C ALA A 277 18.52 -55.75 -26.56
N THR A 278 17.70 -56.69 -27.01
CA THR A 278 17.89 -58.11 -26.73
C THR A 278 18.04 -58.92 -28.00
N GLY A 279 18.34 -58.28 -29.12
CA GLY A 279 18.47 -58.96 -30.39
C GLY A 279 19.77 -59.72 -30.54
N SER A 280 20.17 -59.92 -31.78
CA SER A 280 21.38 -60.67 -32.11
C SER A 280 22.52 -59.78 -32.58
N ASP A 281 22.27 -58.53 -32.92
CA ASP A 281 23.31 -57.64 -33.40
C ASP A 281 23.59 -56.47 -32.47
N VAL A 282 22.86 -56.36 -31.37
CA VAL A 282 22.99 -55.22 -30.49
C VAL A 282 24.17 -55.45 -29.57
N ASN A 283 25.13 -54.53 -29.61
CA ASN A 283 26.30 -54.57 -28.74
C ASN A 283 26.26 -53.31 -27.89
N CYS A 284 25.62 -53.39 -26.74
CA CYS A 284 25.48 -52.25 -25.86
C CYS A 284 26.83 -51.87 -25.25
N ASN A 285 26.87 -50.67 -24.67
CA ASN A 285 28.11 -50.10 -24.19
C ASN A 285 27.91 -49.69 -22.73
N GLY A 286 28.63 -50.34 -21.83
CA GLY A 286 28.45 -50.08 -20.40
C GLY A 286 27.35 -50.94 -19.83
N TYR A 287 26.53 -50.36 -18.97
CA TYR A 287 25.42 -51.09 -18.38
C TYR A 287 24.32 -51.32 -19.41
N GLN A 288 23.47 -52.30 -19.14
CA GLN A 288 22.49 -52.76 -20.11
C GLN A 288 21.30 -53.33 -19.35
N HIS A 289 20.26 -52.53 -19.19
CA HIS A 289 19.07 -52.94 -18.46
C HIS A 289 18.05 -53.45 -19.46
N ASN A 290 17.37 -54.54 -19.12
CA ASN A 290 16.30 -55.02 -19.98
C ASN A 290 14.99 -54.40 -19.51
N SER A 291 14.35 -53.66 -20.39
CA SER A 291 13.07 -53.01 -20.13
C SER A 291 12.43 -52.73 -21.49
N VAL A 292 11.39 -51.90 -21.50
CA VAL A 292 10.77 -51.44 -22.74
C VAL A 292 10.86 -49.92 -22.75
N VAL A 293 11.16 -49.37 -23.93
CA VAL A 293 11.63 -47.99 -24.09
C VAL A 293 10.55 -47.18 -24.78
N ASP A 294 10.82 -45.90 -25.02
CA ASP A 294 9.87 -45.05 -25.74
C ASP A 294 10.40 -44.51 -27.05
N VAL A 295 11.63 -44.02 -27.11
CA VAL A 295 12.12 -43.39 -28.34
C VAL A 295 13.32 -44.14 -28.90
N MET A 296 13.82 -43.71 -30.05
CA MET A 296 15.10 -44.17 -30.60
C MET A 296 15.82 -42.96 -31.16
N ARG A 297 16.81 -42.45 -30.43
CA ARG A 297 17.57 -41.29 -30.90
C ARG A 297 18.60 -41.74 -31.91
N TYR A 298 18.43 -41.34 -33.17
CA TYR A 298 19.49 -41.53 -34.15
C TYR A 298 20.50 -40.40 -34.06
N ASN A 299 21.58 -40.50 -34.81
CA ASN A 299 22.59 -39.43 -34.83
C ASN A 299 23.33 -39.53 -36.15
N LEU A 300 23.43 -38.42 -36.87
CA LEU A 300 23.88 -38.44 -38.25
C LEU A 300 25.33 -38.01 -38.39
N ASN A 301 26.08 -38.78 -39.17
CA ASN A 301 27.47 -38.47 -39.50
C ASN A 301 27.49 -37.76 -40.85
N PHE A 302 27.98 -36.52 -40.86
CA PHE A 302 28.03 -35.74 -42.08
C PHE A 302 29.34 -35.00 -42.15
N SER A 303 29.88 -34.86 -43.36
CA SER A 303 31.09 -34.10 -43.59
C SER A 303 30.76 -32.78 -44.30
N ALA A 304 31.76 -31.90 -44.38
CA ALA A 304 31.58 -30.59 -44.98
C ALA A 304 31.41 -30.62 -46.49
N ASN A 305 31.69 -31.77 -47.13
CA ASN A 305 31.28 -32.00 -48.50
C ASN A 305 29.77 -31.91 -48.62
N SER A 306 29.29 -31.48 -49.79
CA SER A 306 27.88 -31.52 -50.11
C SER A 306 27.62 -32.42 -51.31
N LEU A 307 28.52 -33.36 -51.57
CA LEU A 307 28.35 -34.36 -52.63
C LEU A 307 28.27 -35.78 -52.11
N ASP A 308 29.05 -36.11 -51.09
CA ASP A 308 28.97 -37.42 -50.46
C ASP A 308 27.87 -37.48 -49.41
N ASN A 309 27.16 -36.39 -49.17
CA ASN A 309 26.11 -36.33 -48.16
C ASN A 309 24.74 -36.40 -48.79
N LEU A 310 24.60 -37.20 -49.84
CA LEU A 310 23.34 -37.33 -50.57
C LEU A 310 23.05 -38.81 -50.69
N LYS A 311 22.39 -39.36 -49.67
CA LYS A 311 22.19 -40.79 -49.55
C LYS A 311 20.85 -41.19 -50.13
N SER A 312 20.80 -42.35 -50.78
CA SER A 312 19.64 -42.79 -51.54
C SER A 312 18.93 -43.92 -50.81
N GLY A 313 17.72 -43.65 -50.32
CA GLY A 313 16.94 -44.69 -49.69
C GLY A 313 15.70 -44.14 -49.03
N VAL A 314 14.91 -45.04 -48.46
CA VAL A 314 13.62 -44.71 -47.85
C VAL A 314 13.66 -45.06 -46.37
N ILE A 315 12.55 -44.81 -45.68
CA ILE A 315 12.34 -45.24 -44.30
C ILE A 315 11.03 -46.00 -44.25
N VAL A 316 11.06 -47.24 -43.79
CA VAL A 316 9.87 -48.09 -43.75
C VAL A 316 9.46 -48.28 -42.31
N PHE A 317 8.25 -47.86 -41.97
CA PHE A 317 7.70 -48.08 -40.64
C PHE A 317 6.91 -49.37 -40.63
N LYS A 318 6.27 -49.66 -39.50
CA LYS A 318 5.44 -50.86 -39.38
C LYS A 318 4.34 -50.58 -38.36
N THR A 319 3.17 -50.22 -38.86
CA THR A 319 2.03 -49.98 -37.98
C THR A 319 1.23 -51.27 -37.84
N LEU A 320 0.03 -51.15 -37.27
CA LEU A 320 -0.79 -52.33 -37.02
C LEU A 320 -1.52 -52.81 -38.27
N GLN A 321 -1.69 -51.94 -39.25
CA GLN A 321 -2.46 -52.29 -40.44
C GLN A 321 -1.61 -52.30 -41.70
N TYR A 322 -0.96 -51.20 -42.04
CA TYR A 322 -0.27 -51.06 -43.31
C TYR A 322 1.02 -50.30 -43.12
N ASP A 323 1.98 -50.55 -44.00
CA ASP A 323 3.29 -49.94 -43.88
C ASP A 323 3.28 -48.53 -44.45
N VAL A 324 4.08 -47.67 -43.86
CA VAL A 324 4.17 -46.27 -44.23
C VAL A 324 5.58 -45.98 -44.72
N LEU A 325 5.69 -45.32 -45.87
CA LEU A 325 6.94 -45.19 -46.61
C LEU A 325 7.27 -43.71 -46.72
N PHE A 326 8.45 -43.32 -46.26
CA PHE A 326 8.86 -41.91 -46.19
C PHE A 326 10.08 -41.67 -47.07
N TYR A 327 10.09 -40.56 -47.81
CA TYR A 327 11.21 -40.21 -48.66
C TYR A 327 11.18 -38.72 -48.95
N CYS A 328 12.25 -38.22 -49.54
CA CYS A 328 12.33 -36.80 -49.88
C CYS A 328 12.92 -36.64 -51.26
N SER A 329 12.60 -35.52 -51.92
CA SER A 329 13.14 -35.20 -53.23
C SER A 329 13.14 -33.70 -53.39
N ASN A 330 13.66 -33.21 -54.52
CA ASN A 330 13.81 -31.78 -54.71
C ASN A 330 12.84 -31.15 -55.70
N SER A 331 11.95 -31.92 -56.31
CA SER A 331 10.94 -31.36 -57.20
C SER A 331 9.55 -31.69 -56.67
N SER A 332 8.61 -30.78 -56.90
CA SER A 332 7.25 -30.94 -56.39
C SER A 332 6.50 -32.07 -57.06
N SER A 333 6.88 -32.46 -58.27
CA SER A 333 6.36 -33.66 -58.90
C SER A 333 7.26 -34.85 -58.56
N GLY A 334 7.26 -35.20 -57.28
CA GLY A 334 8.21 -36.16 -56.76
C GLY A 334 7.92 -37.60 -57.14
N VAL A 335 8.07 -37.92 -58.42
CA VAL A 335 7.89 -39.27 -58.94
C VAL A 335 9.16 -39.79 -59.60
N LEU A 336 10.29 -39.08 -59.44
CA LEU A 336 11.51 -39.42 -60.15
C LEU A 336 12.76 -39.47 -59.29
N ASP A 337 12.65 -39.40 -57.98
CA ASP A 337 13.84 -39.25 -57.15
C ASP A 337 13.55 -39.82 -55.76
N THR A 338 14.61 -40.26 -55.08
CA THR A 338 14.52 -40.72 -53.71
C THR A 338 15.88 -40.50 -53.04
N THR A 339 15.99 -39.42 -52.27
CA THR A 339 17.21 -39.10 -51.54
C THR A 339 16.85 -38.62 -50.15
N ILE A 340 17.82 -38.68 -49.25
CA ILE A 340 17.74 -37.97 -47.97
C ILE A 340 19.07 -37.27 -47.76
N PRO A 341 19.10 -35.95 -47.67
CA PRO A 341 20.37 -35.26 -47.42
C PRO A 341 20.78 -35.32 -45.96
N PHE A 342 22.09 -35.30 -45.75
CA PHE A 342 22.67 -35.20 -44.42
C PHE A 342 23.47 -33.91 -44.34
N GLY A 343 23.46 -33.28 -43.17
CA GLY A 343 24.24 -32.10 -42.95
C GLY A 343 23.75 -30.90 -43.73
N PRO A 344 24.67 -30.03 -44.14
CA PRO A 344 24.28 -28.81 -44.83
C PRO A 344 23.89 -29.07 -46.28
N SER A 345 23.01 -28.21 -46.78
CA SER A 345 22.47 -28.35 -48.13
C SER A 345 22.44 -26.99 -48.81
N SER A 346 21.90 -26.96 -50.03
CA SER A 346 21.94 -25.74 -50.83
C SER A 346 20.62 -25.36 -51.49
N GLN A 347 19.63 -26.26 -51.53
CA GLN A 347 18.35 -25.96 -52.16
C GLN A 347 17.29 -26.76 -51.42
N PRO A 348 16.03 -26.29 -51.39
CA PRO A 348 15.04 -26.95 -50.54
C PRO A 348 14.57 -28.27 -51.10
N TYR A 349 14.30 -29.20 -50.20
CA TYR A 349 13.77 -30.52 -50.52
C TYR A 349 12.35 -30.67 -49.99
N TYR A 350 11.57 -31.52 -50.65
CA TYR A 350 10.16 -31.74 -50.32
C TYR A 350 10.00 -33.19 -49.88
N CYS A 351 9.18 -33.44 -48.86
CA CYS A 351 9.12 -34.78 -48.28
C CYS A 351 7.70 -35.32 -48.24
N PHE A 352 7.53 -36.59 -48.61
CA PHE A 352 6.23 -37.18 -48.91
C PHE A 352 5.93 -38.36 -47.99
N ILE A 353 4.79 -39.01 -48.21
CA ILE A 353 4.39 -40.25 -47.53
C ILE A 353 3.62 -41.12 -48.52
N ASN A 354 4.04 -42.37 -48.70
CA ASN A 354 3.23 -43.34 -49.43
C ASN A 354 2.46 -44.23 -48.46
N SER A 355 1.46 -44.90 -49.00
CA SER A 355 0.73 -45.95 -48.29
C SER A 355 0.06 -46.83 -49.33
N THR A 356 -0.58 -47.90 -48.86
CA THR A 356 -1.26 -48.81 -49.79
C THR A 356 -2.48 -49.40 -49.10
N ILE A 357 -3.66 -49.10 -49.63
CA ILE A 357 -4.92 -49.62 -49.12
C ILE A 357 -5.66 -50.22 -50.32
N ASN A 358 -5.49 -51.53 -50.54
CA ASN A 358 -6.12 -52.30 -51.63
C ASN A 358 -5.82 -51.72 -53.01
N THR A 359 -4.53 -51.71 -53.35
CA THR A 359 -3.98 -51.24 -54.62
C THR A 359 -4.41 -49.80 -54.94
N THR A 360 -4.55 -48.98 -53.91
CA THR A 360 -4.91 -47.58 -54.06
C THR A 360 -3.78 -46.80 -53.43
N HIS A 361 -2.78 -46.46 -54.25
CA HIS A 361 -1.58 -45.84 -53.72
C HIS A 361 -1.83 -44.38 -53.40
N VAL A 362 -1.59 -43.99 -52.16
CA VAL A 362 -1.96 -42.70 -51.62
C VAL A 362 -0.69 -41.92 -51.30
N SER A 363 -0.63 -40.67 -51.76
CA SER A 363 0.52 -39.81 -51.50
C SER A 363 0.05 -38.49 -50.92
N THR A 364 0.96 -37.81 -50.22
CA THR A 364 0.64 -36.53 -49.61
C THR A 364 1.92 -35.72 -49.45
N PHE A 365 1.76 -34.50 -48.93
CA PHE A 365 2.85 -33.57 -48.72
C PHE A 365 2.94 -33.26 -47.24
N VAL A 366 4.16 -33.16 -46.71
CA VAL A 366 4.39 -32.99 -45.27
C VAL A 366 5.07 -31.66 -44.96
N GLY A 367 6.20 -31.39 -45.61
CA GLY A 367 6.85 -30.12 -45.37
C GLY A 367 8.24 -30.07 -46.00
N ILE A 368 9.01 -29.09 -45.54
CA ILE A 368 10.36 -28.80 -46.03
C ILE A 368 11.35 -29.26 -44.97
N LEU A 369 12.49 -29.77 -45.40
CA LEU A 369 13.51 -30.03 -44.40
C LEU A 369 14.15 -28.72 -43.96
N PRO A 370 14.68 -28.65 -42.74
CA PRO A 370 15.48 -27.51 -42.32
C PRO A 370 16.80 -27.48 -43.06
N PRO A 371 17.55 -26.37 -43.02
CA PRO A 371 18.78 -26.30 -43.83
C PRO A 371 19.90 -27.24 -43.40
N THR A 372 19.82 -27.90 -42.25
CA THR A 372 20.87 -28.83 -41.82
C THR A 372 20.21 -29.97 -41.04
N VAL A 373 20.01 -31.11 -41.68
CA VAL A 373 19.40 -32.27 -41.03
C VAL A 373 20.45 -32.95 -40.17
N ARG A 374 20.17 -33.10 -38.88
CA ARG A 374 21.20 -33.56 -37.95
C ARG A 374 20.75 -34.76 -37.13
N GLU A 375 19.46 -34.85 -36.78
CA GLU A 375 18.99 -35.88 -35.86
C GLU A 375 17.57 -36.29 -36.25
N ILE A 376 17.26 -37.57 -36.12
CA ILE A 376 15.94 -38.10 -36.42
C ILE A 376 15.48 -38.92 -35.22
N VAL A 377 14.31 -38.61 -34.69
CA VAL A 377 13.79 -39.28 -33.49
C VAL A 377 12.44 -39.90 -33.81
N VAL A 378 12.27 -41.17 -33.45
CA VAL A 378 11.03 -41.92 -33.70
C VAL A 378 10.52 -42.46 -32.38
N ALA A 379 9.29 -42.12 -32.01
CA ALA A 379 8.70 -42.60 -30.78
C ALA A 379 7.76 -43.78 -31.04
N ARG A 380 7.29 -44.40 -29.96
CA ARG A 380 6.41 -45.56 -30.13
C ARG A 380 4.97 -45.18 -30.42
N THR A 381 4.51 -44.09 -29.84
CA THR A 381 3.10 -43.74 -29.97
C THR A 381 2.79 -42.97 -31.24
N GLY A 382 3.63 -43.05 -32.27
CA GLY A 382 3.29 -42.61 -33.61
C GLY A 382 4.15 -41.49 -34.14
N GLN A 383 4.66 -40.64 -33.26
CA GLN A 383 5.17 -39.34 -33.63
C GLN A 383 6.52 -39.47 -34.34
N PHE A 384 6.96 -38.38 -34.97
CA PHE A 384 8.18 -38.43 -35.77
C PHE A 384 8.80 -37.05 -35.75
N TYR A 385 10.01 -36.93 -35.20
CA TYR A 385 10.62 -35.64 -35.00
C TYR A 385 11.87 -35.52 -35.86
N ILE A 386 12.07 -34.36 -36.47
CA ILE A 386 13.31 -34.03 -37.16
C ILE A 386 13.82 -32.73 -36.58
N ASN A 387 15.02 -32.77 -36.00
CA ASN A 387 15.61 -31.68 -35.22
C ASN A 387 14.67 -31.17 -34.12
N GLY A 388 13.87 -32.06 -33.54
CA GLY A 388 12.94 -31.64 -32.51
C GLY A 388 11.78 -30.83 -33.02
N PHE A 389 11.08 -31.31 -34.04
CA PHE A 389 9.83 -30.67 -34.45
C PHE A 389 8.95 -31.74 -35.09
N LYS A 390 7.69 -31.81 -34.67
CA LYS A 390 6.82 -32.88 -35.12
C LYS A 390 6.33 -32.59 -36.53
N TYR A 391 6.44 -33.59 -37.41
CA TYR A 391 5.94 -33.46 -38.78
C TYR A 391 4.58 -34.12 -38.98
N PHE A 392 4.48 -35.40 -38.69
CA PHE A 392 3.23 -36.12 -38.83
C PHE A 392 3.06 -36.99 -37.60
N ASP A 393 2.08 -37.89 -37.64
CA ASP A 393 1.76 -38.70 -36.47
C ASP A 393 1.05 -39.95 -36.94
N LEU A 394 1.64 -41.11 -36.70
CA LEU A 394 0.98 -42.36 -37.01
C LEU A 394 0.16 -42.78 -35.80
N GLY A 395 -0.34 -44.01 -35.81
CA GLY A 395 -1.09 -44.49 -34.67
C GLY A 395 -0.24 -45.21 -33.65
N PHE A 396 0.52 -46.20 -34.11
CA PHE A 396 1.22 -47.10 -33.21
C PHE A 396 2.33 -47.77 -34.01
N ILE A 397 3.58 -47.59 -33.59
CA ILE A 397 4.74 -48.04 -34.35
C ILE A 397 5.40 -49.18 -33.61
N GLU A 398 5.75 -50.25 -34.33
CA GLU A 398 6.45 -51.37 -33.74
C GLU A 398 7.89 -51.53 -34.18
N ALA A 399 8.25 -51.14 -35.40
CA ALA A 399 9.59 -51.36 -35.89
C ALA A 399 9.92 -50.33 -36.97
N VAL A 400 11.21 -50.05 -37.13
CA VAL A 400 11.70 -49.03 -38.06
C VAL A 400 12.81 -49.64 -38.91
N ASN A 401 12.69 -49.51 -40.22
CA ASN A 401 13.72 -49.96 -41.16
C ASN A 401 14.32 -48.72 -41.80
N PHE A 402 15.54 -48.38 -41.44
CA PHE A 402 16.17 -47.20 -42.03
C PHE A 402 16.99 -47.71 -43.20
N ASN A 403 16.34 -47.80 -44.37
CA ASN A 403 16.94 -48.46 -45.53
C ASN A 403 17.71 -47.44 -46.35
N VAL A 404 19.03 -47.42 -46.20
CA VAL A 404 19.90 -46.53 -46.95
C VAL A 404 20.97 -47.37 -47.63
N THR A 405 21.08 -47.23 -48.94
CA THR A 405 22.10 -47.97 -49.68
C THR A 405 23.41 -47.20 -49.66
N THR A 406 24.47 -47.84 -49.19
CA THR A 406 25.76 -47.20 -49.08
C THR A 406 26.87 -48.20 -49.37
N ALA A 407 28.02 -47.65 -49.77
CA ALA A 407 29.19 -48.46 -50.12
C ALA A 407 30.15 -48.62 -48.95
N SER A 408 29.77 -48.17 -47.76
CA SER A 408 30.61 -48.26 -46.58
C SER A 408 29.71 -48.59 -45.39
N ALA A 409 30.22 -48.39 -44.19
CA ALA A 409 29.41 -48.50 -43.00
C ALA A 409 29.36 -47.21 -42.20
N THR A 410 29.92 -46.13 -42.72
CA THR A 410 30.12 -44.91 -41.95
C THR A 410 28.99 -43.95 -42.25
N ASP A 411 27.87 -44.12 -41.55
CA ASP A 411 26.74 -43.21 -41.71
C ASP A 411 26.25 -42.69 -40.37
N PHE A 412 26.40 -43.48 -39.32
CA PHE A 412 25.81 -43.17 -38.02
C PHE A 412 26.89 -43.13 -36.96
N TRP A 413 26.68 -42.30 -35.93
CA TRP A 413 27.56 -42.34 -34.78
C TRP A 413 27.05 -43.27 -33.70
N THR A 414 25.76 -43.20 -33.41
CA THR A 414 25.20 -43.92 -32.28
C THR A 414 23.71 -44.07 -32.48
N VAL A 415 23.13 -45.07 -31.82
CA VAL A 415 21.69 -45.31 -31.80
C VAL A 415 21.31 -45.58 -30.35
N ALA A 416 20.50 -44.72 -29.77
CA ALA A 416 20.21 -44.79 -28.35
C ALA A 416 18.74 -45.06 -28.10
N PHE A 417 18.47 -45.80 -27.02
CA PHE A 417 17.11 -46.08 -26.57
C PHE A 417 16.89 -45.33 -25.27
N ALA A 418 15.67 -44.85 -25.03
CA ALA A 418 15.48 -43.96 -23.90
C ALA A 418 14.05 -44.02 -23.39
N THR A 419 13.84 -43.39 -22.23
CA THR A 419 12.51 -43.22 -21.62
C THR A 419 12.40 -41.83 -21.06
N PHE A 420 11.16 -41.38 -20.84
CA PHE A 420 10.92 -40.03 -20.33
C PHE A 420 11.26 -39.94 -18.84
N VAL A 421 11.98 -38.89 -18.46
CA VAL A 421 12.25 -38.56 -17.05
C VAL A 421 12.08 -37.07 -16.80
N ASP A 422 12.40 -36.65 -15.58
CA ASP A 422 12.24 -35.27 -15.14
C ASP A 422 13.62 -34.67 -14.91
N VAL A 423 13.95 -33.62 -15.66
CA VAL A 423 15.31 -33.07 -15.64
C VAL A 423 15.29 -31.59 -15.30
N LEU A 424 16.47 -30.97 -15.30
CA LEU A 424 16.62 -29.53 -15.14
C LEU A 424 17.77 -29.07 -16.03
N VAL A 425 17.47 -28.22 -17.01
CA VAL A 425 18.33 -28.01 -18.16
C VAL A 425 18.78 -26.56 -18.19
N ASN A 426 20.06 -26.32 -18.45
CA ASN A 426 20.60 -25.00 -18.71
C ASN A 426 20.72 -24.82 -20.22
N VAL A 427 19.74 -24.19 -20.83
CA VAL A 427 19.70 -24.02 -22.28
C VAL A 427 20.52 -22.79 -22.64
N SER A 428 21.39 -22.91 -23.65
CA SER A 428 22.15 -21.78 -24.15
C SER A 428 22.26 -21.87 -25.66
N ALA A 429 21.68 -20.88 -26.35
CA ALA A 429 21.64 -20.79 -27.82
C ALA A 429 21.04 -22.04 -28.45
N THR A 430 19.89 -22.46 -27.90
CA THR A 430 19.12 -23.65 -28.31
C THR A 430 19.95 -24.93 -28.25
N ASN A 431 20.88 -25.02 -27.32
CA ASN A 431 21.63 -26.24 -27.02
C ASN A 431 21.50 -26.52 -25.54
N ILE A 432 22.27 -27.48 -25.05
CA ILE A 432 22.23 -27.88 -23.65
C ILE A 432 23.62 -27.74 -23.06
N GLN A 433 23.72 -27.04 -21.93
CA GLN A 433 24.99 -26.95 -21.23
C GLN A 433 25.12 -28.01 -20.14
N ASN A 434 24.23 -27.99 -19.16
CA ASN A 434 24.29 -28.90 -18.03
C ASN A 434 23.02 -29.74 -17.98
N LEU A 435 22.97 -30.63 -16.98
CA LEU A 435 21.84 -31.53 -16.84
C LEU A 435 21.83 -32.01 -15.39
N LEU A 436 20.67 -32.01 -14.76
CA LEU A 436 20.57 -32.32 -13.34
C LEU A 436 19.34 -33.20 -13.13
N TYR A 437 19.55 -34.50 -12.94
CA TYR A 437 18.44 -35.39 -12.64
C TYR A 437 17.98 -35.16 -11.22
N CYS A 438 16.67 -35.22 -11.01
CA CYS A 438 16.12 -34.96 -9.68
C CYS A 438 15.47 -36.23 -9.11
N ASP A 439 16.26 -37.00 -8.38
CA ASP A 439 15.82 -38.18 -7.66
C ASP A 439 16.16 -38.16 -6.18
N SER A 440 17.33 -37.64 -5.80
CA SER A 440 17.81 -37.66 -4.43
C SER A 440 17.18 -36.50 -3.63
N PRO A 441 17.12 -36.61 -2.30
CA PRO A 441 16.40 -35.58 -1.52
C PRO A 441 17.07 -34.22 -1.47
N PHE A 442 18.34 -34.08 -1.85
CA PHE A 442 18.87 -32.73 -1.96
C PHE A 442 18.68 -32.14 -3.35
N GLU A 443 18.76 -32.97 -4.39
CA GLU A 443 18.55 -32.51 -5.75
C GLU A 443 17.13 -32.06 -6.00
N LYS A 444 16.16 -32.57 -5.24
CA LYS A 444 14.80 -32.09 -5.43
C LYS A 444 14.62 -30.66 -4.95
N LEU A 445 15.41 -30.21 -3.96
CA LEU A 445 15.37 -28.80 -3.59
C LEU A 445 15.88 -27.91 -4.70
N GLN A 446 16.91 -28.37 -5.41
CA GLN A 446 17.41 -27.62 -6.56
C GLN A 446 16.40 -27.60 -7.68
N CYS A 447 15.66 -28.70 -7.90
CA CYS A 447 14.58 -28.65 -8.87
C CYS A 447 13.46 -27.73 -8.44
N GLU A 448 13.18 -27.63 -7.14
CA GLU A 448 12.08 -26.78 -6.68
C GLU A 448 12.44 -25.30 -6.78
N HIS A 449 13.64 -24.93 -6.39
CA HIS A 449 13.96 -23.50 -6.32
C HIS A 449 14.59 -22.97 -7.62
N LEU A 450 14.75 -23.82 -8.63
CA LEU A 450 15.23 -23.46 -9.97
C LEU A 450 16.61 -22.80 -9.93
N GLN A 451 17.58 -23.53 -9.38
CA GLN A 451 18.87 -22.94 -9.10
C GLN A 451 19.90 -24.06 -8.95
N PHE A 452 21.10 -23.82 -9.46
CA PHE A 452 22.21 -24.75 -9.31
C PHE A 452 23.05 -24.34 -8.11
N GLY A 453 23.02 -25.14 -7.06
CA GLY A 453 23.80 -24.84 -5.86
C GLY A 453 23.14 -23.81 -4.98
N LEU A 454 23.17 -24.02 -3.66
CA LEU A 454 22.35 -23.24 -2.75
C LEU A 454 23.16 -22.64 -1.61
N GLN A 455 22.80 -21.41 -1.26
CA GLN A 455 23.40 -20.69 -0.16
C GLN A 455 22.97 -21.32 1.16
N ASP A 456 23.78 -21.15 2.19
CA ASP A 456 23.48 -21.68 3.52
C ASP A 456 22.31 -20.94 4.16
N GLY A 457 21.52 -21.66 4.95
CA GLY A 457 20.43 -21.05 5.68
C GLY A 457 19.26 -22.01 5.81
N PHE A 458 18.11 -21.44 6.16
CA PHE A 458 16.86 -22.19 6.31
C PHE A 458 16.02 -22.04 5.06
N TYR A 459 15.55 -23.17 4.54
CA TYR A 459 14.73 -23.20 3.34
C TYR A 459 13.43 -23.93 3.62
N SER A 460 12.40 -23.60 2.86
CA SER A 460 11.13 -24.29 2.97
C SER A 460 11.04 -25.39 1.93
N ALA A 461 10.24 -26.42 2.23
CA ALA A 461 10.15 -27.56 1.35
C ALA A 461 8.80 -28.24 1.56
N ASN A 462 8.14 -28.57 0.45
CA ASN A 462 6.87 -29.29 0.49
C ASN A 462 6.75 -30.01 -0.85
N PHE A 463 7.00 -31.31 -0.86
CA PHE A 463 7.06 -32.06 -2.11
C PHE A 463 5.72 -32.72 -2.36
N LEU A 464 4.95 -32.15 -3.29
CA LEU A 464 3.67 -32.73 -3.66
C LEU A 464 3.87 -33.98 -4.50
N ASP A 465 2.80 -34.76 -4.63
CA ASP A 465 2.83 -35.98 -5.41
C ASP A 465 1.63 -36.02 -6.35
N ASP A 466 1.88 -36.40 -7.60
CA ASP A 466 0.79 -36.59 -8.55
C ASP A 466 0.33 -38.04 -8.49
N ASN A 467 -0.99 -38.22 -8.45
CA ASN A 467 -1.57 -39.54 -8.26
C ASN A 467 -3.03 -39.46 -8.70
N VAL A 468 -3.71 -40.60 -8.70
CA VAL A 468 -5.12 -40.68 -9.03
C VAL A 468 -5.87 -40.97 -7.73
N LEU A 469 -6.86 -40.14 -7.42
CA LEU A 469 -7.53 -40.21 -6.13
C LEU A 469 -8.98 -40.65 -6.28
N PRO A 470 -9.50 -41.42 -5.33
CA PRO A 470 -10.93 -41.73 -5.34
C PRO A 470 -11.76 -40.51 -4.96
N GLU A 471 -13.08 -40.64 -5.10
CA GLU A 471 -13.95 -39.47 -5.05
C GLU A 471 -15.19 -39.74 -4.20
N THR A 472 -15.53 -38.78 -3.33
CA THR A 472 -16.67 -38.87 -2.42
C THR A 472 -17.71 -37.82 -2.77
N TYR A 473 -18.95 -38.08 -2.38
CA TYR A 473 -20.06 -37.20 -2.74
C TYR A 473 -21.16 -37.31 -1.70
N VAL A 474 -21.46 -36.21 -1.01
CA VAL A 474 -22.50 -36.15 0.00
C VAL A 474 -23.38 -34.95 -0.30
N ALA A 475 -24.69 -35.17 -0.41
CA ALA A 475 -25.61 -34.09 -0.72
C ALA A 475 -26.94 -34.30 -0.02
N LEU A 476 -27.79 -33.28 -0.11
CA LEU A 476 -29.09 -33.26 0.56
C LEU A 476 -30.01 -34.34 0.00
N PRO A 477 -30.97 -34.83 0.79
CA PRO A 477 -31.70 -36.05 0.39
C PRO A 477 -32.64 -35.83 -0.78
N ILE A 478 -32.57 -36.76 -1.74
CA ILE A 478 -33.41 -36.74 -2.95
C ILE A 478 -33.33 -38.14 -3.51
N TYR A 479 -34.33 -38.52 -4.31
CA TYR A 479 -34.34 -39.86 -4.89
C TYR A 479 -33.41 -39.92 -6.10
N TYR A 480 -33.38 -41.07 -6.77
CA TYR A 480 -32.42 -41.34 -7.82
C TYR A 480 -33.14 -41.72 -9.10
N GLN A 481 -32.72 -41.14 -10.23
CA GLN A 481 -33.36 -41.37 -11.50
C GLN A 481 -32.38 -40.98 -12.60
N HIS A 482 -32.24 -41.82 -13.62
CA HIS A 482 -31.09 -41.73 -14.52
C HIS A 482 -31.54 -41.84 -15.98
N THR A 483 -30.70 -41.32 -16.86
CA THR A 483 -30.90 -41.38 -18.31
C THR A 483 -29.55 -41.46 -19.01
N ASP A 484 -29.55 -42.05 -20.20
CA ASP A 484 -28.32 -42.28 -20.95
C ASP A 484 -28.36 -41.58 -22.30
N ILE A 485 -27.19 -41.12 -22.75
CA ILE A 485 -27.04 -40.35 -23.98
C ILE A 485 -25.77 -40.82 -24.67
N ASN A 486 -25.89 -41.28 -25.91
CA ASN A 486 -24.73 -41.56 -26.75
C ASN A 486 -24.49 -40.37 -27.65
N PHE A 487 -23.43 -40.42 -28.43
CA PHE A 487 -23.23 -39.44 -29.50
C PHE A 487 -22.38 -40.12 -30.56
N THR A 488 -23.03 -40.65 -31.59
CA THR A 488 -22.31 -41.49 -32.53
C THR A 488 -21.87 -40.71 -33.75
N ALA A 489 -20.98 -41.31 -34.52
CA ALA A 489 -20.50 -40.73 -35.77
C ALA A 489 -20.05 -41.86 -36.67
N THR A 490 -20.66 -41.98 -37.83
CA THR A 490 -20.39 -43.06 -38.77
C THR A 490 -20.01 -42.49 -40.13
N ALA A 491 -18.93 -43.00 -40.71
CA ALA A 491 -18.39 -42.36 -41.90
C ALA A 491 -18.02 -43.40 -42.96
N SER A 492 -17.89 -42.91 -44.19
CA SER A 492 -17.36 -43.68 -45.32
C SER A 492 -16.39 -42.81 -46.10
N PHE A 493 -15.58 -43.44 -46.94
CA PHE A 493 -14.47 -42.75 -47.59
C PHE A 493 -14.34 -43.18 -49.04
N GLY A 494 -13.58 -42.39 -49.80
CA GLY A 494 -13.15 -42.79 -51.12
C GLY A 494 -13.70 -42.04 -52.31
N GLY A 495 -13.91 -40.75 -52.18
CA GLY A 495 -14.56 -40.01 -53.27
C GLY A 495 -13.74 -39.79 -54.52
N SER A 496 -12.73 -38.92 -54.45
CA SER A 496 -11.84 -38.66 -55.56
C SER A 496 -10.41 -38.57 -55.07
N CYS A 497 -10.27 -38.14 -53.82
CA CYS A 497 -9.02 -38.17 -53.10
C CYS A 497 -9.33 -38.61 -51.69
N TYR A 498 -8.36 -39.26 -51.06
CA TYR A 498 -8.61 -39.65 -49.68
C TYR A 498 -8.28 -38.52 -48.74
N VAL A 499 -7.09 -37.94 -48.89
CA VAL A 499 -6.50 -37.08 -47.88
C VAL A 499 -7.24 -35.75 -47.77
N CYS A 500 -8.01 -35.39 -48.80
CA CYS A 500 -8.70 -34.12 -48.85
C CYS A 500 -9.88 -34.07 -47.87
N LYS A 501 -10.84 -34.98 -47.99
CA LYS A 501 -12.06 -34.90 -47.21
C LYS A 501 -12.68 -36.29 -47.12
N PRO A 502 -13.48 -36.56 -46.09
CA PRO A 502 -14.24 -37.81 -46.06
C PRO A 502 -15.41 -37.72 -47.02
N HIS A 503 -16.07 -38.85 -47.24
CA HIS A 503 -17.10 -38.92 -48.25
C HIS A 503 -18.47 -38.56 -47.70
N GLN A 504 -18.84 -39.07 -46.52
CA GLN A 504 -20.14 -38.81 -45.92
C GLN A 504 -20.07 -39.16 -44.44
N VAL A 505 -20.60 -38.29 -43.59
CA VAL A 505 -20.58 -38.47 -42.14
C VAL A 505 -21.98 -38.24 -41.58
N ASN A 506 -22.47 -39.16 -40.76
CA ASN A 506 -23.76 -39.03 -40.09
C ASN A 506 -23.57 -38.83 -38.59
N ILE A 507 -24.42 -37.98 -38.01
CA ILE A 507 -24.36 -37.62 -36.60
C ILE A 507 -25.76 -37.79 -36.02
N SER A 508 -25.86 -38.46 -34.87
CA SER A 508 -27.17 -38.70 -34.27
C SER A 508 -27.06 -38.90 -32.77
N LEU A 509 -28.04 -38.40 -32.04
CA LEU A 509 -28.19 -38.63 -30.60
C LEU A 509 -29.26 -39.69 -30.40
N ASN A 510 -28.86 -40.88 -29.97
CA ASN A 510 -29.75 -42.02 -29.68
C ASN A 510 -30.61 -42.44 -30.86
N GLY A 511 -30.23 -42.10 -32.08
CA GLY A 511 -31.09 -42.31 -33.23
C GLY A 511 -31.99 -41.15 -33.56
N ASN A 512 -32.07 -40.14 -32.71
CA ASN A 512 -32.89 -38.96 -32.96
C ASN A 512 -31.99 -37.80 -33.31
N THR A 513 -32.58 -36.61 -33.44
CA THR A 513 -31.82 -35.40 -33.64
C THR A 513 -31.82 -34.48 -32.44
N SER A 514 -32.57 -34.78 -31.40
CA SER A 514 -32.62 -33.95 -30.21
C SER A 514 -33.08 -34.79 -29.02
N VAL A 515 -32.48 -34.54 -27.86
CA VAL A 515 -32.84 -35.22 -26.61
C VAL A 515 -32.83 -34.19 -25.50
N CYS A 516 -33.95 -34.05 -24.80
CA CYS A 516 -34.04 -33.21 -23.62
C CYS A 516 -33.96 -34.05 -22.35
N VAL A 517 -33.48 -33.43 -21.29
CA VAL A 517 -33.27 -34.09 -20.01
C VAL A 517 -34.44 -33.76 -19.10
N ARG A 518 -35.21 -34.78 -18.71
CA ARG A 518 -36.35 -34.58 -17.81
C ARG A 518 -36.16 -35.26 -16.47
N THR A 519 -34.99 -35.81 -16.19
CA THR A 519 -34.77 -36.53 -14.95
C THR A 519 -33.70 -35.82 -14.12
N SER A 520 -33.29 -36.44 -13.02
CA SER A 520 -32.42 -35.79 -12.06
C SER A 520 -30.96 -36.07 -12.25
N HIS A 521 -30.58 -37.06 -13.05
CA HIS A 521 -29.19 -37.43 -13.23
C HIS A 521 -28.98 -37.88 -14.67
N PHE A 522 -27.79 -37.65 -15.21
CA PHE A 522 -27.51 -38.01 -16.60
C PHE A 522 -26.02 -38.31 -16.76
N SER A 523 -25.64 -38.75 -17.96
CA SER A 523 -24.26 -39.06 -18.31
C SER A 523 -24.13 -39.16 -19.82
N ILE A 524 -23.02 -38.65 -20.37
CA ILE A 524 -22.83 -38.56 -21.82
C ILE A 524 -21.54 -39.29 -22.19
N ARG A 525 -21.57 -39.99 -23.33
CA ARG A 525 -20.38 -40.63 -23.87
C ARG A 525 -20.13 -40.09 -25.27
N TYR A 526 -19.09 -40.63 -25.91
CA TYR A 526 -18.79 -40.36 -27.30
C TYR A 526 -18.31 -41.65 -27.95
N ILE A 527 -18.95 -42.05 -29.03
CA ILE A 527 -18.73 -43.35 -29.65
C ILE A 527 -18.40 -43.13 -31.12
N TYR A 528 -17.27 -43.67 -31.56
CA TYR A 528 -16.87 -43.62 -32.96
C TYR A 528 -16.80 -45.03 -33.51
N ASN A 529 -17.50 -45.28 -34.61
CA ASN A 529 -17.68 -46.64 -35.14
C ASN A 529 -16.62 -46.95 -36.19
N ARG A 530 -15.67 -47.81 -35.82
CA ARG A 530 -14.62 -48.26 -36.72
C ARG A 530 -14.94 -49.60 -37.37
N VAL A 531 -16.08 -50.20 -37.07
CA VAL A 531 -16.41 -51.54 -37.57
C VAL A 531 -17.37 -51.44 -38.75
N LYS A 532 -17.32 -50.29 -39.45
CA LYS A 532 -18.21 -50.06 -40.58
C LYS A 532 -17.92 -51.00 -41.74
N SER A 533 -16.65 -51.17 -42.10
CA SER A 533 -16.26 -52.08 -43.16
C SER A 533 -15.84 -53.45 -42.62
N GLY A 534 -16.10 -53.74 -41.36
CA GLY A 534 -15.64 -54.99 -40.76
C GLY A 534 -14.18 -54.89 -40.39
N SER A 535 -13.31 -54.92 -41.38
CA SER A 535 -11.91 -54.58 -41.17
C SER A 535 -11.85 -53.08 -40.91
N PRO A 536 -11.18 -52.64 -39.85
CA PRO A 536 -11.20 -51.21 -39.51
C PRO A 536 -10.34 -50.37 -40.44
N GLY A 537 -10.90 -49.94 -41.57
CA GLY A 537 -10.26 -48.97 -42.43
C GLY A 537 -10.07 -47.61 -41.79
N ASP A 538 -10.80 -47.35 -40.69
CA ASP A 538 -10.70 -46.16 -39.87
C ASP A 538 -9.47 -46.14 -38.98
N SER A 539 -8.52 -47.05 -39.18
CA SER A 539 -7.32 -47.06 -38.35
C SER A 539 -6.44 -45.85 -38.62
N SER A 540 -6.55 -45.23 -39.78
CA SER A 540 -5.77 -44.05 -40.10
C SER A 540 -6.52 -42.74 -39.85
N TRP A 541 -7.84 -42.71 -40.01
CA TRP A 541 -8.60 -41.49 -39.82
C TRP A 541 -8.86 -41.23 -38.35
N HIS A 542 -8.64 -39.99 -37.92
CA HIS A 542 -8.74 -39.60 -36.52
C HIS A 542 -9.84 -38.55 -36.43
N ILE A 543 -11.02 -38.93 -35.93
CA ILE A 543 -12.14 -38.00 -35.77
C ILE A 543 -12.38 -37.77 -34.29
N TYR A 544 -12.45 -36.50 -33.88
CA TYR A 544 -12.52 -36.16 -32.47
C TYR A 544 -13.17 -34.79 -32.33
N LEU A 545 -13.51 -34.43 -31.10
CA LEU A 545 -14.12 -33.14 -30.83
C LEU A 545 -13.07 -32.10 -30.49
N LYS A 546 -13.40 -30.84 -30.78
CA LYS A 546 -12.62 -29.69 -30.37
C LYS A 546 -13.28 -29.05 -29.17
N SER A 547 -12.79 -27.88 -28.79
CA SER A 547 -13.41 -27.08 -27.75
C SER A 547 -13.95 -25.80 -28.36
N GLY A 548 -15.26 -25.63 -28.30
CA GLY A 548 -15.89 -24.50 -28.94
C GLY A 548 -15.99 -23.29 -28.04
N THR A 549 -17.15 -22.65 -28.03
CA THR A 549 -17.35 -21.41 -27.29
C THR A 549 -18.17 -21.60 -26.02
N CYS A 550 -18.39 -22.82 -25.59
CA CYS A 550 -19.20 -23.06 -24.40
C CYS A 550 -18.35 -22.86 -23.15
N PRO A 551 -18.93 -22.35 -22.06
CA PRO A 551 -18.13 -22.14 -20.84
C PRO A 551 -18.00 -23.36 -19.95
N PHE A 552 -17.73 -24.53 -20.54
CA PHE A 552 -17.47 -25.80 -19.87
C PHE A 552 -16.93 -26.73 -20.94
N SER A 553 -16.54 -27.94 -20.53
CA SER A 553 -15.94 -28.88 -21.46
C SER A 553 -16.83 -30.10 -21.64
N PHE A 554 -16.61 -30.84 -22.71
CA PHE A 554 -17.47 -31.96 -23.01
C PHE A 554 -17.14 -33.17 -22.16
N SER A 555 -15.86 -33.44 -21.92
CA SER A 555 -15.47 -34.60 -21.17
C SER A 555 -15.56 -34.41 -19.67
N LYS A 556 -16.03 -33.25 -19.21
CA LYS A 556 -16.17 -32.98 -17.79
C LYS A 556 -17.61 -32.66 -17.40
N LEU A 557 -18.58 -33.02 -18.25
CA LEU A 557 -19.97 -32.98 -17.84
C LEU A 557 -20.32 -34.16 -16.97
N ASN A 558 -19.58 -35.25 -17.08
CA ASN A 558 -19.85 -36.41 -16.24
C ASN A 558 -19.40 -36.22 -14.80
N ASN A 559 -18.56 -35.23 -14.52
CA ASN A 559 -18.33 -34.83 -13.14
C ASN A 559 -19.57 -34.16 -12.58
N PHE A 560 -19.51 -33.78 -11.31
CA PHE A 560 -20.71 -33.38 -10.61
C PHE A 560 -21.03 -31.91 -10.89
N GLN A 561 -21.45 -31.66 -12.12
CA GLN A 561 -21.86 -30.34 -12.57
C GLN A 561 -23.37 -30.21 -12.43
N LYS A 562 -23.83 -29.04 -12.01
CA LYS A 562 -25.24 -28.81 -11.72
C LYS A 562 -25.83 -27.73 -12.61
N PHE A 563 -27.01 -28.01 -13.17
CA PHE A 563 -27.68 -27.20 -14.17
C PHE A 563 -29.13 -26.96 -13.81
N LYS A 564 -29.93 -26.46 -14.74
CA LYS A 564 -31.38 -26.45 -14.56
C LYS A 564 -32.13 -27.20 -15.65
N THR A 565 -31.73 -27.06 -16.91
CA THR A 565 -32.25 -27.84 -18.03
C THR A 565 -31.23 -27.75 -19.15
N ILE A 566 -31.22 -28.75 -20.05
CA ILE A 566 -30.16 -28.74 -21.07
C ILE A 566 -30.67 -28.79 -22.52
N CYS A 567 -31.29 -29.91 -22.93
CA CYS A 567 -31.83 -30.11 -24.29
C CYS A 567 -30.77 -29.99 -25.38
N PHE A 568 -29.92 -31.01 -25.47
CA PHE A 568 -28.96 -31.14 -26.57
C PHE A 568 -29.67 -31.27 -27.93
N SER A 569 -28.95 -30.91 -28.99
CA SER A 569 -29.48 -30.99 -30.36
C SER A 569 -28.34 -30.97 -31.37
N THR A 570 -28.65 -31.39 -32.61
CA THR A 570 -27.66 -31.42 -33.69
C THR A 570 -28.07 -30.57 -34.89
N VAL A 571 -29.07 -29.71 -34.76
CA VAL A 571 -29.43 -28.74 -35.80
C VAL A 571 -29.53 -27.38 -35.16
N GLU A 572 -29.47 -26.34 -35.99
CA GLU A 572 -29.23 -24.98 -35.52
C GLU A 572 -30.42 -24.42 -34.76
N VAL A 573 -30.17 -23.94 -33.55
CA VAL A 573 -31.17 -23.35 -32.66
C VAL A 573 -30.62 -22.00 -32.20
N PRO A 574 -31.40 -20.93 -32.24
CA PRO A 574 -30.88 -19.62 -31.85
C PRO A 574 -30.58 -19.53 -30.36
N GLY A 575 -29.44 -18.92 -30.04
CA GLY A 575 -28.99 -18.84 -28.67
C GLY A 575 -28.35 -20.10 -28.12
N SER A 576 -27.33 -20.64 -28.81
CA SER A 576 -26.72 -21.89 -28.42
C SER A 576 -25.26 -21.92 -28.83
N CYS A 577 -24.40 -22.35 -27.93
CA CYS A 577 -23.00 -22.55 -28.27
C CYS A 577 -22.83 -23.92 -28.95
N ASN A 578 -21.58 -24.29 -29.22
CA ASN A 578 -21.32 -25.44 -30.08
C ASN A 578 -19.94 -26.03 -29.82
N PHE A 579 -19.85 -27.32 -30.10
CA PHE A 579 -18.59 -28.04 -30.11
C PHE A 579 -18.32 -28.52 -31.52
N PRO A 580 -17.28 -28.06 -32.19
CA PRO A 580 -17.02 -28.50 -33.56
C PRO A 580 -16.51 -29.93 -33.61
N LEU A 581 -16.49 -30.50 -34.80
CA LEU A 581 -16.08 -31.88 -35.01
C LEU A 581 -15.08 -31.91 -36.15
N GLU A 582 -13.95 -32.58 -35.96
CA GLU A 582 -12.78 -32.42 -36.82
C GLU A 582 -12.33 -33.78 -37.35
N ALA A 583 -11.84 -33.81 -38.59
CA ALA A 583 -11.36 -35.04 -39.21
C ALA A 583 -10.01 -34.80 -39.87
N THR A 584 -9.18 -35.83 -39.89
CA THR A 584 -7.80 -35.71 -40.38
C THR A 584 -7.22 -37.08 -40.69
N TRP A 585 -6.14 -37.09 -41.47
CA TRP A 585 -5.48 -38.32 -41.94
C TRP A 585 -4.03 -38.28 -41.49
N HIS A 586 -3.72 -38.99 -40.40
CA HIS A 586 -2.41 -39.00 -39.74
C HIS A 586 -1.90 -37.61 -39.38
N TYR A 587 -2.83 -36.72 -39.04
CA TYR A 587 -2.56 -35.37 -38.52
C TYR A 587 -1.75 -34.52 -39.50
N THR A 588 -2.09 -34.62 -40.79
CA THR A 588 -1.46 -33.77 -41.80
C THR A 588 -2.30 -32.55 -42.10
N SER A 589 -3.54 -32.75 -42.53
CA SER A 589 -4.44 -31.66 -42.91
C SER A 589 -5.74 -31.78 -42.16
N TYR A 590 -6.34 -30.64 -41.83
CA TYR A 590 -7.51 -30.58 -40.97
C TYR A 590 -8.74 -30.14 -41.75
N THR A 591 -9.91 -30.56 -41.26
CA THR A 591 -11.18 -30.14 -41.85
C THR A 591 -12.26 -30.21 -40.77
N ILE A 592 -13.36 -29.50 -41.01
CA ILE A 592 -14.48 -29.42 -40.08
C ILE A 592 -15.68 -30.10 -40.71
N VAL A 593 -16.32 -30.99 -39.97
CA VAL A 593 -17.37 -31.86 -40.51
C VAL A 593 -18.75 -31.47 -39.99
N GLY A 594 -18.92 -31.41 -38.69
CA GLY A 594 -20.23 -31.12 -38.10
C GLY A 594 -20.10 -30.36 -36.80
N ALA A 595 -21.11 -30.46 -35.95
CA ALA A 595 -21.11 -29.77 -34.67
C ALA A 595 -22.09 -30.44 -33.71
N LEU A 596 -22.04 -30.00 -32.46
CA LEU A 596 -22.98 -30.40 -31.43
C LEU A 596 -23.50 -29.15 -30.72
N TYR A 597 -24.80 -28.94 -30.73
CA TYR A 597 -25.41 -27.72 -30.22
C TYR A 597 -26.03 -27.96 -28.86
N VAL A 598 -25.86 -27.00 -27.96
CA VAL A 598 -26.27 -27.21 -26.57
C VAL A 598 -26.77 -25.90 -25.98
N THR A 599 -27.93 -25.96 -25.31
CA THR A 599 -28.45 -24.85 -24.51
C THR A 599 -28.41 -25.24 -23.04
N TRP A 600 -28.69 -24.28 -22.17
CA TRP A 600 -28.76 -24.53 -20.73
C TRP A 600 -29.44 -23.35 -20.05
N SER A 601 -29.45 -23.41 -18.72
CA SER A 601 -29.86 -22.37 -17.79
C SER A 601 -29.38 -22.80 -16.42
N GLU A 602 -29.09 -21.82 -15.56
CA GLU A 602 -28.48 -22.17 -14.29
C GLU A 602 -29.52 -22.60 -13.26
N GLY A 603 -29.08 -23.49 -12.37
CA GLY A 603 -29.98 -24.03 -11.36
C GLY A 603 -29.24 -25.00 -10.48
N ASN A 604 -30.00 -25.76 -9.68
CA ASN A 604 -29.44 -26.80 -8.84
C ASN A 604 -30.35 -28.03 -8.84
N SER A 605 -30.83 -28.43 -10.01
CA SER A 605 -31.76 -29.55 -10.10
C SER A 605 -31.17 -30.77 -10.78
N ILE A 606 -30.47 -30.61 -11.90
CA ILE A 606 -29.97 -31.71 -12.70
C ILE A 606 -28.47 -31.81 -12.52
N THR A 607 -27.96 -33.02 -12.30
CA THR A 607 -26.58 -33.24 -11.92
C THR A 607 -25.98 -34.36 -12.76
N GLY A 608 -24.78 -34.13 -13.29
CA GLY A 608 -24.07 -35.18 -13.99
C GLY A 608 -23.51 -36.23 -13.04
N VAL A 609 -23.34 -37.44 -13.55
CA VAL A 609 -22.88 -38.59 -12.77
C VAL A 609 -21.85 -39.34 -13.58
N PRO A 610 -20.74 -39.82 -13.00
CA PRO A 610 -19.75 -40.58 -13.78
C PRO A 610 -20.27 -41.85 -14.42
N TYR A 611 -20.97 -42.71 -13.67
CA TYR A 611 -21.42 -43.95 -14.28
C TYR A 611 -22.68 -44.47 -13.60
N PRO A 612 -23.61 -45.07 -14.35
CA PRO A 612 -24.93 -45.39 -13.79
C PRO A 612 -24.96 -46.57 -12.84
N VAL A 613 -24.72 -46.30 -11.56
CA VAL A 613 -24.89 -47.33 -10.53
C VAL A 613 -26.37 -47.69 -10.42
N SER A 614 -26.67 -48.98 -10.53
CA SER A 614 -28.04 -49.45 -10.49
C SER A 614 -28.30 -50.27 -9.24
N GLY A 615 -29.47 -50.04 -8.61
CA GLY A 615 -29.88 -50.72 -7.40
C GLY A 615 -29.95 -49.83 -6.19
N ILE A 616 -29.23 -48.71 -6.21
CA ILE A 616 -29.20 -47.80 -5.07
C ILE A 616 -30.39 -46.86 -5.11
N ARG A 617 -31.06 -46.71 -3.97
CA ARG A 617 -32.23 -45.85 -3.84
C ARG A 617 -31.87 -44.39 -3.59
N GLU A 618 -30.66 -44.10 -3.12
CA GLU A 618 -30.25 -42.72 -2.86
C GLU A 618 -28.73 -42.63 -2.96
N PHE A 619 -28.25 -41.90 -3.97
CA PHE A 619 -26.85 -41.94 -4.39
C PHE A 619 -25.96 -41.14 -3.45
N SER A 620 -25.02 -41.80 -2.78
CA SER A 620 -23.99 -41.13 -2.01
C SER A 620 -22.77 -42.05 -1.91
N ASN A 621 -21.67 -41.49 -1.42
CA ASN A 621 -20.42 -42.23 -1.35
C ASN A 621 -19.52 -41.55 -0.34
N LEU A 622 -18.69 -42.35 0.33
CA LEU A 622 -17.81 -41.81 1.37
C LEU A 622 -16.63 -42.73 1.57
N VAL A 623 -15.42 -42.19 1.47
CA VAL A 623 -14.18 -42.94 1.51
C VAL A 623 -13.29 -42.35 2.60
N LEU A 624 -12.96 -43.16 3.60
CA LEU A 624 -12.29 -42.68 4.80
C LEU A 624 -10.78 -42.95 4.76
N ASN A 625 -10.06 -42.26 5.64
CA ASN A 625 -8.72 -42.57 6.13
C ASN A 625 -7.55 -42.34 5.18
N ASN A 626 -7.78 -41.98 3.91
CA ASN A 626 -6.71 -41.44 3.08
C ASN A 626 -7.28 -40.56 1.97
N CYS A 627 -6.36 -39.88 1.26
CA CYS A 627 -6.65 -38.61 0.58
C CYS A 627 -7.62 -38.82 -0.58
N THR A 628 -8.69 -38.04 -0.57
CA THR A 628 -9.75 -38.08 -1.57
C THR A 628 -9.90 -36.73 -2.24
N LYS A 629 -10.95 -36.60 -3.04
CA LYS A 629 -11.30 -35.36 -3.73
C LYS A 629 -12.79 -35.15 -3.51
N TYR A 630 -13.14 -34.46 -2.44
CA TYR A 630 -14.51 -34.47 -1.97
C TYR A 630 -15.37 -33.44 -2.68
N ASN A 631 -16.67 -33.67 -2.64
CA ASN A 631 -17.69 -32.72 -3.08
C ASN A 631 -18.81 -32.82 -2.04
N ILE A 632 -18.72 -32.02 -0.99
CA ILE A 632 -19.57 -32.15 0.19
C ILE A 632 -20.32 -30.85 0.38
N TYR A 633 -21.62 -30.87 0.11
CA TYR A 633 -22.53 -29.72 0.20
C TYR A 633 -22.00 -28.53 -0.58
N ASP A 634 -21.54 -28.81 -1.81
CA ASP A 634 -21.01 -27.83 -2.77
C ASP A 634 -19.77 -27.12 -2.24
N TYR A 635 -18.93 -27.85 -1.52
CA TYR A 635 -17.57 -27.45 -1.21
C TYR A 635 -16.63 -28.48 -1.83
N VAL A 636 -15.64 -28.01 -2.58
CA VAL A 636 -14.78 -28.89 -3.36
C VAL A 636 -13.33 -28.70 -2.93
N GLY A 637 -12.65 -29.80 -2.63
CA GLY A 637 -11.25 -29.74 -2.23
C GLY A 637 -10.62 -31.11 -2.13
N THR A 638 -9.56 -31.24 -1.32
CA THR A 638 -8.91 -32.51 -1.04
C THR A 638 -8.65 -32.63 0.46
N GLY A 639 -8.32 -33.83 0.90
CA GLY A 639 -7.97 -34.03 2.29
C GLY A 639 -8.31 -35.44 2.74
N ILE A 640 -8.05 -35.69 4.02
CA ILE A 640 -8.33 -36.97 4.66
C ILE A 640 -9.52 -36.81 5.58
N ILE A 641 -10.49 -37.72 5.48
CA ILE A 641 -11.72 -37.66 6.27
C ILE A 641 -11.66 -38.73 7.34
N ARG A 642 -11.80 -38.33 8.60
CA ARG A 642 -11.82 -39.25 9.73
C ARG A 642 -13.11 -39.07 10.50
N SER A 643 -13.36 -39.99 11.42
CA SER A 643 -14.57 -39.95 12.24
C SER A 643 -14.20 -39.69 13.70
N SER A 644 -15.11 -39.05 14.41
CA SER A 644 -14.85 -38.66 15.79
C SER A 644 -16.17 -38.72 16.55
N ASN A 645 -16.21 -38.08 17.73
CA ASN A 645 -17.41 -38.06 18.56
C ASN A 645 -17.38 -36.80 19.44
N GLN A 646 -18.20 -35.82 19.09
CA GLN A 646 -18.41 -34.66 19.92
C GLN A 646 -19.90 -34.36 19.97
N SER A 647 -20.33 -33.72 21.06
CA SER A 647 -21.73 -33.42 21.27
C SER A 647 -22.00 -31.96 20.94
N LEU A 648 -22.09 -31.67 19.64
CA LEU A 648 -22.38 -30.32 19.17
C LEU A 648 -23.70 -30.32 18.42
N ALA A 649 -24.70 -29.65 19.01
CA ALA A 649 -25.95 -29.39 18.32
C ALA A 649 -25.86 -28.08 17.55
N GLY A 650 -26.53 -28.03 16.41
CA GLY A 650 -26.47 -26.85 15.58
C GLY A 650 -26.32 -27.16 14.11
N GLY A 651 -25.34 -26.54 13.46
CA GLY A 651 -25.21 -26.60 12.02
C GLY A 651 -24.75 -27.95 11.53
N ILE A 652 -24.71 -28.07 10.21
CA ILE A 652 -24.24 -29.29 9.55
C ILE A 652 -23.02 -29.00 8.68
N THR A 653 -22.38 -27.85 8.88
CA THR A 653 -21.19 -27.48 8.12
C THR A 653 -20.39 -26.49 8.93
N TYR A 654 -19.12 -26.79 9.19
CA TYR A 654 -18.26 -25.95 10.01
C TYR A 654 -17.12 -25.45 9.13
N VAL A 655 -17.07 -24.13 8.90
CA VAL A 655 -16.03 -23.58 8.05
C VAL A 655 -15.20 -22.59 8.85
N SER A 656 -14.02 -22.29 8.34
CA SER A 656 -13.17 -21.25 8.89
C SER A 656 -13.55 -19.93 8.25
N ASN A 657 -12.76 -18.89 8.48
CA ASN A 657 -12.97 -17.60 7.82
C ASN A 657 -12.12 -17.43 6.58
N SER A 658 -11.85 -18.51 5.86
CA SER A 658 -11.21 -18.43 4.56
C SER A 658 -11.87 -19.34 3.54
N GLY A 659 -13.00 -19.95 3.89
CA GLY A 659 -13.79 -20.69 2.93
C GLY A 659 -13.48 -22.16 2.80
N ASN A 660 -12.73 -22.74 3.71
CA ASN A 660 -12.43 -24.17 3.68
C ASN A 660 -13.27 -24.90 4.71
N LEU A 661 -13.53 -26.18 4.44
CA LEU A 661 -14.17 -27.01 5.45
C LEU A 661 -13.23 -27.34 6.58
N LEU A 662 -13.83 -27.57 7.74
CA LEU A 662 -13.16 -28.20 8.86
C LEU A 662 -13.89 -29.42 9.36
N GLY A 663 -15.20 -29.52 9.14
CA GLY A 663 -15.94 -30.68 9.58
C GLY A 663 -17.41 -30.58 9.27
N PHE A 664 -18.03 -31.69 8.89
CA PHE A 664 -19.45 -31.68 8.58
C PHE A 664 -20.16 -32.68 9.49
N LYS A 665 -21.45 -32.91 9.25
CA LYS A 665 -22.20 -33.80 10.12
C LYS A 665 -23.23 -34.55 9.30
N ASN A 666 -23.33 -35.85 9.52
CA ASN A 666 -24.38 -36.62 8.87
C ASN A 666 -25.73 -36.23 9.42
N VAL A 667 -26.75 -36.31 8.57
CA VAL A 667 -28.07 -35.77 8.92
C VAL A 667 -28.78 -36.68 9.91
N SER A 668 -28.97 -37.94 9.53
CA SER A 668 -29.82 -38.88 10.27
C SER A 668 -29.13 -39.52 11.48
N THR A 669 -28.01 -38.95 11.93
CA THR A 669 -27.38 -39.33 13.18
C THR A 669 -26.72 -38.10 13.75
N GLY A 670 -25.87 -38.30 14.76
CA GLY A 670 -25.23 -37.17 15.39
C GLY A 670 -23.72 -37.18 15.28
N ASN A 671 -23.17 -38.12 14.53
CA ASN A 671 -21.73 -38.18 14.39
C ASN A 671 -21.24 -37.07 13.48
N ILE A 672 -20.04 -36.57 13.78
CA ILE A 672 -19.40 -35.57 12.94
C ILE A 672 -18.18 -36.21 12.29
N PHE A 673 -17.53 -35.46 11.41
CA PHE A 673 -16.34 -35.95 10.73
C PHE A 673 -15.34 -34.81 10.67
N ILE A 674 -14.07 -35.16 10.47
CA ILE A 674 -12.98 -34.20 10.50
C ILE A 674 -12.26 -34.25 9.16
N VAL A 675 -11.94 -33.08 8.60
CA VAL A 675 -11.29 -32.99 7.31
C VAL A 675 -10.01 -32.18 7.47
N THR A 676 -8.86 -32.82 7.23
CA THR A 676 -7.56 -32.18 7.31
C THR A 676 -6.81 -32.37 5.99
N PRO A 677 -6.01 -31.41 5.55
CA PRO A 677 -5.21 -31.60 4.36
C PRO A 677 -4.06 -32.55 4.62
N CYS A 678 -3.55 -33.17 3.56
CA CYS A 678 -2.56 -34.22 3.69
C CYS A 678 -1.22 -33.85 3.04
N ASN A 679 -0.81 -32.59 3.21
CA ASN A 679 0.51 -32.11 2.81
C ASN A 679 0.89 -30.96 3.71
N GLN A 680 1.85 -31.18 4.61
CA GLN A 680 2.19 -30.19 5.60
C GLN A 680 3.56 -29.60 5.30
N PRO A 681 3.70 -28.28 5.21
CA PRO A 681 5.00 -27.68 4.89
C PRO A 681 5.98 -27.79 6.05
N ASP A 682 7.27 -27.64 5.73
CA ASP A 682 8.34 -27.89 6.69
C ASP A 682 9.35 -26.75 6.75
N GLN A 683 10.48 -26.99 7.42
CA GLN A 683 11.61 -26.07 7.44
C GLN A 683 12.87 -26.92 7.33
N VAL A 684 13.70 -26.66 6.32
CA VAL A 684 14.88 -27.48 6.06
C VAL A 684 16.11 -26.60 6.18
N ALA A 685 17.14 -27.10 6.86
CA ALA A 685 18.41 -26.41 7.04
C ALA A 685 19.44 -26.97 6.08
N VAL A 686 20.14 -26.08 5.37
CA VAL A 686 21.09 -26.47 4.34
C VAL A 686 22.46 -25.91 4.71
N TYR A 687 23.48 -26.77 4.68
CA TYR A 687 24.82 -26.36 5.07
C TYR A 687 25.83 -27.27 4.38
N GLN A 688 26.90 -26.66 3.83
CA GLN A 688 27.98 -27.34 3.12
C GLN A 688 27.46 -28.18 1.95
N GLN A 689 26.46 -27.66 1.24
CA GLN A 689 25.82 -28.31 0.09
C GLN A 689 25.20 -29.66 0.47
N SER A 690 24.58 -29.71 1.63
CA SER A 690 23.89 -30.92 2.09
C SER A 690 22.81 -30.54 3.09
N ILE A 691 21.94 -31.50 3.40
CA ILE A 691 20.83 -31.28 4.33
C ILE A 691 21.25 -31.73 5.73
N ILE A 692 21.03 -30.88 6.72
CA ILE A 692 21.44 -31.14 8.09
C ILE A 692 20.28 -31.64 8.92
N GLY A 693 19.22 -30.84 9.05
CA GLY A 693 18.08 -31.20 9.87
C GLY A 693 16.81 -30.57 9.35
N ALA A 694 15.70 -30.94 9.99
CA ALA A 694 14.38 -30.46 9.59
C ALA A 694 13.57 -30.08 10.82
N MET A 695 12.56 -29.24 10.60
CA MET A 695 11.61 -28.82 11.64
C MET A 695 10.24 -29.30 11.18
N THR A 696 9.90 -30.53 11.50
CA THR A 696 8.65 -31.08 11.00
C THR A 696 7.53 -30.91 12.01
N ALA A 697 6.34 -31.34 11.63
CA ALA A 697 5.19 -31.43 12.53
C ALA A 697 4.52 -32.79 12.47
N VAL A 698 5.20 -33.80 11.93
CA VAL A 698 4.65 -35.14 11.77
C VAL A 698 5.60 -36.12 12.43
N ASN A 699 5.07 -36.95 13.33
CA ASN A 699 5.87 -37.90 14.10
C ASN A 699 6.26 -39.10 13.23
N GLU A 700 7.25 -38.90 12.37
CA GLU A 700 7.85 -39.98 11.60
C GLU A 700 9.22 -39.52 11.11
N SER A 701 9.95 -40.46 10.52
CA SER A 701 11.23 -40.13 9.92
C SER A 701 11.02 -39.47 8.57
N ARG A 702 12.05 -38.77 8.09
CA ARG A 702 11.93 -37.89 6.93
C ARG A 702 13.13 -38.06 6.01
N TYR A 703 13.44 -37.02 5.23
CA TYR A 703 14.29 -37.15 4.06
C TYR A 703 15.73 -37.49 4.41
N GLY A 704 16.03 -38.79 4.42
CA GLY A 704 17.35 -39.29 4.70
C GLY A 704 17.75 -39.31 6.16
N LEU A 705 16.96 -38.71 7.05
CA LEU A 705 17.34 -38.51 8.43
C LEU A 705 16.64 -39.53 9.31
N GLN A 706 17.28 -39.90 10.42
CA GLN A 706 16.80 -41.02 11.22
C GLN A 706 16.37 -40.65 12.63
N ASN A 707 17.23 -39.99 13.41
CA ASN A 707 16.92 -39.76 14.81
C ASN A 707 15.86 -38.67 14.96
N LEU A 708 15.30 -38.58 16.17
CA LEU A 708 14.08 -37.80 16.36
C LEU A 708 13.98 -37.34 17.81
N LEU A 709 14.11 -36.03 18.03
CA LEU A 709 13.87 -35.46 19.35
C LEU A 709 12.40 -35.08 19.48
N GLN A 710 12.06 -34.34 20.52
CA GLN A 710 10.69 -33.84 20.69
C GLN A 710 10.76 -32.54 21.48
N LEU A 711 10.70 -31.43 20.80
CA LEU A 711 10.77 -30.08 21.33
C LEU A 711 9.37 -29.60 21.68
N PRO A 712 9.23 -28.59 22.57
CA PRO A 712 7.90 -28.24 23.10
C PRO A 712 6.87 -27.73 22.09
N ASN A 713 7.23 -27.39 20.84
CA ASN A 713 6.16 -27.11 19.90
C ASN A 713 6.42 -27.57 18.47
N PHE A 714 7.27 -28.58 18.26
CA PHE A 714 7.43 -29.27 16.98
C PHE A 714 8.21 -30.55 17.22
N TYR A 715 8.48 -31.28 16.16
CA TYR A 715 9.39 -32.41 16.21
C TYR A 715 10.64 -32.05 15.42
N TYR A 716 11.80 -32.43 15.93
CA TYR A 716 13.07 -32.15 15.28
C TYR A 716 13.72 -33.44 14.85
N VAL A 717 14.12 -33.52 13.59
CA VAL A 717 14.62 -34.75 13.00
C VAL A 717 16.01 -34.49 12.46
N SER A 718 17.01 -35.19 12.98
CA SER A 718 18.37 -35.09 12.50
C SER A 718 19.01 -36.47 12.62
N ASN A 719 20.32 -36.53 12.33
CA ASN A 719 21.06 -37.77 12.57
C ASN A 719 22.47 -37.54 13.09
N GLY A 720 22.74 -36.40 13.70
CA GLY A 720 24.08 -36.09 14.17
C GLY A 720 24.36 -36.74 15.50
N GLY A 721 25.52 -36.41 16.04
CA GLY A 721 25.92 -36.88 17.36
C GLY A 721 25.30 -36.03 18.47
N ASN A 722 25.97 -36.02 19.61
CA ASN A 722 25.50 -35.25 20.75
C ASN A 722 26.64 -34.57 21.47
N ASN A 723 27.74 -34.30 20.77
CA ASN A 723 28.95 -33.77 21.38
C ASN A 723 29.51 -32.72 20.41
N CYS A 724 29.05 -31.47 20.54
CA CYS A 724 29.31 -30.58 19.42
C CYS A 724 29.90 -29.23 19.82
N THR A 725 29.42 -28.63 20.91
CA THR A 725 30.06 -27.58 21.72
C THR A 725 30.14 -26.21 21.01
N THR A 726 29.83 -26.13 19.72
CA THR A 726 29.89 -24.86 19.03
C THR A 726 28.89 -24.83 17.89
N ALA A 727 28.40 -23.63 17.58
CA ALA A 727 27.23 -23.47 16.72
C ALA A 727 27.59 -22.75 15.43
N VAL A 728 26.87 -23.08 14.38
CA VAL A 728 27.09 -22.47 13.07
C VAL A 728 25.87 -21.74 12.53
N MET A 729 24.66 -22.13 12.90
CA MET A 729 23.45 -21.43 12.49
C MET A 729 22.59 -21.19 13.72
N THR A 730 21.61 -20.30 13.59
CA THR A 730 20.74 -19.98 14.71
C THR A 730 19.28 -20.07 14.30
N TYR A 731 18.43 -20.13 15.33
CA TYR A 731 16.98 -20.14 15.20
C TYR A 731 16.52 -19.23 16.34
N SER A 732 15.26 -19.37 16.76
CA SER A 732 14.71 -18.59 17.86
C SER A 732 15.52 -18.75 19.15
N ASN A 733 15.58 -19.95 19.69
CA ASN A 733 16.16 -20.11 21.02
C ASN A 733 17.15 -21.26 21.10
N PHE A 734 17.80 -21.60 20.00
CA PHE A 734 18.89 -22.57 20.02
C PHE A 734 19.81 -22.30 18.85
N GLY A 735 20.81 -23.17 18.69
CA GLY A 735 21.73 -23.07 17.58
C GLY A 735 22.05 -24.43 17.00
N ILE A 736 21.78 -24.61 15.71
CA ILE A 736 22.06 -25.88 15.05
C ILE A 736 23.55 -25.97 14.81
N CYS A 737 24.17 -27.04 15.30
CA CYS A 737 25.62 -27.09 15.26
C CYS A 737 26.06 -27.75 13.95
N ALA A 738 27.32 -28.17 13.89
CA ALA A 738 27.95 -28.52 12.61
C ALA A 738 27.46 -29.84 12.02
N ASP A 739 26.97 -30.77 12.83
CA ASP A 739 26.53 -32.06 12.30
C ASP A 739 25.07 -32.39 12.56
N GLY A 740 24.33 -31.52 13.24
CA GLY A 740 22.91 -31.77 13.37
C GLY A 740 22.34 -31.61 14.76
N SER A 741 23.18 -31.70 15.78
CA SER A 741 22.70 -31.65 17.15
C SER A 741 22.28 -30.25 17.52
N LEU A 742 21.55 -30.15 18.64
CA LEU A 742 21.05 -28.89 19.15
C LEU A 742 21.87 -28.43 20.34
N ILE A 743 22.12 -27.12 20.40
CA ILE A 743 22.81 -26.51 21.52
C ILE A 743 21.95 -25.34 21.99
N PRO A 744 21.53 -25.31 23.25
CA PRO A 744 20.77 -24.16 23.76
C PRO A 744 21.69 -22.96 23.94
N VAL A 745 21.09 -21.78 23.89
CA VAL A 745 21.83 -20.52 23.95
C VAL A 745 21.85 -20.02 25.38
N ARG A 746 23.05 -19.76 25.89
CA ARG A 746 23.38 -19.26 27.22
C ARG A 746 23.44 -17.74 27.21
N PRO A 747 23.06 -17.08 28.30
CA PRO A 747 23.15 -15.62 28.37
C PRO A 747 24.56 -15.15 28.65
N ARG A 748 24.78 -13.86 28.41
CA ARG A 748 26.07 -13.25 28.61
C ARG A 748 26.32 -12.98 30.09
N ASN A 749 27.49 -13.34 30.57
CA ASN A 749 27.87 -13.00 31.94
C ASN A 749 28.30 -11.54 32.02
N SER A 750 28.04 -10.93 33.17
CA SER A 750 28.44 -9.56 33.43
C SER A 750 28.47 -9.32 34.94
N SER A 751 29.54 -8.70 35.41
CA SER A 751 29.72 -8.41 36.82
C SER A 751 29.67 -6.91 37.07
N ASP A 752 29.19 -6.52 38.25
CA ASP A 752 29.03 -5.10 38.55
C ASP A 752 29.08 -4.89 40.06
N ASN A 753 29.58 -3.73 40.46
CA ASN A 753 29.50 -3.27 41.83
C ASN A 753 28.64 -2.01 41.91
N GLY A 754 27.99 -1.84 43.05
CA GLY A 754 26.99 -0.80 43.22
C GLY A 754 27.57 0.51 43.72
N ILE A 755 26.66 1.37 44.18
CA ILE A 755 27.03 2.67 44.71
C ILE A 755 27.58 2.50 46.12
N SER A 756 28.77 3.06 46.37
CA SER A 756 29.35 2.98 47.71
C SER A 756 28.58 3.88 48.67
N ALA A 757 28.56 3.49 49.93
CA ALA A 757 27.69 4.15 50.90
C ALA A 757 28.49 4.56 52.12
N ILE A 758 27.90 5.45 52.90
CA ILE A 758 28.53 6.00 54.09
C ILE A 758 28.44 4.97 55.20
N ILE A 759 29.58 4.42 55.60
CA ILE A 759 29.62 3.28 56.52
C ILE A 759 30.99 3.27 57.15
N THR A 760 31.14 2.55 58.26
CA THR A 760 32.43 2.32 58.90
C THR A 760 32.83 0.87 58.60
N ALA A 761 33.49 0.66 57.47
CA ALA A 761 33.82 -0.68 57.02
C ALA A 761 35.04 -0.60 56.10
N ASN A 762 35.28 -1.67 55.35
CA ASN A 762 36.33 -1.70 54.35
C ASN A 762 35.75 -1.49 52.96
N LEU A 763 36.38 -0.62 52.18
CA LEU A 763 35.85 -0.26 50.88
C LEU A 763 36.85 -0.64 49.79
N SER A 764 36.45 -0.44 48.54
CA SER A 764 37.23 -0.83 47.38
C SER A 764 37.22 0.32 46.37
N ILE A 765 38.34 1.02 46.27
CA ILE A 765 38.46 2.22 45.45
C ILE A 765 39.46 1.93 44.33
N PRO A 766 39.12 2.19 43.07
CA PRO A 766 40.03 1.85 41.97
C PRO A 766 41.25 2.74 41.94
N SER A 767 42.41 2.16 41.62
CA SER A 767 43.65 2.92 41.59
C SER A 767 44.27 3.01 40.19
N ASN A 768 44.54 1.89 39.53
CA ASN A 768 45.14 1.94 38.21
C ASN A 768 44.07 1.95 37.13
N TRP A 769 44.46 2.41 35.94
CA TRP A 769 43.50 2.63 34.88
C TRP A 769 44.07 2.21 33.54
N THR A 770 43.18 2.00 32.57
CA THR A 770 43.55 1.76 31.20
C THR A 770 42.44 2.28 30.31
N THR A 771 42.68 2.31 29.00
CA THR A 771 41.71 2.86 28.07
C THR A 771 41.29 1.82 27.04
N SER A 772 40.18 2.13 26.37
CA SER A 772 39.66 1.30 25.29
C SER A 772 38.80 2.19 24.42
N VAL A 773 38.64 1.80 23.15
CA VAL A 773 37.98 2.62 22.15
C VAL A 773 36.79 1.85 21.60
N GLN A 774 35.64 2.50 21.53
CA GLN A 774 34.41 1.87 21.08
C GLN A 774 33.85 2.64 19.88
N VAL A 775 33.08 1.93 19.05
CA VAL A 775 32.67 2.42 17.73
C VAL A 775 31.15 2.43 17.66
N GLU A 776 30.59 3.42 16.97
CA GLU A 776 29.14 3.49 16.77
C GLU A 776 28.82 4.16 15.46
N TYR A 777 27.85 3.60 14.73
CA TYR A 777 27.44 4.11 13.43
C TYR A 777 26.04 4.71 13.49
N LEU A 778 25.84 5.80 12.74
CA LEU A 778 24.55 6.42 12.55
C LEU A 778 24.36 6.74 11.07
N GLN A 779 23.14 7.11 10.70
CA GLN A 779 22.80 7.47 9.32
C GLN A 779 22.23 8.88 9.32
N ILE A 780 22.62 9.70 8.35
CA ILE A 780 22.14 11.07 8.28
C ILE A 780 21.49 11.43 6.96
N THR A 781 21.58 10.60 5.93
CA THR A 781 20.99 10.94 4.64
C THR A 781 20.60 9.70 3.88
N SER A 782 20.01 9.90 2.70
CA SER A 782 19.60 8.83 1.82
C SER A 782 19.84 9.29 0.39
N THR A 783 19.26 8.57 -0.56
CA THR A 783 19.57 8.78 -1.97
C THR A 783 18.36 9.35 -2.70
N PRO A 784 18.46 10.55 -3.25
CA PRO A 784 17.30 11.19 -3.89
C PRO A 784 16.96 10.55 -5.22
N ILE A 785 15.68 10.25 -5.43
CA ILE A 785 15.19 9.62 -6.65
C ILE A 785 14.21 10.57 -7.32
N VAL A 786 14.36 10.77 -8.62
CA VAL A 786 13.40 11.52 -9.41
C VAL A 786 12.99 10.64 -10.59
N VAL A 787 11.70 10.40 -10.73
CA VAL A 787 11.16 9.47 -11.72
C VAL A 787 10.44 10.28 -12.79
N ASP A 788 10.67 9.93 -14.04
CA ASP A 788 9.88 10.48 -15.14
C ASP A 788 8.62 9.65 -15.31
N CYS A 789 7.53 10.30 -15.69
CA CYS A 789 6.22 9.65 -15.74
C CYS A 789 6.02 8.89 -17.04
N ALA A 790 6.05 9.62 -18.16
CA ALA A 790 5.59 9.07 -19.41
C ALA A 790 6.58 8.08 -19.99
N THR A 791 7.86 8.19 -19.63
CA THR A 791 8.83 7.20 -20.06
C THR A 791 8.60 5.88 -19.34
N TYR A 792 8.24 5.93 -18.06
CA TYR A 792 8.02 4.71 -17.31
C TYR A 792 6.73 4.03 -17.72
N VAL A 793 5.67 4.80 -17.93
CA VAL A 793 4.39 4.17 -18.26
C VAL A 793 4.38 3.66 -19.70
N CYS A 794 4.61 4.54 -20.66
CA CYS A 794 4.54 4.18 -22.08
C CYS A 794 5.81 4.65 -22.77
N ASN A 795 6.78 3.74 -22.88
CA ASN A 795 8.12 4.09 -23.29
C ASN A 795 8.23 4.47 -24.77
N GLY A 796 8.22 5.78 -25.02
CA GLY A 796 8.55 6.30 -26.31
C GLY A 796 7.49 6.17 -27.37
N ASN A 797 6.31 5.66 -27.05
CA ASN A 797 5.29 5.48 -28.05
C ASN A 797 4.39 6.71 -28.10
N PRO A 798 4.26 7.38 -29.24
CA PRO A 798 3.40 8.56 -29.31
C PRO A 798 1.90 8.28 -29.39
N ARG A 799 1.44 7.07 -29.10
CA ARG A 799 0.01 6.84 -28.96
C ARG A 799 -0.45 6.81 -27.52
N CYS A 800 0.43 6.44 -26.60
CA CYS A 800 0.10 6.60 -25.18
C CYS A 800 0.07 8.06 -24.76
N LYS A 801 0.75 8.93 -25.49
CA LYS A 801 0.73 10.33 -25.14
C LYS A 801 -0.63 10.95 -25.38
N ASN A 802 -1.45 10.37 -26.24
CA ASN A 802 -2.84 10.79 -26.32
C ASN A 802 -3.64 10.23 -25.15
N LEU A 803 -3.38 8.99 -24.76
CA LEU A 803 -4.21 8.37 -23.75
C LEU A 803 -3.84 8.80 -22.33
N LEU A 804 -2.65 9.34 -22.11
CA LEU A 804 -2.34 9.83 -20.78
C LEU A 804 -2.86 11.23 -20.51
N LYS A 805 -3.49 11.88 -21.48
CA LYS A 805 -4.03 13.20 -21.24
C LYS A 805 -5.20 13.17 -20.28
N GLN A 806 -5.89 12.05 -20.15
CA GLN A 806 -6.99 11.94 -19.22
C GLN A 806 -6.54 11.59 -17.81
N TYR A 807 -5.23 11.47 -17.59
CA TYR A 807 -4.66 11.15 -16.28
C TYR A 807 -3.58 12.16 -15.90
N THR A 808 -3.67 13.38 -16.44
CA THR A 808 -2.60 14.36 -16.26
C THR A 808 -2.52 14.83 -14.81
N SER A 809 -3.67 15.08 -14.20
CA SER A 809 -3.76 15.36 -12.78
C SER A 809 -3.37 14.15 -11.92
N ALA A 810 -3.34 12.96 -12.49
CA ALA A 810 -2.94 11.77 -11.76
C ALA A 810 -1.45 11.51 -11.83
N CYS A 811 -0.70 12.27 -12.62
CA CYS A 811 0.75 12.09 -12.66
C CYS A 811 1.53 13.38 -12.47
N LYS A 812 0.88 14.54 -12.38
CA LYS A 812 1.62 15.69 -11.91
C LYS A 812 1.97 15.56 -10.42
N THR A 813 1.03 15.05 -9.65
CA THR A 813 1.18 14.88 -8.22
C THR A 813 2.19 13.81 -7.85
N ILE A 814 2.60 12.96 -8.79
CA ILE A 814 3.66 12.01 -8.49
C ILE A 814 5.02 12.69 -8.54
N GLU A 815 5.26 13.50 -9.56
CA GLU A 815 6.55 14.16 -9.70
C GLU A 815 6.73 15.26 -8.67
N ASP A 816 5.65 15.95 -8.30
CA ASP A 816 5.79 17.02 -7.30
C ASP A 816 6.13 16.46 -5.93
N ALA A 817 5.59 15.28 -5.60
CA ALA A 817 5.85 14.66 -4.31
C ALA A 817 7.28 14.20 -4.16
N LEU A 818 8.00 13.96 -5.25
CA LEU A 818 9.41 13.61 -5.17
C LEU A 818 10.30 14.84 -5.20
N ARG A 819 10.01 15.80 -6.09
CA ARG A 819 10.86 16.97 -6.17
C ARG A 819 10.69 17.91 -4.98
N LEU A 820 9.66 17.74 -4.17
CA LEU A 820 9.59 18.53 -2.95
C LEU A 820 10.46 17.93 -1.84
N SER A 821 10.40 16.60 -1.67
CA SER A 821 11.14 15.96 -0.60
C SER A 821 12.63 15.97 -0.88
N ALA A 822 13.03 15.90 -2.15
CA ALA A 822 14.44 15.98 -2.49
C ALA A 822 15.04 17.34 -2.18
N HIS A 823 14.22 18.39 -2.11
CA HIS A 823 14.68 19.70 -1.70
C HIS A 823 14.66 19.87 -0.19
N LEU A 824 13.64 19.30 0.47
CA LEU A 824 13.57 19.38 1.92
C LEU A 824 14.69 18.60 2.60
N GLU A 825 15.20 17.54 1.97
CA GLU A 825 16.39 16.90 2.53
C GLU A 825 17.63 17.77 2.36
N THR A 826 17.73 18.45 1.21
CA THR A 826 18.92 19.22 0.89
C THR A 826 19.09 20.40 1.83
N ASN A 827 18.00 21.08 2.17
CA ASN A 827 18.08 22.22 3.10
C ASN A 827 18.56 21.78 4.48
N ASP A 828 18.04 20.65 4.96
CA ASP A 828 18.39 20.22 6.31
C ASP A 828 19.80 19.66 6.36
N VAL A 829 20.28 19.03 5.29
CA VAL A 829 21.65 18.53 5.32
C VAL A 829 22.64 19.68 5.20
N SER A 830 22.36 20.67 4.36
CA SER A 830 23.26 21.81 4.29
C SER A 830 23.14 22.76 5.47
N SER A 831 22.12 22.60 6.31
CA SER A 831 22.06 23.41 7.52
C SER A 831 23.10 22.99 8.56
N MET A 832 23.55 21.74 8.57
CA MET A 832 24.47 21.31 9.60
C MET A 832 25.92 21.65 9.28
N LEU A 833 26.37 21.35 8.06
CA LEU A 833 27.78 21.23 7.76
C LEU A 833 28.43 22.60 7.70
N THR A 834 28.97 23.05 8.83
CA THR A 834 29.61 24.34 8.93
C THR A 834 31.07 24.24 8.52
N PHE A 835 31.83 25.28 8.80
CA PHE A 835 33.25 25.32 8.49
C PHE A 835 33.93 26.32 9.40
N ASP A 836 35.14 25.99 9.84
CA ASP A 836 35.98 26.92 10.57
C ASP A 836 37.34 26.94 9.90
N SER A 837 38.08 28.02 10.09
CA SER A 837 39.39 28.16 9.46
C SER A 837 40.54 28.09 10.44
N ASN A 838 40.44 28.75 11.60
CA ASN A 838 41.51 28.69 12.57
C ASN A 838 41.58 27.35 13.28
N ALA A 839 40.45 26.66 13.41
CA ALA A 839 40.48 25.32 13.96
C ALA A 839 40.93 24.31 12.92
N PHE A 840 40.74 24.62 11.64
CA PHE A 840 41.11 23.67 10.59
C PHE A 840 42.61 23.62 10.41
N SER A 841 43.31 24.71 10.66
CA SER A 841 44.75 24.73 10.46
C SER A 841 45.50 24.04 11.58
N LEU A 842 44.83 23.77 12.71
CA LEU A 842 45.45 23.05 13.81
C LEU A 842 45.18 21.55 13.74
N ALA A 843 44.75 21.05 12.59
CA ALA A 843 44.42 19.63 12.46
C ALA A 843 45.62 18.80 12.02
N ASN A 844 46.81 19.24 12.36
CA ASN A 844 48.02 18.65 11.80
C ASN A 844 48.65 17.73 12.82
N VAL A 845 49.45 16.78 12.32
CA VAL A 845 49.94 15.69 13.14
C VAL A 845 51.04 16.11 14.09
N THR A 846 51.57 17.32 13.94
CA THR A 846 52.62 17.82 14.81
C THR A 846 52.07 18.40 16.10
N SER A 847 50.76 18.42 16.28
CA SER A 847 50.12 19.08 17.41
C SER A 847 49.29 18.10 18.22
N PHE A 848 49.82 16.90 18.45
CA PHE A 848 49.10 15.93 19.26
C PHE A 848 49.99 15.14 20.20
N GLY A 849 51.25 15.55 20.40
CA GLY A 849 52.05 14.95 21.44
C GLY A 849 52.50 13.54 21.10
N ASP A 850 52.36 12.64 22.05
CA ASP A 850 52.79 11.26 21.88
C ASP A 850 51.70 10.34 21.37
N TYR A 851 50.56 10.88 20.97
CA TYR A 851 49.41 10.07 20.61
C TYR A 851 49.37 9.96 19.09
N ASN A 852 49.66 8.77 18.57
CA ASN A 852 49.68 8.58 17.12
C ASN A 852 48.25 8.56 16.61
N LEU A 853 47.85 9.62 15.94
CA LEU A 853 46.49 9.86 15.50
C LEU A 853 46.48 10.07 13.99
N SER A 854 47.51 9.55 13.33
CA SER A 854 47.77 9.86 11.93
C SER A 854 46.86 9.11 10.96
N SER A 855 46.18 8.07 11.40
CA SER A 855 45.30 7.35 10.51
C SER A 855 43.88 7.91 10.50
N VAL A 856 43.65 9.04 11.18
CA VAL A 856 42.33 9.63 11.28
C VAL A 856 42.27 11.00 10.61
N LEU A 857 43.35 11.77 10.72
CA LEU A 857 43.41 13.12 10.17
C LEU A 857 43.29 13.12 8.64
N PRO A 858 42.69 14.15 8.06
CA PRO A 858 42.50 14.17 6.61
C PRO A 858 43.80 14.43 5.87
N GLN A 859 43.93 13.81 4.70
CA GLN A 859 45.11 14.01 3.87
C GLN A 859 45.02 15.34 3.14
N ARG A 860 46.13 16.08 3.15
CA ARG A 860 46.11 17.48 2.77
C ARG A 860 46.06 17.67 1.25
N ASN A 861 47.08 17.21 0.55
CA ASN A 861 47.24 17.49 -0.87
C ASN A 861 47.13 16.21 -1.67
N ILE A 862 46.18 16.17 -2.60
CA ILE A 862 46.07 15.09 -3.56
C ILE A 862 46.57 15.51 -4.94
N ARG A 863 47.39 16.56 -5.00
CA ARG A 863 47.92 17.17 -6.23
C ARG A 863 46.79 17.58 -7.17
N SER A 864 45.76 18.20 -6.60
CA SER A 864 44.58 18.61 -7.35
C SER A 864 44.09 19.94 -6.80
N SER A 865 42.90 20.34 -7.24
CA SER A 865 42.26 21.56 -6.75
C SER A 865 41.30 21.22 -5.61
N ARG A 866 41.85 20.61 -4.58
CA ARG A 866 41.09 20.19 -3.41
C ARG A 866 41.81 20.63 -2.15
N ILE A 867 41.06 21.23 -1.23
CA ILE A 867 41.64 21.67 0.04
C ILE A 867 42.00 20.48 0.90
N ALA A 868 41.10 19.50 1.01
CA ALA A 868 41.36 18.33 1.83
C ALA A 868 40.59 17.15 1.29
N GLY A 869 41.26 16.00 1.21
CA GLY A 869 40.67 14.78 0.73
C GLY A 869 40.23 13.87 1.87
N ARG A 870 40.00 12.62 1.53
CA ARG A 870 39.52 11.67 2.53
C ARG A 870 40.67 11.22 3.42
N SER A 871 40.31 10.59 4.54
CA SER A 871 41.27 10.18 5.54
C SER A 871 41.80 8.78 5.21
N ALA A 872 42.61 8.24 6.11
CA ALA A 872 43.18 6.92 5.91
C ALA A 872 42.24 5.80 6.30
N LEU A 873 41.18 6.11 7.05
CA LEU A 873 40.23 5.09 7.48
C LEU A 873 38.99 5.02 6.59
N GLU A 874 38.62 6.14 5.96
CA GLU A 874 37.41 6.17 5.14
C GLU A 874 37.56 5.35 3.88
N ASP A 875 38.77 5.31 3.33
CA ASP A 875 39.01 4.49 2.14
C ASP A 875 38.92 3.01 2.47
N LEU A 876 39.34 2.63 3.68
CA LEU A 876 39.22 1.24 4.09
C LEU A 876 37.77 0.85 4.33
N LEU A 877 36.91 1.83 4.66
CA LEU A 877 35.48 1.56 4.68
C LEU A 877 34.92 1.44 3.28
N PHE A 878 35.23 2.40 2.40
CA PHE A 878 34.66 2.43 1.06
C PHE A 878 35.12 1.28 0.19
N SER A 879 36.26 0.65 0.50
CA SER A 879 36.71 -0.52 -0.25
C SER A 879 35.85 -1.74 -0.02
N LYS A 880 35.02 -1.76 1.02
CA LYS A 880 34.23 -2.94 1.32
C LYS A 880 32.92 -2.97 0.53
N VAL A 881 32.14 -1.90 0.62
CA VAL A 881 30.73 -1.96 0.28
C VAL A 881 30.35 -1.07 -0.89
N VAL A 882 31.18 -0.10 -1.27
CA VAL A 882 30.77 0.85 -2.30
C VAL A 882 30.89 0.21 -3.68
N THR A 883 31.93 -0.60 -3.89
CA THR A 883 32.09 -1.33 -5.13
C THR A 883 31.02 -2.39 -5.34
N SER A 884 30.38 -2.85 -4.26
CA SER A 884 29.24 -3.75 -4.35
C SER A 884 27.91 -3.01 -4.44
N GLY A 885 27.93 -1.68 -4.48
CA GLY A 885 26.70 -0.92 -4.61
C GLY A 885 26.16 -0.93 -6.02
N LEU A 886 26.94 -0.36 -6.96
CA LEU A 886 26.80 -0.49 -8.41
C LEU A 886 25.59 0.24 -9.00
N GLY A 887 24.68 0.72 -8.17
CA GLY A 887 23.49 1.36 -8.69
C GLY A 887 23.06 2.59 -7.94
N THR A 888 23.82 2.97 -6.91
CA THR A 888 23.47 4.10 -6.06
C THR A 888 24.53 5.19 -5.98
N VAL A 889 25.78 4.91 -6.32
CA VAL A 889 26.85 5.87 -6.10
C VAL A 889 27.40 6.32 -7.45
N ASP A 890 27.76 7.61 -7.51
CA ASP A 890 28.49 8.37 -8.53
C ASP A 890 28.27 7.92 -9.98
N VAL A 891 27.00 7.78 -10.35
CA VAL A 891 26.64 7.23 -11.65
C VAL A 891 26.94 8.26 -12.74
N ASP A 892 27.62 7.83 -13.80
CA ASP A 892 27.95 8.68 -14.92
C ASP A 892 26.87 8.51 -15.98
N TYR A 893 26.16 9.59 -16.27
CA TYR A 893 25.14 9.59 -17.30
C TYR A 893 25.66 9.98 -18.67
N LYS A 894 26.92 10.43 -18.75
CA LYS A 894 27.44 10.90 -20.03
C LYS A 894 27.70 9.78 -21.01
N SER A 895 27.88 8.55 -20.54
CA SER A 895 28.24 7.44 -21.40
C SER A 895 27.10 6.46 -21.64
N CYS A 896 25.90 6.77 -21.17
CA CYS A 896 24.77 5.88 -21.43
C CYS A 896 24.16 6.10 -22.80
N THR A 897 24.65 7.05 -23.59
CA THR A 897 24.05 7.38 -24.88
C THR A 897 25.06 7.29 -26.01
N LYS A 898 25.93 6.28 -25.98
CA LYS A 898 26.90 6.11 -27.06
C LYS A 898 26.85 4.75 -27.72
N GLY A 899 26.20 3.76 -27.11
CA GLY A 899 26.27 2.44 -27.67
C GLY A 899 27.63 1.83 -27.38
N LEU A 900 28.08 0.98 -28.32
CA LEU A 900 29.42 0.39 -28.37
C LEU A 900 29.73 -0.52 -27.18
N SER A 901 28.72 -0.93 -26.41
CA SER A 901 28.86 -1.80 -25.26
C SER A 901 27.49 -2.29 -24.83
N ILE A 902 27.44 -3.48 -24.26
CA ILE A 902 26.23 -3.91 -23.55
C ILE A 902 26.07 -3.05 -22.32
N ALA A 903 24.85 -2.57 -22.09
CA ALA A 903 24.61 -1.55 -21.09
C ALA A 903 24.80 -2.07 -19.67
N ASP A 904 25.26 -1.18 -18.81
CA ASP A 904 25.47 -1.46 -17.39
C ASP A 904 24.11 -1.56 -16.70
N LEU A 905 24.12 -1.99 -15.43
CA LEU A 905 22.89 -2.00 -14.64
C LEU A 905 22.38 -0.59 -14.36
N ALA A 906 23.28 0.36 -14.17
CA ALA A 906 22.84 1.72 -13.87
C ALA A 906 22.29 2.43 -15.11
N CYS A 907 22.88 2.18 -16.28
CA CYS A 907 22.30 2.74 -17.50
C CYS A 907 21.05 2.01 -17.93
N ALA A 908 20.83 0.77 -17.48
CA ALA A 908 19.62 0.06 -17.84
C ALA A 908 18.38 0.58 -17.15
N GLN A 909 18.55 1.34 -16.07
CA GLN A 909 17.43 1.96 -15.38
C GLN A 909 17.17 3.37 -15.89
N TYR A 910 18.16 4.01 -16.47
CA TYR A 910 17.96 5.33 -17.05
C TYR A 910 17.12 5.27 -18.31
N TYR A 911 17.01 4.11 -18.94
CA TYR A 911 16.11 3.93 -20.06
C TYR A 911 14.66 3.81 -19.61
N ASN A 912 14.42 3.73 -18.30
CA ASN A 912 13.07 3.72 -17.74
C ASN A 912 12.81 4.90 -16.83
N GLY A 913 13.48 6.02 -17.04
CA GLY A 913 13.16 7.25 -16.37
C GLY A 913 13.77 7.43 -15.00
N ILE A 914 14.23 6.37 -14.36
CA ILE A 914 14.71 6.47 -12.99
C ILE A 914 16.09 7.11 -12.99
N MET A 915 16.20 8.27 -12.34
CA MET A 915 17.42 9.06 -12.30
C MET A 915 17.85 9.25 -10.86
N VAL A 916 19.15 9.10 -10.60
CA VAL A 916 19.69 9.31 -9.27
C VAL A 916 20.45 10.62 -9.28
N LEU A 917 19.94 11.60 -8.54
CA LEU A 917 20.60 12.89 -8.41
C LEU A 917 21.88 12.75 -7.59
N PRO A 918 22.81 13.70 -7.72
CA PRO A 918 23.95 13.72 -6.81
C PRO A 918 23.52 14.16 -5.43
N GLY A 919 24.33 13.79 -4.44
CA GLY A 919 24.13 14.26 -3.09
C GLY A 919 24.80 15.60 -2.86
N VAL A 920 24.62 16.12 -1.65
CA VAL A 920 25.25 17.38 -1.29
C VAL A 920 26.62 17.16 -0.67
N ALA A 921 26.71 16.21 0.25
CA ALA A 921 27.95 15.93 0.95
C ALA A 921 28.86 15.10 0.05
N ASP A 922 29.82 15.75 -0.58
CA ASP A 922 30.80 15.08 -1.42
C ASP A 922 32.01 14.71 -0.55
N ALA A 923 33.13 14.38 -1.20
CA ALA A 923 34.36 14.09 -0.50
C ALA A 923 34.94 15.30 0.22
N GLU A 924 34.62 16.52 -0.20
CA GLU A 924 35.29 17.70 0.33
C GLU A 924 34.64 18.25 1.59
N ARG A 925 33.31 18.44 1.60
CA ARG A 925 32.67 19.04 2.77
C ARG A 925 32.72 18.12 3.98
N MET A 926 32.67 16.81 3.76
CA MET A 926 32.84 15.89 4.88
C MET A 926 34.28 15.83 5.36
N ALA A 927 35.22 16.39 4.61
CA ALA A 927 36.58 16.52 5.07
C ALA A 927 36.85 17.89 5.68
N MET A 928 35.97 18.87 5.48
CA MET A 928 36.09 20.16 6.14
C MET A 928 35.29 20.24 7.43
N TYR A 929 34.16 19.54 7.50
CA TYR A 929 33.38 19.52 8.72
C TYR A 929 34.01 18.63 9.78
N THR A 930 34.59 17.51 9.37
CA THR A 930 35.23 16.59 10.31
C THR A 930 36.52 17.16 10.86
N GLY A 931 37.37 17.71 10.00
CA GLY A 931 38.61 18.32 10.44
C GLY A 931 38.42 19.56 11.28
N SER A 932 37.27 20.20 11.19
CA SER A 932 36.95 21.33 12.06
C SER A 932 36.60 20.90 13.48
N LEU A 933 36.28 19.63 13.70
CA LEU A 933 35.96 19.13 15.03
C LEU A 933 37.15 18.44 15.69
N ILE A 934 37.95 17.72 14.92
CA ILE A 934 39.15 17.11 15.48
C ILE A 934 40.16 18.19 15.85
N GLY A 935 40.22 19.26 15.05
CA GLY A 935 41.12 20.35 15.37
C GLY A 935 40.67 21.19 16.54
N GLY A 936 39.41 21.11 16.92
CA GLY A 936 38.92 21.88 18.05
C GLY A 936 39.27 21.33 19.40
N MET A 937 39.97 20.20 19.47
CA MET A 937 40.36 19.65 20.76
C MET A 937 41.47 20.48 21.39
N VAL A 938 42.54 20.73 20.64
CA VAL A 938 43.71 21.41 21.20
C VAL A 938 43.53 22.91 21.31
N LEU A 939 42.42 23.45 20.83
CA LEU A 939 42.21 24.89 20.88
C LEU A 939 41.80 25.27 22.30
N GLY A 940 42.77 25.63 23.12
CA GLY A 940 42.49 26.10 24.46
C GLY A 940 41.93 27.51 24.45
N GLY A 941 41.63 28.00 25.65
CA GLY A 941 41.05 29.32 25.76
C GLY A 941 42.08 30.43 25.90
N LEU A 942 43.13 30.39 25.09
CA LEU A 942 44.18 31.39 25.16
C LEU A 942 43.77 32.63 24.37
N THR A 943 44.75 33.49 24.10
CA THR A 943 44.56 34.58 23.14
C THR A 943 44.66 34.01 21.73
N SER A 944 44.75 34.91 20.75
CA SER A 944 44.09 34.82 19.44
C SER A 944 44.05 33.43 18.80
N ALA A 945 45.20 32.83 18.56
CA ALA A 945 45.19 31.53 17.89
C ALA A 945 46.23 30.57 18.45
N ALA A 946 46.66 30.75 19.68
CA ALA A 946 47.67 29.84 20.21
C ALA A 946 47.03 28.52 20.59
N ALA A 947 47.84 27.46 20.52
CA ALA A 947 47.37 26.11 20.80
C ALA A 947 48.15 25.54 21.98
N ILE A 948 47.42 25.10 22.99
CA ILE A 948 48.00 24.43 24.15
C ILE A 948 48.45 23.04 23.72
N PRO A 949 49.43 22.44 24.39
CA PRO A 949 49.80 21.06 24.07
C PRO A 949 48.70 20.08 24.43
N PHE A 950 48.64 18.97 23.70
CA PHE A 950 47.56 18.02 23.90
C PHE A 950 47.71 17.23 25.18
N SER A 951 48.92 17.12 25.71
CA SER A 951 49.14 16.48 27.00
C SER A 951 48.53 17.26 28.15
N LEU A 952 48.32 18.55 27.98
CA LEU A 952 47.66 19.38 28.97
C LEU A 952 46.17 19.49 28.73
N ALA A 953 45.70 19.24 27.51
CA ALA A 953 44.28 19.28 27.22
C ALA A 953 43.54 18.08 27.78
N LEU A 954 44.22 17.03 28.21
CA LEU A 954 43.56 15.97 28.95
C LEU A 954 43.58 16.22 30.44
N GLN A 955 44.40 17.15 30.92
CA GLN A 955 44.39 17.49 32.32
C GLN A 955 43.11 18.22 32.69
N ALA A 956 42.57 19.02 31.77
CA ALA A 956 41.31 19.70 32.03
C ALA A 956 40.12 18.76 31.94
N ARG A 957 40.26 17.63 31.28
CA ARG A 957 39.16 16.68 31.17
C ARG A 957 39.21 15.59 32.22
N LEU A 958 40.24 15.53 33.03
CA LEU A 958 40.26 14.63 34.17
C LEU A 958 39.89 15.31 35.47
N ASN A 959 40.11 16.63 35.58
CA ASN A 959 39.71 17.34 36.78
C ASN A 959 38.21 17.47 36.90
N TYR A 960 37.48 17.31 35.80
CA TYR A 960 36.02 17.28 35.86
C TYR A 960 35.53 16.02 36.55
N VAL A 961 36.31 14.94 36.49
CA VAL A 961 35.93 13.71 37.18
C VAL A 961 36.29 13.79 38.66
N ALA A 962 37.56 14.01 38.97
CA ALA A 962 38.02 14.19 40.34
C ALA A 962 39.28 15.02 40.32
N LEU A 963 39.53 15.71 41.43
CA LEU A 963 40.66 16.64 41.47
C LEU A 963 41.98 15.88 41.55
N GLN A 964 42.83 16.11 40.55
CA GLN A 964 44.11 15.40 40.44
C GLN A 964 45.10 16.01 41.43
N THR A 965 45.51 15.23 42.41
CA THR A 965 46.44 15.67 43.44
C THR A 965 47.80 14.99 43.31
N ASP A 966 48.26 14.80 42.08
CA ASP A 966 49.57 14.22 41.82
C ASP A 966 50.35 15.19 40.94
N VAL A 967 51.50 15.65 41.43
CA VAL A 967 52.28 16.64 40.70
C VAL A 967 53.12 16.04 39.59
N LEU A 968 53.09 14.73 39.40
CA LEU A 968 53.83 14.06 38.35
C LEU A 968 52.85 13.24 37.52
N GLN A 969 52.75 13.57 36.23
CA GLN A 969 51.79 12.91 35.35
C GLN A 969 52.30 11.49 35.05
N GLU A 970 51.92 10.57 35.93
CA GLU A 970 52.31 9.17 35.76
C GLU A 970 51.29 8.38 34.96
N ASN A 971 50.04 8.82 34.92
CA ASN A 971 49.02 8.06 34.22
C ASN A 971 49.18 8.15 32.71
N GLN A 972 49.76 9.25 32.22
CA GLN A 972 49.78 9.52 30.79
C GLN A 972 50.73 8.60 30.04
N LYS A 973 51.72 8.04 30.72
CA LYS A 973 52.59 7.04 30.10
C LYS A 973 51.80 5.78 29.75
N ILE A 974 51.00 5.28 30.70
CA ILE A 974 50.23 4.06 30.46
C ILE A 974 49.09 4.35 29.48
N LEU A 975 48.52 5.55 29.53
CA LEU A 975 47.47 5.89 28.58
C LEU A 975 48.00 6.00 27.15
N ALA A 976 49.21 6.56 27.00
CA ALA A 976 49.85 6.60 25.70
C ALA A 976 50.20 5.21 25.20
N ALA A 977 50.62 4.33 26.11
CA ALA A 977 50.97 2.98 25.69
C ALA A 977 49.73 2.17 25.31
N SER A 978 48.57 2.50 25.87
CA SER A 978 47.38 1.71 25.57
C SER A 978 46.59 2.24 24.39
N PHE A 979 46.57 3.56 24.20
CA PHE A 979 45.71 4.15 23.16
C PHE A 979 46.20 3.79 21.77
N ASN A 980 47.51 3.68 21.57
CA ASN A 980 48.05 3.42 20.24
C ASN A 980 47.75 1.98 19.82
N LYS A 981 47.84 1.04 20.75
CA LYS A 981 47.46 -0.34 20.46
C LYS A 981 45.96 -0.44 20.22
N ALA A 982 45.17 0.36 20.94
CA ALA A 982 43.73 0.38 20.72
C ALA A 982 43.38 0.91 19.34
N ILE A 983 44.14 1.87 18.82
CA ILE A 983 43.91 2.36 17.46
C ILE A 983 44.32 1.31 16.45
N ASN A 984 45.48 0.68 16.65
CA ASN A 984 46.01 -0.27 15.67
C ASN A 984 45.16 -1.52 15.55
N ASN A 985 44.57 -1.99 16.65
CA ASN A 985 43.72 -3.17 16.57
C ASN A 985 42.44 -2.88 15.80
N ILE A 986 41.92 -1.67 15.91
CA ILE A 986 40.72 -1.30 15.17
C ILE A 986 41.03 -1.13 13.69
N VAL A 987 42.19 -0.54 13.38
CA VAL A 987 42.58 -0.38 11.99
C VAL A 987 42.81 -1.74 11.33
N ALA A 988 43.42 -2.68 12.06
CA ALA A 988 43.55 -4.03 11.55
C ALA A 988 42.23 -4.79 11.54
N SER A 989 41.24 -4.35 12.32
CA SER A 989 39.95 -5.03 12.32
C SER A 989 39.16 -4.78 11.04
N PHE A 990 39.25 -3.58 10.47
CA PHE A 990 38.58 -3.28 9.22
C PHE A 990 39.32 -3.80 8.00
N SER A 991 40.47 -4.44 8.18
CA SER A 991 41.24 -4.92 7.05
C SER A 991 40.77 -6.30 6.57
N SER A 992 39.66 -6.80 7.12
CA SER A 992 38.99 -8.07 6.86
C SER A 992 39.78 -9.28 7.35
N VAL A 993 40.97 -9.09 7.93
CA VAL A 993 41.66 -10.18 8.59
C VAL A 993 40.98 -10.36 9.95
N ASN A 994 40.04 -11.29 10.01
CA ASN A 994 39.05 -11.29 11.07
C ASN A 994 39.19 -12.43 12.06
N ASP A 995 39.56 -13.62 11.58
CA ASP A 995 39.56 -14.80 12.45
C ASP A 995 40.73 -14.80 13.42
N ALA A 996 41.82 -14.14 13.08
CA ALA A 996 42.96 -14.06 14.00
C ALA A 996 42.75 -13.00 15.07
N ILE A 997 42.03 -11.93 14.75
CA ILE A 997 41.80 -10.84 15.71
C ILE A 997 40.51 -11.04 16.50
N THR A 998 39.65 -11.98 16.10
CA THR A 998 38.40 -12.21 16.80
C THR A 998 38.64 -12.85 18.17
N GLN A 999 39.58 -13.79 18.24
CA GLN A 999 39.90 -14.47 19.49
C GLN A 999 40.93 -13.73 20.33
N THR A 1000 41.24 -12.47 20.00
CA THR A 1000 42.15 -11.68 20.82
C THR A 1000 41.43 -10.98 21.95
N ALA A 1001 40.44 -10.15 21.62
CA ALA A 1001 39.72 -9.38 22.63
C ALA A 1001 38.28 -9.23 22.15
N GLU A 1002 37.55 -8.30 22.78
CA GLU A 1002 36.18 -8.02 22.42
C GLU A 1002 36.03 -6.74 21.61
N ALA A 1003 37.11 -6.29 20.97
CA ALA A 1003 37.00 -5.16 20.05
C ALA A 1003 36.31 -5.55 18.76
N ILE A 1004 36.33 -6.82 18.39
CA ILE A 1004 35.64 -7.27 17.18
C ILE A 1004 34.13 -7.23 17.39
N HIS A 1005 33.67 -7.34 18.64
CA HIS A 1005 32.25 -7.39 18.94
C HIS A 1005 31.58 -6.05 18.68
N THR A 1006 32.33 -4.96 18.74
CA THR A 1006 31.76 -3.66 18.44
C THR A 1006 31.83 -3.34 16.96
N VAL A 1007 32.87 -3.82 16.29
CA VAL A 1007 33.07 -3.49 14.88
C VAL A 1007 32.14 -4.32 13.98
N THR A 1008 31.82 -5.56 14.39
CA THR A 1008 31.05 -6.45 13.54
C THR A 1008 29.62 -5.95 13.34
N ILE A 1009 29.03 -5.39 14.38
CA ILE A 1009 27.67 -4.87 14.31
C ILE A 1009 27.62 -3.65 13.39
N ALA A 1010 28.64 -2.80 13.46
CA ALA A 1010 28.69 -1.62 12.60
C ALA A 1010 28.86 -2.01 11.14
N LEU A 1011 29.69 -3.02 10.86
CA LEU A 1011 29.85 -3.49 9.49
C LEU A 1011 28.57 -4.10 8.95
N ASN A 1012 27.85 -4.85 9.80
CA ASN A 1012 26.58 -5.44 9.36
C ASN A 1012 25.55 -4.37 9.07
N LYS A 1013 25.54 -3.29 9.86
CA LYS A 1013 24.57 -2.22 9.61
C LYS A 1013 24.89 -1.45 8.34
N ILE A 1014 26.18 -1.20 8.08
CA ILE A 1014 26.58 -0.51 6.86
C ILE A 1014 26.23 -1.34 5.63
N GLN A 1015 26.38 -2.67 5.73
CA GLN A 1015 25.97 -3.52 4.61
C GLN A 1015 24.45 -3.53 4.43
N ASP A 1016 23.71 -3.48 5.55
CA ASP A 1016 22.26 -3.57 5.49
C ASP A 1016 21.64 -2.35 4.83
N VAL A 1017 22.24 -1.17 5.05
CA VAL A 1017 21.75 0.06 4.42
C VAL A 1017 21.81 -0.03 2.90
N VAL A 1018 22.93 -0.52 2.38
CA VAL A 1018 23.12 -0.60 0.93
C VAL A 1018 22.19 -1.64 0.32
N ASN A 1019 22.01 -2.78 1.01
CA ASN A 1019 21.12 -3.82 0.48
C ASN A 1019 19.67 -3.36 0.44
N GLN A 1020 19.22 -2.66 1.48
CA GLN A 1020 17.86 -2.15 1.47
C GLN A 1020 17.67 -1.02 0.49
N GLN A 1021 18.72 -0.26 0.15
CA GLN A 1021 18.56 0.72 -0.91
C GLN A 1021 18.50 0.09 -2.28
N GLY A 1022 19.17 -1.05 -2.49
CA GLY A 1022 19.13 -1.67 -3.81
C GLY A 1022 17.85 -2.44 -4.07
N SER A 1023 17.32 -3.10 -3.04
CA SER A 1023 16.20 -4.01 -3.24
C SER A 1023 14.89 -3.30 -3.55
N ALA A 1024 14.79 -1.99 -3.34
CA ALA A 1024 13.56 -1.30 -3.72
C ALA A 1024 13.49 -1.06 -5.21
N LEU A 1025 14.60 -0.59 -5.80
CA LEU A 1025 14.63 -0.38 -7.24
C LEU A 1025 14.60 -1.69 -8.00
N ASN A 1026 15.24 -2.73 -7.46
CA ASN A 1026 15.19 -4.04 -8.12
C ASN A 1026 13.80 -4.65 -8.09
N HIS A 1027 12.91 -4.16 -7.24
CA HIS A 1027 11.51 -4.59 -7.24
C HIS A 1027 10.62 -3.65 -8.04
N LEU A 1028 10.96 -2.37 -8.12
CA LEU A 1028 10.14 -1.47 -8.94
C LEU A 1028 10.33 -1.74 -10.43
N THR A 1029 11.55 -2.01 -10.85
CA THR A 1029 11.80 -2.25 -12.27
C THR A 1029 11.17 -3.57 -12.71
N SER A 1030 11.11 -4.55 -11.83
CA SER A 1030 10.68 -5.89 -12.18
C SER A 1030 9.17 -6.03 -12.35
N GLN A 1031 8.39 -4.99 -12.14
CA GLN A 1031 6.95 -5.09 -12.35
C GLN A 1031 6.53 -4.62 -13.73
N LEU A 1032 7.44 -4.52 -14.67
CA LEU A 1032 7.06 -4.24 -16.04
C LEU A 1032 6.91 -5.51 -16.87
N ARG A 1033 7.44 -6.63 -16.38
CA ARG A 1033 7.27 -7.88 -17.11
C ARG A 1033 5.85 -8.39 -17.02
N HIS A 1034 5.16 -8.09 -15.92
CA HIS A 1034 3.82 -8.60 -15.69
C HIS A 1034 2.84 -7.87 -16.58
N ASN A 1035 2.36 -8.54 -17.62
CA ASN A 1035 1.19 -8.02 -18.29
C ASN A 1035 -0.03 -8.17 -17.39
N PHE A 1036 -0.94 -7.24 -17.51
CA PHE A 1036 -2.22 -7.40 -16.85
C PHE A 1036 -3.13 -8.10 -17.85
N GLN A 1037 -4.44 -8.04 -17.67
CA GLN A 1037 -5.31 -8.89 -18.47
C GLN A 1037 -5.43 -8.40 -19.92
N ALA A 1038 -4.34 -8.53 -20.66
CA ALA A 1038 -4.22 -8.00 -22.00
C ALA A 1038 -3.55 -9.06 -22.86
N ILE A 1039 -3.05 -8.64 -24.01
CA ILE A 1039 -2.41 -9.58 -24.93
C ILE A 1039 -0.95 -9.81 -24.56
N SER A 1040 -0.17 -8.74 -24.49
CA SER A 1040 1.24 -8.84 -24.15
C SER A 1040 1.66 -7.61 -23.35
N ASN A 1041 2.86 -7.68 -22.78
CA ASN A 1041 3.39 -6.59 -21.98
C ASN A 1041 4.16 -5.57 -22.80
N SER A 1042 4.10 -5.64 -24.13
CA SER A 1042 4.79 -4.69 -24.99
C SER A 1042 3.75 -3.84 -25.72
N ILE A 1043 3.90 -2.52 -25.63
CA ILE A 1043 2.89 -1.64 -26.20
C ILE A 1043 3.00 -1.57 -27.71
N GLN A 1044 4.21 -1.68 -28.25
CA GLN A 1044 4.38 -1.69 -29.69
C GLN A 1044 3.82 -2.97 -30.30
N ALA A 1045 3.81 -4.06 -29.53
CA ALA A 1045 3.26 -5.31 -30.03
C ALA A 1045 1.76 -5.28 -30.18
N ILE A 1046 1.08 -4.41 -29.45
CA ILE A 1046 -0.37 -4.33 -29.59
C ILE A 1046 -0.75 -3.56 -30.85
N TYR A 1047 -0.11 -2.42 -31.10
CA TYR A 1047 -0.47 -1.62 -32.26
C TYR A 1047 0.00 -2.23 -33.58
N ASP A 1048 0.87 -3.24 -33.56
CA ASP A 1048 1.14 -3.95 -34.79
C ASP A 1048 0.07 -4.96 -35.13
N ARG A 1049 -0.83 -5.26 -34.20
CA ARG A 1049 -1.79 -6.33 -34.39
C ARG A 1049 -3.23 -5.84 -34.53
N LEU A 1050 -3.71 -5.03 -33.60
CA LEU A 1050 -5.10 -4.62 -33.57
C LEU A 1050 -5.31 -3.27 -34.24
N ASP A 1051 -6.58 -2.97 -34.50
CA ASP A 1051 -6.97 -1.68 -35.02
C ASP A 1051 -6.91 -0.64 -33.91
N SER A 1052 -6.98 0.64 -34.28
CA SER A 1052 -6.83 1.71 -33.29
C SER A 1052 -8.05 1.82 -32.39
N ILE A 1053 -9.23 1.44 -32.88
CA ILE A 1053 -10.43 1.52 -32.05
C ILE A 1053 -10.48 0.38 -31.05
N GLN A 1054 -9.74 -0.70 -31.29
CA GLN A 1054 -9.76 -1.87 -30.44
C GLN A 1054 -8.58 -1.93 -29.49
N ALA A 1055 -7.56 -1.12 -29.71
CA ALA A 1055 -6.32 -1.23 -28.95
C ALA A 1055 -6.33 -0.43 -27.67
N ASP A 1056 -7.18 0.60 -27.59
CA ASP A 1056 -7.16 1.48 -26.42
C ASP A 1056 -7.67 0.78 -25.18
N GLN A 1057 -8.61 -0.13 -25.34
CA GLN A 1057 -9.08 -0.94 -24.22
C GLN A 1057 -7.98 -1.85 -23.71
N GLN A 1058 -7.07 -2.28 -24.59
CA GLN A 1058 -5.96 -3.09 -24.14
C GLN A 1058 -4.91 -2.24 -23.43
N VAL A 1059 -4.60 -1.07 -23.99
CA VAL A 1059 -3.54 -0.22 -23.44
C VAL A 1059 -3.93 0.35 -22.08
N ASP A 1060 -5.24 0.58 -21.87
CA ASP A 1060 -5.72 1.14 -20.61
C ASP A 1060 -5.45 0.21 -19.42
N ARG A 1061 -5.52 -1.10 -19.66
CA ARG A 1061 -5.26 -2.07 -18.60
C ARG A 1061 -3.80 -2.09 -18.18
N LEU A 1062 -2.88 -1.70 -19.05
CA LEU A 1062 -1.48 -1.58 -18.65
C LEU A 1062 -1.23 -0.27 -17.91
N ILE A 1063 -1.86 0.81 -18.39
CA ILE A 1063 -1.67 2.13 -17.79
C ILE A 1063 -2.13 2.15 -16.34
N THR A 1064 -3.28 1.50 -16.08
CA THR A 1064 -3.83 1.48 -14.72
C THR A 1064 -2.91 0.78 -13.74
N GLY A 1065 -2.38 -0.39 -14.12
CA GLY A 1065 -1.51 -1.11 -13.23
C GLY A 1065 -0.18 -0.42 -12.99
N ARG A 1066 0.36 0.23 -14.01
CA ARG A 1066 1.64 0.90 -13.81
C ARG A 1066 1.51 2.15 -12.93
N LEU A 1067 0.39 2.87 -13.05
CA LEU A 1067 0.19 4.00 -12.12
C LEU A 1067 -0.02 3.49 -10.69
N ALA A 1068 -0.71 2.35 -10.54
CA ALA A 1068 -0.89 1.78 -9.22
C ALA A 1068 0.44 1.29 -8.63
N ALA A 1069 1.41 0.95 -9.48
CA ALA A 1069 2.72 0.61 -8.96
C ALA A 1069 3.49 1.84 -8.51
N LEU A 1070 3.41 2.93 -9.28
CA LEU A 1070 4.16 4.15 -8.93
C LEU A 1070 3.68 4.76 -7.62
N ASN A 1071 2.37 4.72 -7.36
CA ASN A 1071 1.87 5.27 -6.10
C ASN A 1071 2.38 4.48 -4.90
N ALA A 1072 2.45 3.16 -5.03
CA ALA A 1072 2.97 2.32 -3.96
C ALA A 1072 4.47 2.52 -3.77
N PHE A 1073 5.18 2.95 -4.81
CA PHE A 1073 6.59 3.29 -4.62
C PHE A 1073 6.75 4.59 -3.84
N VAL A 1074 5.96 5.61 -4.17
CA VAL A 1074 6.08 6.91 -3.52
C VAL A 1074 5.73 6.82 -2.04
N SER A 1075 4.71 6.02 -1.72
CA SER A 1075 4.27 5.90 -0.33
C SER A 1075 5.27 5.15 0.54
N GLN A 1076 6.29 4.54 -0.04
CA GLN A 1076 7.38 3.93 0.72
C GLN A 1076 8.56 4.88 0.85
N VAL A 1077 8.86 5.61 -0.23
CA VAL A 1077 9.97 6.58 -0.21
C VAL A 1077 9.75 7.66 0.85
N LEU A 1078 8.49 8.08 1.03
CA LEU A 1078 8.22 9.13 2.02
C LEU A 1078 8.45 8.64 3.45
N ASN A 1079 8.08 7.39 3.74
CA ASN A 1079 8.32 6.84 5.07
C ASN A 1079 9.82 6.67 5.34
N LYS A 1080 10.59 6.34 4.31
CA LYS A 1080 12.03 6.26 4.47
C LYS A 1080 12.63 7.61 4.82
N TYR A 1081 12.17 8.67 4.14
CA TYR A 1081 12.63 10.02 4.47
C TYR A 1081 12.26 10.43 5.89
N THR A 1082 11.08 10.03 6.36
CA THR A 1082 10.67 10.39 7.72
C THR A 1082 11.52 9.66 8.77
N GLU A 1083 11.90 8.41 8.51
CA GLU A 1083 12.79 7.71 9.43
C GLU A 1083 14.17 8.36 9.48
N VAL A 1084 14.67 8.83 8.35
CA VAL A 1084 15.99 9.47 8.37
C VAL A 1084 15.95 10.82 9.08
N ARG A 1085 14.84 11.56 8.94
CA ARG A 1085 14.63 12.77 9.75
C ARG A 1085 14.60 12.45 11.23
N GLY A 1086 14.03 11.29 11.58
CA GLY A 1086 14.06 10.88 12.97
C GLY A 1086 15.46 10.54 13.45
N SER A 1087 16.32 10.08 12.55
CA SER A 1087 17.65 9.65 12.97
C SER A 1087 18.71 10.74 12.95
N ARG A 1088 18.49 11.87 12.27
CA ARG A 1088 19.52 12.93 12.31
C ARG A 1088 19.61 13.63 13.66
N ARG A 1089 18.52 13.67 14.43
CA ARG A 1089 18.50 14.44 15.66
C ARG A 1089 19.41 13.83 16.71
N LEU A 1090 19.49 12.50 16.77
CA LEU A 1090 20.35 11.85 17.72
C LEU A 1090 21.82 12.12 17.40
N ALA A 1091 22.15 12.21 16.12
CA ALA A 1091 23.50 12.58 15.72
C ALA A 1091 23.83 14.01 16.11
N GLN A 1092 22.89 14.94 15.93
CA GLN A 1092 23.13 16.31 16.38
C GLN A 1092 23.31 16.39 17.88
N GLN A 1093 22.55 15.59 18.63
CA GLN A 1093 22.70 15.60 20.09
C GLN A 1093 24.05 15.04 20.51
N LYS A 1094 24.50 13.97 19.87
CA LYS A 1094 25.78 13.41 20.27
C LYS A 1094 26.94 14.31 19.90
N ILE A 1095 26.86 14.99 18.75
CA ILE A 1095 27.88 15.98 18.40
C ILE A 1095 27.88 17.13 19.40
N ASN A 1096 26.70 17.58 19.83
CA ASN A 1096 26.64 18.66 20.79
C ASN A 1096 27.10 18.25 22.19
N GLU A 1097 27.00 16.97 22.57
CA GLU A 1097 27.24 16.63 23.96
C GLU A 1097 28.50 15.82 24.23
N CYS A 1098 29.06 15.10 23.26
CA CYS A 1098 30.26 14.31 23.53
C CYS A 1098 31.51 14.87 22.87
N VAL A 1099 31.36 15.54 21.73
CA VAL A 1099 32.52 16.06 21.05
C VAL A 1099 32.94 17.38 21.66
N LYS A 1100 31.97 18.18 22.10
CA LYS A 1100 32.25 19.52 22.55
C LYS A 1100 32.10 19.72 24.05
N SER A 1101 31.58 18.74 24.80
CA SER A 1101 31.08 19.04 26.12
C SER A 1101 31.56 18.15 27.25
N GLN A 1102 31.91 16.87 27.01
CA GLN A 1102 32.24 15.88 28.03
C GLN A 1102 31.07 15.71 29.03
N SER A 1103 30.03 15.06 28.54
CA SER A 1103 28.86 14.79 29.38
C SER A 1103 29.19 13.78 30.47
N ASN A 1104 28.30 13.69 31.45
CA ASN A 1104 28.43 12.77 32.57
C ASN A 1104 27.23 11.86 32.73
N ARG A 1105 26.40 11.73 31.71
CA ARG A 1105 25.28 10.80 31.76
C ARG A 1105 25.80 9.38 31.62
N TYR A 1106 25.43 8.52 32.55
CA TYR A 1106 25.85 7.12 32.46
C TYR A 1106 25.10 6.43 31.33
N GLY A 1107 25.77 5.48 30.69
CA GLY A 1107 25.15 4.76 29.58
C GLY A 1107 24.99 5.56 28.32
N PHE A 1108 25.66 6.69 28.24
CA PHE A 1108 25.69 7.58 27.06
C PHE A 1108 26.89 7.11 26.25
N CYS A 1109 27.60 8.03 25.60
CA CYS A 1109 28.85 7.72 24.91
C CYS A 1109 29.79 6.83 25.70
N GLY A 1110 29.97 5.59 25.24
CA GLY A 1110 30.77 4.58 25.91
C GLY A 1110 30.05 3.98 27.11
N ASN A 1111 30.53 2.82 27.57
CA ASN A 1111 29.93 2.21 28.74
C ASN A 1111 30.72 2.45 30.01
N GLY A 1112 31.61 3.44 30.04
CA GLY A 1112 32.39 3.72 31.22
C GLY A 1112 32.48 5.19 31.53
N THR A 1113 33.70 5.69 31.75
CA THR A 1113 33.93 7.08 32.09
C THR A 1113 34.47 7.81 30.86
N HIS A 1114 33.69 8.75 30.34
CA HIS A 1114 34.00 9.39 29.06
C HIS A 1114 35.18 10.34 29.16
N ILE A 1115 35.97 10.42 28.10
CA ILE A 1115 37.08 11.37 28.02
C ILE A 1115 36.93 12.28 26.81
N PHE A 1116 36.96 11.71 25.60
CA PHE A 1116 36.68 12.48 24.40
C PHE A 1116 36.12 11.56 23.33
N SER A 1117 35.90 12.12 22.14
CA SER A 1117 35.34 11.37 21.02
C SER A 1117 35.82 11.98 19.72
N ILE A 1118 35.94 11.13 18.70
CA ILE A 1118 36.47 11.52 17.39
C ILE A 1118 35.49 11.05 16.33
N VAL A 1119 35.25 11.87 15.32
CA VAL A 1119 34.26 11.61 14.28
C VAL A 1119 34.98 11.36 12.95
N ASN A 1120 34.49 10.42 12.16
CA ASN A 1120 34.83 10.28 10.74
C ASN A 1120 33.57 9.95 9.96
N SER A 1121 33.65 10.03 8.64
CA SER A 1121 32.50 9.77 7.79
C SER A 1121 32.52 8.35 7.27
N ALA A 1122 31.43 7.96 6.62
CA ALA A 1122 31.11 6.58 6.29
C ALA A 1122 30.11 6.63 5.14
N PRO A 1123 29.69 5.50 4.52
CA PRO A 1123 28.62 5.62 3.51
C PRO A 1123 27.29 6.05 4.10
N ASP A 1124 26.91 7.30 3.81
CA ASP A 1124 25.67 7.93 4.25
C ASP A 1124 25.55 7.91 5.77
N GLY A 1125 26.45 8.60 6.43
CA GLY A 1125 26.39 8.70 7.88
C GLY A 1125 27.75 8.97 8.47
N LEU A 1126 27.77 9.01 9.79
CA LEU A 1126 28.95 9.30 10.57
C LEU A 1126 29.42 8.07 11.30
N LEU A 1127 30.65 8.12 11.80
CA LEU A 1127 31.23 7.01 12.55
C LEU A 1127 31.96 7.58 13.75
N PHE A 1128 31.47 7.27 14.94
CA PHE A 1128 32.00 7.81 16.18
C PHE A 1128 33.09 6.90 16.74
N LEU A 1129 34.02 7.50 17.48
CA LEU A 1129 35.09 6.76 18.14
C LEU A 1129 35.19 7.27 19.57
N HIS A 1130 34.49 6.63 20.49
CA HIS A 1130 34.49 7.06 21.88
C HIS A 1130 35.77 6.60 22.56
N THR A 1131 36.06 7.17 23.72
CA THR A 1131 37.27 6.79 24.45
C THR A 1131 36.98 6.81 25.94
N VAL A 1132 37.04 5.65 26.57
CA VAL A 1132 36.62 5.51 27.96
C VAL A 1132 37.78 5.07 28.82
N LEU A 1133 37.54 4.92 30.12
CA LEU A 1133 38.51 4.38 31.06
C LEU A 1133 37.97 3.08 31.66
N LEU A 1134 38.89 2.18 31.99
CA LEU A 1134 38.51 0.95 32.66
C LEU A 1134 39.48 0.70 33.81
N PRO A 1135 38.98 0.31 34.97
CA PRO A 1135 39.87 0.02 36.09
C PRO A 1135 40.50 -1.35 35.98
N THR A 1136 41.70 -1.47 36.54
CA THR A 1136 42.39 -2.76 36.59
C THR A 1136 42.60 -3.23 38.02
N ASP A 1137 43.19 -2.41 38.87
CA ASP A 1137 43.42 -2.74 40.27
C ASP A 1137 42.55 -1.87 41.16
N TYR A 1138 42.54 -2.19 42.44
CA TYR A 1138 41.89 -1.35 43.43
C TYR A 1138 42.50 -1.62 44.79
N LYS A 1139 42.27 -0.71 45.73
CA LYS A 1139 42.87 -0.81 47.05
C LYS A 1139 41.82 -1.04 48.13
N ASN A 1140 42.28 -1.56 49.27
CA ASN A 1140 41.43 -1.73 50.44
C ASN A 1140 41.71 -0.62 51.43
N VAL A 1141 40.66 -0.03 51.97
CA VAL A 1141 40.69 1.25 52.67
C VAL A 1141 39.83 1.13 53.93
N LYS A 1142 40.38 1.52 55.07
CA LYS A 1142 39.66 1.46 56.35
C LYS A 1142 38.90 2.77 56.55
N ALA A 1143 37.64 2.79 56.14
CA ALA A 1143 36.87 4.02 56.15
C ALA A 1143 36.41 4.38 57.56
N TRP A 1144 35.84 5.57 57.68
CA TRP A 1144 35.16 6.02 58.88
C TRP A 1144 33.92 6.80 58.44
N SER A 1145 33.25 7.44 59.39
CA SER A 1145 32.10 8.23 59.00
C SER A 1145 31.96 9.53 59.78
N GLY A 1146 32.99 9.97 60.48
CA GLY A 1146 32.90 11.23 61.18
C GLY A 1146 33.65 11.18 62.50
N ILE A 1147 33.81 12.37 63.08
CA ILE A 1147 34.61 12.57 64.27
C ILE A 1147 33.72 13.15 65.36
N CYS A 1148 33.73 12.53 66.53
CA CYS A 1148 32.95 13.02 67.67
C CYS A 1148 33.91 13.47 68.77
N VAL A 1149 33.95 14.77 69.01
CA VAL A 1149 34.80 15.37 70.01
C VAL A 1149 34.04 15.47 71.32
N ASP A 1150 34.53 14.77 72.36
CA ASP A 1150 34.04 14.87 73.74
C ASP A 1150 32.57 14.49 73.90
N GLY A 1151 32.09 13.59 73.05
CA GLY A 1151 30.74 13.05 73.20
C GLY A 1151 29.60 13.97 72.84
N ILE A 1152 29.88 15.22 72.45
CA ILE A 1152 28.84 16.19 72.18
C ILE A 1152 28.95 16.66 70.74
N TYR A 1153 30.09 17.27 70.42
CA TYR A 1153 30.28 17.97 69.15
C TYR A 1153 30.70 16.96 68.09
N GLY A 1154 29.98 16.93 66.98
CA GLY A 1154 30.25 15.98 65.92
C GLY A 1154 30.57 16.70 64.62
N TYR A 1155 31.59 16.21 63.91
CA TYR A 1155 32.01 16.76 62.64
C TYR A 1155 31.87 15.70 61.57
N VAL A 1156 31.35 16.08 60.40
CA VAL A 1156 31.31 15.20 59.24
C VAL A 1156 31.74 15.98 58.01
N LEU A 1157 31.98 15.25 56.93
CA LEU A 1157 32.38 15.84 55.66
C LEU A 1157 31.21 16.55 55.00
N ARG A 1158 31.46 17.72 54.41
CA ARG A 1158 30.40 18.45 53.74
C ARG A 1158 30.00 17.77 52.44
N GLN A 1159 30.96 17.53 51.60
CA GLN A 1159 30.64 17.00 50.28
C GLN A 1159 30.45 15.49 50.39
N PRO A 1160 29.46 14.92 49.70
CA PRO A 1160 29.24 13.48 49.81
C PRO A 1160 30.09 12.63 48.88
N ASN A 1161 31.15 13.18 48.31
CA ASN A 1161 32.06 12.41 47.48
C ASN A 1161 33.47 12.34 48.07
N LEU A 1162 33.58 12.30 49.38
CA LEU A 1162 34.87 12.17 50.02
C LEU A 1162 34.80 11.08 51.08
N VAL A 1163 35.95 10.50 51.39
CA VAL A 1163 36.07 9.44 52.35
C VAL A 1163 37.19 9.79 53.33
N LEU A 1164 36.88 9.82 54.62
CA LEU A 1164 37.90 9.94 55.64
C LEU A 1164 38.33 8.55 56.06
N TYR A 1165 39.63 8.27 55.99
CA TYR A 1165 40.10 6.92 56.31
C TYR A 1165 41.37 6.98 57.14
N SER A 1166 41.92 5.81 57.41
CA SER A 1166 43.02 5.64 58.37
C SER A 1166 44.07 4.72 57.78
N ASP A 1167 45.26 5.24 57.52
CA ASP A 1167 46.39 4.41 57.14
C ASP A 1167 47.30 4.19 58.34
N ASN A 1168 46.74 3.50 59.34
CA ASN A 1168 47.43 3.06 60.56
C ASN A 1168 48.02 4.24 61.34
N GLY A 1169 47.13 5.10 61.83
CA GLY A 1169 47.51 6.24 62.64
C GLY A 1169 47.64 7.54 61.89
N VAL A 1170 47.47 7.51 60.57
CA VAL A 1170 47.51 8.69 59.74
C VAL A 1170 46.18 8.80 59.00
N PHE A 1171 45.50 9.93 59.16
CA PHE A 1171 44.20 10.14 58.54
C PHE A 1171 44.36 10.96 57.28
N ARG A 1172 43.70 10.51 56.21
CA ARG A 1172 43.79 11.15 54.90
C ARG A 1172 42.40 11.16 54.27
N VAL A 1173 42.24 11.97 53.23
CA VAL A 1173 40.96 12.12 52.54
C VAL A 1173 41.20 11.87 51.07
N THR A 1174 40.36 11.04 50.45
CA THR A 1174 40.42 10.79 49.02
C THR A 1174 39.03 10.82 48.43
N SER A 1175 38.95 10.70 47.11
CA SER A 1175 37.68 10.67 46.43
C SER A 1175 37.07 9.28 46.51
N ARG A 1176 35.88 9.12 45.93
CA ARG A 1176 35.24 7.82 45.85
C ARG A 1176 35.31 7.18 44.48
N VAL A 1177 35.76 7.90 43.46
CA VAL A 1177 35.83 7.36 42.12
C VAL A 1177 37.26 6.98 41.75
N MET A 1178 38.20 7.89 41.93
CA MET A 1178 39.61 7.58 41.77
C MET A 1178 40.28 7.65 43.13
N PHE A 1179 41.46 7.07 43.22
CA PHE A 1179 42.21 7.05 44.48
C PHE A 1179 43.28 8.14 44.42
N GLN A 1180 42.97 9.29 45.01
CA GLN A 1180 43.88 10.44 45.03
C GLN A 1180 43.98 10.96 46.45
N PRO A 1181 44.99 10.53 47.22
CA PRO A 1181 45.06 10.93 48.63
C PRO A 1181 45.67 12.31 48.80
N ARG A 1182 45.31 12.94 49.92
CA ARG A 1182 45.86 14.22 50.35
C ARG A 1182 45.60 14.38 51.83
N LEU A 1183 45.87 15.57 52.37
CA LEU A 1183 45.63 15.73 53.80
C LEU A 1183 44.31 16.45 54.04
N PRO A 1184 43.64 16.20 55.17
CA PRO A 1184 42.41 16.92 55.47
C PRO A 1184 42.69 18.33 55.93
N VAL A 1185 41.78 19.24 55.58
CA VAL A 1185 41.85 20.65 55.97
C VAL A 1185 40.55 21.01 56.68
N LEU A 1186 40.51 22.23 57.21
CA LEU A 1186 39.36 22.67 57.98
C LEU A 1186 38.14 22.99 57.15
N SER A 1187 38.30 23.30 55.87
CA SER A 1187 37.19 23.74 55.05
C SER A 1187 36.33 22.59 54.54
N ASP A 1188 36.45 21.40 55.10
CA ASP A 1188 35.71 20.25 54.62
C ASP A 1188 34.73 19.71 55.65
N PHE A 1189 34.66 20.33 56.83
CA PHE A 1189 33.92 19.79 57.95
C PHE A 1189 32.80 20.73 58.37
N VAL A 1190 31.67 20.14 58.74
CA VAL A 1190 30.52 20.89 59.24
C VAL A 1190 30.21 20.37 60.64
N GLN A 1191 29.15 20.85 61.26
CA GLN A 1191 28.92 20.59 62.68
C GLN A 1191 27.44 20.26 62.89
N ILE A 1192 27.14 19.02 63.27
CA ILE A 1192 25.83 18.41 63.06
C ILE A 1192 25.13 17.88 64.31
N TYR A 1193 25.19 18.59 65.43
CA TYR A 1193 25.14 18.09 66.82
C TYR A 1193 24.51 16.75 67.19
N ASN A 1194 25.18 16.07 68.14
CA ASN A 1194 24.91 14.80 68.82
C ASN A 1194 25.19 13.49 68.07
N CYS A 1195 26.37 13.37 67.47
CA CYS A 1195 27.32 12.27 67.71
C CYS A 1195 26.70 10.87 67.73
N ASN A 1196 26.38 10.36 66.54
CA ASN A 1196 26.11 8.93 66.38
C ASN A 1196 27.30 8.08 66.86
N VAL A 1197 27.03 6.82 67.21
CA VAL A 1197 27.95 6.01 68.01
C VAL A 1197 29.22 5.66 67.23
N THR A 1198 29.09 5.29 65.97
CA THR A 1198 30.22 4.70 65.24
C THR A 1198 31.16 5.76 64.64
N PHE A 1199 31.55 6.73 65.45
CA PHE A 1199 32.51 7.75 65.07
C PHE A 1199 33.88 7.42 65.65
N VAL A 1200 34.80 8.36 65.56
CA VAL A 1200 36.11 8.24 66.17
C VAL A 1200 36.12 9.02 67.47
N ASN A 1201 36.28 8.31 68.58
CA ASN A 1201 36.41 8.95 69.89
C ASN A 1201 37.75 9.65 70.00
N ILE A 1202 37.73 10.97 70.17
CA ILE A 1202 38.95 11.74 70.39
C ILE A 1202 38.61 13.01 71.16
N SER A 1203 39.48 13.37 72.10
CA SER A 1203 39.28 14.59 72.86
C SER A 1203 39.79 15.79 72.07
N ARG A 1204 39.52 16.98 72.61
CA ARG A 1204 39.85 18.20 71.90
C ARG A 1204 41.35 18.50 71.92
N VAL A 1205 42.08 17.96 72.89
CA VAL A 1205 43.50 18.27 73.02
C VAL A 1205 44.29 17.66 71.87
N GLU A 1206 44.02 16.40 71.53
CA GLU A 1206 44.73 15.73 70.45
C GLU A 1206 44.02 15.83 69.11
N LEU A 1207 43.21 16.86 68.89
CA LEU A 1207 42.51 16.98 67.62
C LEU A 1207 43.47 17.37 66.49
N HIS A 1208 44.56 18.06 66.82
CA HIS A 1208 45.50 18.51 65.80
C HIS A 1208 46.27 17.36 65.18
N THR A 1209 46.29 16.18 65.81
CA THR A 1209 46.87 15.01 65.19
C THR A 1209 45.99 14.42 64.11
N VAL A 1210 44.71 14.79 64.07
CA VAL A 1210 43.83 14.42 62.98
C VAL A 1210 43.82 15.49 61.90
N ILE A 1211 43.60 16.74 62.29
CA ILE A 1211 43.56 17.86 61.38
C ILE A 1211 44.83 18.68 61.60
N PRO A 1212 45.80 18.63 60.70
CA PRO A 1212 46.87 19.64 60.71
C PRO A 1212 46.30 20.99 60.35
N ASP A 1213 47.02 22.03 60.77
CA ASP A 1213 46.61 23.44 60.63
C ASP A 1213 45.26 23.69 61.31
N TYR A 1214 45.12 23.20 62.54
CA TYR A 1214 44.01 23.56 63.40
C TYR A 1214 44.57 23.91 64.77
N VAL A 1215 44.57 25.19 65.11
CA VAL A 1215 45.00 25.64 66.42
C VAL A 1215 43.77 26.11 67.19
N ASP A 1216 43.49 25.47 68.31
CA ASP A 1216 42.45 25.93 69.21
C ASP A 1216 42.90 27.25 69.82
N VAL A 1217 42.17 28.32 69.51
CA VAL A 1217 42.55 29.64 70.00
C VAL A 1217 42.31 29.74 71.50
N ASN A 1218 41.26 29.06 71.98
CA ASN A 1218 40.79 29.23 73.36
C ASN A 1218 41.80 28.66 74.35
N LYS A 1219 42.16 27.39 74.20
CA LYS A 1219 43.07 26.74 75.13
C LYS A 1219 44.50 27.30 75.01
N THR A 1220 44.88 27.75 73.83
CA THR A 1220 46.20 28.33 73.66
C THR A 1220 46.30 29.69 74.33
N LEU A 1221 45.22 30.47 74.28
CA LEU A 1221 45.21 31.71 75.04
C LEU A 1221 45.00 31.47 76.53
N GLN A 1222 44.44 30.32 76.91
CA GLN A 1222 44.51 29.91 78.31
C GLN A 1222 45.96 29.67 78.74
N GLU A 1223 46.74 29.02 77.87
CA GLU A 1223 48.17 28.83 78.16
C GLU A 1223 48.93 30.13 78.01
N PHE A 1224 48.93 30.69 76.80
CA PHE A 1224 49.72 31.88 76.50
C PHE A 1224 49.00 33.11 77.01
N ALA B 23 -53.95 -17.66 39.67
CA ALA B 23 -53.18 -16.94 38.66
C ALA B 23 -54.09 -16.02 37.86
N ASN B 24 -53.87 -14.72 38.01
CA ASN B 24 -54.65 -13.69 37.30
C ASN B 24 -53.69 -12.61 36.83
N LEU B 25 -53.22 -12.75 35.59
CA LEU B 25 -52.28 -11.80 35.00
C LEU B 25 -53.06 -10.74 34.25
N SER B 26 -52.36 -9.90 33.48
CA SER B 26 -52.99 -8.89 32.67
C SER B 26 -53.41 -9.51 31.34
N MET B 27 -53.81 -8.66 30.38
CA MET B 27 -53.95 -9.15 29.01
C MET B 27 -52.66 -9.01 28.23
N LEU B 28 -51.88 -7.96 28.49
CA LEU B 28 -50.63 -7.76 27.77
C LEU B 28 -49.57 -8.78 28.17
N GLN B 29 -49.67 -9.37 29.35
CA GLN B 29 -48.73 -10.42 29.69
C GLN B 29 -49.07 -11.75 29.04
N LEU B 30 -50.25 -11.89 28.46
CA LEU B 30 -50.62 -13.09 27.75
C LEU B 30 -50.92 -12.88 26.27
N GLY B 31 -51.34 -11.70 25.87
CA GLY B 31 -51.57 -11.44 24.46
C GLY B 31 -52.85 -12.05 23.93
N VAL B 32 -53.96 -11.65 24.51
CA VAL B 32 -55.28 -12.16 24.12
C VAL B 32 -56.14 -10.96 23.74
N PRO B 33 -57.23 -11.18 23.02
CA PRO B 33 -58.16 -10.07 22.77
C PRO B 33 -59.21 -9.91 23.85
N ASP B 34 -60.12 -8.95 23.64
CA ASP B 34 -61.24 -8.71 24.53
C ASP B 34 -62.43 -9.54 24.10
N ASN B 35 -63.12 -10.12 25.08
CA ASN B 35 -64.38 -10.85 24.92
C ASN B 35 -64.24 -12.01 23.94
N SER B 36 -63.34 -12.93 24.28
CA SER B 36 -63.04 -14.07 23.43
C SER B 36 -62.54 -15.21 24.30
N SER B 37 -62.09 -16.29 23.64
CA SER B 37 -61.59 -17.46 24.35
C SER B 37 -60.60 -18.16 23.41
N THR B 38 -59.31 -18.04 23.72
CA THR B 38 -58.25 -18.47 22.82
C THR B 38 -57.51 -19.67 23.39
N ILE B 39 -56.45 -20.07 22.71
CA ILE B 39 -55.55 -21.15 23.12
C ILE B 39 -54.14 -20.58 23.13
N VAL B 40 -53.53 -20.52 24.31
CA VAL B 40 -52.23 -19.87 24.48
C VAL B 40 -51.23 -20.93 24.90
N THR B 41 -50.09 -20.98 24.22
CA THR B 41 -49.01 -21.90 24.56
C THR B 41 -47.72 -21.12 24.81
N GLY B 42 -46.83 -21.72 25.59
CA GLY B 42 -45.54 -21.14 25.90
C GLY B 42 -45.18 -21.37 27.34
N LEU B 43 -44.24 -20.57 27.84
CA LEU B 43 -43.79 -20.66 29.23
C LEU B 43 -44.76 -19.88 30.10
N LEU B 44 -45.63 -20.59 30.82
CA LEU B 44 -46.70 -19.97 31.56
C LEU B 44 -46.71 -20.48 32.99
N PRO B 45 -47.16 -19.66 33.95
CA PRO B 45 -47.15 -20.11 35.35
C PRO B 45 -48.28 -21.05 35.68
N THR B 46 -47.99 -22.02 36.55
CA THR B 46 -48.95 -23.07 36.89
C THR B 46 -49.39 -23.03 38.34
N HIS B 47 -48.45 -23.14 39.29
CA HIS B 47 -48.79 -23.32 40.70
C HIS B 47 -47.97 -22.38 41.56
N TRP B 48 -48.60 -21.85 42.61
CA TRP B 48 -47.95 -20.93 43.52
C TRP B 48 -47.35 -21.70 44.68
N PHE B 49 -46.34 -21.11 45.32
CA PHE B 49 -45.71 -21.67 46.50
C PHE B 49 -45.96 -20.81 47.72
N CYS B 50 -45.82 -21.43 48.90
CA CYS B 50 -45.88 -20.76 50.19
C CYS B 50 -44.87 -21.45 51.09
N ALA B 51 -43.65 -20.91 51.14
CA ALA B 51 -42.55 -21.55 51.85
C ALA B 51 -41.87 -20.55 52.77
N ASN B 52 -41.18 -21.09 53.79
CA ASN B 52 -40.48 -20.29 54.80
C ASN B 52 -39.13 -20.91 55.12
N GLN B 53 -38.57 -21.66 54.18
CA GLN B 53 -37.31 -22.35 54.40
C GLN B 53 -36.09 -21.47 54.23
N SER B 54 -36.29 -20.27 53.65
CA SER B 54 -35.35 -19.15 53.57
C SER B 54 -34.17 -19.37 52.62
N THR B 55 -34.03 -20.59 52.09
CA THR B 55 -32.95 -20.92 51.15
C THR B 55 -33.35 -22.17 50.41
N SER B 56 -33.36 -22.11 49.08
CA SER B 56 -33.66 -23.28 48.26
C SER B 56 -33.04 -23.10 46.89
N VAL B 57 -32.41 -24.16 46.39
CA VAL B 57 -31.85 -24.16 45.05
C VAL B 57 -32.77 -24.98 44.17
N TYR B 58 -33.52 -24.31 43.30
CA TYR B 58 -34.43 -24.96 42.40
C TYR B 58 -33.77 -25.20 41.05
N SER B 59 -34.50 -25.85 40.16
CA SER B 59 -34.19 -25.88 38.74
C SER B 59 -35.37 -25.30 38.00
N ALA B 60 -35.13 -24.28 37.18
CA ALA B 60 -36.23 -23.51 36.63
C ALA B 60 -35.78 -22.81 35.36
N ASN B 61 -36.72 -22.12 34.74
CA ASN B 61 -36.44 -21.20 33.64
C ASN B 61 -37.13 -19.85 33.83
N GLY B 62 -37.76 -19.62 34.97
CA GLY B 62 -38.40 -18.34 35.19
C GLY B 62 -39.17 -18.32 36.49
N PHE B 63 -39.74 -17.15 36.77
CA PHE B 63 -40.45 -16.94 38.02
C PHE B 63 -41.37 -15.73 37.91
N PHE B 64 -42.56 -15.84 38.47
CA PHE B 64 -43.43 -14.71 38.73
C PHE B 64 -43.54 -14.53 40.24
N TYR B 65 -43.92 -13.31 40.66
CA TYR B 65 -44.09 -13.07 42.09
C TYR B 65 -44.96 -11.84 42.32
N ILE B 66 -45.55 -11.76 43.51
CA ILE B 66 -46.34 -10.63 43.96
C ILE B 66 -45.85 -10.24 45.35
N ASP B 67 -45.47 -8.97 45.54
CA ASP B 67 -45.00 -8.49 46.83
C ASP B 67 -45.74 -7.23 47.24
N VAL B 68 -46.14 -7.17 48.51
CA VAL B 68 -46.71 -5.97 49.10
C VAL B 68 -46.05 -5.69 50.45
N GLY B 69 -45.21 -6.62 50.90
CA GLY B 69 -44.69 -6.60 52.26
C GLY B 69 -43.35 -5.88 52.36
N ASN B 70 -43.19 -5.12 53.44
CA ASN B 70 -42.00 -4.30 53.64
C ASN B 70 -40.87 -5.20 54.12
N HIS B 71 -40.16 -5.78 53.15
CA HIS B 71 -39.04 -6.67 53.43
C HIS B 71 -38.19 -6.78 52.18
N ARG B 72 -36.90 -7.03 52.37
CA ARG B 72 -36.01 -7.28 51.24
C ARG B 72 -36.34 -8.60 50.58
N SER B 73 -36.59 -8.57 49.27
CA SER B 73 -36.96 -9.77 48.54
C SER B 73 -36.13 -9.82 47.26
N ALA B 74 -35.16 -10.73 47.21
CA ALA B 74 -34.20 -10.77 46.11
C ALA B 74 -34.20 -12.14 45.46
N PHE B 75 -34.20 -12.13 44.14
CA PHE B 75 -34.24 -13.33 43.32
C PHE B 75 -33.03 -13.35 42.40
N ALA B 76 -32.47 -14.53 42.16
CA ALA B 76 -31.23 -14.59 41.38
C ALA B 76 -31.10 -15.90 40.64
N LEU B 77 -30.74 -15.82 39.36
CA LEU B 77 -30.50 -16.98 38.51
C LEU B 77 -29.00 -17.17 38.34
N HIS B 78 -28.56 -18.43 38.33
CA HIS B 78 -27.14 -18.74 38.25
C HIS B 78 -26.96 -20.19 37.86
N THR B 79 -25.70 -20.54 37.59
CA THR B 79 -25.35 -21.93 37.35
C THR B 79 -24.95 -22.58 38.68
N GLY B 80 -24.38 -23.77 38.62
CA GLY B 80 -23.96 -24.48 39.80
C GLY B 80 -22.52 -24.26 40.21
N TYR B 81 -21.81 -23.33 39.57
CA TYR B 81 -20.42 -23.09 39.89
C TYR B 81 -20.05 -21.68 39.48
N TYR B 82 -19.11 -21.08 40.20
CA TYR B 82 -18.72 -19.71 39.94
C TYR B 82 -17.86 -19.63 38.68
N ASP B 83 -18.02 -18.53 37.94
CA ASP B 83 -17.27 -18.29 36.73
C ASP B 83 -17.06 -16.79 36.59
N ALA B 84 -16.00 -16.41 35.87
CA ALA B 84 -15.65 -15.01 35.68
C ALA B 84 -16.01 -14.49 34.30
N ASN B 85 -16.72 -15.28 33.50
CA ASN B 85 -17.13 -14.85 32.17
C ASN B 85 -18.59 -15.19 31.90
N GLN B 86 -19.43 -15.12 32.91
CA GLN B 86 -20.81 -15.55 32.81
C GLN B 86 -21.70 -14.41 33.24
N TYR B 87 -22.79 -14.20 32.52
CA TYR B 87 -23.75 -13.16 32.87
C TYR B 87 -24.76 -13.73 33.87
N TYR B 88 -24.97 -13.02 34.97
CA TYR B 88 -25.89 -13.45 36.01
C TYR B 88 -27.01 -12.43 36.14
N ILE B 89 -28.21 -12.93 36.36
CA ILE B 89 -29.41 -12.10 36.47
C ILE B 89 -29.73 -11.94 37.94
N TYR B 90 -30.01 -10.72 38.37
CA TYR B 90 -30.18 -10.41 39.78
C TYR B 90 -31.25 -9.35 39.94
N VAL B 91 -32.34 -9.68 40.61
CA VAL B 91 -33.48 -8.79 40.79
C VAL B 91 -33.62 -8.51 42.28
N THR B 92 -33.83 -7.24 42.63
CA THR B 92 -34.01 -6.87 44.03
C THR B 92 -35.14 -5.86 44.16
N ASN B 93 -36.15 -6.21 44.95
CA ASN B 93 -37.25 -5.32 45.27
C ASN B 93 -36.96 -4.65 46.60
N GLU B 94 -37.28 -3.37 46.69
CA GLU B 94 -37.21 -2.61 47.95
C GLU B 94 -38.45 -1.73 48.00
N ILE B 95 -39.51 -2.22 48.65
CA ILE B 95 -40.83 -1.61 48.57
C ILE B 95 -40.86 -0.35 49.43
N GLY B 96 -41.15 0.79 48.80
CA GLY B 96 -41.42 2.01 49.50
C GLY B 96 -42.84 2.49 49.25
N LEU B 97 -42.99 3.55 48.45
CA LEU B 97 -44.31 4.01 48.05
C LEU B 97 -44.79 3.29 46.78
N ASN B 98 -43.86 2.84 45.95
CA ASN B 98 -44.17 2.06 44.76
C ASN B 98 -43.20 0.88 44.71
N ALA B 99 -43.19 0.17 43.59
CA ALA B 99 -42.35 -1.01 43.43
C ALA B 99 -41.01 -0.58 42.86
N SER B 100 -40.01 -0.48 43.73
CA SER B 100 -38.64 -0.17 43.31
C SER B 100 -37.94 -1.48 42.95
N VAL B 101 -37.71 -1.68 41.66
CA VAL B 101 -37.15 -2.92 41.13
C VAL B 101 -35.82 -2.60 40.48
N THR B 102 -34.80 -3.39 40.78
CA THR B 102 -33.46 -3.16 40.27
C THR B 102 -32.98 -4.39 39.51
N LEU B 103 -33.18 -4.39 38.19
CA LEU B 103 -32.66 -5.45 37.35
C LEU B 103 -31.21 -5.17 36.99
N LYS B 104 -30.34 -6.16 37.16
CA LYS B 104 -28.90 -5.99 36.91
C LYS B 104 -28.36 -7.25 36.25
N ILE B 105 -28.32 -7.27 34.92
CA ILE B 105 -27.67 -8.34 34.18
C ILE B 105 -26.22 -7.92 33.99
N CYS B 106 -25.34 -8.39 34.86
CA CYS B 106 -23.96 -7.91 34.87
C CYS B 106 -23.03 -9.06 35.18
N LYS B 107 -21.79 -8.98 34.71
CA LYS B 107 -20.74 -9.85 35.22
C LYS B 107 -20.42 -9.48 36.66
N PHE B 108 -20.07 -10.46 37.47
CA PHE B 108 -19.77 -10.23 38.87
C PHE B 108 -18.33 -10.61 39.17
N SER B 109 -17.86 -10.15 40.34
CA SER B 109 -16.52 -10.47 40.85
C SER B 109 -16.66 -10.98 42.29
N ARG B 110 -16.94 -12.27 42.41
CA ARG B 110 -17.15 -13.00 43.69
C ARG B 110 -18.10 -12.32 44.68
N SER B 121 -20.33 -8.67 44.74
CA SER B 121 -21.25 -7.80 44.02
C SER B 121 -20.51 -6.63 43.37
N SER B 122 -19.45 -6.94 42.63
CA SER B 122 -18.65 -5.96 41.92
C SER B 122 -18.97 -6.09 40.43
N SER B 123 -20.02 -5.39 40.01
CA SER B 123 -20.43 -5.40 38.61
C SER B 123 -19.50 -4.51 37.78
N PHE B 124 -19.03 -5.04 36.65
CA PHE B 124 -18.10 -4.29 35.84
C PHE B 124 -18.41 -4.35 34.36
N ASP B 125 -19.50 -4.98 33.94
CA ASP B 125 -19.93 -4.95 32.55
C ASP B 125 -21.41 -5.28 32.56
N CYS B 126 -22.25 -4.28 32.28
CA CYS B 126 -23.68 -4.42 32.45
C CYS B 126 -24.38 -4.23 31.11
N ILE B 127 -25.03 -5.29 30.64
CA ILE B 127 -25.90 -5.17 29.47
C ILE B 127 -27.09 -4.28 29.80
N VAL B 128 -27.75 -4.55 30.91
CA VAL B 128 -28.79 -3.67 31.42
C VAL B 128 -28.52 -3.45 32.90
N ASN B 129 -28.76 -2.22 33.37
CA ASN B 129 -28.62 -1.85 34.77
C ASN B 129 -29.57 -0.69 34.99
N LEU B 130 -30.79 -1.01 35.41
CA LEU B 130 -31.84 0.00 35.42
C LEU B 130 -32.51 0.07 36.78
N LEU B 131 -33.63 0.79 36.80
CA LEU B 131 -34.41 1.01 38.01
C LEU B 131 -35.82 1.38 37.58
N PHE B 132 -36.78 0.52 37.89
CA PHE B 132 -38.14 0.69 37.42
C PHE B 132 -39.05 1.10 38.57
N THR B 133 -40.00 1.99 38.28
CA THR B 133 -41.05 2.36 39.21
C THR B 133 -42.33 1.70 38.71
N GLU B 134 -42.74 0.63 39.37
CA GLU B 134 -43.84 -0.19 38.90
C GLU B 134 -45.06 -0.03 39.80
N GLN B 135 -46.22 -0.24 39.21
CA GLN B 135 -47.48 -0.13 39.93
C GLN B 135 -47.62 -1.26 40.94
N LEU B 136 -47.99 -0.91 42.17
CA LEU B 136 -48.17 -1.91 43.22
C LEU B 136 -49.43 -2.72 42.97
N GLY B 137 -49.32 -4.03 43.13
CA GLY B 137 -50.41 -4.94 42.86
C GLY B 137 -50.38 -5.60 41.51
N ALA B 138 -49.22 -5.64 40.85
CA ALA B 138 -49.10 -6.24 39.52
C ALA B 138 -47.87 -7.14 39.49
N PRO B 139 -47.99 -8.40 39.10
CA PRO B 139 -46.85 -9.31 39.16
C PRO B 139 -45.89 -9.10 38.00
N LEU B 140 -44.60 -9.32 38.26
CA LEU B 140 -43.57 -9.18 37.24
C LEU B 140 -43.04 -10.55 36.88
N GLY B 141 -42.01 -10.61 36.03
CA GLY B 141 -41.43 -11.88 35.69
C GLY B 141 -40.41 -11.90 34.57
N ILE B 142 -39.52 -12.89 34.61
CA ILE B 142 -38.47 -13.10 33.62
C ILE B 142 -38.59 -14.52 33.11
N THR B 143 -38.46 -14.70 31.79
CA THR B 143 -38.34 -16.03 31.20
C THR B 143 -37.13 -16.04 30.28
N ILE B 144 -36.59 -17.22 30.04
CA ILE B 144 -35.40 -17.38 29.20
C ILE B 144 -35.69 -18.44 28.14
N SER B 145 -35.38 -18.12 26.88
CA SER B 145 -35.59 -19.06 25.77
C SER B 145 -34.42 -18.89 24.80
N GLY B 146 -33.54 -19.87 24.75
CA GLY B 146 -32.38 -19.74 23.87
C GLY B 146 -31.40 -18.76 24.46
N GLU B 147 -30.92 -17.82 23.64
CA GLU B 147 -30.11 -16.72 24.13
C GLU B 147 -30.91 -15.44 24.30
N THR B 148 -32.22 -15.55 24.47
CA THR B 148 -33.10 -14.41 24.57
C THR B 148 -33.68 -14.33 25.98
N VAL B 149 -33.57 -13.16 26.58
CA VAL B 149 -34.12 -12.94 27.92
C VAL B 149 -35.32 -12.03 27.78
N ARG B 150 -36.51 -12.57 27.97
CA ARG B 150 -37.71 -11.74 27.92
C ARG B 150 -37.88 -11.02 29.26
N LEU B 151 -38.86 -10.11 29.30
CA LEU B 151 -39.11 -9.34 30.52
C LEU B 151 -40.56 -8.87 30.49
N HIS B 152 -41.42 -9.52 31.25
CA HIS B 152 -42.81 -9.12 31.33
C HIS B 152 -42.96 -8.04 32.39
N LEU B 153 -43.65 -6.95 32.04
CA LEU B 153 -43.70 -5.82 32.98
C LEU B 153 -45.07 -5.17 33.09
N TYR B 154 -46.15 -5.92 32.79
CA TYR B 154 -47.57 -5.57 32.99
C TYR B 154 -48.08 -4.50 32.04
N ASN B 155 -47.18 -3.83 31.33
CA ASN B 155 -47.57 -2.81 30.37
C ASN B 155 -46.80 -2.87 29.07
N VAL B 156 -45.60 -3.46 29.04
CA VAL B 156 -44.80 -3.64 27.83
C VAL B 156 -44.22 -5.04 27.85
N THR B 157 -43.38 -5.35 26.86
CA THR B 157 -42.63 -6.61 26.84
C THR B 157 -41.30 -6.30 26.18
N ARG B 158 -40.26 -6.17 26.99
CA ARG B 158 -38.94 -5.77 26.53
C ARG B 158 -38.06 -6.99 26.40
N THR B 159 -37.16 -6.98 25.41
CA THR B 159 -36.42 -8.17 25.01
C THR B 159 -34.93 -7.85 24.90
N PHE B 160 -34.10 -8.67 25.54
CA PHE B 160 -32.65 -8.50 25.54
C PHE B 160 -32.01 -9.74 24.94
N TYR B 161 -30.80 -9.60 24.40
CA TYR B 161 -30.08 -10.72 23.78
C TYR B 161 -28.78 -10.95 24.53
N VAL B 162 -28.85 -11.75 25.61
CA VAL B 162 -27.69 -12.01 26.44
C VAL B 162 -26.89 -13.16 25.83
N PRO B 163 -25.60 -12.99 25.60
CA PRO B 163 -24.79 -14.10 25.06
C PRO B 163 -24.56 -15.16 26.13
N ALA B 164 -24.72 -16.43 25.72
CA ALA B 164 -24.52 -17.62 26.55
C ALA B 164 -25.38 -17.56 27.82
N ALA B 165 -26.68 -17.43 27.61
CA ALA B 165 -27.63 -17.33 28.72
C ALA B 165 -28.54 -18.54 28.79
N TYR B 166 -28.30 -19.56 27.99
CA TYR B 166 -29.06 -20.80 28.11
C TYR B 166 -28.62 -21.64 29.29
N LYS B 167 -27.41 -21.41 29.80
CA LYS B 167 -26.85 -22.19 30.89
C LYS B 167 -27.45 -21.86 32.25
N LEU B 168 -28.20 -20.77 32.37
CA LEU B 168 -28.71 -20.34 33.66
C LEU B 168 -29.90 -21.23 34.02
N THR B 169 -29.59 -22.34 34.69
CA THR B 169 -30.61 -23.34 35.00
C THR B 169 -31.12 -23.24 36.43
N LYS B 170 -30.25 -22.96 37.39
CA LYS B 170 -30.65 -22.98 38.80
C LYS B 170 -31.40 -21.70 39.16
N LEU B 171 -31.88 -21.64 40.39
CA LEU B 171 -32.62 -20.48 40.87
C LEU B 171 -32.49 -20.39 42.38
N SER B 172 -31.99 -19.26 42.87
CA SER B 172 -31.83 -19.02 44.29
C SER B 172 -32.83 -17.98 44.75
N VAL B 173 -33.69 -18.34 45.69
CA VAL B 173 -34.82 -17.53 46.07
C VAL B 173 -34.70 -17.13 47.53
N LYS B 174 -34.82 -15.84 47.81
CA LYS B 174 -34.87 -15.28 49.16
C LYS B 174 -36.22 -14.59 49.30
N CYS B 175 -37.24 -15.35 49.66
CA CYS B 175 -38.61 -14.88 49.75
C CYS B 175 -39.28 -15.48 50.98
N TYR B 176 -40.08 -14.67 51.68
CA TYR B 176 -40.71 -15.06 52.94
C TYR B 176 -42.21 -14.90 52.83
N PHE B 177 -42.96 -15.99 53.02
CA PHE B 177 -44.41 -15.91 53.00
C PHE B 177 -44.95 -15.14 54.20
N ASN B 178 -44.21 -15.13 55.31
CA ASN B 178 -44.61 -14.39 56.50
C ASN B 178 -44.61 -12.88 56.27
N TYR B 179 -43.83 -12.39 55.32
CA TYR B 179 -43.85 -10.99 54.90
C TYR B 179 -44.67 -10.79 53.64
N SER B 180 -45.60 -11.71 53.36
CA SER B 180 -46.53 -11.65 52.21
C SER B 180 -45.78 -11.61 50.87
N CYS B 181 -44.86 -12.54 50.68
CA CYS B 181 -44.17 -12.77 49.42
C CYS B 181 -44.53 -14.16 48.91
N VAL B 182 -45.15 -14.22 47.74
CA VAL B 182 -45.51 -15.49 47.09
C VAL B 182 -44.87 -15.51 45.71
N PHE B 183 -44.62 -16.72 45.20
CA PHE B 183 -43.91 -16.84 43.94
C PHE B 183 -44.22 -18.19 43.30
N SER B 184 -44.15 -18.22 41.97
CA SER B 184 -44.32 -19.43 41.18
C SER B 184 -43.04 -19.74 40.42
N VAL B 185 -42.94 -20.99 39.96
CA VAL B 185 -41.74 -21.48 39.28
C VAL B 185 -42.17 -22.10 37.97
N VAL B 186 -41.54 -21.69 36.88
CA VAL B 186 -41.92 -22.13 35.55
C VAL B 186 -41.01 -23.27 35.13
N ASN B 187 -41.61 -24.41 34.74
CA ASN B 187 -40.84 -25.52 34.19
C ASN B 187 -40.76 -25.49 32.67
N ALA B 188 -41.90 -25.71 31.99
CA ALA B 188 -41.92 -25.90 30.55
C ALA B 188 -43.31 -25.93 29.93
N THR B 189 -43.52 -25.10 28.90
CA THR B 189 -44.37 -25.33 27.71
C THR B 189 -45.76 -25.87 28.05
N VAL B 190 -46.54 -25.04 28.72
CA VAL B 190 -47.87 -25.42 29.18
C VAL B 190 -48.90 -24.92 28.16
N THR B 191 -49.96 -25.69 27.95
CA THR B 191 -51.08 -25.31 27.09
C THR B 191 -52.26 -24.89 27.95
N VAL B 192 -52.72 -23.65 27.77
CA VAL B 192 -53.66 -23.01 28.67
C VAL B 192 -54.85 -22.47 27.89
N ASN B 193 -56.06 -22.83 28.30
CA ASN B 193 -57.27 -22.23 27.78
C ASN B 193 -57.61 -20.99 28.59
N VAL B 194 -57.81 -19.85 27.92
CA VAL B 194 -57.98 -18.56 28.57
C VAL B 194 -59.32 -17.96 28.15
N THR B 195 -60.11 -17.51 29.12
CA THR B 195 -61.38 -16.85 28.86
C THR B 195 -61.33 -15.43 29.41
N THR B 196 -61.65 -14.45 28.57
CA THR B 196 -61.67 -13.06 28.99
C THR B 196 -63.09 -12.49 28.89
N HIS B 197 -63.37 -11.50 29.74
CA HIS B 197 -64.63 -10.76 29.66
C HIS B 197 -64.37 -9.35 30.17
N ASN B 198 -64.34 -8.39 29.24
CA ASN B 198 -64.21 -6.96 29.52
C ASN B 198 -62.93 -6.64 30.30
N GLY B 199 -61.80 -7.08 29.76
CA GLY B 199 -60.52 -6.76 30.33
C GLY B 199 -60.13 -7.53 31.56
N ARG B 200 -60.93 -8.52 31.95
CA ARG B 200 -60.67 -9.28 33.17
C ARG B 200 -60.51 -10.75 32.80
N VAL B 201 -59.38 -11.34 33.20
CA VAL B 201 -59.12 -12.75 32.95
C VAL B 201 -60.04 -13.55 33.87
N VAL B 202 -61.00 -14.26 33.28
CA VAL B 202 -62.04 -14.92 34.05
C VAL B 202 -61.60 -16.33 34.45
N ASN B 203 -61.34 -17.20 33.46
CA ASN B 203 -60.94 -18.56 33.71
C ASN B 203 -59.52 -18.80 33.25
N TYR B 204 -58.91 -19.86 33.79
CA TYR B 204 -57.51 -20.16 33.52
C TYR B 204 -57.33 -21.65 33.80
N THR B 205 -57.25 -22.45 32.75
CA THR B 205 -57.30 -23.91 32.90
C THR B 205 -56.20 -24.56 32.07
N VAL B 206 -55.48 -25.49 32.68
CA VAL B 206 -54.37 -26.19 32.05
C VAL B 206 -54.88 -27.47 31.40
N CYS B 207 -54.52 -27.70 30.14
CA CYS B 207 -54.83 -28.95 29.47
C CYS B 207 -54.07 -30.13 30.06
N ASP B 208 -54.79 -31.10 30.63
CA ASP B 208 -54.25 -32.45 30.76
C ASP B 208 -54.45 -33.23 29.48
N ASP B 209 -55.30 -32.71 28.60
CA ASP B 209 -55.44 -33.07 27.20
C ASP B 209 -54.41 -32.22 26.44
N CYS B 210 -54.66 -31.99 25.15
CA CYS B 210 -53.89 -31.07 24.30
C CYS B 210 -52.48 -31.61 24.08
N ASN B 211 -52.40 -32.85 23.58
CA ASN B 211 -51.13 -33.46 23.22
C ASN B 211 -50.59 -32.82 21.95
N GLY B 212 -49.31 -32.46 21.98
CA GLY B 212 -48.64 -31.94 20.81
C GLY B 212 -48.98 -30.53 20.43
N TYR B 213 -49.84 -29.84 21.18
CA TYR B 213 -50.20 -28.48 20.80
C TYR B 213 -49.11 -27.47 21.09
N THR B 214 -48.06 -27.84 21.82
CA THR B 214 -47.03 -26.87 22.16
C THR B 214 -46.10 -26.56 21.00
N ASP B 215 -46.16 -27.34 19.92
CA ASP B 215 -45.24 -27.16 18.80
C ASP B 215 -45.94 -26.72 17.52
N ASN B 216 -47.26 -26.57 17.54
CA ASN B 216 -47.95 -26.24 16.30
C ASN B 216 -49.03 -25.18 16.43
N ILE B 217 -49.46 -24.79 17.62
CA ILE B 217 -50.55 -23.83 17.78
C ILE B 217 -50.01 -22.66 18.59
N PHE B 218 -50.42 -21.45 18.24
CA PHE B 218 -50.10 -20.28 19.05
C PHE B 218 -51.23 -19.27 18.91
N SER B 219 -51.02 -18.06 19.41
CA SER B 219 -52.00 -16.99 19.30
C SER B 219 -51.34 -15.76 18.72
N VAL B 220 -52.02 -15.10 17.79
CA VAL B 220 -51.45 -14.01 17.03
C VAL B 220 -51.39 -12.76 17.89
N GLN B 221 -50.22 -12.12 17.95
CA GLN B 221 -50.02 -10.94 18.77
C GLN B 221 -50.60 -9.71 18.07
N GLN B 222 -50.27 -8.53 18.60
CA GLN B 222 -50.68 -7.27 18.00
C GLN B 222 -49.95 -7.05 16.68
N ASP B 223 -50.70 -6.55 15.69
CA ASP B 223 -50.20 -6.24 14.34
C ASP B 223 -49.68 -7.49 13.63
N GLY B 224 -50.32 -8.62 13.90
CA GLY B 224 -50.08 -9.83 13.14
C GLY B 224 -48.72 -10.48 13.30
N ARG B 225 -48.04 -10.24 14.41
CA ARG B 225 -46.73 -10.84 14.59
C ARG B 225 -46.87 -12.29 15.02
N ILE B 226 -45.74 -12.97 15.08
CA ILE B 226 -45.62 -14.32 15.62
C ILE B 226 -44.87 -14.21 16.96
N PRO B 227 -45.37 -14.82 18.03
CA PRO B 227 -44.76 -14.62 19.35
C PRO B 227 -43.35 -15.19 19.45
N ASN B 228 -42.65 -14.74 20.48
CA ASN B 228 -41.29 -15.18 20.68
C ASN B 228 -41.28 -16.57 21.30
N GLY B 229 -40.17 -17.28 21.09
CA GLY B 229 -40.02 -18.58 21.71
C GLY B 229 -40.88 -19.66 21.13
N PHE B 230 -41.28 -19.53 19.87
CA PHE B 230 -42.06 -20.56 19.22
C PHE B 230 -41.15 -21.38 18.32
N PRO B 231 -40.93 -22.66 18.61
CA PRO B 231 -40.08 -23.49 17.75
C PRO B 231 -40.78 -23.79 16.44
N PHE B 232 -40.20 -23.30 15.34
CA PHE B 232 -40.84 -23.41 14.04
C PHE B 232 -40.78 -24.86 13.59
N ASN B 233 -41.90 -25.58 13.73
CA ASN B 233 -41.89 -27.00 13.48
C ASN B 233 -41.85 -27.31 11.99
N ASN B 234 -42.76 -26.75 11.22
CA ASN B 234 -42.83 -26.99 9.79
C ASN B 234 -42.94 -25.67 9.04
N TRP B 235 -42.07 -24.73 9.37
CA TRP B 235 -42.10 -23.41 8.78
C TRP B 235 -40.83 -23.28 7.96
N PHE B 236 -40.93 -23.62 6.68
CA PHE B 236 -39.79 -23.59 5.77
C PHE B 236 -39.62 -22.21 5.17
N LEU B 237 -38.43 -21.96 4.66
CA LEU B 237 -38.16 -20.75 3.88
C LEU B 237 -38.49 -21.03 2.42
N LEU B 238 -39.08 -20.04 1.77
CA LEU B 238 -39.49 -20.18 0.38
C LEU B 238 -38.38 -19.69 -0.53
N THR B 239 -38.31 -20.27 -1.73
CA THR B 239 -37.23 -19.89 -2.63
C THR B 239 -37.59 -20.18 -4.07
N ASN B 240 -36.99 -19.41 -4.98
CA ASN B 240 -37.03 -19.67 -6.41
C ASN B 240 -35.78 -20.38 -6.91
N GLY B 241 -34.74 -20.48 -6.09
CA GLY B 241 -33.46 -21.02 -6.51
C GLY B 241 -32.84 -22.01 -5.55
N SER B 242 -31.64 -21.71 -5.08
CA SER B 242 -30.94 -22.59 -4.15
C SER B 242 -31.54 -22.49 -2.76
N THR B 243 -31.09 -23.37 -1.87
CA THR B 243 -31.54 -23.38 -0.48
C THR B 243 -30.39 -22.99 0.43
N LEU B 244 -30.68 -22.12 1.39
CA LEU B 244 -29.68 -21.72 2.36
C LEU B 244 -29.42 -22.84 3.35
N VAL B 245 -28.25 -22.81 3.97
CA VAL B 245 -27.85 -23.83 4.94
C VAL B 245 -27.64 -23.22 6.32
N ASP B 246 -26.66 -22.32 6.46
CA ASP B 246 -26.35 -21.72 7.75
C ASP B 246 -26.09 -20.23 7.58
N GLY B 247 -26.09 -19.52 8.70
CA GLY B 247 -25.67 -18.14 8.75
C GLY B 247 -26.86 -17.18 8.88
N VAL B 248 -26.54 -15.94 9.23
CA VAL B 248 -27.52 -14.89 9.42
C VAL B 248 -27.65 -14.09 8.13
N SER B 249 -28.89 -13.88 7.69
CA SER B 249 -29.13 -13.23 6.40
C SER B 249 -30.52 -12.64 6.35
N ARG B 250 -30.63 -11.39 5.88
CA ARG B 250 -31.92 -10.76 5.66
C ARG B 250 -32.66 -11.45 4.53
N LEU B 251 -33.99 -11.36 4.57
CA LEU B 251 -34.82 -12.03 3.58
C LEU B 251 -36.05 -11.17 3.32
N TYR B 252 -37.00 -11.74 2.59
CA TYR B 252 -38.29 -11.10 2.32
C TYR B 252 -39.31 -12.24 2.19
N GLN B 253 -39.98 -12.55 3.29
CA GLN B 253 -40.70 -13.79 3.45
C GLN B 253 -42.12 -13.53 3.93
N PRO B 254 -43.06 -14.49 3.73
CA PRO B 254 -44.42 -14.29 4.26
C PRO B 254 -44.60 -14.67 5.74
N LEU B 255 -44.29 -13.74 6.63
CA LEU B 255 -44.34 -14.03 8.06
C LEU B 255 -45.06 -12.92 8.81
N ARG B 256 -46.22 -12.49 8.33
CA ARG B 256 -47.09 -11.58 9.07
C ARG B 256 -48.52 -12.08 8.89
N LEU B 257 -49.07 -12.71 9.90
CA LEU B 257 -50.34 -13.39 9.75
C LEU B 257 -51.50 -12.41 9.86
N THR B 258 -52.65 -12.81 9.33
CA THR B 258 -53.90 -12.11 9.59
C THR B 258 -54.98 -13.01 10.17
N CYS B 259 -54.80 -14.33 10.14
CA CYS B 259 -55.66 -15.26 10.87
C CYS B 259 -54.86 -16.53 11.14
N LEU B 260 -55.49 -17.46 11.82
CA LEU B 260 -54.91 -18.77 12.12
C LEU B 260 -56.07 -19.65 12.51
N TRP B 261 -56.21 -20.81 11.88
CA TRP B 261 -57.42 -21.60 12.07
C TRP B 261 -57.03 -22.98 12.58
N PRO B 262 -56.94 -23.14 13.90
CA PRO B 262 -56.33 -24.35 14.46
C PRO B 262 -57.30 -25.49 14.49
N VAL B 263 -56.80 -26.67 14.16
CA VAL B 263 -57.50 -27.93 14.00
C VAL B 263 -58.70 -27.72 13.09
N PRO B 264 -58.52 -27.58 11.78
CA PRO B 264 -59.68 -27.27 10.95
C PRO B 264 -60.58 -28.47 10.73
N GLY B 265 -60.02 -29.66 10.54
CA GLY B 265 -60.80 -30.82 10.16
C GLY B 265 -61.53 -30.67 8.84
N LEU B 266 -60.77 -30.54 7.75
CA LEU B 266 -61.39 -30.39 6.44
C LEU B 266 -61.89 -31.73 5.96
N LYS B 267 -63.01 -31.70 5.22
CA LYS B 267 -63.64 -32.94 4.80
C LYS B 267 -63.82 -32.98 3.30
N SER B 268 -64.57 -33.98 2.82
CA SER B 268 -64.92 -34.05 1.41
C SER B 268 -66.05 -33.11 1.03
N SER B 269 -66.75 -32.54 2.02
CA SER B 269 -67.90 -31.70 1.73
C SER B 269 -67.75 -30.32 2.34
N THR B 270 -66.57 -29.71 2.19
CA THR B 270 -66.36 -28.36 2.69
C THR B 270 -66.58 -27.32 1.59
N GLY B 271 -65.84 -27.43 0.49
CA GLY B 271 -66.00 -26.53 -0.64
C GLY B 271 -64.70 -25.83 -0.98
N PHE B 272 -64.82 -24.57 -1.39
CA PHE B 272 -63.65 -23.77 -1.70
C PHE B 272 -63.26 -22.91 -0.50
N VAL B 273 -62.11 -22.26 -0.62
CA VAL B 273 -61.61 -21.30 0.37
C VAL B 273 -61.09 -20.09 -0.39
N TYR B 274 -61.57 -18.90 -0.06
CA TYR B 274 -61.43 -17.73 -0.93
C TYR B 274 -60.47 -16.66 -0.41
N PHE B 275 -59.37 -17.05 0.21
CA PHE B 275 -58.26 -16.16 0.59
C PHE B 275 -58.65 -15.04 1.55
N ASN B 276 -59.72 -15.21 2.34
CA ASN B 276 -60.03 -14.25 3.39
C ASN B 276 -60.83 -14.92 4.50
N ALA B 277 -60.54 -14.52 5.73
CA ALA B 277 -61.10 -15.14 6.92
C ALA B 277 -62.39 -14.47 7.36
N THR B 278 -63.33 -14.29 6.44
CA THR B 278 -64.63 -13.71 6.74
C THR B 278 -65.77 -14.65 6.39
N GLY B 279 -65.48 -15.93 6.23
CA GLY B 279 -66.48 -16.91 5.86
C GLY B 279 -67.38 -17.30 7.02
N SER B 280 -67.95 -18.50 6.90
CA SER B 280 -68.87 -19.02 7.90
C SER B 280 -68.28 -20.13 8.76
N ASP B 281 -67.13 -20.68 8.39
CA ASP B 281 -66.52 -21.75 9.15
C ASP B 281 -65.18 -21.36 9.75
N VAL B 282 -64.71 -20.16 9.51
CA VAL B 282 -63.39 -19.74 9.95
C VAL B 282 -63.49 -19.31 11.41
N ASN B 283 -62.71 -19.97 12.26
CA ASN B 283 -62.63 -19.63 13.68
C ASN B 283 -61.19 -19.22 13.96
N CYS B 284 -60.90 -17.94 13.81
CA CYS B 284 -59.56 -17.44 14.01
C CYS B 284 -59.17 -17.52 15.48
N ASN B 285 -57.87 -17.35 15.73
CA ASN B 285 -57.32 -17.55 17.06
C ASN B 285 -56.53 -16.32 17.43
N GLY B 286 -56.98 -15.60 18.44
CA GLY B 286 -56.33 -14.36 18.84
C GLY B 286 -56.90 -13.19 18.06
N TYR B 287 -56.02 -12.29 17.63
CA TYR B 287 -56.46 -11.14 16.84
C TYR B 287 -56.82 -11.58 15.42
N GLN B 288 -57.62 -10.73 14.76
CA GLN B 288 -58.21 -11.11 13.48
C GLN B 288 -58.44 -9.82 12.69
N HIS B 289 -57.52 -9.52 11.78
CA HIS B 289 -57.60 -8.32 10.97
C HIS B 289 -58.25 -8.67 9.64
N ASN B 290 -59.14 -7.81 9.17
CA ASN B 290 -59.72 -8.04 7.86
C ASN B 290 -58.87 -7.31 6.83
N SER B 291 -58.32 -8.06 5.88
CA SER B 291 -57.51 -7.53 4.79
C SER B 291 -57.54 -8.57 3.68
N VAL B 292 -56.63 -8.44 2.71
CA VAL B 292 -56.46 -9.42 1.65
C VAL B 292 -55.02 -9.90 1.71
N VAL B 293 -54.83 -11.22 1.53
CA VAL B 293 -53.60 -11.91 1.88
C VAL B 293 -52.90 -12.36 0.62
N ASP B 294 -51.77 -13.04 0.75
CA ASP B 294 -51.04 -13.56 -0.40
C ASP B 294 -50.93 -15.07 -0.44
N VAL B 295 -50.60 -15.72 0.68
CA VAL B 295 -50.38 -17.17 0.64
C VAL B 295 -51.37 -17.89 1.55
N MET B 296 -51.31 -19.22 1.55
CA MET B 296 -52.02 -20.05 2.53
C MET B 296 -51.10 -21.17 2.96
N ARG B 297 -50.51 -21.04 4.15
CA ARG B 297 -49.60 -22.05 4.66
C ARG B 297 -50.40 -23.21 5.22
N TYR B 298 -50.34 -24.37 4.58
CA TYR B 298 -50.89 -25.59 5.17
C TYR B 298 -49.88 -26.20 6.13
N ASN B 299 -50.29 -27.25 6.84
CA ASN B 299 -49.38 -27.94 7.76
C ASN B 299 -49.89 -29.35 7.93
N LEU B 300 -49.02 -30.34 7.73
CA LEU B 300 -49.46 -31.72 7.61
C LEU B 300 -49.24 -32.50 8.89
N ASN B 301 -50.26 -33.26 9.29
CA ASN B 301 -50.19 -34.15 10.43
C ASN B 301 -49.87 -35.55 9.93
N PHE B 302 -48.74 -36.10 10.36
CA PHE B 302 -48.32 -37.42 9.93
C PHE B 302 -47.76 -38.19 11.11
N SER B 303 -48.01 -39.49 11.13
CA SER B 303 -47.45 -40.36 12.15
C SER B 303 -46.35 -41.24 11.56
N ALA B 304 -45.64 -41.94 12.44
CA ALA B 304 -44.51 -42.77 12.03
C ALA B 304 -44.94 -44.04 11.29
N ASN B 305 -46.23 -44.38 11.31
CA ASN B 305 -46.78 -45.37 10.41
C ASN B 305 -46.57 -44.93 8.96
N SER B 306 -46.43 -45.92 8.07
CA SER B 306 -46.40 -45.66 6.64
C SER B 306 -47.56 -46.36 5.94
N LEU B 307 -48.62 -46.66 6.68
CA LEU B 307 -49.84 -47.25 6.13
C LEU B 307 -51.05 -46.36 6.27
N ASP B 308 -51.19 -45.66 7.39
CA ASP B 308 -52.26 -44.69 7.57
C ASP B 308 -51.93 -43.33 6.96
N ASN B 309 -50.75 -43.18 6.39
CA ASN B 309 -50.31 -41.91 5.82
C ASN B 309 -50.41 -41.93 4.31
N LEU B 310 -51.44 -42.57 3.78
CA LEU B 310 -51.63 -42.72 2.34
C LEU B 310 -53.06 -42.28 2.04
N LYS B 311 -53.24 -40.99 1.82
CA LYS B 311 -54.56 -40.39 1.70
C LYS B 311 -54.96 -40.29 0.24
N SER B 312 -56.24 -40.52 -0.03
CA SER B 312 -56.75 -40.63 -1.39
C SER B 312 -57.56 -39.40 -1.76
N GLY B 313 -57.06 -38.60 -2.68
CA GLY B 313 -57.80 -37.45 -3.15
C GLY B 313 -56.96 -36.56 -4.05
N VAL B 314 -57.61 -35.50 -4.54
CA VAL B 314 -57.00 -34.58 -5.50
C VAL B 314 -56.94 -33.19 -4.89
N ILE B 315 -56.40 -32.23 -5.65
CA ILE B 315 -56.43 -30.82 -5.30
C ILE B 315 -57.01 -30.06 -6.49
N VAL B 316 -58.08 -29.31 -6.27
CA VAL B 316 -58.76 -28.60 -7.33
C VAL B 316 -58.51 -27.11 -7.15
N PHE B 317 -57.90 -26.48 -8.15
CA PHE B 317 -57.70 -25.04 -8.13
C PHE B 317 -58.86 -24.37 -8.84
N LYS B 318 -58.77 -23.05 -9.00
CA LYS B 318 -59.80 -22.29 -9.71
C LYS B 318 -59.15 -21.07 -10.33
N THR B 319 -58.81 -21.16 -11.61
CA THR B 319 -58.24 -20.04 -12.32
C THR B 319 -59.35 -19.24 -12.99
N LEU B 320 -58.97 -18.32 -13.88
CA LEU B 320 -59.94 -17.46 -14.53
C LEU B 320 -60.66 -18.16 -15.67
N GLN B 321 -60.08 -19.21 -16.23
CA GLN B 321 -60.65 -19.88 -17.40
C GLN B 321 -61.08 -21.30 -17.09
N TYR B 322 -60.18 -22.16 -16.63
CA TYR B 322 -60.46 -23.57 -16.49
C TYR B 322 -59.80 -24.10 -15.23
N ASP B 323 -60.39 -25.16 -14.69
CA ASP B 323 -59.90 -25.73 -13.45
C ASP B 323 -58.70 -26.62 -13.69
N VAL B 324 -57.80 -26.66 -12.72
CA VAL B 324 -56.56 -27.41 -12.80
C VAL B 324 -56.56 -28.45 -11.69
N LEU B 325 -56.25 -29.69 -12.05
CA LEU B 325 -56.44 -30.85 -11.18
C LEU B 325 -55.08 -31.51 -10.93
N PHE B 326 -54.71 -31.64 -9.67
CA PHE B 326 -53.40 -32.14 -9.28
C PHE B 326 -53.52 -33.44 -8.49
N TYR B 327 -52.65 -34.40 -8.78
CA TYR B 327 -52.66 -35.67 -8.07
C TYR B 327 -51.29 -36.34 -8.24
N CYS B 328 -51.08 -37.41 -7.48
CA CYS B 328 -49.82 -38.14 -7.55
C CYS B 328 -50.10 -39.63 -7.55
N SER B 329 -49.17 -40.41 -8.10
CA SER B 329 -49.27 -41.86 -8.11
C SER B 329 -47.87 -42.43 -8.19
N ASN B 330 -47.75 -43.76 -8.16
CA ASN B 330 -46.45 -44.39 -8.11
C ASN B 330 -46.01 -45.08 -9.39
N SER B 331 -46.82 -45.06 -10.45
CA SER B 331 -46.42 -45.63 -11.72
C SER B 331 -46.45 -44.56 -12.80
N SER B 332 -45.54 -44.67 -13.76
CA SER B 332 -45.43 -43.66 -14.81
C SER B 332 -46.62 -43.66 -15.76
N SER B 333 -47.35 -44.76 -15.87
CA SER B 333 -48.61 -44.77 -16.58
C SER B 333 -49.75 -44.47 -15.60
N GLY B 334 -49.75 -43.24 -15.10
CA GLY B 334 -50.63 -42.86 -14.02
C GLY B 334 -52.08 -42.68 -14.42
N VAL B 335 -52.74 -43.78 -14.78
CA VAL B 335 -54.15 -43.78 -15.13
C VAL B 335 -54.96 -44.69 -14.20
N LEU B 336 -54.36 -45.17 -13.12
CA LEU B 336 -54.99 -46.16 -12.26
C LEU B 336 -54.93 -45.85 -10.77
N ASP B 337 -54.51 -44.67 -10.37
CA ASP B 337 -54.26 -44.43 -8.96
C ASP B 337 -54.40 -42.94 -8.67
N THR B 338 -54.75 -42.60 -7.43
CA THR B 338 -54.83 -41.22 -6.97
C THR B 338 -54.57 -41.20 -5.47
N THR B 339 -53.35 -40.87 -5.08
CA THR B 339 -52.97 -40.78 -3.68
C THR B 339 -52.10 -39.56 -3.48
N ILE B 340 -52.01 -39.10 -2.23
CA ILE B 340 -50.99 -38.15 -1.82
C ILE B 340 -50.39 -38.65 -0.52
N PRO B 341 -49.10 -38.96 -0.46
CA PRO B 341 -48.50 -39.42 0.79
C PRO B 341 -48.22 -38.26 1.74
N PHE B 342 -48.28 -38.57 3.03
CA PHE B 342 -47.88 -37.64 4.08
C PHE B 342 -46.70 -38.24 4.82
N GLY B 343 -45.79 -37.38 5.27
CA GLY B 343 -44.68 -37.81 6.06
C GLY B 343 -43.69 -38.66 5.29
N PRO B 344 -43.06 -39.61 5.98
CA PRO B 344 -42.03 -40.43 5.33
C PRO B 344 -42.63 -41.49 4.43
N SER B 345 -41.85 -41.85 3.41
CA SER B 345 -42.29 -42.79 2.38
C SER B 345 -41.16 -43.76 2.08
N SER B 346 -41.40 -44.66 1.12
CA SER B 346 -40.45 -45.73 0.83
C SER B 346 -40.14 -45.92 -0.64
N GLN B 347 -40.90 -45.34 -1.56
CA GLN B 347 -40.65 -45.49 -2.99
C GLN B 347 -41.12 -44.21 -3.68
N PRO B 348 -40.53 -43.86 -4.82
CA PRO B 348 -40.83 -42.55 -5.41
C PRO B 348 -42.20 -42.49 -6.04
N TYR B 349 -42.82 -41.33 -5.94
CA TYR B 349 -44.12 -41.04 -6.54
C TYR B 349 -43.98 -40.00 -7.64
N TYR B 350 -44.88 -40.04 -8.61
CA TYR B 350 -44.86 -39.17 -9.77
C TYR B 350 -46.12 -38.31 -9.74
N CYS B 351 -46.02 -37.03 -10.10
CA CYS B 351 -47.14 -36.11 -9.91
C CYS B 351 -47.49 -35.39 -11.20
N PHE B 352 -48.79 -35.29 -11.50
CA PHE B 352 -49.31 -34.91 -12.80
C PHE B 352 -50.17 -33.64 -12.70
N ILE B 353 -50.73 -33.22 -13.84
CA ILE B 353 -51.70 -32.12 -13.93
C ILE B 353 -52.71 -32.47 -15.01
N ASN B 354 -54.00 -32.42 -14.69
CA ASN B 354 -55.04 -32.47 -15.71
C ASN B 354 -55.56 -31.09 -16.03
N SER B 355 -56.25 -30.99 -17.16
CA SER B 355 -56.99 -29.80 -17.54
C SER B 355 -58.04 -30.21 -18.56
N THR B 356 -58.89 -29.26 -18.95
CA THR B 356 -59.93 -29.56 -19.93
C THR B 356 -60.18 -28.33 -20.79
N ILE B 357 -59.93 -28.45 -22.09
CA ILE B 357 -60.16 -27.37 -23.05
C ILE B 357 -60.97 -27.98 -24.18
N ASN B 358 -62.31 -27.87 -24.10
CA ASN B 358 -63.27 -28.38 -25.09
C ASN B 358 -63.11 -29.87 -25.36
N THR B 359 -63.33 -30.65 -24.29
CA THR B 359 -63.26 -32.12 -24.29
C THR B 359 -61.94 -32.65 -24.81
N THR B 360 -60.85 -31.93 -24.56
CA THR B 360 -59.51 -32.33 -24.97
C THR B 360 -58.72 -32.42 -23.68
N HIS B 361 -58.71 -33.60 -23.07
CA HIS B 361 -58.09 -33.76 -21.77
C HIS B 361 -56.58 -33.80 -21.90
N VAL B 362 -55.91 -32.90 -21.20
CA VAL B 362 -54.49 -32.67 -21.34
C VAL B 362 -53.78 -33.07 -20.06
N SER B 363 -52.72 -33.86 -20.19
CA SER B 363 -51.94 -34.31 -19.05
C SER B 363 -50.47 -33.99 -19.26
N THR B 364 -49.73 -33.92 -18.17
CA THR B 364 -48.30 -33.62 -18.23
C THR B 364 -47.60 -34.18 -17.00
N PHE B 365 -46.29 -34.01 -16.95
CA PHE B 365 -45.45 -34.50 -15.87
C PHE B 365 -44.76 -33.31 -15.23
N VAL B 366 -44.66 -33.32 -13.90
CA VAL B 366 -44.14 -32.20 -13.14
C VAL B 366 -42.86 -32.55 -12.39
N GLY B 367 -42.87 -33.62 -11.61
CA GLY B 367 -41.67 -34.03 -10.93
C GLY B 367 -41.92 -35.10 -9.89
N ILE B 368 -40.93 -35.27 -9.02
CA ILE B 368 -40.93 -36.29 -7.97
C ILE B 368 -41.19 -35.59 -6.64
N LEU B 369 -41.90 -36.25 -5.74
CA LEU B 369 -41.99 -35.68 -4.41
C LEU B 369 -40.68 -35.90 -3.66
N PRO B 370 -40.34 -35.03 -2.71
CA PRO B 370 -39.22 -35.30 -1.82
C PRO B 370 -39.52 -36.45 -0.89
N PRO B 371 -38.52 -37.01 -0.19
CA PRO B 371 -38.80 -38.20 0.63
C PRO B 371 -39.70 -37.98 1.84
N THR B 372 -40.02 -36.73 2.21
CA THR B 372 -40.90 -36.48 3.35
C THR B 372 -41.72 -35.23 3.07
N VAL B 373 -42.96 -35.40 2.64
CA VAL B 373 -43.83 -34.27 2.34
C VAL B 373 -44.37 -33.70 3.65
N ARG B 374 -44.13 -32.42 3.90
CA ARG B 374 -44.44 -31.85 5.20
C ARG B 374 -45.32 -30.61 5.12
N GLU B 375 -45.19 -29.80 4.07
CA GLU B 375 -45.88 -28.52 4.00
C GLU B 375 -46.22 -28.21 2.54
N ILE B 376 -47.39 -27.61 2.32
CA ILE B 376 -47.85 -27.24 0.99
C ILE B 376 -48.26 -25.78 1.04
N VAL B 377 -47.72 -24.95 0.17
CA VAL B 377 -47.98 -23.51 0.15
C VAL B 377 -48.52 -23.11 -1.20
N VAL B 378 -49.62 -22.37 -1.22
CA VAL B 378 -50.28 -21.91 -2.45
C VAL B 378 -50.39 -20.40 -2.40
N ALA B 379 -49.86 -19.73 -3.40
CA ALA B 379 -49.91 -18.26 -3.46
C ALA B 379 -51.02 -17.81 -4.41
N ARG B 380 -51.29 -16.50 -4.43
CA ARG B 380 -52.35 -16.00 -5.29
C ARG B 380 -51.91 -15.83 -6.73
N THR B 381 -50.67 -15.45 -6.95
CA THR B 381 -50.23 -15.14 -8.30
C THR B 381 -49.79 -16.37 -9.08
N GLY B 382 -50.23 -17.57 -8.70
CA GLY B 382 -50.14 -18.75 -9.55
C GLY B 382 -49.29 -19.86 -8.96
N GLN B 383 -48.30 -19.52 -8.16
CA GLN B 383 -47.20 -20.40 -7.85
C GLN B 383 -47.64 -21.50 -6.88
N PHE B 384 -46.82 -22.52 -6.72
CA PHE B 384 -47.20 -23.67 -5.90
C PHE B 384 -45.94 -24.28 -5.34
N TYR B 385 -45.80 -24.28 -4.02
CA TYR B 385 -44.56 -24.70 -3.38
C TYR B 385 -44.82 -25.96 -2.57
N ILE B 386 -43.88 -26.90 -2.63
CA ILE B 386 -43.88 -28.08 -1.76
C ILE B 386 -42.53 -28.12 -1.07
N ASN B 387 -42.53 -28.05 0.26
CA ASN B 387 -41.33 -27.88 1.09
C ASN B 387 -40.46 -26.71 0.64
N GLY B 388 -41.07 -25.65 0.14
CA GLY B 388 -40.31 -24.51 -0.32
C GLY B 388 -39.54 -24.76 -1.60
N PHE B 389 -40.21 -25.26 -2.64
CA PHE B 389 -39.59 -25.34 -3.95
C PHE B 389 -40.68 -25.26 -5.00
N LYS B 390 -40.51 -24.41 -5.99
CA LYS B 390 -41.57 -24.18 -6.96
C LYS B 390 -41.63 -25.32 -7.97
N TYR B 391 -42.83 -25.86 -8.20
CA TYR B 391 -43.01 -26.91 -9.19
C TYR B 391 -43.56 -26.39 -10.51
N PHE B 392 -44.70 -25.72 -10.47
CA PHE B 392 -45.30 -25.18 -11.68
C PHE B 392 -45.79 -23.79 -11.36
N ASP B 393 -46.56 -23.21 -12.26
CA ASP B 393 -47.00 -21.82 -12.09
C ASP B 393 -48.25 -21.61 -12.92
N LEU B 394 -49.35 -21.29 -12.27
CA LEU B 394 -50.56 -20.96 -13.00
C LEU B 394 -50.57 -19.46 -13.28
N GLY B 395 -51.69 -18.94 -13.72
CA GLY B 395 -51.77 -17.52 -13.97
C GLY B 395 -52.28 -16.73 -12.79
N PHE B 396 -53.42 -17.13 -12.25
CA PHE B 396 -54.12 -16.34 -11.25
C PHE B 396 -55.09 -17.27 -10.54
N ILE B 397 -54.93 -17.41 -9.22
CA ILE B 397 -55.68 -18.40 -8.45
C ILE B 397 -56.65 -17.66 -7.53
N GLU B 398 -57.90 -18.13 -7.47
CA GLU B 398 -58.89 -17.54 -6.59
C GLU B 398 -59.31 -18.43 -5.43
N ALA B 399 -59.29 -19.74 -5.58
CA ALA B 399 -59.76 -20.63 -4.52
C ALA B 399 -59.12 -21.99 -4.65
N VAL B 400 -59.01 -22.69 -3.52
CA VAL B 400 -58.33 -23.98 -3.45
C VAL B 400 -59.24 -24.98 -2.75
N ASN B 401 -59.47 -26.13 -3.35
CA ASN B 401 -60.25 -27.21 -2.77
C ASN B 401 -59.29 -28.36 -2.48
N PHE B 402 -58.99 -28.59 -1.22
CA PHE B 402 -58.09 -29.67 -0.87
C PHE B 402 -58.97 -30.88 -0.57
N ASN B 403 -59.30 -31.64 -1.61
CA ASN B 403 -60.31 -32.70 -1.51
C ASN B 403 -59.61 -34.00 -1.13
N VAL B 404 -59.70 -34.36 0.15
CA VAL B 404 -59.13 -35.61 0.65
C VAL B 404 -60.23 -36.37 1.39
N THR B 405 -60.46 -37.60 0.98
CA THR B 405 -61.47 -38.43 1.64
C THR B 405 -60.86 -39.12 2.85
N THR B 406 -61.46 -38.91 4.02
CA THR B 406 -60.93 -39.48 5.25
C THR B 406 -62.08 -39.87 6.17
N ALA B 407 -61.80 -40.81 7.07
CA ALA B 407 -62.78 -41.32 8.02
C ALA B 407 -62.72 -40.60 9.35
N SER B 408 -61.92 -39.54 9.46
CA SER B 408 -61.78 -38.78 10.69
C SER B 408 -61.69 -37.31 10.32
N ALA B 409 -61.22 -36.49 11.26
CA ALA B 409 -60.94 -35.11 10.97
C ALA B 409 -59.49 -34.75 11.22
N THR B 410 -58.65 -35.73 11.52
CA THR B 410 -57.29 -35.47 12.00
C THR B 410 -56.33 -35.58 10.82
N ASP B 411 -56.20 -34.50 10.07
CA ASP B 411 -55.26 -34.48 8.96
C ASP B 411 -54.35 -33.26 9.02
N PHE B 412 -54.84 -32.16 9.57
CA PHE B 412 -54.13 -30.89 9.53
C PHE B 412 -53.92 -30.37 10.93
N TRP B 413 -52.84 -29.62 11.13
CA TRP B 413 -52.66 -28.92 12.39
C TRP B 413 -53.20 -27.51 12.35
N THR B 414 -52.94 -26.79 11.27
CA THR B 414 -53.27 -25.38 11.20
C THR B 414 -53.30 -24.95 9.74
N VAL B 415 -54.04 -23.87 9.48
CA VAL B 415 -54.11 -23.25 8.15
C VAL B 415 -53.94 -21.76 8.37
N ALA B 416 -52.88 -21.18 7.83
CA ALA B 416 -52.53 -19.80 8.12
C ALA B 416 -52.59 -18.95 6.86
N PHE B 417 -52.97 -17.69 7.02
CA PHE B 417 -52.99 -16.70 5.96
C PHE B 417 -51.89 -15.68 6.25
N ALA B 418 -51.25 -15.16 5.21
CA ALA B 418 -50.07 -14.34 5.47
C ALA B 418 -49.85 -13.33 4.34
N THR B 419 -48.91 -12.41 4.59
CA THR B 419 -48.47 -11.43 3.60
C THR B 419 -46.95 -11.29 3.70
N PHE B 420 -46.34 -10.76 2.64
CA PHE B 420 -44.89 -10.60 2.61
C PHE B 420 -44.45 -9.45 3.49
N VAL B 421 -43.41 -9.69 4.31
CA VAL B 421 -42.75 -8.64 5.08
C VAL B 421 -41.24 -8.77 5.00
N ASP B 422 -40.54 -7.94 5.77
CA ASP B 422 -39.08 -7.88 5.77
C ASP B 422 -38.60 -8.37 7.13
N VAL B 423 -37.82 -9.44 7.15
CA VAL B 423 -37.42 -10.09 8.40
C VAL B 423 -35.91 -10.21 8.50
N LEU B 424 -35.44 -10.83 9.58
CA LEU B 424 -34.03 -11.15 9.77
C LEU B 424 -33.94 -12.49 10.47
N VAL B 425 -33.36 -13.49 9.81
CA VAL B 425 -33.56 -14.88 10.16
C VAL B 425 -32.21 -15.50 10.54
N ASN B 426 -32.19 -16.28 11.62
CA ASN B 426 -31.04 -17.08 12.01
C ASN B 426 -31.29 -18.51 11.54
N VAL B 427 -30.75 -18.86 10.38
CA VAL B 427 -30.96 -20.18 9.79
C VAL B 427 -29.96 -21.16 10.39
N SER B 428 -30.44 -22.33 10.80
CA SER B 428 -29.56 -23.37 11.31
C SER B 428 -30.07 -24.72 10.82
N ALA B 429 -29.24 -25.40 10.01
CA ALA B 429 -29.54 -26.71 9.41
C ALA B 429 -30.84 -26.68 8.62
N THR B 430 -30.98 -25.65 7.77
CA THR B 430 -32.15 -25.38 6.92
C THR B 430 -33.46 -25.27 7.71
N ASN B 431 -33.38 -24.78 8.94
CA ASN B 431 -34.55 -24.44 9.75
C ASN B 431 -34.41 -23.00 10.21
N ILE B 432 -35.28 -22.60 11.12
CA ILE B 432 -35.27 -21.23 11.62
C ILE B 432 -35.14 -21.27 13.14
N GLN B 433 -34.18 -20.51 13.67
CA GLN B 433 -34.03 -20.39 15.11
C GLN B 433 -34.77 -19.16 15.65
N ASN B 434 -34.39 -17.98 15.21
CA ASN B 434 -34.97 -16.73 15.71
C ASN B 434 -35.64 -15.98 14.58
N LEU B 435 -36.22 -14.84 14.92
CA LEU B 435 -36.92 -14.02 13.94
C LEU B 435 -37.00 -12.61 14.49
N LEU B 436 -36.71 -11.62 13.66
CA LEU B 436 -36.62 -10.24 14.13
C LEU B 436 -37.29 -9.34 13.09
N TYR B 437 -38.49 -8.89 13.37
CA TYR B 437 -39.17 -7.95 12.47
C TYR B 437 -38.52 -6.59 12.59
N CYS B 438 -38.39 -5.89 11.47
CA CYS B 438 -37.74 -4.59 11.47
C CYS B 438 -38.73 -3.49 11.10
N ASP B 439 -39.34 -2.91 12.13
CA ASP B 439 -40.25 -1.78 12.01
C ASP B 439 -39.86 -0.61 12.90
N SER B 440 -39.39 -0.86 14.11
CA SER B 440 -39.08 0.19 15.08
C SER B 440 -37.70 0.79 14.80
N PRO B 441 -37.43 2.03 15.26
CA PRO B 441 -36.17 2.68 14.89
C PRO B 441 -34.92 2.08 15.52
N PHE B 442 -35.02 1.24 16.53
CA PHE B 442 -33.81 0.56 16.97
C PHE B 442 -33.59 -0.76 16.25
N GLU B 443 -34.68 -1.48 15.94
CA GLU B 443 -34.58 -2.72 15.21
C GLU B 443 -34.06 -2.54 13.79
N LYS B 444 -34.26 -1.37 13.19
CA LYS B 444 -33.70 -1.16 11.86
C LYS B 444 -32.18 -1.08 11.88
N LEU B 445 -31.58 -0.63 12.98
CA LEU B 445 -30.12 -0.69 13.07
C LEU B 445 -29.62 -2.12 13.10
N GLN B 446 -30.34 -3.00 13.77
CA GLN B 446 -29.98 -4.40 13.79
C GLN B 446 -30.17 -5.03 12.42
N CYS B 447 -31.21 -4.64 11.67
CA CYS B 447 -31.31 -5.11 10.29
C CYS B 447 -30.19 -4.56 9.43
N GLU B 448 -29.72 -3.34 9.66
CA GLU B 448 -28.67 -2.77 8.82
C GLU B 448 -27.32 -3.41 9.10
N HIS B 449 -26.98 -3.62 10.36
CA HIS B 449 -25.64 -4.10 10.67
C HIS B 449 -25.53 -5.61 10.74
N LEU B 450 -26.63 -6.33 10.50
CA LEU B 450 -26.70 -7.80 10.42
C LEU B 450 -26.18 -8.46 11.71
N GLN B 451 -26.84 -8.13 12.81
CA GLN B 451 -26.33 -8.53 14.11
C GLN B 451 -27.47 -8.47 15.12
N PHE B 452 -27.49 -9.44 16.03
CA PHE B 452 -28.46 -9.45 17.12
C PHE B 452 -27.84 -8.83 18.35
N GLY B 453 -28.32 -7.66 18.75
CA GLY B 453 -27.78 -6.98 19.92
C GLY B 453 -26.50 -6.23 19.65
N LEU B 454 -26.35 -5.03 20.20
CA LEU B 454 -25.28 -4.15 19.77
C LEU B 454 -24.48 -3.62 20.95
N GLN B 455 -23.17 -3.52 20.74
CA GLN B 455 -22.24 -2.98 21.73
C GLN B 455 -22.45 -1.46 21.84
N ASP B 456 -22.10 -0.90 22.99
CA ASP B 456 -22.23 0.52 23.22
C ASP B 456 -21.23 1.32 22.38
N GLY B 457 -21.62 2.51 21.97
CA GLY B 457 -20.74 3.39 21.24
C GLY B 457 -21.50 4.22 20.23
N PHE B 458 -20.75 4.79 19.29
CA PHE B 458 -21.29 5.60 18.22
C PHE B 458 -21.41 4.77 16.95
N TYR B 459 -22.57 4.81 16.32
CA TYR B 459 -22.85 4.06 15.10
C TYR B 459 -23.34 5.01 14.03
N SER B 460 -23.12 4.63 12.78
CA SER B 460 -23.62 5.40 11.65
C SER B 460 -24.94 4.83 11.17
N ALA B 461 -25.76 5.69 10.57
CA ALA B 461 -27.09 5.26 10.15
C ALA B 461 -27.54 6.14 9.00
N ASN B 462 -28.09 5.50 7.96
CA ASN B 462 -28.63 6.22 6.81
C ASN B 462 -29.67 5.29 6.18
N PHE B 463 -30.95 5.56 6.44
CA PHE B 463 -32.00 4.65 6.02
C PHE B 463 -32.57 5.10 4.68
N LEU B 464 -32.20 4.42 3.61
CA LEU B 464 -32.71 4.73 2.29
C LEU B 464 -34.16 4.28 2.16
N ASP B 465 -34.83 4.78 1.13
CA ASP B 465 -36.23 4.42 0.87
C ASP B 465 -36.38 4.05 -0.60
N ASP B 466 -37.10 2.97 -0.86
CA ASP B 466 -37.43 2.59 -2.22
C ASP B 466 -38.76 3.23 -2.61
N ASN B 467 -38.79 3.80 -3.80
CA ASN B 467 -39.93 4.58 -4.25
C ASN B 467 -39.83 4.71 -5.77
N VAL B 468 -40.86 5.28 -6.38
CA VAL B 468 -40.87 5.55 -7.81
C VAL B 468 -40.73 7.05 -8.00
N LEU B 469 -39.75 7.46 -8.80
CA LEU B 469 -39.40 8.86 -8.91
C LEU B 469 -39.73 9.39 -10.30
N PRO B 470 -40.15 10.65 -10.41
CA PRO B 470 -40.31 11.26 -11.74
C PRO B 470 -38.95 11.57 -12.36
N GLU B 471 -38.98 11.97 -13.63
CA GLU B 471 -37.76 12.01 -14.43
C GLU B 471 -37.67 13.29 -15.23
N THR B 472 -36.49 13.91 -15.22
CA THR B 472 -36.21 15.17 -15.92
C THR B 472 -35.19 14.94 -17.03
N TYR B 473 -35.21 15.84 -18.02
CA TYR B 473 -34.35 15.68 -19.19
C TYR B 473 -34.07 17.04 -19.80
N VAL B 474 -32.79 17.44 -19.83
CA VAL B 474 -32.35 18.70 -20.39
C VAL B 474 -31.20 18.43 -21.33
N ALA B 475 -31.31 18.88 -22.58
CA ALA B 475 -30.26 18.63 -23.56
C ALA B 475 -30.14 19.81 -24.50
N LEU B 476 -29.10 19.76 -25.34
CA LEU B 476 -28.77 20.83 -26.27
C LEU B 476 -29.86 20.99 -27.33
N PRO B 477 -30.03 22.19 -27.91
CA PRO B 477 -31.22 22.45 -28.73
C PRO B 477 -31.23 21.71 -30.06
N ILE B 478 -32.38 21.10 -30.35
CA ILE B 478 -32.60 20.34 -31.58
C ILE B 478 -34.12 20.21 -31.72
N TYR B 479 -34.58 19.99 -32.94
CA TYR B 479 -36.02 19.86 -33.16
C TYR B 479 -36.50 18.46 -32.78
N TYR B 480 -37.78 18.19 -33.01
CA TYR B 480 -38.41 16.99 -32.51
C TYR B 480 -39.05 16.24 -33.67
N GLN B 481 -38.83 14.92 -33.73
CA GLN B 481 -39.34 14.09 -34.81
C GLN B 481 -39.35 12.65 -34.32
N HIS B 482 -40.44 11.93 -34.58
CA HIS B 482 -40.71 10.69 -33.88
C HIS B 482 -41.16 9.60 -34.85
N THR B 483 -40.98 8.35 -34.43
CA THR B 483 -41.40 7.17 -35.17
C THR B 483 -41.81 6.07 -34.19
N ASP B 484 -42.69 5.18 -34.64
CA ASP B 484 -43.23 4.12 -33.80
C ASP B 484 -42.92 2.76 -34.36
N ILE B 485 -42.72 1.79 -33.46
CA ILE B 485 -42.33 0.44 -33.81
C ILE B 485 -43.07 -0.51 -32.89
N ASN B 486 -43.84 -1.44 -33.48
CA ASN B 486 -44.46 -2.53 -32.74
C ASN B 486 -43.58 -3.76 -32.88
N PHE B 487 -43.94 -4.84 -32.20
CA PHE B 487 -43.31 -6.13 -32.44
C PHE B 487 -44.33 -7.19 -32.06
N THR B 488 -45.05 -7.71 -33.05
CA THR B 488 -46.18 -8.56 -32.74
C THR B 488 -45.79 -10.02 -32.82
N ALA B 489 -46.67 -10.86 -32.29
CA ALA B 489 -46.48 -12.31 -32.33
C ALA B 489 -47.87 -12.95 -32.25
N THR B 490 -48.22 -13.72 -33.27
CA THR B 490 -49.54 -14.33 -33.36
C THR B 490 -49.39 -15.84 -33.54
N ALA B 491 -50.14 -16.61 -32.77
CA ALA B 491 -49.91 -18.05 -32.73
C ALA B 491 -51.22 -18.82 -32.80
N SER B 492 -51.10 -20.11 -33.17
CA SER B 492 -52.19 -21.07 -33.11
C SER B 492 -51.65 -22.37 -32.51
N PHE B 493 -52.57 -23.24 -32.09
CA PHE B 493 -52.19 -24.42 -31.32
C PHE B 493 -53.00 -25.63 -31.77
N GLY B 494 -52.52 -26.81 -31.36
CA GLY B 494 -53.31 -28.02 -31.47
C GLY B 494 -52.86 -29.07 -32.45
N GLY B 495 -51.55 -29.25 -32.61
CA GLY B 495 -51.08 -30.17 -33.62
C GLY B 495 -51.28 -31.66 -33.36
N SER B 496 -50.52 -32.21 -32.41
CA SER B 496 -50.67 -33.61 -32.02
C SER B 496 -50.59 -33.73 -30.51
N CYS B 497 -49.86 -32.81 -29.91
CA CYS B 497 -49.83 -32.64 -28.48
C CYS B 497 -49.85 -31.14 -28.21
N TYR B 498 -50.39 -30.76 -27.06
CA TYR B 498 -50.37 -29.33 -26.76
C TYR B 498 -49.07 -28.95 -26.10
N VAL B 499 -48.69 -29.69 -25.07
CA VAL B 499 -47.64 -29.27 -24.15
C VAL B 499 -46.26 -29.28 -24.81
N CYS B 500 -46.13 -30.00 -25.91
CA CYS B 500 -44.84 -30.14 -26.58
C CYS B 500 -44.41 -28.85 -27.28
N LYS B 501 -45.23 -28.34 -28.21
CA LYS B 501 -44.82 -27.22 -29.04
C LYS B 501 -46.06 -26.51 -29.56
N PRO B 502 -45.96 -25.23 -29.90
CA PRO B 502 -47.08 -24.56 -30.56
C PRO B 502 -47.12 -25.00 -32.02
N HIS B 503 -48.20 -24.62 -32.69
CA HIS B 503 -48.43 -25.11 -34.04
C HIS B 503 -47.80 -24.21 -35.11
N GLN B 504 -47.94 -22.90 -34.98
CA GLN B 504 -47.39 -21.95 -35.95
C GLN B 504 -47.35 -20.58 -35.31
N VAL B 505 -46.22 -19.87 -35.47
CA VAL B 505 -46.02 -18.54 -34.89
C VAL B 505 -45.50 -17.60 -35.97
N ASN B 506 -46.13 -16.43 -36.10
CA ASN B 506 -45.69 -15.40 -37.02
C ASN B 506 -45.10 -14.20 -36.27
N ILE B 507 -44.05 -13.61 -36.84
CA ILE B 507 -43.33 -12.49 -36.25
C ILE B 507 -43.21 -11.40 -37.31
N SER B 508 -43.54 -10.16 -36.95
CA SER B 508 -43.47 -9.08 -37.93
C SER B 508 -43.28 -7.74 -37.23
N LEU B 509 -42.50 -6.86 -37.86
CA LEU B 509 -42.32 -5.47 -37.45
C LEU B 509 -43.17 -4.59 -38.35
N ASN B 510 -44.24 -4.03 -37.79
CA ASN B 510 -45.17 -3.11 -38.49
C ASN B 510 -45.79 -3.72 -39.74
N GLY B 511 -45.83 -5.04 -39.87
CA GLY B 511 -46.25 -5.67 -41.10
C GLY B 511 -45.13 -5.95 -42.08
N ASN B 512 -43.94 -5.47 -41.83
CA ASN B 512 -42.79 -5.71 -42.69
C ASN B 512 -41.86 -6.69 -42.01
N THR B 513 -40.70 -6.92 -42.61
CA THR B 513 -39.67 -7.73 -42.00
C THR B 513 -38.47 -6.93 -41.54
N SER B 514 -38.41 -5.64 -41.84
CA SER B 514 -37.29 -4.81 -41.42
C SER B 514 -37.72 -3.35 -41.38
N VAL B 515 -37.24 -2.62 -40.38
CA VAL B 515 -37.52 -1.20 -40.22
C VAL B 515 -36.24 -0.50 -39.79
N CYS B 516 -35.80 0.49 -40.56
CA CYS B 516 -34.67 1.33 -40.20
C CYS B 516 -35.14 2.65 -39.62
N VAL B 517 -34.32 3.23 -38.77
CA VAL B 517 -34.64 4.48 -38.08
C VAL B 517 -33.95 5.62 -38.82
N ARG B 518 -34.75 6.54 -39.36
CA ARG B 518 -34.21 7.70 -40.06
C ARG B 518 -34.52 9.02 -39.37
N THR B 519 -35.09 8.99 -38.18
CA THR B 519 -35.48 10.20 -37.48
C THR B 519 -34.67 10.33 -36.19
N SER B 520 -35.02 11.32 -35.38
CA SER B 520 -34.22 11.67 -34.21
C SER B 520 -34.70 11.02 -32.92
N HIS B 521 -35.89 10.46 -32.88
CA HIS B 521 -36.44 9.89 -31.66
C HIS B 521 -37.27 8.67 -32.03
N PHE B 522 -37.33 7.68 -31.13
CA PHE B 522 -38.06 6.45 -31.41
C PHE B 522 -38.55 5.84 -30.09
N SER B 523 -39.33 4.76 -30.21
CA SER B 523 -39.85 4.02 -29.06
C SER B 523 -40.36 2.67 -29.53
N ILE B 524 -40.13 1.63 -28.73
CA ILE B 524 -40.46 0.26 -29.10
C ILE B 524 -41.39 -0.34 -28.06
N ARG B 525 -42.36 -1.14 -28.51
CA ARG B 525 -43.24 -1.88 -27.63
C ARG B 525 -43.11 -3.36 -27.93
N TYR B 526 -43.91 -4.16 -27.22
CA TYR B 526 -44.06 -5.58 -27.49
C TYR B 526 -45.51 -5.96 -27.28
N ILE B 527 -46.12 -6.57 -28.29
CA ILE B 527 -47.55 -6.82 -28.31
C ILE B 527 -47.77 -8.30 -28.58
N TYR B 528 -48.51 -8.96 -27.69
CA TYR B 528 -48.88 -10.36 -27.87
C TYR B 528 -50.39 -10.47 -28.00
N ASN B 529 -50.85 -11.12 -29.07
CA ASN B 529 -52.27 -11.13 -29.43
C ASN B 529 -52.95 -12.36 -28.84
N ARG B 530 -53.78 -12.14 -27.83
CA ARG B 530 -54.56 -13.20 -27.21
C ARG B 530 -55.99 -13.27 -27.72
N VAL B 531 -56.37 -12.41 -28.67
CA VAL B 531 -57.75 -12.35 -29.15
C VAL B 531 -57.87 -13.06 -30.48
N LYS B 532 -56.97 -14.02 -30.73
CA LYS B 532 -56.95 -14.75 -31.99
C LYS B 532 -58.19 -15.62 -32.17
N SER B 533 -58.58 -16.36 -31.12
CA SER B 533 -59.77 -17.18 -31.16
C SER B 533 -60.99 -16.48 -30.56
N GLY B 534 -60.90 -15.17 -30.31
CA GLY B 534 -61.98 -14.46 -29.64
C GLY B 534 -61.94 -14.70 -28.16
N SER B 535 -62.33 -15.90 -27.74
CA SER B 535 -62.08 -16.34 -26.37
C SER B 535 -60.58 -16.57 -26.21
N PRO B 536 -59.94 -15.99 -25.21
CA PRO B 536 -58.48 -16.11 -25.10
C PRO B 536 -58.00 -17.48 -24.67
N GLY B 537 -57.84 -18.39 -25.64
CA GLY B 537 -57.21 -19.66 -25.38
C GLY B 537 -55.75 -19.55 -24.98
N ASP B 538 -55.14 -18.40 -25.23
CA ASP B 538 -53.78 -18.04 -24.83
C ASP B 538 -53.66 -17.72 -23.35
N SER B 539 -54.68 -18.00 -22.53
CA SER B 539 -54.58 -17.71 -21.11
C SER B 539 -53.59 -18.61 -20.41
N SER B 540 -53.28 -19.78 -20.98
CA SER B 540 -52.31 -20.68 -20.39
C SER B 540 -50.93 -20.56 -20.99
N TRP B 541 -50.81 -20.22 -22.28
CA TRP B 541 -49.51 -20.11 -22.92
C TRP B 541 -48.84 -18.78 -22.59
N HIS B 542 -47.57 -18.85 -22.22
CA HIS B 542 -46.81 -17.68 -21.80
C HIS B 542 -45.67 -17.49 -22.79
N ILE B 543 -45.78 -16.51 -23.67
CA ILE B 543 -44.73 -16.21 -24.64
C ILE B 543 -44.08 -14.88 -24.30
N TYR B 544 -42.76 -14.85 -24.22
CA TYR B 544 -42.04 -13.68 -23.73
C TYR B 544 -40.63 -13.71 -24.30
N LEU B 545 -39.92 -12.59 -24.14
CA LEU B 545 -38.54 -12.49 -24.61
C LEU B 545 -37.57 -12.89 -23.52
N LYS B 546 -36.41 -13.37 -23.95
CA LYS B 546 -35.28 -13.64 -23.08
C LYS B 546 -34.27 -12.51 -23.24
N SER B 547 -33.09 -12.69 -22.65
CA SER B 547 -31.98 -11.77 -22.82
C SER B 547 -30.87 -12.47 -23.58
N GLY B 548 -30.56 -11.98 -24.77
CA GLY B 548 -29.59 -12.63 -25.60
C GLY B 548 -28.18 -12.15 -25.35
N THR B 549 -27.44 -11.89 -26.43
CA THR B 549 -26.04 -11.51 -26.35
C THR B 549 -25.80 -10.03 -26.60
N CYS B 550 -26.84 -9.22 -26.63
CA CYS B 550 -26.66 -7.81 -26.91
C CYS B 550 -26.22 -7.07 -25.64
N PRO B 551 -25.38 -6.04 -25.76
CA PRO B 551 -24.93 -5.32 -24.56
C PRO B 551 -25.88 -4.23 -24.08
N PHE B 552 -27.18 -4.52 -24.05
CA PHE B 552 -28.25 -3.67 -23.54
C PHE B 552 -29.49 -4.55 -23.44
N SER B 553 -30.57 -3.98 -22.90
CA SER B 553 -31.79 -4.76 -22.71
C SER B 553 -32.90 -4.23 -23.60
N PHE B 554 -33.92 -5.07 -23.79
CA PHE B 554 -35.00 -4.67 -24.70
C PHE B 554 -35.97 -3.71 -24.04
N SER B 555 -36.28 -3.90 -22.77
CA SER B 555 -37.25 -3.04 -22.11
C SER B 555 -36.64 -1.74 -21.62
N LYS B 556 -35.36 -1.50 -21.88
CA LYS B 556 -34.71 -0.26 -21.47
C LYS B 556 -34.15 0.52 -22.64
N LEU B 557 -34.63 0.24 -23.86
CA LEU B 557 -34.33 1.11 -24.98
C LEU B 557 -35.20 2.35 -24.96
N ASN B 558 -36.36 2.29 -24.31
CA ASN B 558 -37.22 3.46 -24.22
C ASN B 558 -36.69 4.50 -23.25
N ASN B 559 -35.74 4.15 -22.39
CA ASN B 559 -35.03 5.17 -21.64
C ASN B 559 -34.11 5.94 -22.57
N PHE B 560 -33.42 6.93 -22.03
CA PHE B 560 -32.72 7.89 -22.87
C PHE B 560 -31.36 7.33 -23.28
N GLN B 561 -31.39 6.34 -24.16
CA GLN B 561 -30.21 5.72 -24.73
C GLN B 561 -29.89 6.36 -26.06
N LYS B 562 -28.61 6.57 -26.33
CA LYS B 562 -28.18 7.30 -27.52
C LYS B 562 -27.33 6.41 -28.41
N PHE B 563 -27.62 6.45 -29.72
CA PHE B 563 -27.04 5.57 -30.73
C PHE B 563 -26.56 6.37 -31.94
N LYS B 564 -26.26 5.71 -33.04
CA LYS B 564 -26.04 6.41 -34.31
C LYS B 564 -26.98 5.94 -35.41
N THR B 565 -27.23 4.63 -35.53
CA THR B 565 -28.22 4.06 -36.44
C THR B 565 -28.54 2.66 -35.94
N ILE B 566 -29.73 2.15 -36.25
CA ILE B 566 -30.10 0.85 -35.68
C ILE B 566 -30.48 -0.23 -36.70
N CYS B 567 -31.59 -0.03 -37.43
CA CYS B 567 -32.10 -0.97 -38.45
C CYS B 567 -32.39 -2.37 -37.89
N PHE B 568 -33.48 -2.47 -37.14
CA PHE B 568 -33.99 -3.76 -36.68
C PHE B 568 -34.41 -4.66 -37.86
N SER B 569 -34.42 -5.98 -37.60
CA SER B 569 -34.80 -6.96 -38.62
C SER B 569 -35.17 -8.28 -37.96
N THR B 570 -35.87 -9.14 -38.72
CA THR B 570 -36.29 -10.46 -38.23
C THR B 570 -35.75 -11.61 -39.07
N VAL B 571 -34.79 -11.36 -39.96
CA VAL B 571 -34.11 -12.42 -40.70
C VAL B 571 -32.61 -12.21 -40.56
N GLU B 572 -31.85 -13.26 -40.83
CA GLU B 572 -30.45 -13.32 -40.45
C GLU B 572 -29.58 -12.36 -41.26
N VAL B 573 -28.83 -11.53 -40.56
CA VAL B 573 -27.92 -10.54 -41.14
C VAL B 573 -26.57 -10.72 -40.46
N PRO B 574 -25.46 -10.78 -41.22
CA PRO B 574 -24.15 -10.99 -40.60
C PRO B 574 -23.71 -9.82 -39.75
N GLY B 575 -23.16 -10.13 -38.58
CA GLY B 575 -22.76 -9.11 -37.63
C GLY B 575 -23.89 -8.52 -36.83
N SER B 576 -24.68 -9.35 -36.14
CA SER B 576 -25.84 -8.87 -35.41
C SER B 576 -26.13 -9.78 -34.23
N CYS B 577 -26.40 -9.18 -33.07
CA CYS B 577 -26.82 -9.94 -31.92
C CYS B 577 -28.32 -10.22 -32.00
N ASN B 578 -28.88 -10.82 -30.96
CA ASN B 578 -30.23 -11.33 -31.04
C ASN B 578 -30.88 -11.46 -29.67
N PHE B 579 -32.20 -11.37 -29.68
CA PHE B 579 -33.03 -11.64 -28.51
C PHE B 579 -33.88 -12.86 -28.81
N PRO B 580 -33.72 -13.97 -28.10
CA PRO B 580 -34.54 -15.14 -28.40
C PRO B 580 -35.97 -14.97 -27.92
N LEU B 581 -36.84 -15.87 -28.37
CA LEU B 581 -38.26 -15.81 -28.05
C LEU B 581 -38.69 -17.20 -27.57
N GLU B 582 -39.40 -17.25 -26.44
CA GLU B 582 -39.60 -18.49 -25.70
C GLU B 582 -41.08 -18.74 -25.48
N ALA B 583 -41.49 -20.01 -25.52
CA ALA B 583 -42.88 -20.38 -25.30
C ALA B 583 -42.96 -21.54 -24.31
N THR B 584 -44.04 -21.58 -23.54
CA THR B 584 -44.21 -22.55 -22.46
C THR B 584 -45.66 -22.65 -22.03
N TRP B 585 -45.99 -23.74 -21.33
CA TRP B 585 -47.35 -24.05 -20.89
C TRP B 585 -47.34 -24.20 -19.38
N HIS B 586 -47.77 -23.15 -18.67
CA HIS B 586 -47.73 -23.06 -17.20
C HIS B 586 -46.36 -23.34 -16.61
N TYR B 587 -45.32 -22.94 -17.35
CA TYR B 587 -43.91 -22.97 -16.91
C TYR B 587 -43.45 -24.38 -16.55
N THR B 588 -43.85 -25.36 -17.35
CA THR B 588 -43.37 -26.73 -17.17
C THR B 588 -42.19 -27.03 -18.08
N SER B 589 -42.36 -26.89 -19.39
CA SER B 589 -41.33 -27.19 -20.37
C SER B 589 -41.11 -26.01 -21.29
N TYR B 590 -39.88 -25.82 -21.72
CA TYR B 590 -39.47 -24.64 -22.47
C TYR B 590 -39.13 -25.00 -23.90
N THR B 591 -39.29 -24.02 -24.80
CA THR B 591 -38.91 -24.18 -26.19
C THR B 591 -38.58 -22.81 -26.77
N ILE B 592 -37.86 -22.81 -27.88
CA ILE B 592 -37.42 -21.59 -28.56
C ILE B 592 -38.11 -21.51 -29.90
N VAL B 593 -38.70 -20.35 -30.21
CA VAL B 593 -39.57 -20.20 -31.37
C VAL B 593 -38.92 -19.34 -32.45
N GLY B 594 -38.49 -18.14 -32.10
CA GLY B 594 -37.94 -17.21 -33.07
C GLY B 594 -36.87 -16.33 -32.47
N ALA B 595 -36.64 -15.17 -33.07
CA ALA B 595 -35.63 -14.24 -32.58
C ALA B 595 -35.92 -12.85 -33.10
N LEU B 596 -35.17 -11.88 -32.58
CA LEU B 596 -35.18 -10.49 -33.05
C LEU B 596 -33.75 -10.04 -33.25
N TYR B 597 -33.42 -9.61 -34.47
CA TYR B 597 -32.05 -9.30 -34.84
C TYR B 597 -31.85 -7.79 -34.89
N VAL B 598 -30.71 -7.33 -34.39
CA VAL B 598 -30.50 -5.89 -34.23
C VAL B 598 -29.03 -5.56 -34.48
N THR B 599 -28.79 -4.52 -35.28
CA THR B 599 -27.47 -3.94 -35.46
C THR B 599 -27.45 -2.54 -34.86
N TRP B 600 -26.27 -1.94 -34.79
CA TRP B 600 -26.12 -0.57 -34.29
C TRP B 600 -24.74 -0.05 -34.67
N SER B 601 -24.44 1.14 -34.17
CA SER B 601 -23.15 1.82 -34.19
C SER B 601 -23.24 2.97 -33.22
N GLU B 602 -22.12 3.34 -32.63
CA GLU B 602 -22.16 4.34 -31.57
C GLU B 602 -22.21 5.75 -32.12
N GLY B 603 -22.86 6.63 -31.38
CA GLY B 603 -23.01 8.01 -31.80
C GLY B 603 -23.79 8.79 -30.77
N ASN B 604 -24.22 9.99 -31.15
CA ASN B 604 -25.05 10.82 -30.30
C ASN B 604 -26.14 11.51 -31.12
N SER B 605 -26.78 10.78 -32.02
CA SER B 605 -27.79 11.36 -32.90
C SER B 605 -29.21 10.89 -32.60
N ILE B 606 -29.41 9.60 -32.40
CA ILE B 606 -30.74 9.02 -32.24
C ILE B 606 -30.93 8.65 -30.78
N THR B 607 -32.09 9.00 -30.22
CA THR B 607 -32.34 8.88 -28.79
C THR B 607 -33.70 8.22 -28.55
N GLY B 608 -33.74 7.24 -27.65
CA GLY B 608 -35.01 6.66 -27.25
C GLY B 608 -35.82 7.60 -26.37
N VAL B 609 -37.13 7.43 -26.39
CA VAL B 609 -38.07 8.27 -25.66
C VAL B 609 -39.11 7.38 -25.01
N PRO B 610 -39.53 7.63 -23.76
CA PRO B 610 -40.57 6.78 -23.14
C PRO B 610 -41.90 6.78 -23.86
N TYR B 611 -42.45 7.93 -24.20
CA TYR B 611 -43.76 7.92 -24.84
C TYR B 611 -43.95 9.15 -25.72
N PRO B 612 -44.63 9.00 -26.87
CA PRO B 612 -44.66 10.07 -27.88
C PRO B 612 -45.53 11.26 -27.52
N VAL B 613 -44.95 12.23 -26.81
CA VAL B 613 -45.64 13.49 -26.55
C VAL B 613 -45.81 14.24 -27.87
N SER B 614 -47.04 14.63 -28.18
CA SER B 614 -47.34 15.31 -29.43
C SER B 614 -47.77 16.74 -29.17
N GLY B 615 -47.27 17.66 -30.00
CA GLY B 615 -47.55 19.07 -29.91
C GLY B 615 -46.36 19.92 -29.52
N ILE B 616 -45.36 19.31 -28.88
CA ILE B 616 -44.21 20.05 -28.40
C ILE B 616 -43.19 20.19 -29.53
N ARG B 617 -42.67 21.41 -29.72
CA ARG B 617 -41.70 21.72 -30.75
C ARG B 617 -40.27 21.38 -30.34
N GLU B 618 -39.99 21.27 -29.05
CA GLU B 618 -38.64 20.95 -28.58
C GLU B 618 -38.73 20.27 -27.22
N PHE B 619 -38.35 18.99 -27.17
CA PHE B 619 -38.65 18.11 -26.04
C PHE B 619 -37.71 18.37 -24.87
N SER B 620 -38.27 18.80 -23.73
CA SER B 620 -37.52 18.91 -22.49
C SER B 620 -38.49 18.81 -21.32
N ASN B 621 -37.95 18.67 -20.13
CA ASN B 621 -38.76 18.47 -18.93
C ASN B 621 -37.93 18.84 -17.72
N LEU B 622 -38.60 19.35 -16.69
CA LEU B 622 -37.90 19.78 -15.49
C LEU B 622 -38.85 19.77 -14.30
N VAL B 623 -38.48 19.08 -13.23
CA VAL B 623 -39.32 18.87 -12.06
C VAL B 623 -38.55 19.34 -10.83
N LEU B 624 -39.08 20.32 -10.12
CA LEU B 624 -38.38 20.99 -9.05
C LEU B 624 -38.80 20.47 -7.68
N ASN B 625 -37.97 20.79 -6.69
CA ASN B 625 -38.28 20.80 -5.25
C ASN B 625 -38.43 19.46 -4.54
N ASN B 626 -38.41 18.32 -5.25
CA ASN B 626 -38.21 17.03 -4.59
C ASN B 626 -37.60 16.02 -5.54
N CYS B 627 -37.25 14.85 -4.98
CA CYS B 627 -36.19 14.00 -5.52
C CYS B 627 -36.59 13.41 -6.86
N THR B 628 -35.72 13.58 -7.86
CA THR B 628 -35.94 13.11 -9.22
C THR B 628 -34.79 12.19 -9.63
N LYS B 629 -34.78 11.84 -10.91
CA LYS B 629 -33.74 11.01 -11.51
C LYS B 629 -33.33 11.70 -12.80
N TYR B 630 -32.35 12.58 -12.73
CA TYR B 630 -32.09 13.51 -13.80
C TYR B 630 -31.21 12.90 -14.87
N ASN B 631 -31.28 13.50 -16.06
CA ASN B 631 -30.38 13.21 -17.18
C ASN B 631 -30.09 14.58 -17.81
N ILE B 632 -29.06 15.25 -17.32
CA ILE B 632 -28.78 16.64 -17.65
C ILE B 632 -27.40 16.72 -18.29
N TYR B 633 -27.37 16.97 -19.59
CA TYR B 633 -26.15 17.06 -20.40
C TYR B 633 -25.27 15.82 -20.23
N ASP B 634 -25.90 14.66 -20.28
CA ASP B 634 -25.28 13.33 -20.18
C ASP B 634 -24.59 13.12 -18.83
N TYR B 635 -25.18 13.67 -17.77
CA TYR B 635 -24.86 13.32 -16.39
C TYR B 635 -26.09 12.71 -15.76
N VAL B 636 -25.95 11.55 -15.14
CA VAL B 636 -27.08 10.78 -14.64
C VAL B 636 -26.93 10.58 -13.14
N GLY B 637 -27.97 10.90 -12.39
CA GLY B 637 -27.96 10.71 -10.94
C GLY B 637 -29.31 10.95 -10.30
N THR B 638 -29.33 11.30 -9.01
CA THR B 638 -30.53 11.67 -8.29
C THR B 638 -30.27 12.93 -7.47
N GLY B 639 -31.34 13.55 -6.99
CA GLY B 639 -31.20 14.70 -6.13
C GLY B 639 -32.40 15.63 -6.26
N ILE B 640 -32.32 16.74 -5.52
CA ILE B 640 -33.35 17.77 -5.52
C ILE B 640 -32.82 18.98 -6.26
N ILE B 641 -33.62 19.51 -7.18
CA ILE B 641 -33.23 20.65 -8.02
C ILE B 641 -33.98 21.88 -7.53
N ARG B 642 -33.25 22.92 -7.17
CA ARG B 642 -33.82 24.19 -6.75
C ARG B 642 -33.31 25.31 -7.64
N SER B 643 -33.93 26.47 -7.51
CA SER B 643 -33.55 27.64 -8.30
C SER B 643 -32.94 28.71 -7.40
N SER B 644 -32.05 29.50 -7.97
CA SER B 644 -31.34 30.51 -7.22
C SER B 644 -31.05 31.69 -8.13
N ASN B 645 -30.13 32.56 -7.71
CA ASN B 645 -29.76 33.73 -8.50
C ASN B 645 -28.32 34.14 -8.15
N GLN B 646 -27.41 33.85 -9.05
CA GLN B 646 -26.04 34.34 -8.94
C GLN B 646 -25.59 34.86 -10.29
N SER B 647 -24.64 35.79 -10.26
CA SER B 647 -24.15 36.42 -11.49
C SER B 647 -22.81 35.80 -11.87
N LEU B 648 -22.87 34.62 -12.46
CA LEU B 648 -21.67 33.92 -12.92
C LEU B 648 -21.74 33.76 -14.43
N ALA B 649 -20.84 34.46 -15.13
CA ALA B 649 -20.65 34.24 -16.56
C ALA B 649 -19.61 33.15 -16.78
N GLY B 650 -19.80 32.39 -17.85
CA GLY B 650 -18.90 31.29 -18.12
C GLY B 650 -19.60 30.02 -18.56
N GLY B 651 -19.27 28.91 -17.90
CA GLY B 651 -19.73 27.62 -18.34
C GLY B 651 -21.22 27.39 -18.10
N ILE B 652 -21.69 26.24 -18.57
CA ILE B 652 -23.06 25.82 -18.37
C ILE B 652 -23.14 24.52 -17.58
N THR B 653 -22.05 24.14 -16.93
CA THR B 653 -22.03 22.90 -16.12
C THR B 653 -20.93 23.04 -15.08
N TYR B 654 -21.29 22.89 -13.81
CA TYR B 654 -20.35 23.05 -12.71
C TYR B 654 -20.22 21.71 -12.00
N VAL B 655 -19.03 21.11 -12.05
CA VAL B 655 -18.82 19.81 -11.43
C VAL B 655 -17.74 19.94 -10.37
N SER B 656 -17.72 18.96 -9.48
CA SER B 656 -16.66 18.83 -8.50
C SER B 656 -15.53 18.02 -9.11
N ASN B 657 -14.55 17.62 -8.29
CA ASN B 657 -13.47 16.77 -8.76
C ASN B 657 -13.72 15.30 -8.46
N SER B 658 -14.98 14.88 -8.47
CA SER B 658 -15.31 13.47 -8.39
C SER B 658 -16.39 13.08 -9.39
N GLY B 659 -16.76 13.98 -10.28
CA GLY B 659 -17.65 13.63 -11.37
C GLY B 659 -19.13 13.83 -11.13
N ASN B 660 -19.52 14.52 -10.08
CA ASN B 660 -20.92 14.78 -9.80
C ASN B 660 -21.26 16.20 -10.17
N LEU B 661 -22.54 16.44 -10.50
CA LEU B 661 -22.99 17.80 -10.70
C LEU B 661 -23.11 18.55 -9.38
N LEU B 662 -22.96 19.86 -9.49
CA LEU B 662 -23.34 20.76 -8.43
C LEU B 662 -24.29 21.84 -8.90
N GLY B 663 -24.31 22.17 -10.19
CA GLY B 663 -25.24 23.15 -10.69
C GLY B 663 -25.07 23.40 -12.16
N PHE B 664 -26.18 23.61 -12.88
CA PHE B 664 -26.10 23.87 -14.31
C PHE B 664 -26.74 25.21 -14.60
N LYS B 665 -26.91 25.55 -15.88
CA LYS B 665 -27.44 26.86 -16.23
C LYS B 665 -28.27 26.73 -17.49
N ASN B 666 -29.45 27.34 -17.49
CA ASN B 666 -30.26 27.37 -18.68
C ASN B 666 -29.60 28.25 -19.72
N VAL B 667 -29.80 27.91 -20.99
CA VAL B 667 -29.06 28.55 -22.07
C VAL B 667 -29.59 29.95 -22.34
N SER B 668 -30.88 30.05 -22.66
CA SER B 668 -31.49 31.28 -23.14
C SER B 668 -31.85 32.27 -22.03
N THR B 669 -31.31 32.09 -20.84
CA THR B 669 -31.41 33.07 -19.77
C THR B 669 -30.14 32.98 -18.94
N GLY B 670 -30.14 33.61 -17.78
CA GLY B 670 -28.95 33.61 -16.95
C GLY B 670 -29.15 32.95 -15.60
N ASN B 671 -30.30 32.34 -15.37
CA ASN B 671 -30.55 31.70 -14.09
C ASN B 671 -29.79 30.39 -14.00
N ILE B 672 -29.34 30.07 -12.79
CA ILE B 672 -28.68 28.80 -12.53
C ILE B 672 -29.58 27.96 -11.66
N PHE B 673 -29.16 26.73 -11.41
CA PHE B 673 -29.93 25.83 -10.57
C PHE B 673 -28.97 25.07 -9.67
N ILE B 674 -29.47 24.52 -8.58
CA ILE B 674 -28.66 23.87 -7.56
C ILE B 674 -29.13 22.43 -7.43
N VAL B 675 -28.20 21.49 -7.36
CA VAL B 675 -28.52 20.06 -7.26
C VAL B 675 -27.83 19.51 -6.02
N THR B 676 -28.63 19.05 -5.05
CA THR B 676 -28.12 18.44 -3.83
C THR B 676 -28.74 17.06 -3.64
N PRO B 677 -28.01 16.10 -3.09
CA PRO B 677 -28.60 14.79 -2.80
C PRO B 677 -29.56 14.88 -1.63
N CYS B 678 -30.48 13.93 -1.57
CA CYS B 678 -31.56 13.97 -0.60
C CYS B 678 -31.51 12.80 0.39
N ASN B 679 -30.30 12.43 0.82
CA ASN B 679 -30.08 11.45 1.87
C ASN B 679 -28.78 11.77 2.56
N GLN B 680 -28.84 12.28 3.79
CA GLN B 680 -27.66 12.74 4.48
C GLN B 680 -27.33 11.79 5.63
N PRO B 681 -26.09 11.28 5.70
CA PRO B 681 -25.74 10.35 6.78
C PRO B 681 -25.63 11.04 8.13
N ASP B 682 -25.69 10.22 9.19
CA ASP B 682 -25.79 10.74 10.55
C ASP B 682 -24.79 10.09 11.50
N GLN B 683 -24.95 10.34 12.80
CA GLN B 683 -24.19 9.66 13.85
C GLN B 683 -25.15 9.33 14.96
N VAL B 684 -25.26 8.07 15.34
CA VAL B 684 -26.24 7.63 16.34
C VAL B 684 -25.48 7.03 17.51
N ALA B 685 -25.89 7.39 18.73
CA ALA B 685 -25.31 6.88 19.96
C ALA B 685 -26.20 5.80 20.55
N VAL B 686 -25.62 4.66 20.91
CA VAL B 686 -26.36 3.51 21.38
C VAL B 686 -25.86 3.17 22.78
N TYR B 687 -26.79 2.99 23.72
CA TYR B 687 -26.44 2.72 25.10
C TYR B 687 -27.59 2.01 25.78
N GLN B 688 -27.26 0.96 26.55
CA GLN B 688 -28.22 0.11 27.28
C GLN B 688 -29.28 -0.49 26.36
N GLN B 689 -28.87 -0.90 25.16
CA GLN B 689 -29.73 -1.49 24.12
C GLN B 689 -30.87 -0.54 23.72
N SER B 690 -30.53 0.75 23.59
CA SER B 690 -31.51 1.74 23.14
C SER B 690 -30.76 2.92 22.53
N ILE B 691 -31.51 3.80 21.87
CA ILE B 691 -30.94 4.97 21.20
C ILE B 691 -31.05 6.17 22.12
N ILE B 692 -29.93 6.88 22.30
CA ILE B 692 -29.87 8.02 23.20
C ILE B 692 -30.00 9.34 22.46
N GLY B 693 -29.10 9.61 21.52
CA GLY B 693 -29.11 10.86 20.80
C GLY B 693 -28.51 10.71 19.42
N ALA B 694 -28.58 11.78 18.64
CA ALA B 694 -28.10 11.78 17.28
C ALA B 694 -27.32 13.06 17.00
N MET B 695 -26.47 13.01 15.97
CA MET B 695 -25.71 14.16 15.49
C MET B 695 -26.14 14.40 14.07
N THR B 696 -27.21 15.16 13.87
CA THR B 696 -27.73 15.34 12.54
C THR B 696 -27.19 16.61 11.90
N ALA B 697 -27.58 16.83 10.65
CA ALA B 697 -27.30 18.08 9.95
C ALA B 697 -28.56 18.67 9.31
N VAL B 698 -29.74 18.23 9.73
CA VAL B 698 -31.01 18.68 9.18
C VAL B 698 -31.88 19.19 10.33
N ASN B 699 -32.37 20.41 10.20
CA ASN B 699 -33.16 21.06 11.24
C ASN B 699 -34.59 20.50 11.28
N GLU B 700 -34.72 19.31 11.85
CA GLU B 700 -36.02 18.72 12.12
C GLU B 700 -35.86 17.64 13.19
N SER B 701 -36.99 17.11 13.64
CA SER B 701 -36.96 16.01 14.60
C SER B 701 -36.66 14.70 13.86
N ARG B 702 -36.23 13.70 14.62
CA ARG B 702 -35.69 12.47 14.06
C ARG B 702 -36.20 11.26 14.81
N TYR B 703 -35.46 10.16 14.78
CA TYR B 703 -35.97 8.84 15.12
C TYR B 703 -36.36 8.71 16.58
N GLY B 704 -37.63 8.98 16.87
CA GLY B 704 -38.16 8.88 18.21
C GLY B 704 -37.83 10.02 19.13
N LEU B 705 -36.94 10.92 18.74
CA LEU B 705 -36.42 11.94 19.63
C LEU B 705 -37.10 13.28 19.33
N GLN B 706 -37.21 14.12 20.36
CA GLN B 706 -38.03 15.32 20.24
C GLN B 706 -37.25 16.63 20.39
N ASN B 707 -36.50 16.80 21.47
CA ASN B 707 -35.88 18.10 21.73
C ASN B 707 -34.68 18.32 20.80
N LEU B 708 -34.22 19.56 20.74
CA LEU B 708 -33.29 19.97 19.68
C LEU B 708 -32.46 21.15 20.14
N LEU B 709 -31.16 20.93 20.35
CA LEU B 709 -30.23 22.02 20.62
C LEU B 709 -29.69 22.57 19.31
N GLN B 710 -28.66 23.40 19.39
CA GLN B 710 -28.00 23.92 18.20
C GLN B 710 -26.56 24.23 18.55
N LEU B 711 -25.67 23.33 18.21
CA LEU B 711 -24.24 23.39 18.48
C LEU B 711 -23.54 24.09 17.32
N PRO B 712 -22.32 24.63 17.53
CA PRO B 712 -21.71 25.49 16.50
C PRO B 712 -21.40 24.85 15.15
N ASN B 713 -21.42 23.52 15.00
CA ASN B 713 -21.30 23.00 13.64
C ASN B 713 -22.15 21.77 13.34
N PHE B 714 -23.27 21.56 14.04
CA PHE B 714 -24.27 20.56 13.71
C PHE B 714 -25.52 20.85 14.54
N TYR B 715 -26.53 20.03 14.38
CA TYR B 715 -27.70 20.04 15.25
C TYR B 715 -27.68 18.79 16.09
N TYR B 716 -28.04 18.90 17.37
CA TYR B 716 -28.06 17.78 18.28
C TYR B 716 -29.49 17.52 18.72
N VAL B 717 -29.94 16.28 18.60
CA VAL B 717 -31.32 15.93 18.85
C VAL B 717 -31.36 14.86 19.93
N SER B 718 -31.99 15.15 21.05
CA SER B 718 -32.17 14.18 22.12
C SER B 718 -33.52 14.44 22.78
N ASN B 719 -33.79 13.73 23.87
CA ASN B 719 -34.99 14.01 24.66
C ASN B 719 -34.77 13.88 26.16
N GLY B 720 -33.53 13.98 26.63
CA GLY B 720 -33.25 13.82 28.03
C GLY B 720 -33.56 15.08 28.82
N GLY B 721 -33.22 15.02 30.10
CA GLY B 721 -33.34 16.17 30.98
C GLY B 721 -32.19 17.13 30.82
N ASN B 722 -31.93 17.89 31.89
CA ASN B 722 -30.84 18.85 31.89
C ASN B 722 -30.11 18.87 33.22
N ASN B 723 -30.16 17.76 33.95
CA ASN B 723 -29.60 17.69 35.31
C ASN B 723 -28.92 16.34 35.43
N CYS B 724 -27.64 16.27 35.04
CA CYS B 724 -27.10 14.92 34.85
C CYS B 724 -25.76 14.67 35.53
N THR B 725 -24.84 15.65 35.50
CA THR B 725 -23.69 15.82 36.39
C THR B 725 -22.58 14.78 36.18
N THR B 726 -22.83 13.73 35.39
CA THR B 726 -21.79 12.73 35.17
C THR B 726 -21.96 12.08 33.80
N ALA B 727 -20.85 11.67 33.22
CA ALA B 727 -20.80 11.30 31.81
C ALA B 727 -20.50 9.82 31.65
N VAL B 728 -21.01 9.24 30.56
CA VAL B 728 -20.80 7.84 30.27
C VAL B 728 -20.13 7.59 28.92
N MET B 729 -20.28 8.49 27.94
CA MET B 729 -19.59 8.38 26.67
C MET B 729 -18.95 9.72 26.35
N THR B 730 -18.03 9.72 25.40
CA THR B 730 -17.33 10.94 25.01
C THR B 730 -17.38 11.16 23.50
N TYR B 731 -17.07 12.39 23.12
CA TYR B 731 -16.97 12.83 21.74
C TYR B 731 -15.75 13.74 21.74
N SER B 732 -15.65 14.62 20.74
CA SER B 732 -14.55 15.58 20.65
C SER B 732 -14.44 16.45 21.90
N ASN B 733 -15.46 17.25 22.18
CA ASN B 733 -15.31 18.26 23.22
C ASN B 733 -16.49 18.29 24.18
N PHE B 734 -17.18 17.17 24.36
CA PHE B 734 -18.21 17.07 25.39
C PHE B 734 -18.36 15.61 25.78
N GLY B 735 -19.34 15.34 26.64
CA GLY B 735 -19.63 13.99 27.07
C GLY B 735 -21.12 13.75 27.15
N ILE B 736 -21.61 12.75 26.41
CA ILE B 736 -23.04 12.44 26.42
C ILE B 736 -23.33 11.70 27.71
N CYS B 737 -24.29 12.19 28.47
CA CYS B 737 -24.50 11.63 29.79
C CYS B 737 -25.53 10.50 29.70
N ALA B 738 -26.07 10.09 30.84
CA ALA B 738 -26.81 8.85 30.93
C ALA B 738 -28.18 8.87 30.26
N ASP B 739 -28.81 10.04 30.13
CA ASP B 739 -30.15 10.09 29.54
C ASP B 739 -30.24 10.96 28.30
N GLY B 740 -29.15 11.59 27.86
CA GLY B 740 -29.21 12.31 26.61
C GLY B 740 -28.63 13.71 26.61
N SER B 741 -28.54 14.32 27.78
CA SER B 741 -28.08 15.69 27.88
C SER B 741 -26.58 15.78 27.61
N LEU B 742 -26.12 17.00 27.38
CA LEU B 742 -24.72 17.29 27.09
C LEU B 742 -24.06 17.89 28.32
N ILE B 743 -22.81 17.48 28.55
CA ILE B 743 -21.98 18.04 29.61
C ILE B 743 -20.65 18.45 29.00
N PRO B 744 -20.24 19.71 29.09
CA PRO B 744 -18.93 20.10 28.58
C PRO B 744 -17.82 19.59 29.49
N VAL B 745 -16.64 19.44 28.90
CA VAL B 745 -15.50 18.85 29.59
C VAL B 745 -14.64 19.96 30.17
N ARG B 746 -14.38 19.88 31.46
CA ARG B 746 -13.58 20.80 32.27
C ARG B 746 -12.12 20.33 32.32
N PRO B 747 -11.16 21.25 32.38
CA PRO B 747 -9.76 20.85 32.47
C PRO B 747 -9.37 20.45 33.88
N ARG B 748 -8.23 19.78 33.97
CA ARG B 748 -7.71 19.30 35.24
C ARG B 748 -7.09 20.44 36.03
N ASN B 749 -7.42 20.52 37.32
CA ASN B 749 -6.77 21.50 38.17
C ASN B 749 -5.40 21.00 38.59
N SER B 750 -4.48 21.94 38.80
CA SER B 750 -3.13 21.62 39.25
C SER B 750 -2.51 22.88 39.85
N SER B 751 -1.89 22.72 41.02
CA SER B 751 -1.26 23.81 41.74
C SER B 751 0.26 23.62 41.77
N ASP B 752 0.99 24.73 41.78
CA ASP B 752 2.45 24.65 41.73
C ASP B 752 3.04 25.90 42.35
N ASN B 753 4.21 25.74 42.95
CA ASN B 753 5.03 26.86 43.41
C ASN B 753 6.34 26.88 42.64
N GLY B 754 6.87 28.09 42.47
CA GLY B 754 8.02 28.31 41.62
C GLY B 754 9.34 28.17 42.32
N ILE B 755 10.38 28.66 41.66
CA ILE B 755 11.74 28.62 42.18
C ILE B 755 11.90 29.71 43.24
N SER B 756 12.38 29.33 44.43
CA SER B 756 12.61 30.31 45.48
C SER B 756 13.80 31.18 45.14
N ALA B 757 13.76 32.42 45.60
CA ALA B 757 14.73 33.42 45.18
C ALA B 757 15.37 34.08 46.39
N ILE B 758 16.50 34.73 46.13
CA ILE B 758 17.28 35.39 47.17
C ILE B 758 16.59 36.70 47.52
N ILE B 759 16.05 36.78 48.74
CA ILE B 759 15.21 37.91 49.13
C ILE B 759 15.23 37.96 50.65
N THR B 760 14.81 39.08 51.22
CA THR B 760 14.63 39.22 52.66
C THR B 760 13.13 39.23 52.93
N ALA B 761 12.56 38.04 53.10
CA ALA B 761 11.12 37.91 53.25
C ALA B 761 10.83 36.62 54.02
N ASN B 762 9.57 36.17 53.95
CA ASN B 762 9.18 34.90 54.53
C ASN B 762 9.06 33.83 53.46
N LEU B 763 9.63 32.67 53.73
CA LEU B 763 9.68 31.61 52.74
C LEU B 763 8.92 30.38 53.25
N SER B 764 8.83 29.38 52.38
CA SER B 764 8.06 28.16 52.65
C SER B 764 8.90 26.96 52.25
N ILE B 765 9.43 26.25 53.23
CA ILE B 765 10.34 25.14 53.03
C ILE B 765 9.66 23.86 53.51
N PRO B 766 9.60 22.80 52.71
CA PRO B 766 8.90 21.58 53.13
C PRO B 766 9.62 20.84 54.23
N SER B 767 8.86 20.30 55.19
CA SER B 767 9.46 19.59 56.31
C SER B 767 9.10 18.10 56.33
N ASN B 768 7.83 17.74 56.35
CA ASN B 768 7.47 16.32 56.38
C ASN B 768 7.30 15.77 54.98
N TRP B 769 7.38 14.45 54.88
CA TRP B 769 7.41 13.81 53.57
C TRP B 769 6.58 12.54 53.58
N THR B 770 6.22 12.07 52.40
CA THR B 770 5.58 10.78 52.21
C THR B 770 5.96 10.26 50.84
N THR B 771 5.62 9.02 50.55
CA THR B 771 5.98 8.39 49.29
C THR B 771 4.76 7.95 48.51
N SER B 772 4.98 7.68 47.23
CA SER B 772 3.97 7.15 46.33
C SER B 772 4.68 6.45 45.19
N VAL B 773 3.98 5.51 44.57
CA VAL B 773 4.56 4.63 43.56
C VAL B 773 3.80 4.81 42.27
N GLN B 774 4.51 4.99 41.16
CA GLN B 774 3.92 5.24 39.85
C GLN B 774 4.39 4.16 38.87
N VAL B 775 3.58 3.91 37.85
CA VAL B 775 3.72 2.77 36.96
C VAL B 775 3.87 3.27 35.53
N GLU B 776 4.70 2.59 34.73
CA GLU B 776 4.86 2.93 33.32
C GLU B 776 5.18 1.70 32.51
N TYR B 777 4.55 1.57 31.34
CA TYR B 777 4.73 0.44 30.45
C TYR B 777 5.47 0.84 29.18
N LEU B 778 6.34 -0.05 28.70
CA LEU B 778 7.01 0.08 27.42
C LEU B 778 6.94 -1.24 26.68
N GLN B 779 7.32 -1.22 25.41
CA GLN B 779 7.33 -2.40 24.55
C GLN B 779 8.74 -2.60 24.01
N ILE B 780 9.23 -3.84 24.00
CA ILE B 780 10.57 -4.11 23.51
C ILE B 780 10.63 -5.13 22.39
N THR B 781 9.54 -5.84 22.08
CA THR B 781 9.60 -6.87 21.04
C THR B 781 8.23 -7.03 20.40
N SER B 782 8.18 -7.91 19.41
CA SER B 782 6.96 -8.23 18.69
C SER B 782 6.99 -9.71 18.35
N THR B 783 6.10 -10.13 17.46
CA THR B 783 5.91 -11.55 17.20
C THR B 783 6.38 -11.91 15.80
N PRO B 784 7.37 -12.77 15.66
CA PRO B 784 7.93 -13.08 14.33
C PRO B 784 6.99 -13.96 13.52
N ILE B 785 6.78 -13.57 12.26
CA ILE B 785 5.90 -14.28 11.34
C ILE B 785 6.73 -14.77 10.17
N VAL B 786 6.57 -16.04 9.81
CA VAL B 786 7.17 -16.60 8.60
C VAL B 786 6.06 -17.23 7.78
N VAL B 787 5.92 -16.80 6.54
CA VAL B 787 4.82 -17.21 5.67
C VAL B 787 5.38 -18.12 4.58
N ASP B 788 4.69 -19.22 4.31
CA ASP B 788 5.01 -20.03 3.16
C ASP B 788 4.29 -19.49 1.93
N CYS B 789 4.93 -19.59 0.77
CA CYS B 789 4.42 -18.97 -0.44
C CYS B 789 3.36 -19.82 -1.12
N ALA B 790 3.75 -21.02 -1.54
CA ALA B 790 2.95 -21.82 -2.44
C ALA B 790 1.75 -22.41 -1.74
N THR B 791 1.81 -22.60 -0.42
CA THR B 791 0.65 -23.05 0.31
C THR B 791 -0.40 -21.96 0.40
N TYR B 792 0.04 -20.71 0.55
CA TYR B 792 -0.92 -19.62 0.66
C TYR B 792 -1.56 -19.31 -0.68
N VAL B 793 -0.77 -19.32 -1.75
CA VAL B 793 -1.32 -18.95 -3.06
C VAL B 793 -2.19 -20.06 -3.61
N CYS B 794 -1.62 -21.26 -3.79
CA CYS B 794 -2.34 -22.38 -4.39
C CYS B 794 -2.21 -23.60 -3.49
N ASN B 795 -3.20 -23.80 -2.63
CA ASN B 795 -3.11 -24.77 -1.56
C ASN B 795 -3.15 -26.21 -2.03
N GLY B 796 -1.97 -26.80 -2.15
CA GLY B 796 -1.84 -28.21 -2.35
C GLY B 796 -2.15 -28.72 -3.74
N ASN B 797 -2.42 -27.85 -4.69
CA ASN B 797 -2.77 -28.30 -6.03
C ASN B 797 -1.52 -28.36 -6.88
N PRO B 798 -1.16 -29.51 -7.45
CA PRO B 798 0.04 -29.58 -8.28
C PRO B 798 -0.09 -29.01 -9.69
N ARG B 799 -1.13 -28.23 -9.99
CA ARG B 799 -1.17 -27.52 -11.26
C ARG B 799 -0.77 -26.07 -11.12
N CYS B 800 -0.96 -25.47 -9.96
CA CYS B 800 -0.40 -24.15 -9.71
C CYS B 800 1.11 -24.18 -9.58
N LYS B 801 1.68 -25.33 -9.25
CA LYS B 801 3.13 -25.42 -9.15
C LYS B 801 3.80 -25.30 -10.50
N ASN B 802 3.09 -25.58 -11.59
CA ASN B 802 3.62 -25.25 -12.90
C ASN B 802 3.47 -23.76 -13.19
N LEU B 803 2.35 -23.17 -12.78
CA LEU B 803 2.12 -21.78 -13.15
C LEU B 803 2.87 -20.80 -12.27
N LEU B 804 3.32 -21.19 -11.09
CA LEU B 804 4.11 -20.27 -10.29
C LEU B 804 5.58 -20.24 -10.67
N LYS B 805 6.01 -21.05 -11.64
CA LYS B 805 7.40 -21.01 -12.06
C LYS B 805 7.75 -19.72 -12.76
N GLN B 806 6.77 -19.03 -13.34
CA GLN B 806 7.02 -17.75 -14.00
C GLN B 806 7.03 -16.58 -13.03
N TYR B 807 6.83 -16.85 -11.74
CA TYR B 807 6.83 -15.81 -10.71
C TYR B 807 7.78 -16.17 -9.57
N THR B 808 8.81 -16.95 -9.87
CA THR B 808 9.70 -17.47 -8.83
C THR B 808 10.52 -16.36 -8.20
N SER B 809 11.04 -15.46 -9.03
CA SER B 809 11.69 -14.25 -8.56
C SER B 809 10.74 -13.31 -7.86
N ALA B 810 9.43 -13.47 -8.04
CA ALA B 810 8.45 -12.64 -7.38
C ALA B 810 8.02 -13.18 -6.02
N CYS B 811 8.47 -14.39 -5.65
CA CYS B 811 8.13 -14.90 -4.32
C CYS B 811 9.34 -15.40 -3.54
N LYS B 812 10.54 -15.39 -4.12
CA LYS B 812 11.71 -15.59 -3.27
C LYS B 812 11.92 -14.38 -2.37
N THR B 813 11.75 -13.19 -2.94
CA THR B 813 11.95 -11.95 -2.24
C THR B 813 10.91 -11.69 -1.15
N ILE B 814 9.81 -12.42 -1.13
CA ILE B 814 8.87 -12.29 -0.03
C ILE B 814 9.37 -13.03 1.20
N GLU B 815 9.86 -14.25 1.02
CA GLU B 815 10.31 -15.04 2.15
C GLU B 815 11.63 -14.52 2.70
N ASP B 816 12.49 -13.99 1.85
CA ASP B 816 13.77 -13.46 2.35
C ASP B 816 13.57 -12.22 3.20
N ALA B 817 12.59 -11.39 2.84
CA ALA B 817 12.31 -10.16 3.58
C ALA B 817 11.75 -10.43 4.97
N LEU B 818 11.17 -11.61 5.20
CA LEU B 818 10.72 -11.95 6.54
C LEU B 818 11.79 -12.67 7.35
N ARG B 819 12.50 -13.61 6.72
CA ARG B 819 13.52 -14.34 7.46
C ARG B 819 14.75 -13.50 7.76
N LEU B 820 14.91 -12.34 7.12
CA LEU B 820 16.00 -11.46 7.52
C LEU B 820 15.63 -10.64 8.75
N SER B 821 14.42 -10.09 8.77
CA SER B 821 14.00 -9.24 9.88
C SER B 821 13.79 -10.04 11.16
N ALA B 822 13.34 -11.29 11.02
CA ALA B 822 13.18 -12.14 12.20
C ALA B 822 14.51 -12.49 12.86
N HIS B 823 15.61 -12.41 12.12
CA HIS B 823 16.94 -12.60 12.68
C HIS B 823 17.51 -11.30 13.24
N LEU B 824 17.25 -10.18 12.57
CA LEU B 824 17.71 -8.90 13.07
C LEU B 824 17.02 -8.50 14.37
N GLU B 825 15.80 -8.94 14.62
CA GLU B 825 15.20 -8.71 15.93
C GLU B 825 15.88 -9.57 16.99
N THR B 826 16.20 -10.81 16.63
CA THR B 826 16.74 -11.76 17.60
C THR B 826 18.10 -11.33 18.12
N ASN B 827 18.95 -10.82 17.22
CA ASN B 827 20.28 -10.35 17.66
C ASN B 827 20.19 -9.18 18.62
N ASP B 828 19.29 -8.24 18.35
CA ASP B 828 19.19 -7.06 19.19
C ASP B 828 18.53 -7.38 20.52
N VAL B 829 17.59 -8.32 20.56
CA VAL B 829 16.98 -8.67 21.84
C VAL B 829 17.95 -9.47 22.69
N SER B 830 18.70 -10.39 22.10
CA SER B 830 19.69 -11.12 22.89
C SER B 830 20.91 -10.29 23.22
N SER B 831 21.10 -9.13 22.61
CA SER B 831 22.20 -8.27 23.03
C SER B 831 21.97 -7.62 24.38
N MET B 832 20.73 -7.42 24.81
CA MET B 832 20.50 -6.74 26.08
C MET B 832 20.59 -7.66 27.28
N LEU B 833 19.94 -8.80 27.23
CA LEU B 833 19.59 -9.58 28.41
C LEU B 833 20.84 -10.27 28.97
N THR B 834 21.50 -9.59 29.89
CA THR B 834 22.71 -10.11 30.51
C THR B 834 22.35 -10.98 31.70
N PHE B 835 23.35 -11.32 32.51
CA PHE B 835 23.16 -12.13 33.70
C PHE B 835 24.30 -11.86 34.67
N ASP B 836 23.97 -11.85 35.95
CA ASP B 836 24.96 -11.78 37.00
C ASP B 836 24.66 -12.88 38.00
N SER B 837 25.68 -13.30 38.74
CA SER B 837 25.51 -14.38 39.70
C SER B 837 25.59 -13.93 41.15
N ASN B 838 26.54 -13.06 41.49
CA ASN B 838 26.64 -12.58 42.86
C ASN B 838 25.54 -11.59 43.21
N ALA B 839 25.03 -10.86 42.23
CA ALA B 839 23.88 -10.01 42.47
C ALA B 839 22.59 -10.80 42.50
N PHE B 840 22.56 -11.96 41.82
CA PHE B 840 21.34 -12.75 41.76
C PHE B 840 21.08 -13.46 43.08
N SER B 841 22.13 -13.81 43.81
CA SER B 841 21.95 -14.52 45.06
C SER B 841 21.51 -13.61 46.19
N LEU B 842 21.62 -12.29 46.03
CA LEU B 842 21.16 -11.35 47.02
C LEU B 842 19.74 -10.89 46.77
N ALA B 843 18.99 -11.59 45.93
CA ALA B 843 17.62 -11.19 45.58
C ALA B 843 16.59 -11.78 46.52
N ASN B 844 16.98 -12.05 47.75
CA ASN B 844 16.15 -12.82 48.66
C ASN B 844 15.47 -11.89 49.65
N VAL B 845 14.35 -12.37 50.20
CA VAL B 845 13.47 -11.51 50.99
C VAL B 845 14.02 -11.20 52.36
N THR B 846 15.09 -11.89 52.78
CA THR B 846 15.69 -11.64 54.08
C THR B 846 16.64 -10.47 54.07
N SER B 847 16.85 -9.83 52.91
CA SER B 847 17.84 -8.78 52.76
C SER B 847 17.19 -7.48 52.32
N PHE B 848 16.05 -7.12 52.91
CA PHE B 848 15.42 -5.87 52.57
C PHE B 848 14.82 -5.14 53.77
N GLY B 849 15.14 -5.56 54.99
CA GLY B 849 14.76 -4.76 56.14
C GLY B 849 13.27 -4.83 56.44
N ASP B 850 12.67 -3.67 56.69
CA ASP B 850 11.26 -3.60 57.04
C ASP B 850 10.37 -3.37 55.83
N TYR B 851 10.88 -3.46 54.62
CA TYR B 851 10.12 -3.13 53.43
C TYR B 851 9.62 -4.42 52.82
N ASN B 852 8.31 -4.65 52.88
CA ASN B 852 7.74 -5.87 52.35
C ASN B 852 7.73 -5.78 50.82
N LEU B 853 8.62 -6.53 50.20
CA LEU B 853 8.86 -6.49 48.76
C LEU B 853 8.66 -7.87 48.17
N SER B 854 7.88 -8.70 48.87
CA SER B 854 7.78 -10.11 48.57
C SER B 854 6.90 -10.41 47.37
N SER B 855 6.10 -9.47 46.91
CA SER B 855 5.25 -9.71 45.76
C SER B 855 5.93 -9.36 44.44
N VAL B 856 7.20 -9.00 44.48
CA VAL B 856 7.94 -8.59 43.30
C VAL B 856 9.07 -9.55 42.98
N LEU B 857 9.75 -10.08 44.01
CA LEU B 857 10.89 -10.96 43.84
C LEU B 857 10.48 -12.27 43.14
N PRO B 858 11.38 -12.85 42.34
CA PRO B 858 11.03 -14.07 41.62
C PRO B 858 10.94 -15.28 42.53
N GLN B 859 10.02 -16.19 42.19
CA GLN B 859 9.88 -17.42 42.94
C GLN B 859 10.96 -18.41 42.57
N ARG B 860 11.56 -19.03 43.60
CA ARG B 860 12.81 -19.75 43.41
C ARG B 860 12.59 -21.12 42.78
N ASN B 861 11.86 -22.00 43.45
CA ASN B 861 11.74 -23.39 43.05
C ASN B 861 10.31 -23.69 42.66
N ILE B 862 10.12 -24.14 41.42
CA ILE B 862 8.83 -24.64 40.97
C ILE B 862 8.82 -26.17 40.88
N ARG B 863 9.73 -26.83 41.61
CA ARG B 863 9.93 -28.28 41.61
C ARG B 863 10.18 -28.81 40.20
N SER B 864 11.05 -28.10 39.47
CA SER B 864 11.34 -28.44 38.09
C SER B 864 12.82 -28.14 37.83
N SER B 865 13.21 -28.20 36.56
CA SER B 865 14.57 -27.88 36.14
C SER B 865 14.65 -26.41 35.70
N ARG B 866 14.28 -25.53 36.62
CA ARG B 866 14.26 -24.11 36.38
C ARG B 866 14.95 -23.39 37.52
N ILE B 867 15.85 -22.46 37.17
CA ILE B 867 16.55 -21.69 38.19
C ILE B 867 15.59 -20.72 38.88
N ALA B 868 14.79 -20.01 38.09
CA ALA B 868 13.86 -19.05 38.67
C ALA B 868 12.65 -18.91 37.76
N GLY B 869 11.48 -18.90 38.36
CA GLY B 869 10.23 -18.75 37.64
C GLY B 869 9.71 -17.33 37.68
N ARG B 870 8.43 -17.17 37.35
CA ARG B 870 7.86 -15.84 37.30
C ARG B 870 7.54 -15.35 38.72
N SER B 871 7.28 -14.06 38.82
CA SER B 871 7.04 -13.42 40.09
C SER B 871 5.56 -13.50 40.47
N ALA B 872 5.21 -12.86 41.58
CA ALA B 872 3.83 -12.87 42.04
C ALA B 872 2.95 -11.85 41.34
N LEU B 873 3.55 -10.89 40.63
CA LEU B 873 2.79 -9.87 39.93
C LEU B 873 2.61 -10.17 38.46
N GLU B 874 3.56 -10.89 37.85
CA GLU B 874 3.49 -11.18 36.43
C GLU B 874 2.35 -12.12 36.08
N ASP B 875 2.03 -13.05 36.98
CA ASP B 875 0.92 -13.95 36.76
C ASP B 875 -0.41 -13.21 36.81
N LEU B 876 -0.49 -12.19 37.67
CA LEU B 876 -1.70 -11.38 37.74
C LEU B 876 -1.86 -10.51 36.50
N LEU B 877 -0.76 -10.19 35.82
CA LEU B 877 -0.86 -9.56 34.51
C LEU B 877 -1.30 -10.56 33.45
N PHE B 878 -0.64 -11.71 33.40
CA PHE B 878 -0.90 -12.70 32.36
C PHE B 878 -2.30 -13.31 32.45
N SER B 879 -2.92 -13.28 33.63
CA SER B 879 -4.28 -13.78 33.76
C SER B 879 -5.32 -12.90 33.06
N LYS B 880 -4.98 -11.67 32.71
CA LYS B 880 -5.95 -10.78 32.10
C LYS B 880 -6.05 -10.97 30.60
N VAL B 881 -4.92 -10.91 29.90
CA VAL B 881 -4.93 -10.67 28.47
C VAL B 881 -4.35 -11.81 27.65
N VAL B 882 -3.60 -12.73 28.26
CA VAL B 882 -2.93 -13.77 27.48
C VAL B 882 -3.92 -14.84 27.07
N THR B 883 -4.86 -15.18 27.95
CA THR B 883 -5.90 -16.14 27.62
C THR B 883 -6.87 -15.61 26.56
N SER B 884 -6.95 -14.29 26.39
CA SER B 884 -7.72 -13.68 25.33
C SER B 884 -6.91 -13.49 24.05
N GLY B 885 -5.64 -13.90 24.04
CA GLY B 885 -4.82 -13.77 22.85
C GLY B 885 -5.15 -14.81 21.80
N LEU B 886 -4.94 -16.09 22.15
CA LEU B 886 -5.44 -17.29 21.47
C LEU B 886 -4.77 -17.57 20.12
N GLY B 887 -3.99 -16.63 19.60
CA GLY B 887 -3.40 -16.84 18.29
C GLY B 887 -1.98 -16.34 18.17
N THR B 888 -1.41 -15.85 19.26
CA THR B 888 -0.07 -15.28 19.25
C THR B 888 0.89 -15.92 20.25
N VAL B 889 0.41 -16.60 21.29
CA VAL B 889 1.28 -17.09 22.34
C VAL B 889 1.29 -18.61 22.33
N ASP B 890 2.49 -19.17 22.62
CA ASP B 890 2.86 -20.56 22.89
C ASP B 890 2.06 -21.62 22.13
N VAL B 891 1.95 -21.44 20.81
CA VAL B 891 1.12 -22.30 19.99
C VAL B 891 1.78 -23.66 19.84
N ASP B 892 1.02 -24.72 20.07
CA ASP B 892 1.50 -26.09 19.92
C ASP B 892 1.17 -26.57 18.52
N TYR B 893 2.19 -26.86 17.73
CA TYR B 893 2.02 -27.39 16.39
C TYR B 893 1.98 -28.90 16.35
N LYS B 894 2.25 -29.57 17.46
CA LYS B 894 2.32 -31.03 17.45
C LYS B 894 0.95 -31.68 17.33
N SER B 895 -0.11 -30.97 17.68
CA SER B 895 -1.44 -31.55 17.70
C SER B 895 -2.32 -31.06 16.57
N CYS B 896 -1.78 -30.29 15.63
CA CYS B 896 -2.58 -29.84 14.50
C CYS B 896 -2.69 -30.88 13.39
N THR B 897 -2.03 -32.04 13.54
CA THR B 897 -2.01 -33.04 12.49
C THR B 897 -2.50 -34.39 12.98
N LYS B 898 -3.54 -34.41 13.80
CA LYS B 898 -4.08 -35.67 14.28
C LYS B 898 -5.57 -35.85 13.99
N GLY B 899 -6.28 -34.79 13.64
CA GLY B 899 -7.70 -34.93 13.51
C GLY B 899 -8.36 -35.01 14.87
N LEU B 900 -9.46 -35.76 14.94
CA LEU B 900 -10.18 -36.14 16.15
C LEU B 900 -10.77 -34.95 16.91
N SER B 901 -10.85 -33.77 16.27
CA SER B 901 -11.39 -32.56 16.87
C SER B 901 -11.60 -31.53 15.77
N ILE B 902 -12.59 -30.66 15.96
CA ILE B 902 -12.70 -29.48 15.12
C ILE B 902 -11.52 -28.57 15.43
N ALA B 903 -10.88 -28.04 14.39
CA ALA B 903 -9.60 -27.37 14.56
C ALA B 903 -9.75 -26.04 15.29
N ASP B 904 -8.71 -25.69 16.03
CA ASP B 904 -8.62 -24.44 16.78
C ASP B 904 -8.40 -23.29 15.80
N LEU B 905 -8.47 -22.06 16.29
CA LEU B 905 -8.15 -20.89 15.47
C LEU B 905 -6.67 -20.87 15.09
N ALA B 906 -5.79 -21.30 15.99
CA ALA B 906 -4.36 -21.27 15.69
C ALA B 906 -3.97 -22.34 14.70
N CYS B 907 -4.57 -23.54 14.78
CA CYS B 907 -4.30 -24.56 13.77
C CYS B 907 -5.00 -24.26 12.45
N ALA B 908 -6.03 -23.43 12.45
CA ALA B 908 -6.70 -23.09 11.20
C ALA B 908 -5.88 -22.17 10.32
N GLN B 909 -4.88 -21.50 10.88
CA GLN B 909 -3.99 -20.65 10.11
C GLN B 909 -2.75 -21.39 9.66
N TYR B 910 -2.39 -22.46 10.35
CA TYR B 910 -1.26 -23.28 9.92
C TYR B 910 -1.57 -24.05 8.65
N TYR B 911 -2.84 -24.24 8.33
CA TYR B 911 -3.21 -24.84 7.05
C TYR B 911 -3.07 -23.87 5.90
N ASN B 912 -2.77 -22.61 6.17
CA ASN B 912 -2.50 -21.60 5.16
C ASN B 912 -1.09 -21.04 5.25
N GLY B 913 -0.14 -21.79 5.78
CA GLY B 913 1.25 -21.43 5.73
C GLY B 913 1.73 -20.50 6.82
N ILE B 914 0.83 -19.80 7.50
CA ILE B 914 1.24 -18.80 8.48
C ILE B 914 1.72 -19.49 9.75
N MET B 915 2.99 -19.30 10.08
CA MET B 915 3.63 -19.95 11.22
C MET B 915 4.16 -18.90 12.17
N VAL B 916 3.95 -19.10 13.46
CA VAL B 916 4.44 -18.19 14.49
C VAL B 916 5.63 -18.85 15.17
N LEU B 917 6.81 -18.30 14.97
CA LEU B 917 8.01 -18.78 15.63
C LEU B 917 7.98 -18.50 17.12
N PRO B 918 8.75 -19.24 17.92
CA PRO B 918 8.90 -18.87 19.31
C PRO B 918 9.73 -17.61 19.45
N GLY B 919 9.57 -16.94 20.58
CA GLY B 919 10.40 -15.80 20.91
C GLY B 919 11.66 -16.23 21.61
N VAL B 920 12.50 -15.25 21.91
CA VAL B 920 13.75 -15.52 22.61
C VAL B 920 13.57 -15.42 24.11
N ALA B 921 12.88 -14.37 24.56
CA ALA B 921 12.69 -14.14 25.99
C ALA B 921 11.56 -15.03 26.48
N ASP B 922 11.93 -16.14 27.11
CA ASP B 922 10.95 -17.04 27.70
C ASP B 922 10.71 -16.64 29.15
N ALA B 923 10.09 -17.53 29.94
CA ALA B 923 9.89 -17.28 31.36
C ALA B 923 11.17 -17.20 32.16
N GLU B 924 12.26 -17.81 31.68
CA GLU B 924 13.47 -17.93 32.49
C GLU B 924 14.40 -16.73 32.37
N ARG B 925 14.72 -16.28 31.15
CA ARG B 925 15.67 -15.17 31.01
C ARG B 925 15.10 -13.86 31.53
N MET B 926 13.79 -13.67 31.42
CA MET B 926 13.21 -12.49 32.01
C MET B 926 13.13 -12.57 33.52
N ALA B 927 13.35 -13.75 34.10
CA ALA B 927 13.48 -13.89 35.54
C ALA B 927 14.92 -13.85 36.01
N MET B 928 15.88 -13.97 35.10
CA MET B 928 17.29 -13.80 35.45
C MET B 928 17.79 -12.39 35.22
N TYR B 929 17.26 -11.70 34.21
CA TYR B 929 17.64 -10.33 33.96
C TYR B 929 17.01 -9.38 34.96
N THR B 930 15.76 -9.64 35.36
CA THR B 930 15.07 -8.78 36.31
C THR B 930 15.63 -8.94 37.71
N GLY B 931 15.84 -10.17 38.15
CA GLY B 931 16.42 -10.43 39.46
C GLY B 931 17.85 -9.96 39.61
N SER B 932 18.57 -9.79 38.50
CA SER B 932 19.90 -9.22 38.52
C SER B 932 19.91 -7.72 38.76
N LEU B 933 18.78 -7.05 38.55
CA LEU B 933 18.69 -5.61 38.78
C LEU B 933 18.09 -5.27 40.13
N ILE B 934 17.11 -6.04 40.59
CA ILE B 934 16.55 -5.83 41.92
C ILE B 934 17.58 -6.18 42.98
N GLY B 935 18.39 -7.21 42.72
CA GLY B 935 19.43 -7.59 43.65
C GLY B 935 20.59 -6.62 43.69
N GLY B 936 20.74 -5.79 42.67
CA GLY B 936 21.83 -4.84 42.66
C GLY B 936 21.63 -3.61 43.51
N MET B 937 20.50 -3.49 44.20
CA MET B 937 20.28 -2.34 45.05
C MET B 937 21.12 -2.43 46.32
N VAL B 938 21.05 -3.57 47.01
CA VAL B 938 21.73 -3.71 48.29
C VAL B 938 23.22 -3.98 48.16
N LEU B 939 23.72 -4.13 46.95
CA LEU B 939 25.14 -4.42 46.75
C LEU B 939 25.91 -3.12 46.91
N GLY B 940 26.39 -2.87 48.12
CA GLY B 940 27.23 -1.71 48.37
C GLY B 940 28.62 -1.91 47.84
N GLY B 941 29.45 -0.88 48.03
CA GLY B 941 30.80 -0.94 47.53
C GLY B 941 31.79 -1.51 48.52
N LEU B 942 31.44 -2.62 49.17
CA LEU B 942 32.32 -3.22 50.16
C LEU B 942 33.34 -4.13 49.47
N THR B 943 33.98 -4.98 50.25
CA THR B 943 34.79 -6.06 49.71
C THR B 943 33.85 -7.18 49.25
N SER B 944 34.45 -8.35 48.94
CA SER B 944 34.08 -9.22 47.84
C SER B 944 32.58 -9.37 47.56
N ALA B 945 31.83 -9.85 48.54
CA ALA B 945 30.40 -10.06 48.28
C ALA B 945 29.52 -9.69 49.46
N ALA B 946 29.98 -8.81 50.35
CA ALA B 946 29.15 -8.46 51.48
C ALA B 946 28.04 -7.51 51.06
N ALA B 947 26.93 -7.57 51.77
CA ALA B 947 25.77 -6.77 51.46
C ALA B 947 25.45 -5.85 52.64
N ILE B 948 25.36 -4.56 52.37
CA ILE B 948 24.98 -3.56 53.36
C ILE B 948 23.49 -3.70 53.63
N PRO B 949 22.99 -3.31 54.79
CA PRO B 949 21.54 -3.35 55.02
C PRO B 949 20.82 -2.34 54.15
N PHE B 950 19.56 -2.64 53.83
CA PHE B 950 18.82 -1.80 52.92
C PHE B 950 18.38 -0.49 53.56
N SER B 951 18.29 -0.45 54.89
CA SER B 951 18.00 0.80 55.59
C SER B 951 19.12 1.81 55.48
N LEU B 952 20.34 1.37 55.19
CA LEU B 952 21.46 2.26 54.97
C LEU B 952 21.66 2.58 53.49
N ALA B 953 21.14 1.75 52.60
CA ALA B 953 21.25 2.01 51.17
C ALA B 953 20.32 3.13 50.71
N LEU B 954 19.35 3.54 51.52
CA LEU B 954 18.60 4.75 51.21
C LEU B 954 19.24 5.99 51.81
N GLN B 955 20.17 5.82 52.73
CA GLN B 955 20.88 6.98 53.27
C GLN B 955 21.81 7.58 52.22
N ALA B 956 22.38 6.73 51.36
CA ALA B 956 23.22 7.23 50.29
C ALA B 956 22.42 7.87 49.17
N ARG B 957 21.14 7.57 49.04
CA ARG B 957 20.32 8.14 48.00
C ARG B 957 19.55 9.37 48.46
N LEU B 958 19.62 9.71 49.74
CA LEU B 958 19.05 10.97 50.19
C LEU B 958 20.09 12.06 50.35
N ASN B 959 21.35 11.69 50.58
CA ASN B 959 22.39 12.70 50.68
C ASN B 959 22.70 13.34 49.33
N TYR B 960 22.34 12.68 48.23
CA TYR B 960 22.47 13.28 46.91
C TYR B 960 21.49 14.44 46.74
N VAL B 961 20.37 14.41 47.45
CA VAL B 961 19.40 15.50 47.38
C VAL B 961 19.83 16.66 48.28
N ALA B 962 20.01 16.38 49.57
CA ALA B 962 20.49 17.38 50.51
C ALA B 962 21.16 16.65 51.66
N LEU B 963 22.09 17.33 52.31
CA LEU B 963 22.88 16.70 53.37
C LEU B 963 22.03 16.48 54.62
N GLN B 964 21.90 15.21 55.02
CA GLN B 964 21.07 14.84 56.16
C GLN B 964 21.82 15.18 57.44
N THR B 965 21.29 16.11 58.22
CA THR B 965 21.89 16.55 59.47
C THR B 965 21.06 16.12 60.67
N ASP B 966 20.50 14.92 60.63
CA ASP B 966 19.75 14.36 61.74
C ASP B 966 20.36 13.03 62.11
N VAL B 967 20.82 12.89 63.36
CA VAL B 967 21.49 11.67 63.78
C VAL B 967 20.54 10.54 64.13
N LEU B 968 19.24 10.77 64.05
CA LEU B 968 18.24 9.75 64.32
C LEU B 968 17.32 9.61 63.12
N GLN B 969 17.30 8.43 62.52
CA GLN B 969 16.53 8.20 61.30
C GLN B 969 15.05 8.14 61.67
N GLU B 970 14.44 9.33 61.67
CA GLU B 970 13.02 9.43 61.98
C GLU B 970 12.15 9.33 60.74
N ASN B 971 12.68 9.63 59.56
CA ASN B 971 11.86 9.61 58.35
C ASN B 971 11.53 8.19 57.92
N GLN B 972 12.41 7.24 58.24
CA GLN B 972 12.27 5.89 57.71
C GLN B 972 11.10 5.14 58.31
N LYS B 973 10.65 5.52 59.50
CA LYS B 973 9.42 4.94 60.06
C LYS B 973 8.21 5.29 59.21
N ILE B 974 8.06 6.56 58.85
CA ILE B 974 6.92 6.98 58.06
C ILE B 974 7.04 6.47 56.63
N LEU B 975 8.27 6.37 56.11
CA LEU B 975 8.45 5.83 54.76
C LEU B 975 8.12 4.35 54.71
N ALA B 976 8.49 3.60 55.75
CA ALA B 976 8.12 2.19 55.83
C ALA B 976 6.62 2.02 55.99
N ALA B 977 5.98 2.92 56.73
CA ALA B 977 4.53 2.81 56.90
C ALA B 977 3.78 3.16 55.63
N SER B 978 4.36 4.00 54.77
CA SER B 978 3.65 4.41 53.57
C SER B 978 3.92 3.50 52.37
N PHE B 979 5.14 2.96 52.27
CA PHE B 979 5.51 2.20 51.08
C PHE B 979 4.75 0.89 50.97
N ASN B 980 4.46 0.25 52.12
CA ASN B 980 3.79 -1.04 52.11
C ASN B 980 2.33 -0.89 51.67
N LYS B 981 1.67 0.17 52.13
CA LYS B 981 0.31 0.44 51.68
C LYS B 981 0.30 0.82 50.20
N ALA B 982 1.34 1.53 49.75
CA ALA B 982 1.44 1.85 48.33
C ALA B 982 1.62 0.62 47.47
N ILE B 983 2.34 -0.39 47.96
CA ILE B 983 2.46 -1.64 47.22
C ILE B 983 1.13 -2.40 47.21
N ASN B 984 0.48 -2.47 48.37
CA ASN B 984 -0.75 -3.27 48.49
C ASN B 984 -1.90 -2.70 47.67
N ASN B 985 -1.99 -1.37 47.56
CA ASN B 985 -3.06 -0.79 46.76
C ASN B 985 -2.86 -1.07 45.27
N ILE B 986 -1.60 -1.12 44.83
CA ILE B 986 -1.33 -1.43 43.43
C ILE B 986 -1.59 -2.90 43.14
N VAL B 987 -1.23 -3.78 44.08
CA VAL B 987 -1.49 -5.21 43.91
C VAL B 987 -3.00 -5.48 43.89
N ALA B 988 -3.75 -4.80 44.73
CA ALA B 988 -5.21 -4.91 44.66
C ALA B 988 -5.80 -4.22 43.44
N SER B 989 -5.08 -3.28 42.83
CA SER B 989 -5.59 -2.60 41.65
C SER B 989 -5.62 -3.51 40.43
N PHE B 990 -4.62 -4.38 40.28
CA PHE B 990 -4.60 -5.32 39.17
C PHE B 990 -5.51 -6.52 39.38
N SER B 991 -6.18 -6.62 40.54
CA SER B 991 -7.04 -7.77 40.80
C SER B 991 -8.42 -7.63 40.20
N SER B 992 -8.64 -6.58 39.39
CA SER B 992 -9.87 -6.19 38.68
C SER B 992 -10.97 -5.71 39.62
N VAL B 993 -10.75 -5.70 40.93
CA VAL B 993 -11.70 -5.06 41.84
C VAL B 993 -11.44 -3.56 41.73
N ASN B 994 -12.22 -2.88 40.91
CA ASN B 994 -11.84 -1.58 40.39
C ASN B 994 -12.68 -0.44 40.93
N ASP B 995 -13.99 -0.65 41.09
CA ASP B 995 -14.89 0.45 41.43
C ASP B 995 -14.74 0.87 42.90
N ALA B 996 -14.31 -0.03 43.77
CA ALA B 996 -14.10 0.33 45.17
C ALA B 996 -12.78 1.06 45.38
N ILE B 997 -11.76 0.74 44.58
CA ILE B 997 -10.45 1.35 44.74
C ILE B 997 -10.29 2.60 43.85
N THR B 998 -11.21 2.82 42.91
CA THR B 998 -11.13 3.98 42.03
C THR B 998 -11.39 5.28 42.79
N GLN B 999 -12.37 5.26 43.70
CA GLN B 999 -12.73 6.44 44.48
C GLN B 999 -11.89 6.58 45.74
N THR B 1000 -10.81 5.82 45.88
CA THR B 1000 -9.93 5.97 47.03
C THR B 1000 -8.87 7.05 46.80
N ALA B 1001 -8.07 6.88 45.76
CA ALA B 1001 -6.99 7.82 45.47
C ALA B 1001 -6.82 7.90 43.96
N GLU B 1002 -5.69 8.46 43.53
CA GLU B 1002 -5.39 8.58 42.11
C GLU B 1002 -4.36 7.55 41.64
N ALA B 1003 -4.21 6.45 42.39
CA ALA B 1003 -3.36 5.36 41.93
C ALA B 1003 -4.01 4.59 40.79
N ILE B 1004 -5.33 4.62 40.68
CA ILE B 1004 -6.01 3.94 39.58
C ILE B 1004 -5.76 4.67 38.26
N HIS B 1005 -5.47 5.98 38.34
CA HIS B 1005 -5.30 6.79 37.14
C HIS B 1005 -4.02 6.43 36.40
N THR B 1006 -3.04 5.89 37.11
CA THR B 1006 -1.81 5.48 36.46
C THR B 1006 -1.91 4.05 35.95
N VAL B 1007 -2.66 3.20 36.65
CA VAL B 1007 -2.73 1.79 36.28
C VAL B 1007 -3.67 1.57 35.09
N THR B 1008 -4.72 2.40 34.97
CA THR B 1008 -5.72 2.20 33.94
C THR B 1008 -5.16 2.42 32.53
N ILE B 1009 -4.28 3.41 32.38
CA ILE B 1009 -3.66 3.69 31.09
C ILE B 1009 -2.74 2.56 30.68
N ALA B 1010 -2.00 1.99 31.63
CA ALA B 1010 -1.11 0.88 31.34
C ALA B 1010 -1.89 -0.37 30.94
N LEU B 1011 -3.02 -0.62 31.60
CA LEU B 1011 -3.85 -1.77 31.22
C LEU B 1011 -4.44 -1.60 29.84
N ASN B 1012 -4.86 -0.37 29.51
CA ASN B 1012 -5.41 -0.11 28.19
C ASN B 1012 -4.36 -0.29 27.11
N LYS B 1013 -3.11 0.10 27.39
CA LYS B 1013 -2.05 -0.05 26.41
C LYS B 1013 -1.69 -1.52 26.19
N ILE B 1014 -1.65 -2.29 27.28
CA ILE B 1014 -1.36 -3.72 27.16
C ILE B 1014 -2.45 -4.44 26.38
N GLN B 1015 -3.71 -4.02 26.56
CA GLN B 1015 -4.78 -4.62 25.76
C GLN B 1015 -4.68 -4.21 24.30
N ASP B 1016 -4.27 -2.96 24.05
CA ASP B 1016 -4.23 -2.44 22.68
C ASP B 1016 -3.17 -3.15 21.85
N VAL B 1017 -2.03 -3.51 22.48
CA VAL B 1017 -0.97 -4.23 21.77
C VAL B 1017 -1.48 -5.57 21.23
N VAL B 1018 -2.20 -6.32 22.07
CA VAL B 1018 -2.67 -7.64 21.68
C VAL B 1018 -3.75 -7.53 20.60
N ASN B 1019 -4.64 -6.53 20.72
CA ASN B 1019 -5.68 -6.37 19.71
C ASN B 1019 -5.10 -6.00 18.34
N GLN B 1020 -4.10 -5.11 18.33
CA GLN B 1020 -3.49 -4.76 17.06
C GLN B 1020 -2.64 -5.88 16.49
N GLN B 1021 -2.11 -6.77 17.34
CA GLN B 1021 -1.43 -7.93 16.76
C GLN B 1021 -2.41 -8.95 16.17
N GLY B 1022 -3.61 -9.06 16.73
CA GLY B 1022 -4.55 -10.03 16.19
C GLY B 1022 -5.24 -9.56 14.91
N SER B 1023 -5.54 -8.26 14.83
CA SER B 1023 -6.35 -7.77 13.72
C SER B 1023 -5.62 -7.74 12.39
N ALA B 1024 -4.30 -7.90 12.36
CA ALA B 1024 -3.61 -7.97 11.09
C ALA B 1024 -3.77 -9.34 10.43
N LEU B 1025 -3.60 -10.39 11.22
CA LEU B 1025 -3.78 -11.74 10.69
C LEU B 1025 -5.23 -12.03 10.39
N ASN B 1026 -6.15 -11.49 11.19
CA ASN B 1026 -7.58 -11.68 10.90
C ASN B 1026 -8.02 -10.97 9.64
N HIS B 1027 -7.23 -10.02 9.15
CA HIS B 1027 -7.49 -9.38 7.87
C HIS B 1027 -6.72 -10.02 6.71
N LEU B 1028 -5.55 -10.58 6.98
CA LEU B 1028 -4.81 -11.26 5.91
C LEU B 1028 -5.50 -12.55 5.51
N THR B 1029 -5.99 -13.32 6.48
CA THR B 1029 -6.63 -14.59 6.15
C THR B 1029 -7.95 -14.37 5.41
N SER B 1030 -8.64 -13.30 5.73
CA SER B 1030 -9.98 -13.05 5.19
C SER B 1030 -10.01 -12.61 3.74
N GLN B 1031 -8.87 -12.43 3.09
CA GLN B 1031 -8.88 -12.05 1.68
C GLN B 1031 -8.75 -13.23 0.75
N LEU B 1032 -9.00 -14.45 1.24
CA LEU B 1032 -9.06 -15.59 0.35
C LEU B 1032 -10.48 -15.89 -0.09
N ARG B 1033 -11.48 -15.35 0.59
CA ARG B 1033 -12.86 -15.58 0.17
C ARG B 1033 -13.18 -14.81 -1.10
N HIS B 1034 -12.52 -13.67 -1.32
CA HIS B 1034 -12.82 -12.82 -2.46
C HIS B 1034 -12.25 -13.46 -3.71
N ASN B 1035 -13.13 -14.00 -4.55
CA ASN B 1035 -12.68 -14.30 -5.90
C ASN B 1035 -12.46 -13.01 -6.67
N PHE B 1036 -11.52 -13.04 -7.57
CA PHE B 1036 -11.36 -11.94 -8.50
C PHE B 1036 -12.21 -12.28 -9.71
N GLN B 1037 -11.96 -11.65 -10.85
CA GLN B 1037 -12.91 -11.80 -11.95
C GLN B 1037 -12.81 -13.15 -12.62
N ALA B 1038 -13.25 -14.19 -11.91
CA ALA B 1038 -13.11 -15.57 -12.33
C ALA B 1038 -14.42 -16.27 -12.02
N ILE B 1039 -14.38 -17.60 -12.01
CA ILE B 1039 -15.59 -18.38 -11.76
C ILE B 1039 -15.85 -18.52 -10.27
N SER B 1040 -14.88 -19.07 -9.53
CA SER B 1040 -15.03 -19.25 -8.10
C SER B 1040 -13.70 -19.06 -7.42
N ASN B 1041 -13.73 -18.99 -6.10
CA ASN B 1041 -12.53 -18.79 -5.31
C ASN B 1041 -11.84 -20.09 -4.92
N SER B 1042 -12.24 -21.22 -5.49
CA SER B 1042 -11.63 -22.50 -5.20
C SER B 1042 -10.92 -23.01 -6.45
N ILE B 1043 -9.64 -23.36 -6.30
CA ILE B 1043 -8.85 -23.74 -7.45
C ILE B 1043 -9.19 -25.14 -7.93
N GLN B 1044 -9.56 -26.03 -7.01
CA GLN B 1044 -9.99 -27.37 -7.43
C GLN B 1044 -11.32 -27.32 -8.17
N ALA B 1045 -12.15 -26.33 -7.86
CA ALA B 1045 -13.44 -26.21 -8.54
C ALA B 1045 -13.29 -25.79 -9.99
N ILE B 1046 -12.19 -25.15 -10.36
CA ILE B 1046 -12.01 -24.75 -11.74
C ILE B 1046 -11.56 -25.94 -12.59
N TYR B 1047 -10.60 -26.72 -12.10
CA TYR B 1047 -10.11 -27.84 -12.88
C TYR B 1047 -11.09 -29.00 -12.96
N ASP B 1048 -12.14 -29.03 -12.15
CA ASP B 1048 -13.18 -30.02 -12.36
C ASP B 1048 -14.14 -29.62 -13.47
N ARG B 1049 -14.07 -28.38 -13.94
CA ARG B 1049 -15.06 -27.89 -14.89
C ARG B 1049 -14.48 -27.62 -16.27
N LEU B 1050 -13.40 -26.84 -16.36
CA LEU B 1050 -12.86 -26.42 -17.64
C LEU B 1050 -11.72 -27.31 -18.11
N ASP B 1051 -11.38 -27.16 -19.38
CA ASP B 1051 -10.24 -27.84 -19.95
C ASP B 1051 -8.95 -27.17 -19.48
N SER B 1052 -7.82 -27.85 -19.70
CA SER B 1052 -6.55 -27.33 -19.19
C SER B 1052 -6.07 -26.11 -19.97
N ILE B 1053 -6.45 -25.99 -21.24
CA ILE B 1053 -6.03 -24.84 -22.02
C ILE B 1053 -6.86 -23.60 -21.68
N GLN B 1054 -8.02 -23.79 -21.07
CA GLN B 1054 -8.92 -22.69 -20.75
C GLN B 1054 -8.84 -22.28 -19.30
N ALA B 1055 -8.24 -23.09 -18.44
CA ALA B 1055 -8.26 -22.85 -17.01
C ALA B 1055 -7.15 -21.94 -16.54
N ASP B 1056 -6.06 -21.85 -17.29
CA ASP B 1056 -4.89 -21.08 -16.84
C ASP B 1056 -5.19 -19.59 -16.81
N GLN B 1057 -6.01 -19.12 -17.74
CA GLN B 1057 -6.44 -17.73 -17.72
C GLN B 1057 -7.29 -17.42 -16.51
N GLN B 1058 -8.03 -18.41 -16.01
CA GLN B 1058 -8.80 -18.21 -14.80
C GLN B 1058 -7.89 -18.21 -13.57
N VAL B 1059 -6.95 -19.15 -13.50
CA VAL B 1059 -6.10 -19.31 -12.33
C VAL B 1059 -5.15 -18.12 -12.16
N ASP B 1060 -4.74 -17.52 -13.29
CA ASP B 1060 -3.83 -16.38 -13.26
C ASP B 1060 -4.43 -15.17 -12.54
N ARG B 1061 -5.74 -14.98 -12.67
CA ARG B 1061 -6.41 -13.87 -12.02
C ARG B 1061 -6.46 -14.03 -10.51
N LEU B 1062 -6.41 -15.26 -10.01
CA LEU B 1062 -6.33 -15.46 -8.57
C LEU B 1062 -4.91 -15.27 -8.07
N ILE B 1063 -3.94 -15.77 -8.84
CA ILE B 1063 -2.53 -15.69 -8.44
C ILE B 1063 -2.08 -14.25 -8.31
N THR B 1064 -2.51 -13.39 -9.26
CA THR B 1064 -2.12 -11.99 -9.24
C THR B 1064 -2.62 -11.26 -8.00
N GLY B 1065 -3.89 -11.46 -7.66
CA GLY B 1065 -4.45 -10.80 -6.49
C GLY B 1065 -3.85 -11.28 -5.19
N ARG B 1066 -3.55 -12.58 -5.09
CA ARG B 1066 -2.98 -13.07 -3.84
C ARG B 1066 -1.54 -12.59 -3.63
N LEU B 1067 -0.77 -12.48 -4.71
CA LEU B 1067 0.57 -11.90 -4.56
C LEU B 1067 0.50 -10.42 -4.20
N ALA B 1068 -0.48 -9.72 -4.76
CA ALA B 1068 -0.67 -8.31 -4.40
C ALA B 1068 -1.11 -8.14 -2.95
N ALA B 1069 -1.76 -9.16 -2.38
CA ALA B 1069 -2.08 -9.10 -0.96
C ALA B 1069 -0.86 -9.34 -0.08
N LEU B 1070 -0.01 -10.30 -0.48
CA LEU B 1070 1.17 -10.61 0.34
C LEU B 1070 2.15 -9.46 0.40
N ASN B 1071 2.32 -8.72 -0.71
CA ASN B 1071 3.23 -7.59 -0.69
C ASN B 1071 2.75 -6.48 0.25
N ALA B 1072 1.43 -6.25 0.28
CA ALA B 1072 0.87 -5.26 1.19
C ALA B 1072 0.96 -5.72 2.64
N PHE B 1073 1.02 -7.02 2.89
CA PHE B 1073 1.26 -7.48 4.25
C PHE B 1073 2.69 -7.22 4.70
N VAL B 1074 3.66 -7.51 3.83
CA VAL B 1074 5.07 -7.35 4.18
C VAL B 1074 5.42 -5.89 4.43
N SER B 1075 4.84 -4.99 3.61
CA SER B 1075 5.13 -3.57 3.75
C SER B 1075 4.54 -2.96 5.02
N GLN B 1076 3.69 -3.68 5.74
CA GLN B 1076 3.22 -3.25 7.05
C GLN B 1076 4.04 -3.84 8.18
N VAL B 1077 4.42 -5.11 8.03
CA VAL B 1077 5.23 -5.78 9.05
C VAL B 1077 6.57 -5.07 9.24
N LEU B 1078 7.16 -4.56 8.15
CA LEU B 1078 8.45 -3.89 8.27
C LEU B 1078 8.34 -2.57 9.04
N ASN B 1079 7.26 -1.82 8.83
CA ASN B 1079 7.06 -0.58 9.57
C ASN B 1079 6.82 -0.85 11.04
N LYS B 1080 6.15 -1.95 11.36
CA LYS B 1080 5.97 -2.32 12.77
C LYS B 1080 7.30 -2.63 13.45
N TYR B 1081 8.17 -3.36 12.74
CA TYR B 1081 9.52 -3.62 13.27
C TYR B 1081 10.33 -2.35 13.48
N THR B 1082 10.18 -1.38 12.58
CA THR B 1082 10.93 -0.12 12.72
C THR B 1082 10.44 0.69 13.92
N GLU B 1083 9.13 0.68 14.17
CA GLU B 1083 8.60 1.36 15.36
C GLU B 1083 9.10 0.71 16.65
N VAL B 1084 9.21 -0.62 16.67
CA VAL B 1084 9.68 -1.29 17.89
C VAL B 1084 11.18 -1.03 18.11
N ARG B 1085 11.96 -0.94 17.03
CA ARG B 1085 13.35 -0.50 17.14
C ARG B 1085 13.44 0.92 17.68
N GLY B 1086 12.49 1.76 17.30
CA GLY B 1086 12.45 3.10 17.88
C GLY B 1086 12.12 3.10 19.35
N SER B 1087 11.34 2.12 19.81
CA SER B 1087 10.91 2.11 21.20
C SER B 1087 11.85 1.38 22.16
N ARG B 1088 12.78 0.56 21.68
CA ARG B 1088 13.69 -0.10 22.63
C ARG B 1088 14.71 0.85 23.23
N ARG B 1089 15.06 1.93 22.52
CA ARG B 1089 16.13 2.80 22.97
C ARG B 1089 15.75 3.57 24.23
N LEU B 1090 14.48 3.96 24.33
CA LEU B 1090 14.01 4.67 25.50
C LEU B 1090 14.04 3.77 26.73
N ALA B 1091 13.76 2.48 26.53
CA ALA B 1091 13.86 1.52 27.62
C ALA B 1091 15.29 1.32 28.07
N GLN B 1092 16.24 1.26 27.12
CA GLN B 1092 17.65 1.17 27.51
C GLN B 1092 18.11 2.41 28.25
N GLN B 1093 17.62 3.60 27.84
CA GLN B 1093 18.01 4.81 28.54
C GLN B 1093 17.44 4.85 29.96
N LYS B 1094 16.20 4.40 30.14
CA LYS B 1094 15.63 4.45 31.48
C LYS B 1094 16.28 3.43 32.40
N ILE B 1095 16.64 2.25 31.88
CA ILE B 1095 17.39 1.28 32.67
C ILE B 1095 18.75 1.83 33.05
N ASN B 1096 19.42 2.52 32.12
CA ASN B 1096 20.72 3.10 32.43
C ASN B 1096 20.66 4.28 33.39
N GLU B 1097 19.54 5.00 33.46
CA GLU B 1097 19.56 6.25 34.22
C GLU B 1097 18.73 6.25 35.49
N CYS B 1098 17.72 5.38 35.65
CA CYS B 1098 16.92 5.39 36.86
C CYS B 1098 17.15 4.19 37.75
N VAL B 1099 17.50 3.05 37.17
CA VAL B 1099 17.70 1.87 37.97
C VAL B 1099 19.09 1.87 38.58
N LYS B 1100 20.07 2.39 37.85
CA LYS B 1100 21.46 2.31 38.27
C LYS B 1100 22.06 3.63 38.70
N SER B 1101 21.37 4.75 38.53
CA SER B 1101 22.06 6.03 38.57
C SER B 1101 21.45 7.10 39.46
N GLN B 1102 20.14 7.12 39.70
CA GLN B 1102 19.42 8.18 40.41
C GLN B 1102 19.64 9.54 39.72
N SER B 1103 18.99 9.69 38.57
CA SER B 1103 19.08 10.94 37.83
C SER B 1103 18.37 12.07 38.57
N ASN B 1104 18.64 13.29 38.12
CA ASN B 1104 18.05 14.50 38.69
C ASN B 1104 17.33 15.35 37.65
N ARG B 1105 17.02 14.79 36.49
CA ARG B 1105 16.26 15.52 35.49
C ARG B 1105 14.80 15.61 35.92
N TYR B 1106 14.26 16.82 35.95
CA TYR B 1106 12.86 16.98 36.32
C TYR B 1106 11.97 16.45 35.20
N GLY B 1107 10.81 15.91 35.58
CA GLY B 1107 9.89 15.38 34.58
C GLY B 1107 10.33 14.09 33.94
N PHE B 1108 11.34 13.44 34.51
CA PHE B 1108 11.87 12.14 34.09
C PHE B 1108 11.09 11.12 34.88
N CYS B 1109 11.73 10.02 35.28
CA CYS B 1109 11.11 9.01 36.15
C CYS B 1109 10.37 9.62 37.34
N GLY B 1110 9.04 9.50 37.34
CA GLY B 1110 8.18 10.08 38.35
C GLY B 1110 8.00 11.58 38.16
N ASN B 1111 6.95 12.13 38.79
CA ASN B 1111 6.74 13.58 38.69
C ASN B 1111 7.24 14.34 39.91
N GLY B 1112 8.09 13.73 40.73
CA GLY B 1112 8.60 14.42 41.90
C GLY B 1112 10.08 14.23 42.09
N THR B 1113 10.49 13.82 43.29
CA THR B 1113 11.90 13.64 43.62
C THR B 1113 12.21 12.15 43.64
N HIS B 1114 13.06 11.71 42.72
CA HIS B 1114 13.29 10.29 42.49
C HIS B 1114 14.12 9.67 43.62
N ILE B 1115 13.83 8.40 43.94
CA ILE B 1115 14.61 7.66 44.92
C ILE B 1115 15.17 6.38 44.30
N PHE B 1116 14.30 5.46 43.87
CA PHE B 1116 14.75 4.29 43.14
C PHE B 1116 13.63 3.81 42.21
N SER B 1117 13.87 2.69 41.54
CA SER B 1117 12.91 2.13 40.61
C SER B 1117 13.10 0.62 40.54
N ILE B 1118 12.00 -0.09 40.27
CA ILE B 1118 11.97 -1.54 40.25
C ILE B 1118 11.34 -1.98 38.93
N VAL B 1119 11.89 -3.02 38.31
CA VAL B 1119 11.45 -3.49 37.00
C VAL B 1119 10.80 -4.86 37.16
N ASN B 1120 9.72 -5.11 36.40
CA ASN B 1120 9.18 -6.45 36.17
C ASN B 1120 8.78 -6.57 34.71
N SER B 1121 8.49 -7.79 34.28
CA SER B 1121 8.14 -8.04 32.88
C SER B 1121 6.63 -8.10 32.72
N ALA B 1122 6.21 -8.16 31.47
CA ALA B 1122 4.84 -7.93 31.05
C ALA B 1122 4.67 -8.59 29.69
N PRO B 1123 3.47 -8.66 29.06
CA PRO B 1123 3.41 -9.18 27.70
C PRO B 1123 4.11 -8.29 26.69
N ASP B 1124 5.27 -8.76 26.22
CA ASP B 1124 6.13 -8.10 25.23
C ASP B 1124 6.52 -6.69 25.71
N GLY B 1125 7.28 -6.65 26.79
CA GLY B 1125 7.75 -5.38 27.30
C GLY B 1125 8.04 -5.44 28.77
N LEU B 1126 8.42 -4.29 29.30
CA LEU B 1126 8.80 -4.14 30.69
C LEU B 1126 7.77 -3.30 31.43
N LEU B 1127 7.81 -3.34 32.75
CA LEU B 1127 6.90 -2.59 33.58
C LEU B 1127 7.68 -1.95 34.71
N PHE B 1128 7.75 -0.63 34.73
CA PHE B 1128 8.55 0.10 35.69
C PHE B 1128 7.73 0.46 36.91
N LEU B 1129 8.39 0.59 38.05
CA LEU B 1129 7.76 0.99 39.31
C LEU B 1129 8.62 2.07 39.95
N HIS B 1130 8.32 3.33 39.65
CA HIS B 1130 9.10 4.43 40.19
C HIS B 1130 8.71 4.67 41.64
N THR B 1131 9.53 5.43 42.36
CA THR B 1131 9.26 5.74 43.76
C THR B 1131 9.69 7.15 44.06
N VAL B 1132 8.74 8.02 44.37
CA VAL B 1132 9.02 9.44 44.52
C VAL B 1132 8.71 9.90 45.94
N LEU B 1133 8.94 11.17 46.22
CA LEU B 1133 8.57 11.80 47.48
C LEU B 1133 7.55 12.89 47.23
N LEU B 1134 6.67 13.11 48.21
CA LEU B 1134 5.71 14.19 48.14
C LEU B 1134 5.68 14.91 49.47
N PRO B 1135 5.66 16.24 49.46
CA PRO B 1135 5.60 16.98 50.73
C PRO B 1135 4.19 17.03 51.27
N THR B 1136 4.10 17.10 52.60
CA THR B 1136 2.81 17.27 53.27
C THR B 1136 2.72 18.59 54.02
N ASP B 1137 3.68 18.88 54.89
CA ASP B 1137 3.70 20.12 55.64
C ASP B 1137 4.86 20.98 55.17
N TYR B 1138 4.89 22.22 55.66
CA TYR B 1138 6.03 23.10 55.43
C TYR B 1138 6.08 24.13 56.54
N LYS B 1139 7.22 24.80 56.67
CA LYS B 1139 7.42 25.77 57.73
C LYS B 1139 7.60 27.17 57.18
N ASN B 1140 7.35 28.16 58.05
CA ASN B 1140 7.58 29.56 57.73
C ASN B 1140 8.89 30.02 58.37
N VAL B 1141 9.69 30.72 57.58
CA VAL B 1141 11.10 30.95 57.87
C VAL B 1141 11.42 32.42 57.57
N LYS B 1142 12.05 33.11 58.53
CA LYS B 1142 12.40 34.53 58.36
C LYS B 1142 13.78 34.62 57.72
N ALA B 1143 13.82 34.71 56.39
CA ALA B 1143 15.08 34.66 55.67
C ALA B 1143 15.85 35.98 55.79
N TRP B 1144 17.08 35.94 55.30
CA TRP B 1144 17.90 37.14 55.14
C TRP B 1144 18.65 37.00 53.82
N SER B 1145 19.59 37.90 53.56
CA SER B 1145 20.36 37.76 52.33
C SER B 1145 21.83 38.12 52.50
N GLY B 1146 22.34 38.23 53.71
CA GLY B 1146 23.74 38.53 53.88
C GLY B 1146 23.97 39.42 55.09
N ILE B 1147 25.24 39.54 55.45
CA ILE B 1147 25.67 40.23 56.65
C ILE B 1147 26.61 41.36 56.24
N CYS B 1148 26.33 42.57 56.70
CA CYS B 1148 27.17 43.73 56.42
C CYS B 1148 27.80 44.21 57.73
N VAL B 1149 29.12 44.05 57.84
CA VAL B 1149 29.87 44.43 59.02
C VAL B 1149 30.40 45.85 58.81
N ASP B 1150 29.95 46.78 59.67
CA ASP B 1150 30.45 48.16 59.76
C ASP B 1150 30.29 48.94 58.47
N GLY B 1151 29.24 48.64 57.71
CA GLY B 1151 28.91 49.42 56.53
C GLY B 1151 29.81 49.27 55.33
N ILE B 1152 30.87 48.47 55.42
CA ILE B 1152 31.83 48.34 54.34
C ILE B 1152 31.89 46.89 53.89
N TYR B 1153 32.28 46.01 54.80
CA TYR B 1153 32.58 44.62 54.48
C TYR B 1153 31.30 43.81 54.48
N GLY B 1154 31.04 43.12 53.38
CA GLY B 1154 29.82 42.34 53.22
C GLY B 1154 30.13 40.88 53.01
N TYR B 1155 29.37 40.01 53.68
CA TYR B 1155 29.52 38.57 53.58
C TYR B 1155 28.23 37.98 53.04
N VAL B 1156 28.33 37.04 52.11
CA VAL B 1156 27.19 36.27 51.63
C VAL B 1156 27.57 34.80 51.54
N LEU B 1157 26.55 33.96 51.36
CA LEU B 1157 26.74 32.53 51.23
C LEU B 1157 27.36 32.19 49.88
N ARG B 1158 28.30 31.24 49.88
CA ARG B 1158 28.93 30.84 48.62
C ARG B 1158 27.97 30.02 47.77
N GLN B 1159 27.42 28.99 48.33
CA GLN B 1159 26.59 28.11 47.53
C GLN B 1159 25.18 28.70 47.41
N PRO B 1160 24.56 28.62 46.24
CA PRO B 1160 23.23 29.22 46.09
C PRO B 1160 22.09 28.32 46.52
N ASN B 1161 22.35 27.25 47.28
CA ASN B 1161 21.30 26.41 47.81
C ASN B 1161 21.25 26.42 49.33
N LEU B 1162 21.54 27.56 49.94
CA LEU B 1162 21.47 27.68 51.38
C LEU B 1162 20.71 28.94 51.73
N VAL B 1163 20.12 28.95 52.92
CA VAL B 1163 19.34 30.07 53.43
C VAL B 1163 19.84 30.40 54.82
N LEU B 1164 20.23 31.65 55.03
CA LEU B 1164 20.52 32.15 56.36
C LEU B 1164 19.25 32.74 56.94
N TYR B 1165 18.83 32.28 58.11
CA TYR B 1165 17.59 32.77 58.68
C TYR B 1165 17.73 33.02 60.18
N SER B 1166 16.61 33.39 60.80
CA SER B 1166 16.60 33.87 62.19
C SER B 1166 15.45 33.22 62.94
N ASP B 1167 15.77 32.39 63.93
CA ASP B 1167 14.75 31.86 64.83
C ASP B 1167 14.77 32.67 66.14
N ASN B 1168 14.43 33.95 66.01
CA ASN B 1168 14.27 34.89 67.12
C ASN B 1168 15.55 35.02 67.96
N GLY B 1169 16.59 35.53 67.33
CA GLY B 1169 17.86 35.79 67.98
C GLY B 1169 18.89 34.70 67.78
N VAL B 1170 18.53 33.61 67.12
CA VAL B 1170 19.44 32.52 66.83
C VAL B 1170 19.48 32.34 65.32
N PHE B 1171 20.68 32.42 64.74
CA PHE B 1171 20.84 32.29 63.30
C PHE B 1171 21.28 30.88 62.94
N ARG B 1172 20.62 30.31 61.93
CA ARG B 1172 20.88 28.94 61.50
C ARG B 1172 20.87 28.90 59.98
N VAL B 1173 21.38 27.81 59.42
CA VAL B 1173 21.47 27.63 57.97
C VAL B 1173 20.82 26.31 57.61
N THR B 1174 19.93 26.32 56.62
CA THR B 1174 19.32 25.11 56.13
C THR B 1174 19.32 25.10 54.61
N SER B 1175 18.86 24.00 54.04
CA SER B 1175 18.78 23.88 52.59
C SER B 1175 17.53 24.58 52.08
N ARG B 1176 17.34 24.56 50.76
CA ARG B 1176 16.14 25.10 50.15
C ARG B 1176 15.16 24.04 49.69
N VAL B 1177 15.53 22.77 49.70
CA VAL B 1177 14.65 21.70 49.26
C VAL B 1177 14.04 20.96 50.43
N MET B 1178 14.87 20.51 51.36
CA MET B 1178 14.38 19.93 52.60
C MET B 1178 14.75 20.86 53.74
N PHE B 1179 14.09 20.67 54.88
CA PHE B 1179 14.32 21.50 56.06
C PHE B 1179 15.25 20.74 57.00
N GLN B 1180 16.54 21.04 56.94
CA GLN B 1180 17.55 20.40 57.78
C GLN B 1180 18.42 21.47 58.42
N PRO B 1181 18.12 21.89 59.64
CA PRO B 1181 18.86 22.99 60.25
C PRO B 1181 20.18 22.53 60.87
N ARG B 1182 21.11 23.47 60.95
CA ARG B 1182 22.39 23.28 61.62
C ARG B 1182 22.97 24.64 61.95
N LEU B 1183 24.23 24.67 62.41
CA LEU B 1183 24.79 25.98 62.73
C LEU B 1183 25.67 26.48 61.59
N PRO B 1184 25.80 27.79 61.42
CA PRO B 1184 26.70 28.31 60.39
C PRO B 1184 28.15 28.22 60.81
N VAL B 1185 29.02 28.00 59.82
CA VAL B 1185 30.46 27.91 60.03
C VAL B 1185 31.14 28.90 59.10
N LEU B 1186 32.45 29.04 59.26
CA LEU B 1186 33.20 30.04 58.50
C LEU B 1186 33.40 29.66 57.04
N SER B 1187 33.34 28.39 56.70
CA SER B 1187 33.66 27.95 55.34
C SER B 1187 32.51 28.14 54.37
N ASP B 1188 31.50 28.93 54.71
CA ASP B 1188 30.35 29.12 53.85
C ASP B 1188 30.21 30.55 53.35
N PHE B 1189 31.13 31.43 53.73
CA PHE B 1189 30.98 32.85 53.50
C PHE B 1189 32.10 33.37 52.61
N VAL B 1190 31.75 34.30 51.71
CA VAL B 1190 32.71 34.95 50.84
C VAL B 1190 32.62 36.44 51.12
N GLN B 1191 33.36 37.25 50.35
CA GLN B 1191 33.51 38.67 50.70
C GLN B 1191 33.41 39.50 49.42
N ILE B 1192 32.35 40.30 49.31
CA ILE B 1192 31.84 40.78 48.02
C ILE B 1192 31.73 42.29 47.86
N TYR B 1193 32.70 43.07 48.35
CA TYR B 1193 32.61 44.45 48.85
C TYR B 1193 31.49 45.40 48.42
N ASN B 1194 31.01 46.17 49.41
CA ASN B 1194 30.01 47.24 49.44
C ASN B 1194 28.52 46.85 49.42
N CYS B 1195 28.13 45.90 50.27
CA CYS B 1195 27.04 46.08 51.24
C CYS B 1195 25.77 46.73 50.70
N ASN B 1196 24.99 45.94 49.96
CA ASN B 1196 23.60 46.31 49.67
C ASN B 1196 22.80 46.53 50.95
N VAL B 1197 21.71 47.30 50.85
CA VAL B 1197 21.06 47.90 52.02
C VAL B 1197 20.39 46.84 52.89
N THR B 1198 19.71 45.87 52.28
CA THR B 1198 18.84 44.97 53.05
C THR B 1198 19.59 43.79 53.67
N PHE B 1199 20.70 44.08 54.33
CA PHE B 1199 21.48 43.09 55.07
C PHE B 1199 21.18 43.20 56.55
N VAL B 1200 21.96 42.50 57.36
CA VAL B 1200 21.87 42.58 58.81
C VAL B 1200 22.97 43.52 59.31
N ASN B 1201 22.57 44.64 59.89
CA ASN B 1201 23.52 45.56 60.51
C ASN B 1201 24.09 44.95 61.78
N ILE B 1202 25.39 44.74 61.81
CA ILE B 1202 26.06 44.25 63.02
C ILE B 1202 27.51 44.71 62.99
N SER B 1203 28.03 45.10 64.16
CA SER B 1203 29.42 45.50 64.25
C SER B 1203 30.31 44.28 64.40
N ARG B 1204 31.62 44.51 64.36
CA ARG B 1204 32.57 43.40 64.37
C ARG B 1204 32.71 42.78 65.76
N VAL B 1205 32.38 43.52 66.81
CA VAL B 1205 32.56 43.01 68.17
C VAL B 1205 31.59 41.88 68.46
N GLU B 1206 30.33 42.04 68.08
CA GLU B 1206 29.33 41.01 68.33
C GLU B 1206 29.13 40.08 67.16
N LEU B 1207 30.14 39.88 66.32
CA LEU B 1207 29.98 38.98 65.19
C LEU B 1207 29.96 37.52 65.62
N HIS B 1208 30.61 37.21 66.75
CA HIS B 1208 30.66 35.83 67.22
C HIS B 1208 29.32 35.31 67.70
N THR B 1209 28.36 36.20 67.97
CA THR B 1209 27.00 35.77 68.28
C THR B 1209 26.24 35.32 67.05
N VAL B 1210 26.71 35.67 65.86
CA VAL B 1210 26.17 35.13 64.62
C VAL B 1210 26.90 33.87 64.19
N ILE B 1211 28.22 33.95 64.13
CA ILE B 1211 29.06 32.83 63.73
C ILE B 1211 29.78 32.32 64.98
N PRO B 1212 29.39 31.18 65.52
CA PRO B 1212 30.25 30.50 66.50
C PRO B 1212 31.51 30.01 65.82
N ASP B 1213 32.55 29.82 66.64
CA ASP B 1213 33.90 29.45 66.20
C ASP B 1213 34.46 30.47 65.21
N TYR B 1214 34.33 31.75 65.56
CA TYR B 1214 35.02 32.84 64.87
C TYR B 1214 35.66 33.73 65.91
N VAL B 1215 36.97 33.66 66.03
CA VAL B 1215 37.72 34.54 66.93
C VAL B 1215 38.50 35.52 66.09
N ASP B 1216 38.20 36.81 66.27
CA ASP B 1216 38.99 37.86 65.66
C ASP B 1216 40.38 37.86 66.29
N VAL B 1217 41.40 37.55 65.49
CA VAL B 1217 42.75 37.46 66.01
C VAL B 1217 43.27 38.85 66.37
N ASN B 1218 42.85 39.86 65.60
CA ASN B 1218 43.42 41.20 65.70
C ASN B 1218 43.05 41.87 67.02
N LYS B 1219 41.75 41.96 67.30
CA LYS B 1219 41.29 42.63 68.51
C LYS B 1219 41.65 41.83 69.77
N THR B 1220 41.73 40.51 69.66
CA THR B 1220 42.10 39.70 70.81
C THR B 1220 43.57 39.87 71.14
N LEU B 1221 44.42 40.01 70.12
CA LEU B 1221 45.81 40.33 70.39
C LEU B 1221 46.00 41.78 70.78
N GLN B 1222 45.05 42.67 70.43
CA GLN B 1222 45.03 43.99 71.04
C GLN B 1222 44.77 43.89 72.54
N GLU B 1223 43.83 43.02 72.93
CA GLU B 1223 43.58 42.80 74.35
C GLU B 1223 44.71 42.00 74.99
N PHE B 1224 44.92 40.78 74.52
CA PHE B 1224 45.90 39.89 75.11
C PHE B 1224 47.30 40.26 74.63
N ALA C 23 -0.87 60.19 -34.24
CA ALA C 23 -0.53 58.81 -33.93
C ALA C 23 0.23 58.18 -35.08
N ASN C 24 1.50 57.86 -34.83
CA ASN C 24 2.37 57.23 -35.84
C ASN C 24 3.19 56.14 -35.14
N LEU C 25 2.68 54.91 -35.18
CA LEU C 25 3.33 53.79 -34.56
C LEU C 25 4.23 53.10 -35.58
N SER C 26 4.75 51.93 -35.24
CA SER C 26 5.58 51.16 -36.15
C SER C 26 4.68 50.32 -37.05
N MET C 27 5.26 49.38 -37.78
CA MET C 27 4.44 48.36 -38.44
C MET C 27 4.24 47.14 -37.56
N LEU C 28 5.24 46.78 -36.75
CA LEU C 28 5.10 45.63 -35.87
C LEU C 28 4.13 45.88 -34.73
N GLN C 29 3.89 47.12 -34.36
CA GLN C 29 2.87 47.38 -33.35
C GLN C 29 1.46 47.31 -33.90
N LEU C 30 1.31 47.26 -35.22
CA LEU C 30 -0.01 47.13 -35.82
C LEU C 30 -0.18 45.88 -36.67
N GLY C 31 0.90 45.33 -37.22
CA GLY C 31 0.80 44.10 -37.98
C GLY C 31 0.20 44.29 -39.35
N VAL C 32 0.85 45.10 -40.17
CA VAL C 32 0.38 45.40 -41.53
C VAL C 32 1.52 45.04 -42.48
N PRO C 33 1.24 44.87 -43.77
CA PRO C 33 2.32 44.68 -44.72
C PRO C 33 2.88 45.98 -45.28
N ASP C 34 3.83 45.86 -46.21
CA ASP C 34 4.41 47.00 -46.90
C ASP C 34 3.63 47.29 -48.17
N ASN C 35 3.39 48.59 -48.41
CA ASN C 35 2.79 49.12 -49.63
C ASN C 35 1.39 48.54 -49.86
N SER C 36 0.52 48.77 -48.89
CA SER C 36 -0.83 48.23 -48.94
C SER C 36 -1.75 49.13 -48.12
N SER C 37 -3.00 48.69 -47.96
CA SER C 37 -3.99 49.45 -47.21
C SER C 37 -5.01 48.46 -46.65
N THR C 38 -4.95 48.21 -45.35
CA THR C 38 -5.70 47.16 -44.71
C THR C 38 -6.78 47.73 -43.79
N ILE C 39 -7.46 46.83 -43.07
CA ILE C 39 -8.47 47.18 -42.08
C ILE C 39 -8.06 46.51 -40.77
N VAL C 40 -7.75 47.29 -39.76
CA VAL C 40 -7.22 46.77 -38.50
C VAL C 40 -8.22 47.08 -37.40
N THR C 41 -8.57 46.06 -36.61
CA THR C 41 -9.45 46.23 -35.48
C THR C 41 -8.78 45.74 -34.20
N GLY C 42 -9.24 46.26 -33.07
CA GLY C 42 -8.73 45.89 -31.77
C GLY C 42 -8.60 47.10 -30.87
N LEU C 43 -7.80 46.95 -29.83
CA LEU C 43 -7.56 48.03 -28.88
C LEU C 43 -6.49 48.95 -29.44
N LEU C 44 -6.89 50.11 -29.96
CA LEU C 44 -5.97 50.99 -30.67
C LEU C 44 -6.09 52.41 -30.12
N PRO C 45 -5.01 53.19 -30.16
CA PRO C 45 -5.05 54.54 -29.61
C PRO C 45 -5.76 55.53 -30.52
N THR C 46 -6.49 56.46 -29.91
CA THR C 46 -7.30 57.41 -30.66
C THR C 46 -6.84 58.85 -30.49
N HIS C 47 -6.78 59.37 -29.26
CA HIS C 47 -6.54 60.79 -29.03
C HIS C 47 -5.49 60.98 -27.95
N TRP C 48 -4.64 61.98 -28.13
CA TRP C 48 -3.59 62.29 -27.17
C TRP C 48 -4.07 63.31 -26.17
N PHE C 49 -3.44 63.33 -25.00
CA PHE C 49 -3.74 64.29 -23.95
C PHE C 49 -2.55 65.22 -23.73
N CYS C 50 -2.86 66.38 -23.14
CA CYS C 50 -1.84 67.35 -22.70
C CYS C 50 -2.38 67.97 -21.41
N ALA C 51 -1.98 67.41 -20.27
CA ALA C 51 -2.51 67.80 -18.96
C ALA C 51 -1.37 68.09 -17.99
N ASN C 52 -1.69 68.87 -16.96
CA ASN C 52 -0.73 69.27 -15.94
C ASN C 52 -1.37 69.23 -14.56
N GLN C 53 -2.40 68.40 -14.40
CA GLN C 53 -3.13 68.33 -13.14
C GLN C 53 -2.45 67.46 -12.10
N SER C 54 -1.44 66.69 -12.51
CA SER C 54 -0.48 65.95 -11.70
C SER C 54 -1.07 64.74 -10.98
N THR C 55 -2.39 64.55 -11.03
CA THR C 55 -3.06 63.42 -10.40
C THR C 55 -4.43 63.27 -11.04
N SER C 56 -4.72 62.09 -11.56
CA SER C 56 -6.02 61.81 -12.15
C SER C 56 -6.27 60.32 -12.10
N VAL C 57 -7.49 59.94 -11.72
CA VAL C 57 -7.92 58.55 -11.71
C VAL C 57 -8.85 58.35 -12.88
N TYR C 58 -8.34 57.67 -13.92
CA TYR C 58 -9.12 57.40 -15.11
C TYR C 58 -9.78 56.03 -15.02
N SER C 59 -10.56 55.71 -16.04
CA SER C 59 -11.01 54.34 -16.29
C SER C 59 -10.52 53.96 -17.68
N ALA C 60 -9.78 52.86 -17.77
CA ALA C 60 -9.09 52.56 -19.02
C ALA C 60 -8.81 51.07 -19.10
N ASN C 61 -8.21 50.68 -20.21
CA ASN C 61 -7.65 49.34 -20.39
C ASN C 61 -6.24 49.39 -20.95
N GLY C 62 -5.64 50.56 -21.10
CA GLY C 62 -4.29 50.63 -21.63
C GLY C 62 -3.85 52.05 -21.83
N PHE C 63 -2.60 52.19 -22.26
CA PHE C 63 -1.99 53.50 -22.44
C PHE C 63 -0.77 53.39 -23.33
N PHE C 64 -0.61 54.37 -24.21
CA PHE C 64 0.64 54.59 -24.92
C PHE C 64 1.23 55.92 -24.45
N TYR C 65 2.54 56.09 -24.63
CA TYR C 65 3.18 57.34 -24.26
C TYR C 65 4.51 57.52 -24.99
N ILE C 66 4.95 58.77 -25.05
CA ILE C 66 6.24 59.14 -25.63
C ILE C 66 6.93 60.07 -24.65
N ASP C 67 8.16 59.73 -24.23
CA ASP C 67 8.92 60.55 -23.30
C ASP C 67 10.31 60.84 -23.84
N VAL C 68 10.75 62.09 -23.72
CA VAL C 68 12.12 62.48 -24.03
C VAL C 68 12.66 63.35 -22.91
N GLY C 69 11.82 63.71 -21.94
CA GLY C 69 12.15 64.69 -20.94
C GLY C 69 12.73 64.08 -19.67
N ASN C 70 13.73 64.76 -19.11
CA ASN C 70 14.44 64.27 -17.94
C ASN C 70 13.59 64.51 -16.70
N HIS C 71 12.71 63.56 -16.42
CA HIS C 71 11.83 63.64 -15.27
C HIS C 71 11.29 62.26 -14.97
N ARG C 72 10.96 62.01 -13.71
CA ARG C 72 10.35 60.75 -13.32
C ARG C 72 8.94 60.68 -13.87
N SER C 73 8.64 59.60 -14.60
CA SER C 73 7.33 59.43 -15.21
C SER C 73 6.86 58.00 -14.94
N ALA C 74 5.87 57.86 -14.07
CA ALA C 74 5.45 56.55 -13.60
C ALA C 74 3.97 56.35 -13.84
N PHE C 75 3.61 55.19 -14.35
CA PHE C 75 2.25 54.82 -14.70
C PHE C 75 1.86 53.56 -13.93
N ALA C 76 0.62 53.48 -13.50
CA ALA C 76 0.22 52.35 -12.66
C ALA C 76 -1.25 52.02 -12.80
N LEU C 77 -1.54 50.73 -12.97
CA LEU C 77 -2.91 50.22 -13.07
C LEU C 77 -3.29 49.58 -11.74
N HIS C 78 -4.55 49.75 -11.34
CA HIS C 78 -5.01 49.24 -10.05
C HIS C 78 -6.52 49.24 -10.01
N THR C 79 -7.06 48.63 -8.96
CA THR C 79 -8.49 48.69 -8.72
C THR C 79 -8.79 49.90 -7.84
N GLY C 80 -10.01 49.97 -7.31
CA GLY C 80 -10.42 51.06 -6.46
C GLY C 80 -10.23 50.82 -4.97
N TYR C 81 -9.61 49.72 -4.58
CA TYR C 81 -9.42 49.43 -3.17
C TYR C 81 -8.22 48.51 -3.02
N TYR C 82 -7.55 48.64 -1.87
CA TYR C 82 -6.34 47.86 -1.61
C TYR C 82 -6.68 46.41 -1.32
N ASP C 83 -5.81 45.51 -1.76
CA ASP C 83 -5.99 44.09 -1.54
C ASP C 83 -4.60 43.45 -1.41
N ALA C 84 -4.54 42.32 -0.72
CA ALA C 84 -3.29 41.63 -0.49
C ALA C 84 -3.12 40.39 -1.36
N ASN C 85 -4.02 40.17 -2.32
CA ASN C 85 -3.91 39.03 -3.21
C ASN C 85 -4.17 39.42 -4.65
N GLN C 86 -3.75 40.62 -5.04
CA GLN C 86 -4.04 41.16 -6.35
C GLN C 86 -2.74 41.55 -7.02
N TYR C 87 -2.63 41.28 -8.31
CA TYR C 87 -1.44 41.64 -9.06
C TYR C 87 -1.61 43.06 -9.59
N TYR C 88 -0.61 43.89 -9.37
CA TYR C 88 -0.65 45.29 -9.81
C TYR C 88 0.46 45.53 -10.81
N ILE C 89 0.17 46.32 -11.83
CA ILE C 89 1.11 46.62 -12.90
C ILE C 89 1.69 48.00 -12.61
N TYR C 90 3.00 48.13 -12.74
CA TYR C 90 3.69 49.36 -12.35
C TYR C 90 4.86 49.59 -13.28
N VAL C 91 4.83 50.68 -14.02
CA VAL C 91 5.86 51.01 -15.01
C VAL C 91 6.53 52.30 -14.57
N THR C 92 7.86 52.33 -14.63
CA THR C 92 8.61 53.52 -14.27
C THR C 92 9.72 53.78 -15.28
N ASN C 93 9.71 54.95 -15.89
CA ASN C 93 10.76 55.38 -16.78
C ASN C 93 11.72 56.27 -16.02
N GLU C 94 13.01 56.10 -16.30
CA GLU C 94 14.07 56.96 -15.75
C GLU C 94 15.04 57.23 -16.88
N ILE C 95 14.85 58.32 -17.59
CA ILE C 95 15.55 58.57 -18.85
C ILE C 95 16.99 58.98 -18.56
N GLY C 96 17.94 58.21 -19.08
CA GLY C 96 19.34 58.59 -19.07
C GLY C 96 19.86 58.77 -20.48
N LEU C 97 20.68 57.81 -20.94
CA LEU C 97 21.15 57.82 -22.32
C LEU C 97 20.18 57.07 -23.24
N ASN C 98 19.43 56.13 -22.70
CA ASN C 98 18.38 55.41 -23.44
C ASN C 98 17.15 55.34 -22.56
N ALA C 99 16.17 54.56 -22.97
CA ALA C 99 14.91 54.43 -22.25
C ALA C 99 15.04 53.31 -21.24
N SER C 100 15.26 53.67 -19.98
CA SER C 100 15.32 52.71 -18.89
C SER C 100 13.90 52.50 -18.36
N VAL C 101 13.33 51.34 -18.65
CA VAL C 101 11.94 51.02 -18.33
C VAL C 101 11.95 49.86 -17.35
N THR C 102 11.15 49.96 -16.28
CA THR C 102 11.11 48.93 -15.25
C THR C 102 9.68 48.44 -15.10
N LEU C 103 9.35 47.35 -15.79
CA LEU C 103 8.05 46.72 -15.62
C LEU C 103 8.08 45.78 -14.42
N LYS C 104 7.08 45.89 -13.55
CA LYS C 104 7.03 45.08 -12.33
C LYS C 104 5.60 44.65 -12.06
N ILE C 105 5.22 43.48 -12.54
CA ILE C 105 3.92 42.88 -12.22
C ILE C 105 4.13 42.05 -10.96
N CYS C 106 3.83 42.62 -9.80
CA CYS C 106 4.15 41.97 -8.54
C CYS C 106 3.04 42.25 -7.54
N LYS C 107 2.86 41.34 -6.58
CA LYS C 107 2.06 41.64 -5.41
C LYS C 107 2.77 42.68 -4.57
N PHE C 108 2.00 43.54 -3.92
CA PHE C 108 2.56 44.61 -3.10
C PHE C 108 2.14 44.45 -1.65
N SER C 109 2.85 45.18 -0.76
CA SER C 109 2.54 45.21 0.67
C SER C 109 2.45 46.68 1.11
N ARG C 110 1.26 47.27 0.90
CA ARG C 110 0.93 48.67 1.21
C ARG C 110 1.94 49.71 0.71
N SER C 121 5.69 49.55 -1.35
CA SER C 121 6.42 49.01 -2.50
C SER C 121 7.29 47.83 -2.07
N SER C 122 6.68 46.87 -1.38
CA SER C 122 7.36 45.66 -0.93
C SER C 122 6.87 44.51 -1.79
N SER C 123 7.54 44.33 -2.93
CA SER C 123 7.20 43.25 -3.85
C SER C 123 7.72 41.93 -3.33
N PHE C 124 6.87 40.91 -3.32
CA PHE C 124 7.29 39.62 -2.79
C PHE C 124 6.87 38.44 -3.65
N ASP C 125 6.26 38.67 -4.80
CA ASP C 125 5.96 37.59 -5.75
C ASP C 125 5.80 38.25 -7.11
N CYS C 126 6.77 38.03 -7.99
CA CYS C 126 6.83 38.75 -9.25
C CYS C 126 6.72 37.77 -10.41
N ILE C 127 5.64 37.89 -11.19
CA ILE C 127 5.53 37.16 -12.44
C ILE C 127 6.59 37.64 -13.42
N VAL C 128 6.69 38.94 -13.59
CA VAL C 128 7.79 39.53 -14.35
C VAL C 128 8.37 40.68 -13.54
N ASN C 129 9.68 40.82 -13.59
CA ASN C 129 10.40 41.90 -12.91
C ASN C 129 11.67 42.13 -13.74
N LEU C 130 11.61 43.04 -14.70
CA LEU C 130 12.68 43.16 -15.67
C LEU C 130 13.18 44.59 -15.76
N LEU C 131 13.99 44.82 -16.78
CA LEU C 131 14.59 46.12 -17.05
C LEU C 131 14.97 46.16 -18.52
N PHE C 132 14.34 47.03 -19.27
CA PHE C 132 14.52 47.08 -20.72
C PHE C 132 15.31 48.31 -21.11
N THR C 133 16.18 48.16 -22.09
CA THR C 133 16.89 49.27 -22.71
C THR C 133 16.25 49.48 -24.08
N GLU C 134 15.45 50.53 -24.20
CA GLU C 134 14.64 50.76 -25.38
C GLU C 134 15.16 51.97 -26.15
N GLN C 135 14.92 51.93 -27.46
CA GLN C 135 15.34 53.01 -28.34
C GLN C 135 14.54 54.27 -28.07
N LEU C 136 15.24 55.40 -27.94
CA LEU C 136 14.59 56.67 -27.68
C LEU C 136 13.87 57.16 -28.94
N GLY C 137 12.64 57.63 -28.77
CA GLY C 137 11.82 58.06 -29.87
C GLY C 137 10.82 57.05 -30.35
N ALA C 138 10.48 56.05 -29.54
CA ALA C 138 9.55 55.00 -29.94
C ALA C 138 8.55 54.76 -28.80
N PRO C 139 7.26 54.82 -29.05
CA PRO C 139 6.27 54.71 -27.96
C PRO C 139 6.07 53.27 -27.53
N LEU C 140 5.80 53.08 -26.24
CA LEU C 140 5.56 51.76 -25.69
C LEU C 140 4.09 51.63 -25.32
N GLY C 141 3.71 50.51 -24.71
CA GLY C 141 2.33 50.36 -24.27
C GLY C 141 1.92 49.00 -23.76
N ILE C 142 0.88 48.98 -22.93
CA ILE C 142 0.32 47.78 -22.34
C ILE C 142 -1.17 47.76 -22.64
N THR C 143 -1.71 46.61 -23.02
CA THR C 143 -3.14 46.42 -23.13
C THR C 143 -3.53 45.16 -22.37
N ILE C 144 -4.78 45.08 -21.95
CA ILE C 144 -5.28 43.94 -21.18
C ILE C 144 -6.55 43.42 -21.85
N SER C 145 -6.61 42.11 -22.06
CA SER C 145 -7.77 41.47 -22.66
C SER C 145 -7.99 40.14 -21.97
N GLY C 146 -9.04 40.04 -21.15
CA GLY C 146 -9.27 38.79 -20.44
C GLY C 146 -8.26 38.66 -19.31
N GLU C 147 -7.63 37.49 -19.21
CA GLU C 147 -6.54 37.31 -18.27
C GLU C 147 -5.18 37.39 -18.96
N THR C 148 -5.11 38.06 -20.10
CA THR C 148 -3.89 38.15 -20.89
C THR C 148 -3.39 39.58 -20.87
N VAL C 149 -2.12 39.76 -20.55
CA VAL C 149 -1.50 41.08 -20.54
C VAL C 149 -0.53 41.14 -21.72
N ARG C 150 -0.88 41.90 -22.73
CA ARG C 150 0.03 42.07 -23.85
C ARG C 150 1.08 43.11 -23.51
N LEU C 151 2.06 43.26 -24.41
CA LEU C 151 3.15 44.21 -24.17
C LEU C 151 3.75 44.59 -25.53
N HIS C 152 3.40 45.77 -26.02
CA HIS C 152 3.96 46.24 -27.27
C HIS C 152 5.30 46.92 -27.01
N LEU C 153 6.32 46.57 -27.78
CA LEU C 153 7.65 47.09 -27.49
C LEU C 153 8.44 47.51 -28.72
N TYR C 154 7.76 47.86 -29.82
CA TYR C 154 8.29 48.48 -31.05
C TYR C 154 9.13 47.52 -31.90
N ASN C 155 9.46 46.36 -31.35
CA ASN C 155 10.23 45.38 -32.09
C ASN C 155 9.74 43.95 -31.89
N VAL C 156 9.05 43.65 -30.79
CA VAL C 156 8.48 42.33 -30.52
C VAL C 156 7.08 42.53 -29.96
N THR C 157 6.44 41.44 -29.57
CA THR C 157 5.16 41.50 -28.86
C THR C 157 5.14 40.32 -27.90
N ARG C 158 5.37 40.62 -26.62
CA ARG C 158 5.51 39.60 -25.60
C ARG C 158 4.20 39.50 -24.82
N THR C 159 3.86 38.30 -24.37
CA THR C 159 2.54 38.01 -23.83
C THR C 159 2.66 37.25 -22.50
N PHE C 160 1.97 37.75 -21.48
CA PHE C 160 1.98 37.16 -20.15
C PHE C 160 0.56 36.75 -19.77
N TYR C 161 0.43 35.78 -18.86
CA TYR C 161 -0.87 35.28 -18.44
C TYR C 161 -1.04 35.53 -16.94
N VAL C 162 -1.50 36.72 -16.59
CA VAL C 162 -1.66 37.10 -15.19
C VAL C 162 -3.00 36.60 -14.68
N PRO C 163 -3.04 35.86 -13.58
CA PRO C 163 -4.32 35.41 -13.03
C PRO C 163 -5.07 36.56 -12.39
N ALA C 164 -6.37 36.61 -12.69
CA ALA C 164 -7.32 37.62 -12.17
C ALA C 164 -6.84 39.03 -12.47
N ALA C 165 -6.63 39.31 -13.75
CA ALA C 165 -6.15 40.60 -14.20
C ALA C 165 -7.19 41.36 -15.00
N TYR C 166 -8.41 40.85 -15.08
CA TYR C 166 -9.48 41.60 -15.72
C TYR C 166 -10.03 42.71 -14.85
N LYS C 167 -9.78 42.65 -13.54
CA LYS C 167 -10.31 43.62 -12.59
C LYS C 167 -9.56 44.95 -12.62
N LEU C 168 -8.41 45.02 -13.27
CA LEU C 168 -7.61 46.24 -13.25
C LEU C 168 -8.24 47.25 -14.20
N THR C 169 -9.16 48.03 -13.65
CA THR C 169 -9.93 48.98 -14.45
C THR C 169 -9.40 50.41 -14.38
N LYS C 170 -8.96 50.85 -13.20
CA LYS C 170 -8.56 52.24 -13.03
C LYS C 170 -7.17 52.47 -13.60
N LEU C 171 -6.74 53.73 -13.57
CA LEU C 171 -5.42 54.10 -14.08
C LEU C 171 -4.95 55.35 -13.37
N SER C 172 -3.78 55.28 -12.73
CA SER C 172 -3.19 56.41 -12.02
C SER C 172 -1.97 56.88 -12.79
N VAL C 173 -1.98 58.14 -13.21
CA VAL C 173 -0.97 58.67 -14.13
C VAL C 173 -0.23 59.81 -13.45
N LYS C 174 1.11 59.71 -13.46
CA LYS C 174 2.00 60.77 -12.99
C LYS C 174 2.85 61.20 -14.19
N CYS C 175 2.31 62.12 -14.98
CA CYS C 175 2.94 62.58 -16.22
C CYS C 175 2.74 64.08 -16.36
N TYR C 176 3.79 64.77 -16.84
CA TYR C 176 3.81 66.22 -16.92
C TYR C 176 4.10 66.65 -18.35
N PHE C 177 3.17 67.39 -18.95
CA PHE C 177 3.40 67.90 -20.30
C PHE C 177 4.51 68.95 -20.34
N ASN C 178 4.74 69.64 -19.23
CA ASN C 178 5.80 70.63 -19.15
C ASN C 178 7.19 70.01 -19.25
N TYR C 179 7.33 68.72 -18.90
CA TYR C 179 8.56 67.98 -19.10
C TYR C 179 8.50 67.10 -20.35
N SER C 180 7.63 67.46 -21.31
CA SER C 180 7.47 66.78 -22.60
C SER C 180 7.09 65.30 -22.43
N CYS C 181 6.04 65.07 -21.64
CA CYS C 181 5.42 63.76 -21.49
C CYS C 181 4.00 63.84 -22.01
N VAL C 182 3.68 63.06 -23.04
CA VAL C 182 2.34 62.97 -23.60
C VAL C 182 1.88 61.52 -23.56
N PHE C 183 0.56 61.33 -23.51
CA PHE C 183 0.04 59.98 -23.33
C PHE C 183 -1.39 59.92 -23.85
N SER C 184 -1.79 58.73 -24.29
CA SER C 184 -3.14 58.43 -24.75
C SER C 184 -3.77 57.37 -23.87
N VAL C 185 -5.09 57.29 -23.93
CA VAL C 185 -5.87 56.38 -23.09
C VAL C 185 -6.78 55.56 -23.99
N VAL C 186 -6.73 54.25 -23.83
CA VAL C 186 -7.48 53.33 -24.69
C VAL C 186 -8.77 52.96 -24.00
N ASN C 187 -9.90 53.16 -24.70
CA ASN C 187 -11.20 52.70 -24.19
C ASN C 187 -11.58 51.33 -24.70
N ALA C 188 -11.85 51.22 -26.01
CA ALA C 188 -12.43 50.00 -26.59
C ALA C 188 -12.47 49.98 -28.11
N THR C 189 -11.93 48.91 -28.71
CA THR C 189 -12.38 48.26 -29.95
C THR C 189 -12.67 49.23 -31.10
N VAL C 190 -11.62 49.86 -31.57
CA VAL C 190 -11.72 50.87 -32.61
C VAL C 190 -11.41 50.22 -33.95
N THR C 191 -12.09 50.65 -35.01
CA THR C 191 -11.85 50.20 -36.37
C THR C 191 -11.09 51.27 -37.13
N VAL C 192 -9.91 50.94 -37.64
CA VAL C 192 -8.96 51.91 -38.17
C VAL C 192 -8.53 51.50 -39.57
N ASN C 193 -8.64 52.42 -40.52
CA ASN C 193 -8.08 52.24 -41.85
C ASN C 193 -6.64 52.73 -41.86
N VAL C 194 -5.72 51.89 -42.31
CA VAL C 194 -4.28 52.15 -42.24
C VAL C 194 -3.68 52.10 -43.64
N THR C 195 -2.91 53.13 -43.99
CA THR C 195 -2.22 53.19 -45.28
C THR C 195 -0.72 53.26 -45.03
N THR C 196 0.03 52.35 -45.66
CA THR C 196 1.47 52.34 -45.54
C THR C 196 2.13 52.61 -46.88
N HIS C 197 3.33 53.19 -46.83
CA HIS C 197 4.15 53.37 -48.03
C HIS C 197 5.62 53.33 -47.60
N ASN C 198 6.29 52.22 -47.95
CA ASN C 198 7.72 52.00 -47.72
C ASN C 198 8.11 52.12 -46.26
N GLY C 199 7.43 51.36 -45.41
CA GLY C 199 7.76 51.28 -44.01
C GLY C 199 7.30 52.46 -43.17
N ARG C 200 6.54 53.39 -43.74
CA ARG C 200 6.10 54.57 -43.03
C ARG C 200 4.58 54.61 -43.01
N VAL C 201 4.02 54.70 -41.80
CA VAL C 201 2.57 54.79 -41.65
C VAL C 201 2.13 56.18 -42.13
N VAL C 202 1.41 56.22 -43.25
CA VAL C 202 1.07 57.48 -43.89
C VAL C 202 -0.22 58.05 -43.32
N ASN C 203 -1.32 57.34 -43.47
CA ASN C 203 -2.62 57.80 -42.98
C ASN C 203 -3.10 56.93 -41.84
N TYR C 204 -4.05 57.48 -41.06
CA TYR C 204 -4.55 56.80 -39.87
C TYR C 204 -5.92 57.41 -39.57
N THR C 205 -6.98 56.69 -39.90
CA THR C 205 -8.32 57.25 -39.88
C THR C 205 -9.28 56.28 -39.18
N VAL C 206 -10.08 56.83 -38.28
CA VAL C 206 -11.04 56.06 -37.48
C VAL C 206 -12.38 56.04 -38.20
N CYS C 207 -12.98 54.85 -38.35
CA CYS C 207 -14.33 54.73 -38.87
C CYS C 207 -15.38 55.31 -37.94
N ASP C 208 -16.07 56.36 -38.37
CA ASP C 208 -17.39 56.66 -37.81
C ASP C 208 -18.46 55.82 -38.48
N ASP C 209 -18.11 55.23 -39.62
CA ASP C 209 -18.81 54.13 -40.28
C ASP C 209 -18.31 52.85 -39.64
N CYS C 210 -18.41 51.73 -40.36
CA CYS C 210 -17.83 50.43 -39.99
C CYS C 210 -18.55 49.86 -38.77
N ASN C 211 -19.88 49.74 -38.88
CA ASN C 211 -20.69 49.12 -37.84
C ASN C 211 -20.46 47.62 -37.83
N GLY C 212 -20.24 47.07 -36.66
CA GLY C 212 -20.13 45.64 -36.49
C GLY C 212 -18.84 45.02 -36.96
N TYR C 213 -17.89 45.81 -37.47
CA TYR C 213 -16.66 45.23 -37.97
C TYR C 213 -15.72 44.77 -36.86
N THR C 214 -15.98 45.14 -35.61
CA THR C 214 -15.08 44.78 -34.53
C THR C 214 -15.18 43.33 -34.12
N ASP C 215 -16.21 42.61 -34.59
CA ASP C 215 -16.43 41.23 -34.18
C ASP C 215 -16.27 40.24 -35.32
N ASN C 216 -15.99 40.69 -36.53
CA ASN C 216 -15.93 39.77 -37.66
C ASN C 216 -14.77 39.97 -38.61
N ILE C 217 -14.04 41.08 -38.55
CA ILE C 217 -12.96 41.36 -39.49
C ILE C 217 -11.68 41.55 -38.70
N PHE C 218 -10.58 41.04 -39.23
CA PHE C 218 -9.27 41.30 -38.64
C PHE C 218 -8.22 41.31 -39.75
N SER C 219 -6.94 41.33 -39.36
CA SER C 219 -5.85 41.29 -40.32
C SER C 219 -4.90 40.18 -39.95
N VAL C 220 -4.45 39.43 -40.94
CA VAL C 220 -3.66 38.23 -40.72
C VAL C 220 -2.24 38.63 -40.34
N GLN C 221 -1.74 38.05 -39.25
CA GLN C 221 -0.40 38.36 -38.76
C GLN C 221 0.65 37.61 -39.58
N GLN C 222 1.88 37.62 -39.08
CA GLN C 222 2.97 36.88 -39.71
C GLN C 222 2.77 35.39 -39.54
N ASP C 223 3.05 34.64 -40.62
CA ASP C 223 2.94 33.18 -40.69
C ASP C 223 1.50 32.72 -40.47
N GLY C 224 0.55 33.52 -40.94
CA GLY C 224 -0.83 33.09 -41.00
C GLY C 224 -1.55 32.92 -39.69
N ARG C 225 -1.08 33.57 -38.63
CA ARG C 225 -1.75 33.42 -37.34
C ARG C 225 -3.02 34.26 -37.29
N ILE C 226 -3.77 34.08 -36.22
CA ILE C 226 -4.92 34.91 -35.88
C ILE C 226 -4.54 35.77 -34.68
N PRO C 227 -4.78 37.07 -34.71
CA PRO C 227 -4.30 37.96 -33.65
C PRO C 227 -4.96 37.68 -32.31
N ASN C 228 -4.34 38.20 -31.27
CA ASN C 228 -4.84 38.00 -29.93
C ASN C 228 -6.01 38.94 -29.67
N GLY C 229 -6.87 38.55 -28.72
CA GLY C 229 -7.96 39.41 -28.32
C GLY C 229 -9.06 39.51 -29.34
N PHE C 230 -9.23 38.52 -30.19
CA PHE C 230 -10.31 38.53 -31.16
C PHE C 230 -11.43 37.63 -30.66
N PRO C 231 -12.60 38.17 -30.31
CA PRO C 231 -13.71 37.33 -29.86
C PRO C 231 -14.27 36.52 -31.02
N PHE C 232 -14.16 35.20 -30.91
CA PHE C 232 -14.55 34.31 -32.01
C PHE C 232 -16.06 34.31 -32.11
N ASN C 233 -16.60 35.04 -33.07
CA ASN C 233 -18.04 35.23 -33.15
C ASN C 233 -18.73 33.99 -33.69
N ASN C 234 -18.30 33.49 -34.84
CA ASN C 234 -18.91 32.32 -35.44
C ASN C 234 -17.83 31.34 -35.85
N TRP C 235 -16.94 31.04 -34.93
CA TRP C 235 -15.82 30.14 -35.20
C TRP C 235 -16.04 28.90 -34.34
N PHE C 236 -16.70 27.91 -34.93
CA PHE C 236 -17.02 26.68 -34.23
C PHE C 236 -15.87 25.69 -34.31
N LEU C 237 -15.90 24.72 -33.42
CA LEU C 237 -14.99 23.59 -33.49
C LEU C 237 -15.60 22.51 -34.35
N LEU C 238 -14.77 21.86 -35.15
CA LEU C 238 -15.24 20.83 -36.07
C LEU C 238 -15.12 19.48 -35.41
N THR C 239 -16.00 18.56 -35.79
CA THR C 239 -15.98 17.25 -35.16
C THR C 239 -16.62 16.19 -36.04
N ASN C 240 -16.16 14.95 -35.84
CA ASN C 240 -16.79 13.78 -36.43
C ASN C 240 -17.73 13.07 -35.47
N GLY C 241 -17.72 13.44 -34.19
CA GLY C 241 -18.49 12.73 -33.17
C GLY C 241 -19.23 13.63 -32.21
N SER C 242 -18.95 13.52 -30.92
CA SER C 242 -19.62 14.32 -29.91
C SER C 242 -19.09 15.76 -29.93
N THR C 243 -19.74 16.62 -29.16
CA THR C 243 -19.34 18.01 -29.03
C THR C 243 -18.84 18.28 -27.63
N LEU C 244 -17.71 18.98 -27.53
CA LEU C 244 -17.17 19.35 -26.24
C LEU C 244 -18.02 20.45 -25.62
N VAL C 245 -17.94 20.55 -24.29
CA VAL C 245 -18.69 21.56 -23.54
C VAL C 245 -17.77 22.52 -22.81
N ASP C 246 -16.96 22.01 -21.88
CA ASP C 246 -16.08 22.86 -21.08
C ASP C 246 -14.72 22.20 -20.92
N GLY C 247 -13.74 22.98 -20.50
CA GLY C 247 -12.44 22.48 -20.12
C GLY C 247 -11.38 22.76 -21.16
N VAL C 248 -10.12 22.60 -20.74
CA VAL C 248 -8.96 22.83 -21.58
C VAL C 248 -8.53 21.52 -22.22
N SER C 249 -8.31 21.53 -23.54
CA SER C 249 -8.01 20.30 -24.25
C SER C 249 -7.31 20.61 -25.57
N ARG C 250 -6.24 19.86 -25.86
CA ARG C 250 -5.57 19.98 -27.15
C ARG C 250 -6.45 19.45 -28.26
N LEU C 251 -6.22 19.95 -29.47
CA LEU C 251 -7.04 19.59 -30.60
C LEU C 251 -6.16 19.56 -31.85
N TYR C 252 -6.80 19.45 -33.00
CA TYR C 252 -6.14 19.50 -34.31
C TYR C 252 -7.15 20.09 -35.29
N GLN C 253 -7.09 21.40 -35.46
CA GLN C 253 -8.17 22.17 -36.07
C GLN C 253 -7.65 23.06 -37.19
N PRO C 254 -8.52 23.50 -38.13
CA PRO C 254 -8.06 24.42 -39.18
C PRO C 254 -8.01 25.89 -38.76
N LEU C 255 -6.90 26.31 -38.15
CA LEU C 255 -6.79 27.66 -37.63
C LEU C 255 -5.46 28.29 -38.01
N ARG C 256 -5.06 28.16 -39.28
CA ARG C 256 -3.91 28.90 -39.80
C ARG C 256 -4.28 29.39 -41.19
N LEU C 257 -4.55 30.69 -41.29
CA LEU C 257 -5.13 31.21 -42.51
C LEU C 257 -4.03 31.47 -43.55
N THR C 258 -4.44 31.54 -44.82
CA THR C 258 -3.58 32.05 -45.88
C THR C 258 -4.17 33.22 -46.63
N CYS C 259 -5.46 33.49 -46.47
CA CYS C 259 -6.08 34.72 -46.97
C CYS C 259 -7.30 35.02 -46.12
N LEU C 260 -7.95 36.13 -46.43
CA LEU C 260 -9.18 36.55 -45.77
C LEU C 260 -9.81 37.58 -46.68
N TRP C 261 -11.07 37.41 -47.04
CA TRP C 261 -11.65 38.25 -48.07
C TRP C 261 -12.88 38.95 -47.50
N PRO C 262 -12.69 40.12 -46.90
CA PRO C 262 -13.76 40.74 -46.10
C PRO C 262 -14.75 41.45 -46.99
N VAL C 263 -16.02 41.31 -46.64
CA VAL C 263 -17.21 41.79 -47.33
C VAL C 263 -17.11 41.37 -48.78
N PRO C 264 -17.35 40.11 -49.12
CA PRO C 264 -17.15 39.71 -50.53
C PRO C 264 -18.27 40.20 -51.44
N GLY C 265 -19.53 40.16 -50.98
CA GLY C 265 -20.66 40.46 -51.84
C GLY C 265 -20.78 39.51 -53.02
N LEU C 266 -21.03 38.23 -52.74
CA LEU C 266 -21.17 37.27 -53.82
C LEU C 266 -22.54 37.41 -54.46
N LYS C 267 -22.59 37.18 -55.77
CA LYS C 267 -23.83 37.38 -56.51
C LYS C 267 -24.25 36.14 -57.25
N SER C 268 -25.25 36.28 -58.12
CA SER C 268 -25.67 35.18 -58.98
C SER C 268 -24.75 35.01 -60.18
N SER C 269 -23.88 35.97 -60.45
CA SER C 269 -23.02 35.91 -61.63
C SER C 269 -21.56 36.00 -61.27
N THR C 270 -21.13 35.25 -60.25
CA THR C 270 -19.72 35.23 -59.88
C THR C 270 -19.00 34.05 -60.51
N GLY C 271 -19.47 32.83 -60.26
CA GLY C 271 -18.90 31.64 -60.85
C GLY C 271 -18.45 30.65 -59.79
N PHE C 272 -17.34 29.97 -60.07
CA PHE C 272 -16.78 29.04 -59.12
C PHE C 272 -15.67 29.70 -58.30
N VAL C 273 -15.19 28.98 -57.29
CA VAL C 273 -14.06 29.40 -56.46
C VAL C 273 -13.16 28.18 -56.28
N TYR C 274 -11.88 28.32 -56.61
CA TYR C 274 -11.01 27.17 -56.84
C TYR C 274 -9.94 26.97 -55.77
N PHE C 275 -10.26 27.21 -54.49
CA PHE C 275 -9.42 26.88 -53.33
C PHE C 275 -8.05 27.55 -53.34
N ASN C 276 -7.89 28.68 -54.01
CA ASN C 276 -6.66 29.46 -53.91
C ASN C 276 -6.92 30.93 -54.21
N ALA C 277 -6.24 31.79 -53.47
CA ALA C 277 -6.46 33.23 -53.52
C ALA C 277 -5.56 33.92 -54.55
N THR C 278 -5.55 33.40 -55.77
CA THR C 278 -4.78 33.98 -56.86
C THR C 278 -5.66 34.37 -58.03
N GLY C 279 -6.96 34.49 -57.82
CA GLY C 279 -7.89 34.81 -58.87
C GLY C 279 -7.86 36.28 -59.26
N SER C 280 -8.99 36.73 -59.81
CA SER C 280 -9.14 38.10 -60.27
C SER C 280 -10.01 38.96 -59.38
N ASP C 281 -10.77 38.36 -58.46
CA ASP C 281 -11.66 39.11 -57.58
C ASP C 281 -11.26 39.03 -56.12
N VAL C 282 -10.21 38.29 -55.80
CA VAL C 282 -9.83 38.08 -54.41
C VAL C 282 -9.03 39.27 -53.94
N ASN C 283 -9.50 39.93 -52.89
CA ASN C 283 -8.81 41.05 -52.27
C ASN C 283 -8.49 40.65 -50.84
N CYS C 284 -7.33 40.04 -50.64
CA CYS C 284 -6.93 39.56 -49.34
C CYS C 284 -6.65 40.75 -48.40
N ASN C 285 -6.57 40.45 -47.11
CA ASN C 285 -6.46 41.46 -46.08
C ASN C 285 -5.25 41.14 -45.22
N GLY C 286 -4.24 42.00 -45.25
CA GLY C 286 -3.01 41.75 -44.52
C GLY C 286 -2.05 40.94 -45.35
N TYR C 287 -1.38 39.97 -44.72
CA TYR C 287 -0.46 39.11 -45.44
C TYR C 287 -1.21 38.13 -46.32
N GLN C 288 -0.51 37.60 -47.32
CA GLN C 288 -1.14 36.79 -48.35
C GLN C 288 -0.10 35.82 -48.88
N HIS C 289 -0.14 34.58 -48.39
CA HIS C 289 0.80 33.56 -48.79
C HIS C 289 0.17 32.73 -49.90
N ASN C 290 0.96 32.40 -50.92
CA ASN C 290 0.46 31.52 -51.95
C ASN C 290 0.79 30.08 -51.57
N SER C 291 -0.23 29.26 -51.43
CA SER C 291 -0.10 27.85 -51.10
C SER C 291 -1.39 27.17 -51.55
N VAL C 292 -1.61 25.94 -51.10
CA VAL C 292 -2.86 25.21 -51.33
C VAL C 292 -3.45 24.87 -49.98
N VAL C 293 -4.77 25.02 -49.86
CA VAL C 293 -5.48 25.06 -48.58
C VAL C 293 -6.32 23.81 -48.42
N ASP C 294 -7.05 23.70 -47.32
CA ASP C 294 -7.92 22.56 -47.09
C ASP C 294 -9.39 22.92 -46.98
N VAL C 295 -9.76 23.97 -46.24
CA VAL C 295 -11.16 24.28 -46.04
C VAL C 295 -11.52 25.64 -46.60
N MET C 296 -12.80 26.00 -46.53
CA MET C 296 -13.25 27.37 -46.79
C MET C 296 -14.31 27.73 -45.75
N ARG C 297 -13.93 28.52 -44.76
CA ARG C 297 -14.86 28.91 -43.72
C ARG C 297 -15.74 30.04 -44.23
N TYR C 298 -17.03 29.78 -44.40
CA TYR C 298 -17.97 30.86 -44.67
C TYR C 298 -18.40 31.50 -43.36
N ASN C 299 -19.17 32.58 -43.45
CA ASN C 299 -19.69 33.24 -42.26
C ASN C 299 -20.95 33.99 -42.65
N LEU C 300 -22.04 33.78 -41.93
CA LEU C 300 -23.35 34.23 -42.36
C LEU C 300 -23.78 35.50 -41.66
N ASN C 301 -24.29 36.45 -42.42
CA ASN C 301 -24.85 37.68 -41.91
C ASN C 301 -26.36 37.52 -41.80
N PHE C 302 -26.88 37.63 -40.58
CA PHE C 302 -28.31 37.47 -40.35
C PHE C 302 -28.79 38.53 -39.36
N SER C 303 -30.01 39.01 -39.57
CA SER C 303 -30.63 39.95 -38.66
C SER C 303 -31.73 39.26 -37.87
N ALA C 304 -32.24 39.98 -36.85
CA ALA C 304 -33.27 39.43 -35.97
C ALA C 304 -34.63 39.30 -36.64
N ASN C 305 -34.81 39.90 -37.82
CA ASN C 305 -35.96 39.58 -38.67
C ASN C 305 -35.95 38.11 -39.04
N SER C 306 -37.14 37.55 -39.23
CA SER C 306 -37.28 36.21 -39.77
C SER C 306 -38.02 36.21 -41.10
N LEU C 307 -38.00 37.35 -41.79
CA LEU C 307 -38.59 37.48 -43.12
C LEU C 307 -37.57 37.82 -44.20
N ASP C 308 -36.59 38.65 -43.89
CA ASP C 308 -35.51 38.93 -44.82
C ASP C 308 -34.40 37.89 -44.77
N ASN C 309 -34.53 36.90 -43.90
CA ASN C 309 -33.51 35.87 -43.73
C ASN C 309 -33.92 34.58 -44.40
N LEU C 310 -34.58 34.68 -45.56
CA LEU C 310 -35.08 33.52 -46.29
C LEU C 310 -34.60 33.67 -47.72
N LYS C 311 -33.40 33.17 -47.98
CA LYS C 311 -32.71 33.39 -49.25
C LYS C 311 -32.97 32.22 -50.19
N SER C 312 -33.13 32.52 -51.47
CA SER C 312 -33.56 31.54 -52.47
C SER C 312 -32.38 31.17 -53.38
N GLY C 313 -31.91 29.93 -53.26
CA GLY C 313 -30.86 29.47 -54.15
C GLY C 313 -30.34 28.11 -53.74
N VAL C 314 -29.39 27.62 -54.53
CA VAL C 314 -28.82 26.28 -54.35
C VAL C 314 -27.34 26.39 -54.07
N ILE C 315 -26.67 25.26 -53.88
CA ILE C 315 -25.21 25.17 -53.78
C ILE C 315 -24.76 24.13 -54.79
N VAL C 316 -23.88 24.50 -55.69
CA VAL C 316 -23.40 23.61 -56.74
C VAL C 316 -21.96 23.25 -56.45
N PHE C 317 -21.67 21.98 -56.28
CA PHE C 317 -20.32 21.50 -56.10
C PHE C 317 -19.74 21.11 -57.46
N LYS C 318 -18.52 20.56 -57.44
CA LYS C 318 -17.88 20.11 -58.68
C LYS C 318 -16.94 18.96 -58.33
N THR C 319 -17.40 17.74 -58.52
CA THR C 319 -16.58 16.58 -58.27
C THR C 319 -15.88 16.17 -59.56
N LEU C 320 -15.28 14.98 -59.57
CA LEU C 320 -14.53 14.53 -60.72
C LEU C 320 -15.42 13.99 -61.83
N GLN C 321 -16.64 13.58 -61.49
CA GLN C 321 -17.53 12.95 -62.45
C GLN C 321 -18.77 13.79 -62.73
N TYR C 322 -19.57 14.09 -61.70
CA TYR C 322 -20.85 14.73 -61.89
C TYR C 322 -21.10 15.75 -60.80
N ASP C 323 -21.90 16.75 -61.12
CA ASP C 323 -22.15 17.83 -60.18
C ASP C 323 -23.20 17.41 -59.16
N VAL C 324 -23.07 17.95 -57.95
CA VAL C 324 -23.95 17.62 -56.84
C VAL C 324 -24.64 18.90 -56.40
N LEU C 325 -25.96 18.83 -56.22
CA LEU C 325 -26.82 19.99 -56.06
C LEU C 325 -27.52 19.89 -54.71
N PHE C 326 -27.35 20.91 -53.87
CA PHE C 326 -27.85 20.90 -52.50
C PHE C 326 -28.88 22.01 -52.31
N TYR C 327 -29.97 21.71 -51.61
CA TYR C 327 -31.01 22.70 -51.33
C TYR C 327 -31.82 22.23 -50.12
N CYS C 328 -32.67 23.12 -49.63
CA CYS C 328 -33.51 22.81 -48.49
C CYS C 328 -34.91 23.34 -48.72
N SER C 329 -35.90 22.72 -48.09
CA SER C 329 -37.28 23.17 -48.16
C SER C 329 -37.99 22.72 -46.89
N ASN C 330 -39.26 23.10 -46.76
CA ASN C 330 -39.99 22.84 -45.53
C ASN C 330 -41.04 21.74 -45.63
N SER C 331 -41.22 21.10 -46.77
CA SER C 331 -42.14 19.99 -46.89
C SER C 331 -41.40 18.75 -47.35
N SER C 332 -41.85 17.59 -46.88
CA SER C 332 -41.18 16.32 -47.18
C SER C 332 -41.31 15.94 -48.65
N SER C 333 -42.32 16.42 -49.35
CA SER C 333 -42.40 16.27 -50.80
C SER C 333 -41.74 17.47 -51.47
N GLY C 334 -40.42 17.57 -51.29
CA GLY C 334 -39.68 18.74 -51.69
C GLY C 334 -39.46 18.88 -53.18
N VAL C 335 -40.55 19.13 -53.91
CA VAL C 335 -40.50 19.35 -55.35
C VAL C 335 -41.04 20.72 -55.73
N LEU C 336 -41.27 21.60 -54.75
CA LEU C 336 -41.93 22.87 -55.00
C LEU C 336 -41.24 24.07 -54.37
N ASP C 337 -40.03 23.93 -53.83
CA ASP C 337 -39.46 25.02 -53.06
C ASP C 337 -37.94 24.89 -53.10
N THR C 338 -37.26 26.03 -52.95
CA THR C 338 -35.80 26.06 -52.85
C THR C 338 -35.42 27.29 -52.03
N THR C 339 -35.11 27.08 -50.76
CA THR C 339 -34.68 28.15 -49.87
C THR C 339 -33.55 27.65 -48.99
N ILE C 340 -32.79 28.59 -48.44
CA ILE C 340 -31.87 28.30 -47.34
C ILE C 340 -32.07 29.38 -46.28
N PRO C 341 -32.47 29.03 -45.07
CA PRO C 341 -32.64 30.04 -44.03
C PRO C 341 -31.31 30.44 -43.42
N PHE C 342 -31.25 31.69 -42.97
CA PHE C 342 -30.13 32.21 -42.21
C PHE C 342 -30.62 32.59 -40.82
N GLY C 343 -29.77 32.40 -39.83
CA GLY C 343 -30.09 32.81 -38.48
C GLY C 343 -31.21 32.01 -37.85
N PRO C 344 -32.01 32.65 -37.01
CA PRO C 344 -33.06 31.93 -36.30
C PRO C 344 -34.26 31.64 -37.19
N SER C 345 -34.96 30.56 -36.86
CA SER C 345 -36.08 30.10 -37.65
C SER C 345 -37.21 29.69 -36.72
N SER C 346 -38.30 29.17 -37.30
CA SER C 346 -39.49 28.88 -36.53
C SER C 346 -40.11 27.51 -36.81
N GLN C 347 -39.72 26.81 -37.87
CA GLN C 347 -40.26 25.51 -38.20
C GLN C 347 -39.18 24.71 -38.90
N PRO C 348 -39.20 23.37 -38.80
CA PRO C 348 -38.08 22.59 -39.32
C PRO C 348 -38.06 22.53 -40.84
N TYR C 349 -36.84 22.52 -41.39
CA TYR C 349 -36.60 22.40 -42.81
C TYR C 349 -35.91 21.07 -43.12
N TYR C 350 -36.11 20.58 -44.32
CA TYR C 350 -35.59 19.28 -44.77
C TYR C 350 -34.63 19.54 -45.91
N CYS C 351 -33.51 18.82 -45.97
CA CYS C 351 -32.47 19.15 -46.95
C CYS C 351 -32.08 17.93 -47.78
N PHE C 352 -31.93 18.13 -49.08
CA PHE C 352 -31.86 17.05 -50.07
C PHE C 352 -30.54 17.10 -50.84
N ILE C 353 -30.38 16.20 -51.81
CA ILE C 353 -29.25 16.16 -52.74
C ILE C 353 -29.77 15.68 -54.09
N ASN C 354 -29.51 16.43 -55.16
CA ASN C 354 -29.73 15.93 -56.51
C ASN C 354 -28.43 15.46 -57.12
N SER C 355 -28.56 14.69 -58.20
CA SER C 355 -27.45 14.28 -59.04
C SER C 355 -28.01 13.89 -60.40
N THR C 356 -27.12 13.59 -61.33
CA THR C 356 -27.56 13.20 -62.68
C THR C 356 -26.59 12.20 -63.26
N ILE C 357 -27.07 10.99 -63.52
CA ILE C 357 -26.27 9.91 -64.11
C ILE C 357 -27.08 9.39 -65.30
N ASN C 358 -26.81 9.93 -66.50
CA ASN C 358 -27.47 9.56 -67.77
C ASN C 358 -28.99 9.69 -67.71
N THR C 359 -29.43 10.93 -67.48
CA THR C 359 -30.84 11.33 -67.42
C THR C 359 -31.63 10.52 -66.39
N THR C 360 -30.97 10.14 -65.30
CA THR C 360 -31.59 9.39 -64.22
C THR C 360 -31.42 10.25 -62.98
N HIS C 361 -32.40 11.12 -62.73
CA HIS C 361 -32.27 12.09 -61.66
C HIS C 361 -32.50 11.43 -60.31
N VAL C 362 -31.51 11.54 -59.44
CA VAL C 362 -31.47 10.81 -58.18
C VAL C 362 -31.59 11.79 -57.02
N SER C 363 -32.48 11.51 -56.08
CA SER C 363 -32.68 12.36 -54.93
C SER C 363 -32.59 11.52 -53.66
N THR C 364 -32.30 12.20 -52.55
CA THR C 364 -32.18 11.52 -51.26
C THR C 364 -32.46 12.51 -50.14
N PHE C 365 -32.42 12.01 -48.90
CA PHE C 365 -32.68 12.79 -47.71
C PHE C 365 -31.44 12.77 -46.84
N VAL C 366 -31.11 13.90 -46.23
CA VAL C 366 -29.88 14.06 -45.46
C VAL C 366 -30.16 14.33 -43.99
N GLY C 367 -30.97 15.34 -43.69
CA GLY C 367 -31.29 15.61 -42.31
C GLY C 367 -32.03 16.92 -42.13
N ILE C 368 -32.05 17.38 -40.88
CA ILE C 368 -32.74 18.59 -40.46
C ILE C 368 -31.70 19.66 -40.20
N LEU C 369 -32.02 20.91 -40.50
CA LEU C 369 -31.11 21.95 -40.07
C LEU C 369 -31.26 22.20 -38.57
N PRO C 370 -30.21 22.66 -37.90
CA PRO C 370 -30.33 23.09 -36.51
C PRO C 370 -31.16 24.36 -36.43
N PRO C 371 -31.61 24.77 -35.23
CA PRO C 371 -32.50 25.93 -35.15
C PRO C 371 -31.87 27.27 -35.53
N THR C 372 -30.55 27.37 -35.68
CA THR C 372 -29.92 28.63 -36.06
C THR C 372 -28.70 28.33 -36.94
N VAL C 373 -28.86 28.46 -38.25
CA VAL C 373 -27.76 28.19 -39.18
C VAL C 373 -26.82 29.39 -39.18
N ARG C 374 -25.55 29.16 -38.88
CA ARG C 374 -24.62 30.26 -38.66
C ARG C 374 -23.37 30.16 -39.52
N GLU C 375 -22.89 28.96 -39.80
CA GLU C 375 -21.61 28.78 -40.49
C GLU C 375 -21.67 27.55 -41.36
N ILE C 376 -21.03 27.61 -42.52
CA ILE C 376 -20.98 26.50 -43.47
C ILE C 376 -19.53 26.28 -43.85
N VAL C 377 -19.02 25.06 -43.69
CA VAL C 377 -17.62 24.75 -43.94
C VAL C 377 -17.54 23.63 -44.98
N VAL C 378 -16.73 23.83 -46.01
CA VAL C 378 -16.54 22.86 -47.09
C VAL C 378 -15.08 22.51 -47.20
N ALA C 379 -14.75 21.23 -47.09
CA ALA C 379 -13.36 20.79 -47.19
C ALA C 379 -13.07 20.23 -48.58
N ARG C 380 -11.79 19.94 -48.84
CA ARG C 380 -11.43 19.44 -50.16
C ARG C 380 -11.70 17.96 -50.32
N THR C 381 -11.51 17.18 -49.25
CA THR C 381 -11.63 15.74 -49.38
C THR C 381 -13.05 15.24 -49.27
N GLY C 382 -14.06 16.07 -49.51
CA GLY C 382 -15.42 15.63 -49.73
C GLY C 382 -16.42 16.14 -48.72
N GLN C 383 -15.98 16.38 -47.50
CA GLN C 383 -16.85 16.51 -46.35
C GLN C 383 -17.60 17.83 -46.38
N PHE C 384 -18.63 17.97 -45.55
CA PHE C 384 -19.47 19.15 -45.58
C PHE C 384 -20.03 19.36 -44.18
N TYR C 385 -19.69 20.47 -43.55
CA TYR C 385 -20.05 20.69 -42.16
C TYR C 385 -21.01 21.86 -42.06
N ILE C 386 -22.03 21.73 -41.22
CA ILE C 386 -22.92 22.83 -40.86
C ILE C 386 -22.93 22.94 -39.35
N ASN C 387 -22.51 24.10 -38.84
CA ASN C 387 -22.23 24.34 -37.42
C ASN C 387 -21.32 23.29 -36.79
N GLY C 388 -20.37 22.77 -37.56
CA GLY C 388 -19.49 21.75 -37.06
C GLY C 388 -20.14 20.41 -36.84
N PHE C 389 -20.83 19.89 -37.85
CA PHE C 389 -21.32 18.51 -37.78
C PHE C 389 -21.42 17.98 -39.20
N LYS C 390 -20.87 16.79 -39.44
CA LYS C 390 -20.81 16.27 -40.79
C LYS C 390 -22.16 15.72 -41.22
N TYR C 391 -22.62 16.12 -42.41
CA TYR C 391 -23.88 15.62 -42.95
C TYR C 391 -23.67 14.51 -43.97
N PHE C 392 -22.91 14.78 -45.02
CA PHE C 392 -22.65 13.77 -46.04
C PHE C 392 -21.17 13.85 -46.38
N ASP C 393 -20.78 13.17 -47.45
CA ASP C 393 -19.37 13.09 -47.79
C ASP C 393 -19.27 12.76 -49.27
N LEU C 394 -18.67 13.66 -50.05
CA LEU C 394 -18.42 13.38 -51.45
C LEU C 394 -17.06 12.71 -51.57
N GLY C 395 -16.57 12.58 -52.79
CA GLY C 395 -15.26 11.98 -52.97
C GLY C 395 -14.13 12.99 -52.98
N PHE C 396 -14.27 14.01 -53.83
CA PHE C 396 -13.17 14.93 -54.10
C PHE C 396 -13.77 16.19 -54.69
N ILE C 397 -13.57 17.33 -54.05
CA ILE C 397 -14.23 18.57 -54.43
C ILE C 397 -13.18 19.53 -54.98
N GLU C 398 -13.49 20.18 -56.10
CA GLU C 398 -12.59 21.16 -56.68
C GLU C 398 -13.09 22.59 -56.61
N ALA C 399 -14.40 22.84 -56.63
CA ALA C 399 -14.91 24.19 -56.66
C ALA C 399 -16.31 24.23 -56.09
N VAL C 400 -16.69 25.39 -55.56
CA VAL C 400 -17.98 25.57 -54.89
C VAL C 400 -18.66 26.81 -55.45
N ASN C 401 -19.90 26.68 -55.88
CA ASN C 401 -20.70 27.80 -56.36
C ASN C 401 -21.82 28.02 -55.36
N PHE C 402 -21.74 29.10 -54.59
CA PHE C 402 -22.78 29.38 -53.61
C PHE C 402 -23.76 30.31 -54.30
N ASN C 403 -24.73 29.74 -54.99
CA ASN C 403 -25.62 30.50 -55.88
C ASN C 403 -26.84 30.96 -55.08
N VAL C 404 -26.83 32.21 -54.66
CA VAL C 404 -27.95 32.81 -53.92
C VAL C 404 -28.37 34.08 -54.64
N THR C 405 -29.65 34.16 -55.00
CA THR C 405 -30.15 35.36 -55.66
C THR C 405 -30.56 36.38 -54.63
N THR C 406 -29.99 37.59 -54.73
CA THR C 406 -30.25 38.64 -53.77
C THR C 406 -30.27 39.99 -54.46
N ALA C 407 -30.95 40.94 -53.85
CA ALA C 407 -31.08 42.29 -54.38
C ALA C 407 -30.05 43.24 -53.82
N SER C 408 -29.09 42.74 -53.06
CA SER C 408 -28.05 43.55 -52.45
C SER C 408 -26.74 42.77 -52.53
N ALA C 409 -25.76 43.20 -51.74
CA ALA C 409 -24.53 42.43 -51.61
C ALA C 409 -24.27 42.02 -50.17
N THR C 410 -25.22 42.25 -49.27
CA THR C 410 -24.98 42.09 -47.85
C THR C 410 -25.50 40.73 -47.40
N ASP C 411 -24.68 39.71 -47.59
CA ASP C 411 -25.04 38.36 -47.15
C ASP C 411 -23.96 37.73 -46.29
N PHE C 412 -22.71 38.08 -46.55
CA PHE C 412 -21.57 37.43 -45.93
C PHE C 412 -20.71 38.44 -45.19
N TRP C 413 -20.06 37.99 -44.13
CA TRP C 413 -19.07 38.84 -43.49
C TRP C 413 -17.67 38.60 -44.02
N THR C 414 -17.29 37.34 -44.19
CA THR C 414 -15.93 37.00 -44.54
C THR C 414 -15.90 35.61 -45.14
N VAL C 415 -14.86 35.34 -45.93
CA VAL C 415 -14.61 34.02 -46.51
C VAL C 415 -13.14 33.73 -46.29
N ALA C 416 -12.84 32.69 -45.52
CA ALA C 416 -11.48 32.42 -45.11
C ALA C 416 -11.00 31.09 -45.65
N PHE C 417 -9.70 31.02 -45.95
CA PHE C 417 -9.04 29.80 -46.39
C PHE C 417 -8.10 29.36 -45.28
N ALA C 418 -7.94 28.05 -45.09
CA ALA C 418 -7.20 27.60 -43.91
C ALA C 418 -6.56 26.25 -44.16
N THR C 419 -5.70 25.85 -43.21
CA THR C 419 -5.07 24.54 -43.19
C THR C 419 -5.07 24.02 -41.76
N PHE C 420 -4.91 22.70 -41.61
CA PHE C 420 -4.91 22.08 -40.29
C PHE C 420 -3.62 22.37 -39.54
N VAL C 421 -3.73 22.76 -38.27
CA VAL C 421 -2.58 22.91 -37.37
C VAL C 421 -2.88 22.32 -36.01
N ASP C 422 -1.95 22.49 -35.07
CA ASP C 422 -2.04 21.93 -33.73
C ASP C 422 -2.20 23.09 -32.75
N VAL C 423 -3.31 23.12 -32.01
CA VAL C 423 -3.63 24.26 -31.16
C VAL C 423 -3.88 23.82 -29.73
N LEU C 424 -4.22 24.77 -28.87
CA LEU C 424 -4.63 24.50 -27.49
C LEU C 424 -5.74 25.48 -27.13
N VAL C 425 -6.92 24.96 -26.84
CA VAL C 425 -8.15 25.74 -26.87
C VAL C 425 -8.77 25.75 -25.47
N ASN C 426 -9.22 26.91 -25.03
CA ASN C 426 -10.02 27.06 -23.80
C ASN C 426 -11.49 27.15 -24.20
N VAL C 427 -12.19 26.03 -24.15
CA VAL C 427 -13.59 25.95 -24.56
C VAL C 427 -14.46 26.39 -23.41
N SER C 428 -15.43 27.25 -23.67
CA SER C 428 -16.39 27.67 -22.66
C SER C 428 -17.76 27.82 -23.29
N ALA C 429 -18.71 26.99 -22.85
CA ALA C 429 -20.08 26.95 -23.34
C ALA C 429 -20.15 26.73 -24.85
N THR C 430 -19.37 25.74 -25.31
CA THR C 430 -19.22 25.35 -26.72
C THR C 430 -18.77 26.51 -27.62
N ASN C 431 -17.97 27.42 -27.08
CA ASN C 431 -17.33 28.47 -27.84
C ASN C 431 -15.83 28.42 -27.56
N ILE C 432 -15.11 29.43 -28.01
CA ILE C 432 -13.66 29.48 -27.82
C ILE C 432 -13.31 30.78 -27.11
N GLN C 433 -12.54 30.67 -26.03
CA GLN C 433 -12.05 31.85 -25.33
C GLN C 433 -10.67 32.26 -25.82
N ASN C 434 -9.68 31.39 -25.65
CA ASN C 434 -8.31 31.69 -26.01
C ASN C 434 -7.81 30.73 -27.07
N LEU C 435 -6.57 30.92 -27.48
CA LEU C 435 -5.98 30.09 -28.52
C LEU C 435 -4.46 30.21 -28.40
N LEU C 436 -3.77 29.08 -28.45
CA LEU C 436 -2.33 29.06 -28.21
C LEU C 436 -1.68 28.13 -29.23
N TYR C 437 -1.04 28.71 -30.24
CA TYR C 437 -0.33 27.90 -31.22
C TYR C 437 0.95 27.36 -30.58
N CYS C 438 1.31 26.13 -30.91
CA CYS C 438 2.49 25.52 -30.31
C CYS C 438 3.55 25.25 -31.38
N ASP C 439 4.43 26.22 -31.56
CA ASP C 439 5.59 26.13 -32.45
C ASP C 439 6.90 26.42 -31.76
N SER C 440 6.94 27.41 -30.85
CA SER C 440 8.17 27.84 -30.21
C SER C 440 8.53 26.92 -29.05
N PRO C 441 9.81 26.86 -28.64
CA PRO C 441 10.21 25.88 -27.62
C PRO C 441 9.69 26.14 -26.23
N PHE C 442 9.15 27.32 -25.91
CA PHE C 442 8.49 27.44 -24.62
C PHE C 442 7.02 27.10 -24.69
N GLU C 443 6.36 27.43 -25.80
CA GLU C 443 4.95 27.11 -25.97
C GLU C 443 4.70 25.62 -26.06
N LYS C 444 5.68 24.83 -26.48
CA LYS C 444 5.47 23.39 -26.48
C LYS C 444 5.40 22.81 -25.08
N LEU C 445 6.06 23.42 -24.10
CA LEU C 445 5.88 22.98 -22.72
C LEU C 445 4.47 23.23 -22.22
N GLN C 446 3.88 24.35 -22.62
CA GLN C 446 2.50 24.62 -22.28
C GLN C 446 1.55 23.66 -22.97
N CYS C 447 1.84 23.28 -24.22
CA CYS C 447 1.04 22.23 -24.84
C CYS C 447 1.20 20.89 -24.14
N GLU C 448 2.39 20.58 -23.64
CA GLU C 448 2.61 19.28 -23.00
C GLU C 448 1.93 19.21 -21.64
N HIS C 449 2.03 20.24 -20.84
CA HIS C 449 1.52 20.15 -19.47
C HIS C 449 0.07 20.60 -19.33
N LEU C 450 -0.57 21.02 -20.44
CA LEU C 450 -1.99 21.39 -20.50
C LEU C 450 -2.33 22.52 -19.54
N GLN C 451 -1.66 23.65 -19.71
CA GLN C 451 -1.74 24.71 -18.74
C GLN C 451 -1.29 26.02 -19.39
N PHE C 452 -1.98 27.10 -19.06
CA PHE C 452 -1.60 28.43 -19.53
C PHE C 452 -0.73 29.11 -18.48
N GLY C 453 0.55 29.30 -18.78
CA GLY C 453 1.45 29.95 -17.85
C GLY C 453 1.95 29.01 -16.77
N LEU C 454 3.23 29.10 -16.44
CA LEU C 454 3.87 28.08 -15.63
C LEU C 454 4.61 28.67 -14.43
N GLN C 455 4.51 27.97 -13.31
CA GLN C 455 5.20 28.33 -12.09
C GLN C 455 6.69 28.08 -12.25
N ASP C 456 7.50 28.81 -11.47
CA ASP C 456 8.96 28.64 -11.52
C ASP C 456 9.38 27.31 -10.93
N GLY C 457 10.47 26.76 -11.47
CA GLY C 457 11.03 25.53 -10.94
C GLY C 457 11.62 24.67 -12.04
N PHE C 458 11.84 23.41 -11.72
CA PHE C 458 12.39 22.44 -12.65
C PHE C 458 11.28 21.59 -13.23
N TYR C 459 11.25 21.46 -14.56
CA TYR C 459 10.24 20.70 -15.26
C TYR C 459 10.90 19.66 -16.14
N SER C 460 10.19 18.58 -16.42
CA SER C 460 10.68 17.56 -17.33
C SER C 460 10.15 17.80 -18.72
N ALA C 461 10.87 17.33 -19.72
CA ALA C 461 10.50 17.57 -21.10
C ALA C 461 11.08 16.47 -21.99
N ASN C 462 10.25 15.95 -22.87
CA ASN C 462 10.69 14.93 -23.83
C ASN C 462 9.73 15.03 -25.02
N PHE C 463 10.18 15.65 -26.10
CA PHE C 463 9.30 15.94 -27.23
C PHE C 463 9.45 14.84 -28.27
N LEU C 464 8.47 13.95 -28.33
CA LEU C 464 8.46 12.88 -29.33
C LEU C 464 8.15 13.44 -30.70
N ASP C 465 8.41 12.63 -31.73
CA ASP C 465 8.15 13.03 -33.11
C ASP C 465 7.42 11.90 -33.81
N ASP C 466 6.39 12.25 -34.57
CA ASP C 466 5.69 11.27 -35.40
C ASP C 466 6.34 11.25 -36.78
N ASN C 467 6.57 10.03 -37.28
CA ASN C 467 7.30 9.85 -38.51
C ASN C 467 7.02 8.44 -39.00
N VAL C 468 7.51 8.12 -40.20
CA VAL C 468 7.39 6.79 -40.77
C VAL C 468 8.75 6.13 -40.73
N LEU C 469 8.84 4.94 -40.14
CA LEU C 469 10.11 4.31 -39.87
C LEU C 469 10.29 3.06 -40.71
N PRO C 470 11.50 2.75 -41.15
CA PRO C 470 11.75 1.47 -41.82
C PRO C 470 11.75 0.33 -40.82
N GLU C 471 11.79 -0.90 -41.34
CA GLU C 471 11.50 -2.06 -40.52
C GLU C 471 12.51 -3.18 -40.75
N THR C 472 12.98 -3.79 -39.66
CA THR C 472 13.96 -4.86 -39.70
C THR C 472 13.36 -6.16 -39.18
N TYR C 473 13.95 -7.28 -39.59
CA TYR C 473 13.39 -8.59 -39.24
C TYR C 473 14.51 -9.63 -39.24
N VAL C 474 14.75 -10.23 -38.08
CA VAL C 474 15.78 -11.25 -37.90
C VAL C 474 15.14 -12.45 -37.20
N ALA C 475 15.26 -13.63 -37.79
CA ALA C 475 14.65 -14.81 -37.20
C ALA C 475 15.53 -16.03 -37.46
N LEU C 476 15.14 -17.15 -36.84
CA LEU C 476 15.89 -18.39 -36.90
C LEU C 476 15.87 -18.97 -38.31
N PRO C 477 16.87 -19.75 -38.70
CA PRO C 477 17.03 -20.10 -40.12
C PRO C 477 15.97 -21.06 -40.64
N ILE C 478 15.42 -20.72 -41.81
CA ILE C 478 14.39 -21.51 -42.47
C ILE C 478 14.39 -21.04 -43.93
N TYR C 479 13.89 -21.88 -44.83
CA TYR C 479 13.85 -21.50 -46.24
C TYR C 479 12.67 -20.57 -46.51
N TYR C 480 12.47 -20.23 -47.78
CA TYR C 480 11.51 -19.20 -48.17
C TYR C 480 10.55 -19.78 -49.19
N GLN C 481 9.26 -19.53 -49.00
CA GLN C 481 8.22 -20.06 -49.87
C GLN C 481 6.97 -19.23 -49.69
N HIS C 482 6.33 -18.84 -50.79
CA HIS C 482 5.34 -17.75 -50.75
C HIS C 482 4.10 -18.14 -51.52
N THR C 483 2.98 -17.47 -51.19
CA THR C 483 1.70 -17.64 -51.85
C THR C 483 0.95 -16.31 -51.84
N ASP C 484 0.07 -16.12 -52.81
CA ASP C 484 -0.67 -14.88 -52.97
C ASP C 484 -2.16 -15.10 -52.89
N ILE C 485 -2.86 -14.11 -52.34
CA ILE C 485 -4.30 -14.17 -52.11
C ILE C 485 -4.89 -12.81 -52.44
N ASN C 486 -5.86 -12.78 -53.36
CA ASN C 486 -6.64 -11.59 -53.64
C ASN C 486 -7.95 -11.69 -52.87
N PHE C 487 -8.76 -10.64 -52.92
CA PHE C 487 -10.12 -10.72 -52.42
C PHE C 487 -10.94 -9.71 -53.21
N THR C 488 -11.62 -10.17 -54.24
CA THR C 488 -12.24 -9.23 -55.16
C THR C 488 -13.70 -9.02 -54.82
N ALA C 489 -14.29 -7.98 -55.42
CA ALA C 489 -15.70 -7.68 -55.26
C ALA C 489 -16.15 -6.92 -56.49
N THR C 490 -17.12 -7.45 -57.21
CA THR C 490 -17.60 -6.87 -58.45
C THR C 490 -19.10 -6.66 -58.36
N ALA C 491 -19.57 -5.48 -58.75
CA ALA C 491 -20.97 -5.12 -58.51
C ALA C 491 -21.59 -4.47 -59.73
N SER C 492 -22.92 -4.47 -59.75
CA SER C 492 -23.72 -3.74 -60.71
C SER C 492 -24.87 -3.04 -59.99
N PHE C 493 -25.49 -2.08 -60.66
CA PHE C 493 -26.46 -1.21 -60.00
C PHE C 493 -27.66 -0.95 -60.91
N GLY C 494 -28.73 -0.44 -60.30
CA GLY C 494 -29.83 0.11 -61.05
C GLY C 494 -31.15 -0.63 -61.00
N GLY C 495 -31.50 -1.20 -59.86
CA GLY C 495 -32.70 -2.02 -59.81
C GLY C 495 -34.03 -1.28 -59.87
N SER C 496 -34.39 -0.57 -58.81
CA SER C 496 -35.60 0.22 -58.77
C SER C 496 -35.32 1.57 -58.11
N CYS C 497 -34.36 1.56 -57.22
CA CYS C 497 -33.81 2.76 -56.63
C CYS C 497 -32.31 2.59 -56.57
N TYR C 498 -31.58 3.69 -56.63
CA TYR C 498 -30.14 3.54 -56.51
C TYR C 498 -29.73 3.53 -55.06
N VAL C 499 -30.20 4.51 -54.29
CA VAL C 499 -29.65 4.82 -52.98
C VAL C 499 -29.97 3.72 -51.96
N CYS C 500 -30.98 2.90 -52.25
CA CYS C 500 -31.43 1.87 -51.33
C CYS C 500 -30.42 0.72 -51.21
N LYS C 501 -30.10 0.06 -52.33
CA LYS C 501 -29.28 -1.14 -52.28
C LYS C 501 -28.62 -1.34 -53.64
N PRO C 502 -27.49 -2.03 -53.70
CA PRO C 502 -26.91 -2.41 -54.98
C PRO C 502 -27.71 -3.55 -55.59
N HIS C 503 -27.42 -3.85 -56.85
CA HIS C 503 -28.22 -4.82 -57.57
C HIS C 503 -27.72 -6.24 -57.41
N GLN C 504 -26.40 -6.45 -57.50
CA GLN C 504 -25.81 -7.78 -57.39
C GLN C 504 -24.32 -7.63 -57.11
N VAL C 505 -23.81 -8.39 -56.15
CA VAL C 505 -22.41 -8.33 -55.74
C VAL C 505 -21.85 -9.75 -55.69
N ASN C 506 -20.69 -9.97 -56.33
CA ASN C 506 -19.99 -11.24 -56.28
C ASN C 506 -18.70 -11.13 -55.49
N ILE C 507 -18.39 -12.20 -54.74
CA ILE C 507 -17.24 -12.27 -53.86
C ILE C 507 -16.49 -13.56 -54.16
N SER C 508 -15.17 -13.48 -54.33
CA SER C 508 -14.40 -14.66 -54.67
C SER C 508 -12.95 -14.51 -54.23
N LEU C 509 -12.36 -15.60 -53.76
CA LEU C 509 -10.94 -15.70 -53.45
C LEU C 509 -10.25 -16.43 -54.59
N ASN C 510 -9.45 -15.71 -55.38
CA ASN C 510 -8.66 -16.24 -56.50
C ASN C 510 -9.51 -16.93 -57.56
N GLY C 511 -10.80 -16.66 -57.63
CA GLY C 511 -11.69 -17.40 -58.49
C GLY C 511 -12.35 -18.60 -57.84
N ASN C 512 -11.93 -18.97 -56.63
CA ASN C 512 -12.51 -20.08 -55.92
C ASN C 512 -13.36 -19.55 -54.78
N THR C 513 -13.86 -20.45 -53.94
CA THR C 513 -14.58 -20.07 -52.74
C THR C 513 -13.82 -20.34 -51.47
N SER C 514 -12.66 -20.99 -51.54
CA SER C 514 -11.86 -21.28 -50.35
C SER C 514 -10.42 -21.50 -50.75
N VAL C 515 -9.50 -21.00 -49.93
CA VAL C 515 -8.06 -21.16 -50.15
C VAL C 515 -7.42 -21.45 -48.80
N CYS C 516 -6.72 -22.58 -48.70
CA CYS C 516 -5.92 -22.92 -47.53
C CYS C 516 -4.46 -22.63 -47.76
N VAL C 517 -3.76 -22.34 -46.67
CA VAL C 517 -2.35 -21.97 -46.71
C VAL C 517 -1.52 -23.20 -46.38
N ARG C 518 -0.69 -23.64 -47.32
CA ARG C 518 0.17 -24.79 -47.12
C ARG C 518 1.65 -24.44 -47.14
N THR C 519 2.00 -23.16 -47.20
CA THR C 519 3.39 -22.75 -47.31
C THR C 519 3.77 -21.95 -46.07
N SER C 520 4.97 -21.39 -46.08
CA SER C 520 5.53 -20.76 -44.90
C SER C 520 5.32 -19.26 -44.84
N HIS C 521 4.90 -18.62 -45.92
CA HIS C 521 4.73 -17.17 -45.94
C HIS C 521 3.56 -16.83 -46.84
N PHE C 522 2.85 -15.75 -46.53
CA PHE C 522 1.67 -15.36 -47.31
C PHE C 522 1.48 -13.85 -47.24
N SER C 523 0.50 -13.35 -47.99
CA SER C 523 0.16 -11.93 -48.03
C SER C 523 -1.22 -11.77 -48.67
N ILE C 524 -2.02 -10.84 -48.14
CA ILE C 524 -3.40 -10.67 -48.56
C ILE C 524 -3.60 -9.22 -49.01
N ARG C 525 -4.38 -9.04 -50.07
CA ARG C 525 -4.78 -7.72 -50.54
C ARG C 525 -6.30 -7.60 -50.53
N TYR C 526 -6.78 -6.46 -50.97
CA TYR C 526 -8.21 -6.23 -51.21
C TYR C 526 -8.37 -5.39 -52.45
N ILE C 527 -9.15 -5.89 -53.40
CA ILE C 527 -9.25 -5.30 -54.73
C ILE C 527 -10.73 -5.03 -55.02
N TYR C 528 -11.05 -3.78 -55.36
CA TYR C 528 -12.40 -3.41 -55.75
C TYR C 528 -12.38 -2.92 -57.19
N ASN C 529 -13.24 -3.52 -58.03
CA ASN C 529 -13.21 -3.30 -59.47
C ASN C 529 -14.16 -2.18 -59.87
N ARG C 530 -13.60 -1.03 -60.24
CA ARG C 530 -14.37 0.11 -60.71
C ARG C 530 -14.43 0.20 -62.22
N VAL C 531 -13.82 -0.74 -62.95
CA VAL C 531 -13.74 -0.66 -64.40
C VAL C 531 -14.78 -1.59 -65.02
N LYS C 532 -15.85 -1.86 -64.27
CA LYS C 532 -16.89 -2.77 -64.74
C LYS C 532 -17.64 -2.22 -65.94
N SER C 533 -18.03 -0.95 -65.89
CA SER C 533 -18.71 -0.30 -67.00
C SER C 533 -17.75 0.49 -67.89
N GLY C 534 -16.44 0.30 -67.74
CA GLY C 534 -15.48 1.08 -68.47
C GLY C 534 -15.30 2.46 -67.86
N SER C 535 -16.31 3.31 -68.05
CA SER C 535 -16.38 4.55 -67.28
C SER C 535 -16.72 4.19 -65.84
N PRO C 536 -15.97 4.68 -64.86
CA PRO C 536 -16.19 4.26 -63.48
C PRO C 536 -17.45 4.86 -62.86
N GLY C 537 -18.59 4.20 -63.08
CA GLY C 537 -19.81 4.56 -62.38
C GLY C 537 -19.74 4.33 -60.88
N ASP C 538 -18.75 3.55 -60.42
CA ASP C 538 -18.44 3.30 -59.02
C ASP C 538 -17.76 4.47 -58.33
N SER C 539 -17.70 5.64 -58.96
CA SER C 539 -17.06 6.78 -58.32
C SER C 539 -17.84 7.28 -57.12
N SER C 540 -19.14 7.01 -57.06
CA SER C 540 -19.95 7.42 -55.92
C SER C 540 -20.13 6.33 -54.88
N TRP C 541 -20.16 5.06 -55.27
CA TRP C 541 -20.36 3.98 -54.32
C TRP C 541 -19.07 3.65 -53.59
N HIS C 542 -19.16 3.50 -52.27
CA HIS C 542 -18.01 3.28 -51.41
C HIS C 542 -18.21 1.92 -50.74
N ILE C 543 -17.48 0.90 -51.21
CA ILE C 543 -17.57 -0.44 -50.62
C ILE C 543 -16.27 -0.75 -49.91
N TYR C 544 -16.35 -1.19 -48.65
CA TYR C 544 -15.18 -1.36 -47.82
C TYR C 544 -15.49 -2.37 -46.73
N LEU C 545 -14.45 -2.82 -46.02
CA LEU C 545 -14.63 -3.78 -44.94
C LEU C 545 -14.81 -3.07 -43.60
N LYS C 546 -15.51 -3.74 -42.71
CA LYS C 546 -15.65 -3.32 -41.32
C LYS C 546 -14.71 -4.15 -40.46
N SER C 547 -14.86 -4.03 -39.15
CA SER C 547 -14.12 -4.86 -38.21
C SER C 547 -15.10 -5.74 -37.47
N GLY C 548 -14.97 -7.04 -37.64
CA GLY C 548 -15.93 -7.96 -37.05
C GLY C 548 -15.55 -8.40 -35.66
N THR C 549 -15.65 -9.70 -35.41
CA THR C 549 -15.41 -10.26 -34.08
C THR C 549 -14.09 -11.00 -33.97
N CYS C 550 -13.21 -10.86 -34.95
CA CYS C 550 -11.95 -11.59 -34.91
C CYS C 550 -10.96 -10.83 -34.02
N PRO C 551 -10.07 -11.55 -33.31
CA PRO C 551 -9.11 -10.86 -32.44
C PRO C 551 -7.85 -10.39 -33.14
N PHE C 552 -7.99 -9.80 -34.32
CA PHE C 552 -6.93 -9.19 -35.12
C PHE C 552 -7.61 -8.39 -36.21
N SER C 553 -6.83 -7.68 -37.01
CA SER C 553 -7.39 -6.83 -38.04
C SER C 553 -7.01 -7.34 -39.42
N PHE C 554 -7.76 -6.91 -40.44
CA PHE C 554 -7.52 -7.40 -41.78
C PHE C 554 -6.31 -6.75 -42.43
N SER C 555 -6.13 -5.46 -42.23
CA SER C 555 -5.03 -4.74 -42.86
C SER C 555 -3.71 -4.91 -42.13
N LYS C 556 -3.67 -5.69 -41.05
CA LYS C 556 -2.45 -5.91 -40.31
C LYS C 556 -2.08 -7.40 -40.26
N LEU C 557 -2.62 -8.20 -41.16
CA LEU C 557 -2.11 -9.56 -41.33
C LEU C 557 -0.83 -9.57 -42.13
N ASN C 558 -0.59 -8.55 -42.95
CA ASN C 558 0.63 -8.48 -43.71
C ASN C 558 1.84 -8.11 -42.87
N ASN C 559 1.64 -7.60 -41.66
CA ASN C 559 2.74 -7.50 -40.72
C ASN C 559 3.13 -8.89 -40.23
N PHE C 560 4.16 -8.95 -39.39
CA PHE C 560 4.78 -10.23 -39.09
C PHE C 560 4.01 -10.94 -37.99
N GLN C 561 2.82 -11.41 -38.36
CA GLN C 561 1.94 -12.18 -37.48
C GLN C 561 2.19 -13.66 -37.70
N LYS C 562 2.19 -14.44 -36.63
CA LYS C 562 2.51 -15.86 -36.70
C LYS C 562 1.34 -16.71 -36.25
N PHE C 563 1.06 -17.76 -37.02
CA PHE C 563 -0.11 -18.63 -36.88
C PHE C 563 0.30 -20.10 -36.91
N LYS C 564 -0.68 -20.99 -37.05
CA LYS C 564 -0.37 -22.38 -37.34
C LYS C 564 -1.01 -22.88 -38.63
N THR C 565 -2.27 -22.52 -38.89
CA THR C 565 -2.96 -22.80 -40.14
C THR C 565 -4.14 -21.83 -40.24
N ILE C 566 -4.59 -21.52 -41.45
CA ILE C 566 -5.64 -20.50 -41.56
C ILE C 566 -6.90 -20.95 -42.30
N CYS C 567 -6.80 -21.24 -43.61
CA CYS C 567 -7.92 -21.69 -44.46
C CYS C 567 -9.09 -20.69 -44.49
N PHE C 568 -8.87 -19.58 -45.21
CA PHE C 568 -9.95 -18.62 -45.49
C PHE C 568 -11.07 -19.25 -46.32
N SER C 569 -12.27 -18.65 -46.22
CA SER C 569 -13.44 -19.12 -46.96
C SER C 569 -14.49 -18.02 -47.03
N THR C 570 -15.44 -18.18 -47.96
CA THR C 570 -16.54 -17.22 -48.14
C THR C 570 -17.92 -17.84 -47.96
N VAL C 571 -18.02 -19.06 -47.43
CA VAL C 571 -19.30 -19.66 -47.07
C VAL C 571 -19.21 -20.15 -45.64
N GLU C 572 -20.37 -20.37 -45.03
CA GLU C 572 -20.46 -20.55 -43.58
C GLU C 572 -19.85 -21.86 -43.12
N VAL C 573 -18.93 -21.76 -42.16
CA VAL C 573 -18.24 -22.89 -41.55
C VAL C 573 -18.37 -22.75 -40.04
N PRO C 574 -18.73 -23.81 -39.31
CA PRO C 574 -18.91 -23.69 -37.86
C PRO C 574 -17.60 -23.44 -37.14
N GLY C 575 -17.65 -22.52 -36.18
CA GLY C 575 -16.46 -22.13 -35.45
C GLY C 575 -15.56 -21.16 -36.19
N SER C 576 -16.09 -20.03 -36.64
CA SER C 576 -15.32 -19.09 -37.44
C SER C 576 -15.84 -17.68 -37.25
N CYS C 577 -14.93 -16.73 -37.04
CA CYS C 577 -15.32 -15.33 -36.97
C CYS C 577 -15.45 -14.77 -38.39
N ASN C 578 -15.69 -13.46 -38.50
CA ASN C 578 -16.07 -12.88 -39.78
C ASN C 578 -15.76 -11.41 -39.84
N PHE C 579 -15.54 -10.93 -41.05
CA PHE C 579 -15.41 -9.51 -41.36
C PHE C 579 -16.56 -9.13 -42.26
N PRO C 580 -17.46 -8.23 -41.82
CA PRO C 580 -18.58 -7.85 -42.68
C PRO C 580 -18.14 -6.95 -43.82
N LEU C 581 -19.03 -6.77 -44.79
CA LEU C 581 -18.76 -5.97 -45.97
C LEU C 581 -19.90 -4.99 -46.17
N GLU C 582 -19.58 -3.72 -46.38
CA GLU C 582 -20.55 -2.63 -46.27
C GLU C 582 -20.58 -1.82 -47.55
N ALA C 583 -21.76 -1.33 -47.93
CA ALA C 583 -21.93 -0.51 -49.12
C ALA C 583 -22.76 0.72 -48.80
N THR C 584 -22.49 1.82 -49.50
CA THR C 584 -23.11 3.10 -49.22
C THR C 584 -22.94 4.05 -50.40
N TRP C 585 -23.78 5.10 -50.43
CA TRP C 585 -23.81 6.09 -51.50
C TRP C 585 -23.56 7.46 -50.91
N HIS C 586 -22.31 7.95 -51.04
CA HIS C 586 -21.84 9.21 -50.44
C HIS C 586 -22.09 9.29 -48.93
N TYR C 587 -22.01 8.14 -48.27
CA TYR C 587 -22.06 8.02 -46.81
C TYR C 587 -23.37 8.55 -46.22
N THR C 588 -24.48 8.29 -46.89
CA THR C 588 -25.79 8.65 -46.36
C THR C 588 -26.44 7.50 -45.63
N SER C 589 -26.64 6.36 -46.31
CA SER C 589 -27.30 5.21 -45.72
C SER C 589 -26.43 3.97 -45.89
N TYR C 590 -26.49 3.07 -44.91
CA TYR C 590 -25.60 1.93 -44.84
C TYR C 590 -26.36 0.63 -45.09
N THR C 591 -25.64 -0.37 -45.58
CA THR C 591 -26.21 -1.70 -45.77
C THR C 591 -25.08 -2.72 -45.70
N ILE C 592 -25.45 -3.99 -45.47
CA ILE C 592 -24.51 -5.09 -45.33
C ILE C 592 -24.72 -6.03 -46.49
N VAL C 593 -23.64 -6.42 -47.16
CA VAL C 593 -23.71 -7.16 -48.41
C VAL C 593 -23.23 -8.60 -48.25
N GLY C 594 -22.03 -8.80 -47.73
CA GLY C 594 -21.46 -10.13 -47.60
C GLY C 594 -20.57 -10.24 -46.39
N ALA C 595 -19.63 -11.20 -46.43
CA ALA C 595 -18.72 -11.40 -45.32
C ALA C 595 -17.48 -12.15 -45.80
N LEU C 596 -16.50 -12.25 -44.91
CA LEU C 596 -15.30 -13.05 -45.12
C LEU C 596 -15.06 -13.90 -43.88
N TYR C 597 -15.02 -15.21 -44.04
CA TYR C 597 -14.95 -16.14 -42.93
C TYR C 597 -13.53 -16.69 -42.78
N VAL C 598 -13.07 -16.81 -41.54
CA VAL C 598 -11.67 -17.15 -41.30
C VAL C 598 -11.56 -18.02 -40.05
N THR C 599 -10.81 -19.11 -40.15
CA THR C 599 -10.44 -19.94 -39.01
C THR C 599 -8.95 -19.81 -38.78
N TRP C 600 -8.47 -20.36 -37.66
CA TRP C 600 -7.04 -20.36 -37.35
C TRP C 600 -6.78 -21.35 -36.22
N SER C 601 -5.53 -21.37 -35.76
CA SER C 601 -5.03 -22.07 -34.59
C SER C 601 -3.65 -21.49 -34.31
N GLU C 602 -3.26 -21.50 -33.04
CA GLU C 602 -2.01 -20.83 -32.69
C GLU C 602 -0.80 -21.71 -32.95
N GLY C 603 0.31 -21.06 -33.28
CA GLY C 603 1.53 -21.78 -33.60
C GLY C 603 2.64 -20.79 -33.92
N ASN C 604 3.73 -21.31 -34.48
CA ASN C 604 4.84 -20.49 -34.93
C ASN C 604 5.39 -21.00 -36.25
N SER C 605 4.51 -21.34 -37.19
CA SER C 605 4.93 -21.91 -38.46
C SER C 605 4.71 -20.98 -39.64
N ILE C 606 3.55 -20.36 -39.74
CA ILE C 606 3.17 -19.56 -40.91
C ILE C 606 3.22 -18.09 -40.51
N THR C 607 3.82 -17.27 -41.36
CA THR C 607 4.12 -15.88 -41.04
C THR C 607 3.69 -14.97 -42.19
N GLY C 608 3.00 -13.88 -41.87
CA GLY C 608 2.68 -12.89 -42.89
C GLY C 608 3.89 -12.07 -43.29
N VAL C 609 3.85 -11.55 -44.52
CA VAL C 609 4.96 -10.80 -45.10
C VAL C 609 4.38 -9.58 -45.82
N PRO C 610 4.99 -8.40 -45.72
CA PRO C 610 4.44 -7.23 -46.42
C PRO C 610 4.38 -7.36 -47.93
N TYR C 611 5.46 -7.79 -48.59
CA TYR C 611 5.41 -7.85 -50.03
C TYR C 611 6.37 -8.91 -50.56
N PRO C 612 5.98 -9.63 -51.63
CA PRO C 612 6.76 -10.81 -52.05
C PRO C 612 8.08 -10.51 -52.73
N VAL C 613 9.14 -10.37 -51.94
CA VAL C 613 10.48 -10.26 -52.49
C VAL C 613 10.87 -11.57 -53.16
N SER C 614 11.28 -11.49 -54.42
CA SER C 614 11.63 -12.68 -55.19
C SER C 614 13.12 -12.70 -55.50
N GLY C 615 13.73 -13.88 -55.37
CA GLY C 615 15.14 -14.09 -55.61
C GLY C 615 15.93 -14.44 -54.36
N ILE C 616 15.42 -14.07 -53.19
CA ILE C 616 16.13 -14.30 -51.95
C ILE C 616 15.87 -15.71 -51.45
N ARG C 617 16.92 -16.41 -51.05
CA ARG C 617 16.84 -17.78 -50.56
C ARG C 617 16.49 -17.85 -49.08
N GLU C 618 16.69 -16.79 -48.32
CA GLU C 618 16.38 -16.78 -46.89
C GLU C 618 16.10 -15.35 -46.44
N PHE C 619 14.85 -15.09 -46.06
CA PHE C 619 14.34 -13.73 -45.89
C PHE C 619 14.81 -13.12 -44.57
N SER C 620 15.57 -12.03 -44.66
CA SER C 620 15.94 -11.25 -43.49
C SER C 620 16.25 -9.82 -43.93
N ASN C 621 16.38 -8.92 -42.96
CA ASN C 621 16.58 -7.51 -43.25
C ASN C 621 17.19 -6.86 -42.01
N LEU C 622 18.01 -5.84 -42.24
CA LEU C 622 18.68 -5.16 -41.13
C LEU C 622 19.08 -3.77 -41.55
N VAL C 623 18.65 -2.76 -40.78
CA VAL C 623 18.87 -1.35 -41.10
C VAL C 623 19.56 -0.68 -39.93
N LEU C 624 20.74 -0.14 -40.16
CA LEU C 624 21.60 0.35 -39.09
C LEU C 624 21.51 1.87 -38.96
N ASN C 625 21.99 2.35 -37.81
CA ASN C 625 22.42 3.72 -37.54
C ASN C 625 21.34 4.79 -37.39
N ASN C 626 20.06 4.48 -37.62
CA ASN C 626 18.98 5.36 -37.17
C ASN C 626 17.70 4.57 -36.98
N CYS C 627 16.69 5.28 -36.42
CA CYS C 627 15.63 4.63 -35.65
C CYS C 627 14.73 3.77 -36.52
N THR C 628 14.54 2.53 -36.12
CA THR C 628 13.76 1.53 -36.84
C THR C 628 12.65 1.01 -35.94
N LYS C 629 11.97 -0.03 -36.41
CA LYS C 629 10.90 -0.71 -35.68
C LYS C 629 11.18 -2.20 -35.81
N TYR C 630 11.95 -2.74 -34.87
CA TYR C 630 12.53 -4.06 -35.06
C TYR C 630 11.57 -5.17 -34.66
N ASN C 631 11.82 -6.36 -35.19
CA ASN C 631 11.17 -7.60 -34.78
C ASN C 631 12.27 -8.65 -34.78
N ILE C 632 12.94 -8.80 -33.64
CA ILE C 632 14.17 -9.58 -33.53
C ILE C 632 13.93 -10.67 -32.50
N TYR C 633 13.82 -11.92 -32.98
CA TYR C 633 13.56 -13.12 -32.17
C TYR C 633 12.34 -12.95 -31.28
N ASP C 634 11.27 -12.41 -31.88
CA ASP C 634 9.97 -12.18 -31.24
C ASP C 634 10.06 -11.19 -30.08
N TYR C 635 10.92 -10.20 -30.22
CA TYR C 635 10.92 -9.00 -29.39
C TYR C 635 10.63 -7.80 -30.29
N VAL C 636 9.67 -6.97 -29.89
CA VAL C 636 9.18 -5.89 -30.74
C VAL C 636 9.37 -4.57 -30.02
N GLY C 637 9.98 -3.60 -30.69
CA GLY C 637 10.19 -2.28 -30.12
C GLY C 637 10.72 -1.28 -31.13
N THR C 638 11.41 -0.24 -30.64
CA THR C 638 12.08 0.74 -31.49
C THR C 638 13.47 1.02 -30.94
N GLY C 639 14.30 1.66 -31.73
CA GLY C 639 15.62 2.03 -31.28
C GLY C 639 16.60 2.11 -32.44
N ILE C 640 17.85 2.42 -32.11
CA ILE C 640 18.94 2.51 -33.05
C ILE C 640 19.86 1.32 -32.87
N ILE C 641 20.20 0.65 -33.97
CA ILE C 641 21.03 -0.55 -33.94
C ILE C 641 22.41 -0.20 -34.46
N ARG C 642 23.44 -0.46 -33.65
CA ARG C 642 24.81 -0.24 -34.04
C ARG C 642 25.60 -1.52 -33.93
N SER C 643 26.82 -1.52 -34.46
CA SER C 643 27.69 -2.68 -34.42
C SER C 643 28.88 -2.43 -33.52
N SER C 644 29.40 -3.48 -32.93
CA SER C 644 30.50 -3.37 -31.98
C SER C 644 31.36 -4.63 -32.10
N ASN C 645 32.21 -4.85 -31.09
CA ASN C 645 33.09 -6.01 -31.07
C ASN C 645 33.43 -6.36 -29.61
N GLN C 646 32.82 -7.42 -29.10
CA GLN C 646 33.18 -7.96 -27.80
C GLN C 646 33.26 -9.47 -27.92
N SER C 647 34.07 -10.07 -27.05
CA SER C 647 34.30 -11.52 -27.07
C SER C 647 33.46 -12.18 -25.98
N LEU C 648 32.17 -12.34 -26.25
CA LEU C 648 31.27 -12.99 -25.32
C LEU C 648 30.72 -14.26 -25.95
N ALA C 649 31.10 -15.40 -25.41
CA ALA C 649 30.50 -16.67 -25.79
C ALA C 649 29.29 -16.94 -24.90
N GLY C 650 28.29 -17.60 -25.48
CA GLY C 650 27.08 -17.87 -24.74
C GLY C 650 25.82 -17.62 -25.54
N GLY C 651 24.89 -16.86 -24.98
CA GLY C 651 23.58 -16.70 -25.56
C GLY C 651 23.58 -15.87 -26.83
N ILE C 652 22.40 -15.78 -27.43
CA ILE C 652 22.20 -14.97 -28.62
C ILE C 652 21.17 -13.88 -28.38
N THR C 653 20.86 -13.59 -27.11
CA THR C 653 19.90 -12.55 -26.78
C THR C 653 20.20 -12.07 -25.36
N TYR C 654 20.42 -10.78 -25.19
CA TYR C 654 20.77 -10.19 -23.90
C TYR C 654 19.66 -9.24 -23.49
N VAL C 655 18.95 -9.56 -22.42
CA VAL C 655 17.85 -8.72 -21.97
C VAL C 655 18.15 -8.22 -20.57
N SER C 656 17.44 -7.16 -20.19
CA SER C 656 17.48 -6.65 -18.84
C SER C 656 16.42 -7.38 -18.01
N ASN C 657 16.16 -6.92 -16.79
CA ASN C 657 15.09 -7.50 -15.98
C ASN C 657 13.80 -6.71 -16.07
N SER C 658 13.52 -6.13 -17.24
CA SER C 658 12.22 -5.54 -17.49
C SER C 658 11.70 -5.90 -18.87
N GLY C 659 12.36 -6.81 -19.58
CA GLY C 659 11.83 -7.34 -20.81
C GLY C 659 12.22 -6.64 -22.08
N ASN C 660 13.21 -5.75 -22.04
CA ASN C 660 13.67 -5.06 -23.22
C ASN C 660 14.98 -5.67 -23.70
N LEU C 661 15.24 -5.54 -25.00
CA LEU C 661 16.54 -5.94 -25.52
C LEU C 661 17.62 -4.95 -25.12
N LEU C 662 18.84 -5.47 -25.04
CA LEU C 662 20.02 -4.66 -24.98
C LEU C 662 21.03 -5.02 -26.04
N GLY C 663 21.00 -6.24 -26.57
CA GLY C 663 21.90 -6.62 -27.63
C GLY C 663 21.73 -8.06 -28.05
N PHE C 664 21.85 -8.33 -29.34
CA PHE C 664 21.71 -9.69 -29.84
C PHE C 664 22.99 -10.10 -30.56
N LYS C 665 22.99 -11.26 -31.20
CA LYS C 665 24.20 -11.75 -31.84
C LYS C 665 23.82 -12.51 -33.09
N ASN C 666 24.53 -12.24 -34.18
CA ASN C 666 24.33 -13.00 -35.40
C ASN C 666 24.83 -14.42 -35.19
N VAL C 667 24.18 -15.36 -35.87
CA VAL C 667 24.43 -16.78 -35.61
C VAL C 667 25.75 -17.22 -36.23
N SER C 668 25.89 -17.05 -37.54
CA SER C 668 27.01 -17.59 -38.30
C SER C 668 28.29 -16.77 -38.22
N THR C 669 28.38 -15.86 -37.25
CA THR C 669 29.62 -15.15 -36.93
C THR C 669 29.61 -14.87 -35.43
N GLY C 670 30.54 -14.02 -35.00
CA GLY C 670 30.63 -13.74 -33.59
C GLY C 670 30.37 -12.29 -33.23
N ASN C 671 29.98 -11.48 -34.21
CA ASN C 671 29.73 -10.08 -33.94
C ASN C 671 28.43 -9.91 -33.18
N ILE C 672 28.38 -8.92 -32.30
CA ILE C 672 27.18 -8.58 -31.58
C ILE C 672 26.69 -7.22 -32.07
N PHE C 673 25.54 -6.81 -31.57
CA PHE C 673 24.97 -5.52 -31.94
C PHE C 673 24.39 -4.88 -30.70
N ILE C 674 24.21 -3.56 -30.75
CA ILE C 674 23.77 -2.79 -29.58
C ILE C 674 22.48 -2.07 -29.95
N VAL C 675 21.49 -2.10 -29.06
CA VAL C 675 20.19 -1.48 -29.31
C VAL C 675 19.91 -0.49 -28.19
N THR C 676 19.82 0.80 -28.53
CA THR C 676 19.52 1.87 -27.59
C THR C 676 18.30 2.65 -28.08
N PRO C 677 17.45 3.14 -27.17
CA PRO C 677 16.33 3.98 -27.60
C PRO C 677 16.83 5.34 -28.03
N CYS C 678 16.02 6.01 -28.85
CA CYS C 678 16.43 7.27 -29.46
C CYS C 678 15.57 8.45 -29.04
N ASN C 679 15.21 8.48 -27.75
CA ASN C 679 14.51 9.62 -27.13
C ASN C 679 14.89 9.64 -25.66
N GLN C 680 15.70 10.61 -25.26
CA GLN C 680 16.21 10.65 -23.90
C GLN C 680 15.57 11.80 -23.13
N PRO C 681 14.98 11.56 -21.98
CA PRO C 681 14.33 12.65 -21.22
C PRO C 681 15.35 13.60 -20.60
N ASP C 682 14.86 14.79 -20.25
CA ASP C 682 15.73 15.89 -19.81
C ASP C 682 15.27 16.53 -18.51
N GLN C 683 15.86 17.67 -18.17
CA GLN C 683 15.41 18.49 -17.05
C GLN C 683 15.50 19.94 -17.50
N VAL C 684 14.39 20.67 -17.44
CA VAL C 684 14.34 22.04 -17.95
C VAL C 684 13.99 22.97 -16.80
N ALA C 685 14.70 24.09 -16.71
CA ALA C 685 14.48 25.10 -15.69
C ALA C 685 13.70 26.27 -16.27
N VAL C 686 12.65 26.68 -15.58
CA VAL C 686 11.74 27.72 -16.06
C VAL C 686 11.74 28.86 -15.07
N TYR C 687 11.91 30.09 -15.56
CA TYR C 687 11.99 31.25 -14.69
C TYR C 687 11.60 32.48 -15.49
N GLN C 688 10.76 33.34 -14.89
CA GLN C 688 10.24 34.58 -15.47
C GLN C 688 9.53 34.34 -16.80
N GLN C 689 8.77 33.24 -16.88
CA GLN C 689 8.03 32.82 -18.08
C GLN C 689 8.94 32.61 -19.29
N SER C 690 10.11 32.01 -19.05
CA SER C 690 11.04 31.69 -20.12
C SER C 690 11.93 30.54 -19.67
N ILE C 691 12.67 29.98 -20.64
CA ILE C 691 13.56 28.85 -20.39
C ILE C 691 14.97 29.37 -20.13
N ILE C 692 15.58 28.90 -19.05
CA ILE C 692 16.91 29.35 -18.64
C ILE C 692 17.99 28.37 -19.08
N GLY C 693 17.89 27.13 -18.61
CA GLY C 693 18.91 26.13 -18.90
C GLY C 693 18.33 24.73 -18.88
N ALA C 694 19.16 23.76 -19.26
CA ALA C 694 18.75 22.38 -19.35
C ALA C 694 19.83 21.48 -18.75
N MET C 695 19.41 20.28 -18.36
CA MET C 695 20.32 19.23 -17.85
C MET C 695 20.21 18.07 -18.81
N THR C 696 20.99 18.08 -19.86
CA THR C 696 20.86 17.05 -20.88
C THR C 696 21.85 15.91 -20.63
N ALA C 697 21.78 14.89 -21.48
CA ALA C 697 22.76 13.82 -21.51
C ALA C 697 23.27 13.55 -22.92
N VAL C 698 23.08 14.50 -23.84
CA VAL C 698 23.50 14.35 -25.24
C VAL C 698 24.37 15.55 -25.59
N ASN C 699 25.57 15.27 -26.12
CA ASN C 699 26.55 16.30 -26.44
C ASN C 699 26.16 17.02 -27.73
N GLU C 700 25.19 17.91 -27.62
CA GLU C 700 24.83 18.81 -28.71
C GLU C 700 24.06 20.00 -28.15
N SER C 701 23.79 20.97 -29.00
CA SER C 701 22.99 22.11 -28.59
C SER C 701 21.52 21.73 -28.59
N ARG C 702 20.71 22.53 -27.90
CA ARG C 702 19.33 22.17 -27.59
C ARG C 702 18.42 23.37 -27.77
N TYR C 703 17.28 23.39 -27.08
CA TYR C 703 16.16 24.25 -27.41
C TYR C 703 16.47 25.72 -27.20
N GLY C 704 16.92 26.38 -28.27
CA GLY C 704 17.24 27.79 -28.24
C GLY C 704 18.55 28.16 -27.58
N LEU C 705 19.22 27.22 -26.93
CA LEU C 705 20.39 27.52 -26.12
C LEU C 705 21.65 27.13 -26.86
N GLN C 706 22.75 27.83 -26.58
CA GLN C 706 23.95 27.69 -27.39
C GLN C 706 25.16 27.16 -26.64
N ASN C 707 25.53 27.78 -25.52
CA ASN C 707 26.78 27.41 -24.86
C ASN C 707 26.63 26.09 -24.12
N LEU C 708 27.76 25.50 -23.73
CA LEU C 708 27.77 24.11 -23.29
C LEU C 708 28.94 23.86 -22.35
N LEU C 709 28.65 23.62 -21.08
CA LEU C 709 29.66 23.22 -20.13
C LEU C 709 29.79 21.69 -20.14
N GLN C 710 30.51 21.14 -19.16
CA GLN C 710 30.62 19.70 -19.03
C GLN C 710 30.86 19.38 -17.56
N LEU C 711 29.83 19.01 -16.86
CA LEU C 711 29.81 18.69 -15.44
C LEU C 711 30.09 17.20 -15.24
N PRO C 712 30.54 16.79 -14.05
CA PRO C 712 31.03 15.40 -13.89
C PRO C 712 30.03 14.27 -14.12
N ASN C 713 28.72 14.53 -14.19
CA ASN C 713 27.85 13.43 -14.59
C ASN C 713 26.67 13.83 -15.49
N PHE C 714 26.77 14.93 -16.23
CA PHE C 714 25.82 15.30 -17.29
C PHE C 714 26.46 16.41 -18.11
N TYR C 715 25.72 16.89 -19.10
CA TYR C 715 26.09 18.09 -19.84
C TYR C 715 25.10 19.19 -19.49
N TYR C 716 25.60 20.40 -19.32
CA TYR C 716 24.76 21.54 -18.98
C TYR C 716 24.78 22.54 -20.12
N VAL C 717 23.61 22.95 -20.57
CA VAL C 717 23.48 23.79 -21.75
C VAL C 717 22.73 25.06 -21.36
N SER C 718 23.38 26.21 -21.51
CA SER C 718 22.76 27.49 -21.25
C SER C 718 23.32 28.50 -22.25
N ASN C 719 22.95 29.77 -22.06
CA ASN C 719 23.55 30.84 -22.87
C ASN C 719 23.80 32.12 -22.08
N GLY C 720 23.91 32.04 -20.77
CA GLY C 720 24.09 33.22 -19.96
C GLY C 720 25.54 33.67 -19.95
N GLY C 721 25.80 34.69 -19.14
CA GLY C 721 27.14 35.19 -18.93
C GLY C 721 27.90 34.34 -17.93
N ASN C 722 28.89 34.97 -17.29
CA ASN C 722 29.70 34.29 -16.30
C ASN C 722 30.00 35.18 -15.11
N ASN C 723 29.15 36.16 -14.85
CA ASN C 723 29.37 37.17 -13.82
C ASN C 723 28.04 37.41 -13.12
N CYS C 724 27.74 36.61 -12.10
CA CYS C 724 26.35 36.62 -11.66
C CYS C 724 26.15 36.80 -10.16
N THR C 725 26.99 36.15 -9.34
CA THR C 725 27.26 36.46 -7.93
C THR C 725 26.11 36.15 -6.98
N THR C 726 24.91 35.85 -7.50
CA THR C 726 23.79 35.55 -6.61
C THR C 726 22.83 34.59 -7.31
N ALA C 727 22.15 33.78 -6.49
CA ALA C 727 21.42 32.63 -6.99
C ALA C 727 19.93 32.79 -6.76
N VAL C 728 19.14 32.19 -7.65
CA VAL C 728 17.69 32.24 -7.56
C VAL C 728 17.04 30.88 -7.45
N MET C 729 17.64 29.82 -7.97
CA MET C 729 17.13 28.46 -7.83
C MET C 729 18.27 27.56 -7.38
N THR C 730 17.92 26.37 -6.90
CA THR C 730 18.92 25.43 -6.42
C THR C 730 18.73 24.06 -7.05
N TYR C 731 19.77 23.26 -6.92
CA TYR C 731 19.81 21.87 -7.37
C TYR C 731 20.57 21.15 -6.25
N SER C 732 21.14 19.99 -6.55
CA SER C 732 21.92 19.23 -5.59
C SER C 732 23.08 20.04 -5.01
N ASN C 733 24.02 20.43 -5.84
CA ASN C 733 25.25 21.01 -5.32
C ASN C 733 25.65 22.29 -6.03
N PHE C 734 24.70 23.02 -6.60
CA PHE C 734 24.97 24.34 -7.14
C PHE C 734 23.70 25.17 -7.11
N GLY C 735 23.77 26.36 -7.67
CA GLY C 735 22.62 27.24 -7.77
C GLY C 735 22.55 27.93 -9.11
N ILE C 736 21.46 27.74 -9.85
CA ILE C 736 21.30 28.38 -11.14
C ILE C 736 20.97 29.84 -10.92
N CYS C 737 21.74 30.72 -11.51
CA CYS C 737 21.58 32.13 -11.19
C CYS C 737 20.58 32.76 -12.15
N ALA C 738 20.55 34.08 -12.21
CA ALA C 738 19.45 34.79 -12.85
C ALA C 738 19.43 34.71 -14.37
N ASP C 739 20.58 34.49 -15.02
CA ASP C 739 20.61 34.45 -16.48
C ASP C 739 21.12 33.14 -17.05
N GLY C 740 21.50 32.17 -16.22
CA GLY C 740 21.86 30.88 -16.77
C GLY C 740 23.14 30.27 -16.25
N SER C 741 24.03 31.10 -15.71
CA SER C 741 25.32 30.61 -15.26
C SER C 741 25.19 29.79 -13.98
N LEU C 742 26.26 29.07 -13.66
CA LEU C 742 26.31 28.21 -12.49
C LEU C 742 27.15 28.87 -11.40
N ILE C 743 26.69 28.73 -10.16
CA ILE C 743 27.42 29.20 -9.00
C ILE C 743 27.51 28.05 -8.01
N PRO C 744 28.70 27.62 -7.61
CA PRO C 744 28.81 26.57 -6.60
C PRO C 744 28.45 27.09 -5.22
N VAL C 745 28.02 26.18 -4.36
CA VAL C 745 27.53 26.53 -3.04
C VAL C 745 28.66 26.40 -2.03
N ARG C 746 28.91 27.47 -1.28
CA ARG C 746 29.91 27.63 -0.25
C ARG C 746 29.34 27.26 1.11
N PRO C 747 30.14 26.69 2.01
CA PRO C 747 29.64 26.35 3.34
C PRO C 747 29.58 27.58 4.26
N ARG C 748 28.85 27.42 5.35
CA ARG C 748 28.67 28.48 6.32
C ARG C 748 29.92 28.63 7.19
N ASN C 749 30.38 29.86 7.38
CA ASN C 749 31.47 30.10 8.31
C ASN C 749 30.97 30.11 9.74
N SER C 750 31.82 29.67 10.65
CA SER C 750 31.50 29.64 12.08
C SER C 750 32.80 29.60 12.87
N SER C 751 32.90 30.44 13.90
CA SER C 751 34.08 30.52 14.74
C SER C 751 33.74 30.04 16.15
N ASP C 752 34.74 29.46 16.82
CA ASP C 752 34.50 28.90 18.14
C ASP C 752 35.81 28.88 18.93
N ASN C 753 35.69 29.01 20.24
CA ASN C 753 36.80 28.80 21.15
C ASN C 753 36.50 27.61 22.07
N GLY C 754 37.54 26.92 22.49
CA GLY C 754 37.42 25.67 23.20
C GLY C 754 37.33 25.84 24.70
N ILE C 755 37.53 24.73 25.40
CA ILE C 755 37.49 24.70 26.86
C ILE C 755 38.79 25.26 27.40
N SER C 756 38.70 26.24 28.30
CA SER C 756 39.90 26.81 28.90
C SER C 756 40.52 25.80 29.86
N ALA C 757 41.84 25.88 30.01
CA ALA C 757 42.58 24.86 30.73
C ALA C 757 43.47 25.49 31.78
N ILE C 758 43.91 24.66 32.72
CA ILE C 758 44.74 25.10 33.83
C ILE C 758 46.16 25.29 33.32
N ILE C 759 46.62 26.55 33.28
CA ILE C 759 47.89 26.88 32.65
C ILE C 759 48.34 28.21 33.25
N THR C 760 49.62 28.54 33.08
CA THR C 760 50.15 29.85 33.47
C THR C 760 50.38 30.64 32.19
N ALA C 761 49.35 31.35 31.74
CA ALA C 761 49.40 32.04 30.46
C ALA C 761 48.41 33.20 30.51
N ASN C 762 48.08 33.74 29.34
CA ASN C 762 47.06 34.77 29.21
C ASN C 762 45.77 34.16 28.70
N LEU C 763 44.65 34.52 29.33
CA LEU C 763 43.37 33.93 29.01
C LEU C 763 42.41 35.02 28.52
N SER C 764 41.22 34.57 28.10
CA SER C 764 40.21 35.45 27.52
C SER C 764 38.86 35.12 28.14
N ILE C 765 38.39 35.99 29.02
CA ILE C 765 37.18 35.78 29.79
C ILE C 765 36.16 36.82 29.37
N PRO C 766 34.93 36.45 29.02
CA PRO C 766 33.95 37.42 28.53
C PRO C 766 33.46 38.34 29.64
N SER C 767 33.27 39.62 29.31
CA SER C 767 32.83 40.60 30.30
C SER C 767 31.45 41.16 30.00
N ASN C 768 31.22 41.77 28.83
CA ASN C 768 29.93 42.33 28.53
C ASN C 768 29.03 41.32 27.84
N TRP C 769 27.73 41.57 27.88
CA TRP C 769 26.77 40.59 27.40
C TRP C 769 25.64 41.28 26.66
N THR C 770 24.91 40.50 25.88
CA THR C 770 23.69 40.93 25.23
C THR C 770 22.78 39.72 25.06
N THR C 771 21.55 39.96 24.64
CA THR C 771 20.58 38.89 24.49
C THR C 771 20.06 38.78 23.07
N SER C 772 19.45 37.65 22.78
CA SER C 772 18.81 37.39 21.51
C SER C 772 17.76 36.31 21.72
N VAL C 773 16.76 36.30 20.86
CA VAL C 773 15.59 35.43 21.01
C VAL C 773 15.50 34.52 19.79
N GLN C 774 15.30 33.23 20.03
CA GLN C 774 15.24 32.23 18.98
C GLN C 774 13.92 31.49 19.04
N VAL C 775 13.49 30.96 17.90
CA VAL C 775 12.13 30.45 17.70
C VAL C 775 12.21 28.99 17.27
N GLU C 776 11.27 28.16 17.74
CA GLU C 776 11.21 26.77 17.34
C GLU C 776 9.77 26.28 17.33
N TYR C 777 9.40 25.52 16.30
CA TYR C 777 8.06 24.99 16.13
C TYR C 777 8.03 23.48 16.33
N LEU C 778 6.96 22.99 16.94
CA LEU C 778 6.68 21.57 17.07
C LEU C 778 5.22 21.32 16.73
N GLN C 779 4.86 20.04 16.59
CA GLN C 779 3.49 19.63 16.28
C GLN C 779 3.02 18.67 17.36
N ILE C 780 1.78 18.84 17.83
CA ILE C 780 1.25 17.97 18.88
C ILE C 780 -0.03 17.26 18.50
N THR C 781 -0.68 17.60 17.40
CA THR C 781 -1.94 16.95 17.05
C THR C 781 -2.13 16.94 15.55
N SER C 782 -3.23 16.33 15.13
CA SER C 782 -3.60 16.24 13.73
C SER C 782 -5.12 16.36 13.64
N THR C 783 -5.67 16.02 12.48
CA THR C 783 -7.08 16.26 12.21
C THR C 783 -7.85 14.96 12.10
N PRO C 784 -8.82 14.71 12.98
CA PRO C 784 -9.51 13.43 12.99
C PRO C 784 -10.48 13.30 11.81
N ILE C 785 -10.42 12.16 11.13
CA ILE C 785 -11.27 11.88 9.97
C ILE C 785 -12.13 10.68 10.30
N VAL C 786 -13.43 10.78 10.01
CA VAL C 786 -14.34 9.65 10.10
C VAL C 786 -15.06 9.52 8.77
N VAL C 787 -14.96 8.35 8.15
CA VAL C 787 -15.48 8.12 6.81
C VAL C 787 -16.69 7.21 6.92
N ASP C 788 -17.75 7.54 6.18
CA ASP C 788 -18.87 6.63 6.03
C ASP C 788 -18.60 5.66 4.89
N CYS C 789 -19.07 4.43 5.05
CA CYS C 789 -18.74 3.37 4.09
C CYS C 789 -19.64 3.41 2.87
N ALA C 790 -20.94 3.24 3.09
CA ALA C 790 -21.86 2.97 1.99
C ALA C 790 -22.12 4.21 1.15
N THR C 791 -21.96 5.39 1.74
CA THR C 791 -22.08 6.61 0.94
C THR C 791 -20.90 6.75 0.00
N TYR C 792 -19.70 6.39 0.46
CA TYR C 792 -18.53 6.52 -0.39
C TYR C 792 -18.52 5.48 -1.50
N VAL C 793 -18.90 4.24 -1.19
CA VAL C 793 -18.84 3.19 -2.21
C VAL C 793 -19.97 3.35 -3.21
N CYS C 794 -21.22 3.33 -2.75
CA CYS C 794 -22.38 3.37 -3.63
C CYS C 794 -23.32 4.47 -3.15
N ASN C 795 -23.19 5.66 -3.74
CA ASN C 795 -23.83 6.85 -3.23
C ASN C 795 -25.34 6.86 -3.43
N GLY C 796 -26.06 6.47 -2.39
CA GLY C 796 -27.49 6.65 -2.33
C GLY C 796 -28.31 5.69 -3.15
N ASN C 797 -27.70 4.70 -3.77
CA ASN C 797 -28.45 3.78 -4.61
C ASN C 797 -28.85 2.57 -3.77
N PRO C 798 -30.15 2.26 -3.66
CA PRO C 798 -30.57 1.11 -2.87
C PRO C 798 -30.38 -0.24 -3.54
N ARG C 799 -29.61 -0.35 -4.62
CA ARG C 799 -29.26 -1.65 -5.16
C ARG C 799 -27.87 -2.10 -4.76
N CYS C 800 -26.97 -1.17 -4.48
CA CYS C 800 -25.70 -1.54 -3.88
C CYS C 800 -25.84 -1.98 -2.44
N LYS C 801 -26.91 -1.56 -1.77
CA LYS C 801 -27.12 -1.99 -0.40
C LYS C 801 -27.43 -3.48 -0.31
N ASN C 802 -27.93 -4.09 -1.38
CA ASN C 802 -28.01 -5.54 -1.41
C ASN C 802 -26.65 -6.16 -1.66
N LEU C 803 -25.85 -5.56 -2.54
CA LEU C 803 -24.59 -6.19 -2.91
C LEU C 803 -23.50 -5.97 -1.90
N LEU C 804 -23.60 -4.98 -1.02
CA LEU C 804 -22.59 -4.84 0.01
C LEU C 804 -22.82 -5.73 1.21
N LYS C 805 -23.89 -6.52 1.24
CA LYS C 805 -24.10 -7.42 2.37
C LYS C 805 -23.08 -8.54 2.41
N GLN C 806 -22.48 -8.88 1.28
CA GLN C 806 -21.47 -9.92 1.24
C GLN C 806 -20.09 -9.39 1.60
N TYR C 807 -19.96 -8.11 1.93
CA TYR C 807 -18.70 -7.50 2.31
C TYR C 807 -18.84 -6.75 3.63
N THR C 808 -19.78 -7.18 4.48
CA THR C 808 -20.09 -6.42 5.71
C THR C 808 -18.93 -6.49 6.69
N SER C 809 -18.35 -7.68 6.85
CA SER C 809 -17.13 -7.85 7.61
C SER C 809 -15.94 -7.15 6.99
N ALA C 810 -16.01 -6.77 5.72
CA ALA C 810 -14.94 -6.06 5.06
C ALA C 810 -15.05 -4.56 5.20
N CYS C 811 -16.15 -4.04 5.76
CA CYS C 811 -16.25 -2.60 5.98
C CYS C 811 -16.65 -2.23 7.40
N LYS C 812 -16.93 -3.18 8.28
CA LYS C 812 -17.00 -2.81 9.69
C LYS C 812 -15.63 -2.44 10.22
N THR C 813 -14.62 -3.22 9.83
CA THR C 813 -13.25 -3.03 10.27
C THR C 813 -12.61 -1.75 9.74
N ILE C 814 -13.20 -1.12 8.73
CA ILE C 814 -12.68 0.17 8.29
C ILE C 814 -13.12 1.28 9.23
N GLU C 815 -14.40 1.28 9.62
CA GLU C 815 -14.89 2.34 10.49
C GLU C 815 -14.37 2.19 11.92
N ASP C 816 -14.17 0.95 12.38
CA ASP C 816 -13.68 0.77 13.74
C ASP C 816 -12.23 1.25 13.87
N ALA C 817 -11.44 1.06 12.82
CA ALA C 817 -10.04 1.46 12.83
C ALA C 817 -9.86 2.98 12.86
N LEU C 818 -10.87 3.73 12.43
CA LEU C 818 -10.80 5.18 12.53
C LEU C 818 -11.38 5.69 13.83
N ARG C 819 -12.53 5.15 14.26
CA ARG C 819 -13.13 5.63 15.49
C ARG C 819 -12.37 5.19 16.74
N LEU C 820 -11.45 4.24 16.62
CA LEU C 820 -10.60 3.94 17.78
C LEU C 820 -9.45 4.93 17.90
N SER C 821 -8.80 5.24 16.79
CA SER C 821 -7.64 6.13 16.84
C SER C 821 -8.05 7.57 17.13
N ALA C 822 -9.25 7.97 16.68
CA ALA C 822 -9.72 9.31 16.99
C ALA C 822 -10.01 9.49 18.47
N HIS C 823 -10.25 8.41 19.20
CA HIS C 823 -10.41 8.47 20.65
C HIS C 823 -9.09 8.38 21.38
N LEU C 824 -8.16 7.57 20.86
CA LEU C 824 -6.84 7.47 21.47
C LEU C 824 -6.03 8.75 21.35
N GLU C 825 -6.28 9.55 20.31
CA GLU C 825 -5.65 10.87 20.26
C GLU C 825 -6.25 11.81 21.30
N THR C 826 -7.56 11.72 21.48
CA THR C 826 -8.29 12.65 22.36
C THR C 826 -7.87 12.47 23.82
N ASN C 827 -7.70 11.22 24.25
CA ASN C 827 -7.28 10.97 25.63
C ASN C 827 -5.89 11.53 25.90
N ASP C 828 -4.96 11.34 24.96
CA ASP C 828 -3.60 11.79 25.19
C ASP C 828 -3.48 13.31 25.09
N VAL C 829 -4.28 13.95 24.26
CA VAL C 829 -4.22 15.41 24.19
C VAL C 829 -4.84 16.04 25.43
N SER C 830 -5.97 15.49 25.89
CA SER C 830 -6.55 16.03 27.11
C SER C 830 -5.81 15.63 28.37
N SER C 831 -4.86 14.69 28.29
CA SER C 831 -4.04 14.40 29.46
C SER C 831 -3.03 15.49 29.76
N MET C 832 -2.61 16.29 28.78
CA MET C 832 -1.58 17.29 29.05
C MET C 832 -2.15 18.58 29.62
N LEU C 833 -3.21 19.11 29.00
CA LEU C 833 -3.60 20.50 29.15
C LEU C 833 -4.22 20.73 30.51
N THR C 834 -3.40 21.10 31.48
CA THR C 834 -3.86 21.34 32.84
C THR C 834 -4.34 22.78 32.97
N PHE C 835 -4.55 23.21 34.21
CA PHE C 835 -4.99 24.57 34.50
C PHE C 835 -4.59 24.92 35.92
N ASP C 836 -4.20 26.17 36.13
CA ASP C 836 -3.95 26.71 37.44
C ASP C 836 -4.71 28.01 37.56
N SER C 837 -5.03 28.41 38.79
CA SER C 837 -5.79 29.63 39.02
C SER C 837 -4.97 30.74 39.64
N ASN C 838 -4.14 30.44 40.64
CA ASN C 838 -3.33 31.48 41.26
C ASN C 838 -2.19 31.92 40.37
N ALA C 839 -1.69 31.03 39.51
CA ALA C 839 -0.68 31.44 38.55
C ALA C 839 -1.32 32.17 37.37
N PHE C 840 -2.59 31.91 37.10
CA PHE C 840 -3.24 32.54 35.95
C PHE C 840 -3.55 34.00 36.23
N SER C 841 -3.80 34.36 37.49
CA SER C 841 -4.12 35.73 37.82
C SER C 841 -2.90 36.63 37.83
N LEU C 842 -1.70 36.06 37.85
CA LEU C 842 -0.48 36.85 37.81
C LEU C 842 0.03 37.03 36.40
N ALA C 843 -0.79 36.77 35.38
CA ALA C 843 -0.35 36.85 33.99
C ALA C 843 -0.56 38.24 33.40
N ASN C 844 -0.53 39.26 34.24
CA ASN C 844 -0.95 40.58 33.84
C ASN C 844 0.27 41.45 33.58
N VAL C 845 0.07 42.49 32.77
CA VAL C 845 1.20 43.26 32.25
C VAL C 845 1.80 44.19 33.29
N THR C 846 1.15 44.36 34.43
CA THR C 846 1.67 45.21 35.49
C THR C 846 2.69 44.50 36.37
N SER C 847 2.98 43.23 36.09
CA SER C 847 3.84 42.42 36.94
C SER C 847 5.04 41.90 36.16
N PHE C 848 5.65 42.75 35.33
CA PHE C 848 6.84 42.32 34.60
C PHE C 848 7.91 43.40 34.51
N GLY C 849 7.80 44.48 35.28
CA GLY C 849 8.91 45.42 35.37
C GLY C 849 9.07 46.25 34.11
N ASP C 850 10.31 46.36 33.64
CA ASP C 850 10.62 47.17 32.48
C ASP C 850 10.60 46.38 31.19
N TYR C 851 10.14 45.14 31.20
CA TYR C 851 10.23 44.28 30.03
C TYR C 851 8.87 44.29 29.33
N ASN C 852 8.80 44.91 28.16
CA ASN C 852 7.54 45.00 27.45
C ASN C 852 7.23 43.63 26.84
N LEU C 853 6.25 42.96 27.42
CA LEU C 853 5.89 41.59 27.09
C LEU C 853 4.42 41.53 26.70
N SER C 854 3.90 42.68 26.25
CA SER C 854 2.47 42.86 26.06
C SER C 854 1.94 42.21 24.79
N SER C 855 2.81 41.84 23.86
CA SER C 855 2.36 41.21 22.62
C SER C 855 2.28 39.69 22.75
N VAL C 856 2.51 39.14 23.93
CA VAL C 856 2.51 37.71 24.15
C VAL C 856 1.39 37.27 25.08
N LEU C 857 1.09 38.09 26.10
CA LEU C 857 0.07 37.77 27.10
C LEU C 857 -1.32 37.67 26.47
N PRO C 858 -2.19 36.80 27.00
CA PRO C 858 -3.51 36.63 26.40
C PRO C 858 -4.42 37.81 26.69
N GLN C 859 -5.28 38.12 25.72
CA GLN C 859 -6.24 39.19 25.89
C GLN C 859 -7.40 38.74 26.75
N ARG C 860 -7.78 39.60 27.70
CA ARG C 860 -8.66 39.18 28.79
C ARG C 860 -10.11 39.09 28.36
N ASN C 861 -10.70 40.21 27.95
CA ASN C 861 -12.13 40.30 27.71
C ASN C 861 -12.38 40.57 26.23
N ILE C 862 -13.12 39.67 25.59
CA ILE C 862 -13.58 39.89 24.23
C ILE C 862 -15.07 40.27 24.20
N ARG C 863 -15.60 40.75 25.33
CA ARG C 863 -17.02 41.09 25.52
C ARG C 863 -17.93 39.90 25.23
N SER C 864 -17.53 38.74 25.72
CA SER C 864 -18.26 37.49 25.47
C SER C 864 -18.20 36.64 26.73
N SER C 865 -18.62 35.39 26.60
CA SER C 865 -18.56 34.41 27.69
C SER C 865 -17.28 33.58 27.58
N ARG C 866 -16.16 34.28 27.58
CA ARG C 866 -14.85 33.66 27.46
C ARG C 866 -13.93 34.21 28.53
N ILE C 867 -13.22 33.31 29.21
CA ILE C 867 -12.28 33.72 30.24
C ILE C 867 -11.07 34.41 29.63
N ALA C 868 -10.52 33.82 28.57
CA ALA C 868 -9.35 34.39 27.93
C ALA C 868 -9.34 34.00 26.46
N GLY C 869 -9.04 34.96 25.60
CA GLY C 869 -8.97 34.75 24.17
C GLY C 869 -7.55 34.58 23.70
N ARG C 870 -7.36 34.72 22.39
CA ARG C 870 -6.04 34.53 21.83
C ARG C 870 -5.16 35.74 22.08
N SER C 871 -3.86 35.56 21.85
CA SER C 871 -2.88 36.60 22.12
C SER C 871 -2.72 37.51 20.92
N ALA C 872 -1.76 38.43 21.01
CA ALA C 872 -1.51 39.35 19.92
C ALA C 872 -0.64 38.77 18.82
N LEU C 873 0.04 37.65 19.09
CA LEU C 873 0.91 37.02 18.11
C LEU C 873 0.24 35.88 17.38
N GLU C 874 -0.70 35.20 18.02
CA GLU C 874 -1.35 34.04 17.41
C GLU C 874 -2.22 34.43 16.24
N ASP C 875 -2.85 35.61 16.31
CA ASP C 875 -3.66 36.09 15.19
C ASP C 875 -2.79 36.42 13.98
N LEU C 876 -1.59 36.91 14.24
CA LEU C 876 -0.68 37.20 13.14
C LEU C 876 -0.16 35.92 12.51
N LEU C 877 -0.14 34.82 13.26
CA LEU C 877 0.12 33.51 12.65
C LEU C 877 -1.07 33.02 11.85
N PHE C 878 -2.26 33.06 12.44
CA PHE C 878 -3.45 32.53 11.81
C PHE C 878 -3.87 33.30 10.56
N SER C 879 -3.47 34.56 10.43
CA SER C 879 -3.77 35.33 9.24
C SER C 879 -3.02 34.85 8.01
N LYS C 880 -1.96 34.06 8.18
CA LYS C 880 -1.17 33.63 7.04
C LYS C 880 -1.74 32.39 6.37
N VAL C 881 -1.98 31.34 7.13
CA VAL C 881 -2.14 30.01 6.57
C VAL C 881 -3.51 29.41 6.80
N VAL C 882 -4.30 29.92 7.74
CA VAL C 882 -5.57 29.27 8.06
C VAL C 882 -6.61 29.58 6.99
N THR C 883 -6.60 30.81 6.49
CA THR C 883 -7.50 31.19 5.40
C THR C 883 -7.18 30.47 4.09
N SER C 884 -5.95 29.98 3.94
CA SER C 884 -5.58 29.13 2.81
C SER C 884 -5.81 27.66 3.06
N GLY C 885 -6.33 27.29 4.23
CA GLY C 885 -6.61 25.90 4.53
C GLY C 885 -7.86 25.39 3.83
N LEU C 886 -9.02 25.99 4.17
CA LEU C 886 -10.29 25.92 3.46
C LEU C 886 -10.99 24.55 3.56
N GLY C 887 -10.31 23.52 4.05
CA GLY C 887 -10.91 22.21 4.10
C GLY C 887 -10.62 21.44 5.37
N THR C 888 -9.91 22.05 6.30
CA THR C 888 -9.51 21.38 7.54
C THR C 888 -9.95 22.09 8.81
N VAL C 889 -10.27 23.37 8.77
CA VAL C 889 -10.55 24.12 9.98
C VAL C 889 -12.01 24.54 10.01
N ASP C 890 -12.59 24.50 11.22
CA ASP C 890 -13.89 25.01 11.69
C ASP C 890 -15.03 24.93 10.67
N VAL C 891 -15.19 23.76 10.06
CA VAL C 891 -16.16 23.59 8.98
C VAL C 891 -17.57 23.59 9.55
N ASP C 892 -18.45 24.38 8.94
CA ASP C 892 -19.84 24.46 9.35
C ASP C 892 -20.64 23.49 8.50
N TYR C 893 -21.25 22.49 9.15
CA TYR C 893 -22.08 21.53 8.48
C TYR C 893 -23.54 21.94 8.44
N LYS C 894 -23.91 23.01 9.13
CA LYS C 894 -25.32 23.39 9.20
C LYS C 894 -25.84 23.97 7.89
N SER C 895 -24.96 24.48 7.04
CA SER C 895 -25.38 25.16 5.83
C SER C 895 -25.11 24.35 4.57
N CYS C 896 -24.67 23.10 4.70
CA CYS C 896 -24.47 22.27 3.52
C CYS C 896 -25.76 21.64 3.01
N THR C 897 -26.89 21.85 3.69
CA THR C 897 -28.14 21.19 3.31
C THR C 897 -29.25 22.20 3.06
N LYS C 898 -28.95 23.32 2.42
CA LYS C 898 -29.97 24.31 2.10
C LYS C 898 -30.07 24.65 0.63
N GLY C 899 -29.06 24.30 -0.18
CA GLY C 899 -29.09 24.76 -1.54
C GLY C 899 -28.74 26.23 -1.61
N LEU C 900 -29.33 26.91 -2.59
CA LEU C 900 -29.29 28.36 -2.79
C LEU C 900 -27.89 28.91 -3.05
N SER C 901 -26.93 28.05 -3.38
CA SER C 901 -25.55 28.43 -3.66
C SER C 901 -24.84 27.24 -4.28
N ILE C 902 -23.85 27.53 -5.14
CA ILE C 902 -22.93 26.49 -5.57
C ILE C 902 -22.09 26.07 -4.37
N ALA C 903 -21.94 24.76 -4.19
CA ALA C 903 -21.37 24.24 -2.96
C ALA C 903 -19.89 24.56 -2.82
N ASP C 904 -19.47 24.73 -1.57
CA ASP C 904 -18.08 25.00 -1.23
C ASP C 904 -17.26 23.73 -1.40
N LEU C 905 -15.94 23.84 -1.29
CA LEU C 905 -15.07 22.65 -1.32
C LEU C 905 -15.30 21.76 -0.11
N ALA C 906 -15.57 22.36 1.05
CA ALA C 906 -15.75 21.54 2.25
C ALA C 906 -17.10 20.83 2.24
N CYS C 907 -18.15 21.46 1.73
CA CYS C 907 -19.42 20.77 1.59
C CYS C 907 -19.42 19.78 0.44
N ALA C 908 -18.52 19.92 -0.51
CA ALA C 908 -18.47 18.97 -1.62
C ALA C 908 -17.90 17.62 -1.21
N GLN C 909 -17.20 17.56 -0.08
CA GLN C 909 -16.68 16.30 0.43
C GLN C 909 -17.64 15.65 1.41
N TYR C 910 -18.52 16.43 2.02
CA TYR C 910 -19.53 15.86 2.90
C TYR C 910 -20.58 15.07 2.13
N TYR C 911 -20.72 15.33 0.84
CA TYR C 911 -21.60 14.51 0.01
C TYR C 911 -20.99 13.15 -0.32
N ASN C 912 -19.73 12.93 0.05
CA ASN C 912 -19.08 11.65 -0.09
C ASN C 912 -18.65 11.04 1.24
N GLY C 913 -19.33 11.37 2.32
CA GLY C 913 -19.14 10.70 3.58
C GLY C 913 -18.00 11.22 4.43
N ILE C 914 -17.06 11.96 3.87
CA ILE C 914 -15.89 12.39 4.61
C ILE C 914 -16.26 13.53 5.55
N MET C 915 -16.12 13.29 6.85
CA MET C 915 -16.50 14.23 7.89
C MET C 915 -15.28 14.58 8.73
N VAL C 916 -15.11 15.86 9.03
CA VAL C 916 -14.03 16.31 9.88
C VAL C 916 -14.60 16.67 11.24
N LEU C 917 -14.23 15.89 12.25
CA LEU C 917 -14.65 16.16 13.62
C LEU C 917 -13.98 17.41 14.16
N PRO C 918 -14.55 18.04 15.19
CA PRO C 918 -13.83 19.11 15.87
C PRO C 918 -12.67 18.56 16.68
N GLY C 919 -11.72 19.43 16.95
CA GLY C 919 -10.63 19.09 17.83
C GLY C 919 -10.98 19.36 19.27
N VAL C 920 -10.05 19.02 20.15
CA VAL C 920 -10.25 19.25 21.58
C VAL C 920 -9.73 20.62 21.99
N ALA C 921 -8.54 20.97 21.52
CA ALA C 921 -7.91 22.23 21.89
C ALA C 921 -8.52 23.35 21.06
N ASP C 922 -9.45 24.08 21.64
CA ASP C 922 -10.06 25.23 20.98
C ASP C 922 -9.26 26.48 21.31
N ALA C 923 -9.85 27.66 21.06
CA ALA C 923 -9.20 28.92 21.41
C ALA C 923 -9.05 29.12 22.91
N GLU C 924 -9.87 28.48 23.73
CA GLU C 924 -9.89 28.77 25.16
C GLU C 924 -8.87 27.98 25.96
N ARG C 925 -8.79 26.65 25.78
CA ARG C 925 -7.87 25.86 26.59
C ARG C 925 -6.41 26.14 26.26
N MET C 926 -6.12 26.49 25.01
CA MET C 926 -4.76 26.89 24.68
C MET C 926 -4.45 28.28 25.20
N ALA C 927 -5.44 29.04 25.63
CA ALA C 927 -5.20 30.30 26.31
C ALA C 927 -5.19 30.17 27.82
N MET C 928 -5.65 29.04 28.36
CA MET C 928 -5.52 28.78 29.79
C MET C 928 -4.29 27.97 30.15
N TYR C 929 -3.85 27.10 29.26
CA TYR C 929 -2.64 26.34 29.50
C TYR C 929 -1.39 27.19 29.30
N THR C 930 -1.41 28.08 28.30
CA THR C 930 -0.26 28.94 28.03
C THR C 930 -0.10 30.00 29.09
N GLY C 931 -1.19 30.67 29.46
CA GLY C 931 -1.14 31.68 30.51
C GLY C 931 -0.79 31.14 31.88
N SER C 932 -1.00 29.85 32.11
CA SER C 932 -0.59 29.21 33.34
C SER C 932 0.91 28.99 33.42
N LEU C 933 1.62 29.03 32.30
CA LEU C 933 3.07 28.87 32.29
C LEU C 933 3.81 30.18 32.26
N ILE C 934 3.30 31.17 31.53
CA ILE C 934 3.92 32.50 31.53
C ILE C 934 3.75 33.15 32.89
N GLY C 935 2.61 32.91 33.55
CA GLY C 935 2.40 33.45 34.87
C GLY C 935 3.21 32.77 35.95
N GLY C 936 3.72 31.58 35.68
CA GLY C 936 4.52 30.89 36.67
C GLY C 936 5.94 31.36 36.81
N MET C 937 6.36 32.36 36.03
CA MET C 937 7.72 32.87 36.14
C MET C 937 7.88 33.70 37.41
N VAL C 938 6.99 34.65 37.63
CA VAL C 938 7.11 35.58 38.75
C VAL C 938 6.67 34.98 40.07
N LEU C 939 6.15 33.76 40.07
CA LEU C 939 5.68 33.15 41.31
C LEU C 939 6.89 32.63 42.07
N GLY C 940 7.41 33.46 42.98
CA GLY C 940 8.49 33.03 43.83
C GLY C 940 8.02 32.09 44.92
N GLY C 941 8.97 31.67 45.74
CA GLY C 941 8.64 30.73 46.80
C GLY C 941 8.26 31.40 48.09
N LEU C 942 7.41 32.42 48.04
CA LEU C 942 7.01 33.14 49.23
C LEU C 942 5.85 32.41 49.91
N THR C 943 5.18 33.10 50.82
CA THR C 943 3.91 32.63 51.36
C THR C 943 2.81 32.89 50.33
N SER C 944 1.56 32.73 50.78
CA SER C 944 0.45 32.13 50.02
C SER C 944 0.39 32.50 48.53
N ALA C 945 0.27 33.78 48.21
CA ALA C 945 0.14 34.14 46.81
C ALA C 945 0.90 35.41 46.44
N ALA C 946 1.94 35.76 47.20
CA ALA C 946 2.66 36.98 46.87
C ALA C 946 3.57 36.74 45.68
N ALA C 947 3.82 37.82 44.93
CA ALA C 947 4.62 37.75 43.72
C ALA C 947 5.84 38.64 43.89
N ILE C 948 7.03 38.06 43.69
CA ILE C 948 8.28 38.80 43.71
C ILE C 948 8.37 39.63 42.43
N PRO C 949 9.10 40.74 42.42
CA PRO C 949 9.27 41.48 41.17
C PRO C 949 10.09 40.69 40.16
N PHE C 950 9.84 40.98 38.88
CA PHE C 950 10.49 40.20 37.83
C PHE C 950 11.95 40.56 37.66
N SER C 951 12.35 41.76 38.11
CA SER C 951 13.76 42.13 38.08
C SER C 951 14.59 41.32 39.07
N LEU C 952 13.97 40.75 40.08
CA LEU C 952 14.64 39.87 41.02
C LEU C 952 14.53 38.41 40.63
N ALA C 953 13.55 38.04 39.82
CA ALA C 953 13.41 36.68 39.36
C ALA C 953 14.45 36.30 38.32
N LEU C 954 15.17 37.25 37.73
CA LEU C 954 16.32 36.91 36.91
C LEU C 954 17.60 36.85 37.72
N GLN C 955 17.60 37.36 38.94
CA GLN C 955 18.77 37.24 39.78
C GLN C 955 18.96 35.79 40.23
N ALA C 956 17.87 35.06 40.43
CA ALA C 956 17.98 33.66 40.79
C ALA C 956 18.38 32.79 39.61
N ARG C 957 18.18 33.25 38.39
CA ARG C 957 18.54 32.46 37.22
C ARG C 957 19.91 32.81 36.67
N LEU C 958 20.58 33.81 37.23
CA LEU C 958 21.96 34.07 36.87
C LEU C 958 22.94 33.52 37.88
N ASN C 959 22.52 33.35 39.13
CA ASN C 959 23.41 32.75 40.12
C ASN C 959 23.63 31.27 39.88
N TYR C 960 22.75 30.63 39.13
CA TYR C 960 22.96 29.24 38.73
C TYR C 960 24.12 29.12 37.75
N VAL C 961 24.39 30.18 36.99
CA VAL C 961 25.52 30.16 36.06
C VAL C 961 26.82 30.46 36.80
N ALA C 962 26.89 31.61 37.45
CA ALA C 962 28.05 31.99 38.26
C ALA C 962 27.59 32.97 39.32
N LEU C 963 28.32 33.00 40.42
CA LEU C 963 27.91 33.82 41.56
C LEU C 963 28.12 35.30 41.28
N GLN C 964 27.04 36.06 41.32
CA GLN C 964 27.07 37.48 41.00
C GLN C 964 27.65 38.24 42.19
N THR C 965 28.81 38.86 41.99
CA THR C 965 29.49 39.61 43.02
C THR C 965 29.49 41.11 42.73
N ASP C 966 28.38 41.61 42.21
CA ASP C 966 28.23 43.04 41.95
C ASP C 966 26.98 43.52 42.66
N VAL C 967 27.14 44.48 43.57
CA VAL C 967 26.01 44.96 44.37
C VAL C 967 25.13 45.94 43.64
N LEU C 968 25.45 46.28 42.39
CA LEU C 968 24.64 47.20 41.60
C LEU C 968 24.29 46.52 40.29
N GLN C 969 23.00 46.32 40.05
CA GLN C 969 22.52 45.61 38.87
C GLN C 969 22.72 46.49 37.64
N GLU C 970 23.92 46.40 37.07
CA GLU C 970 24.24 47.16 35.88
C GLU C 970 23.91 46.43 34.59
N ASN C 971 23.82 45.10 34.63
CA ASN C 971 23.56 44.35 33.41
C ASN C 971 22.13 44.49 32.95
N GLN C 972 21.21 44.72 33.90
CA GLN C 972 19.79 44.69 33.57
C GLN C 972 19.34 45.87 32.73
N LYS C 973 20.08 46.98 32.77
CA LYS C 973 19.79 48.09 31.87
C LYS C 973 20.02 47.70 30.42
N ILE C 974 21.16 47.07 30.13
CA ILE C 974 21.47 46.69 28.76
C ILE C 974 20.58 45.53 28.33
N LEU C 975 20.24 44.64 29.26
CA LEU C 975 19.34 43.53 28.91
C LEU C 975 17.93 44.03 28.61
N ALA C 976 17.46 45.02 29.36
CA ALA C 976 16.17 45.64 29.06
C ALA C 976 16.19 46.38 27.73
N ALA C 977 17.32 47.02 27.42
CA ALA C 977 17.40 47.74 26.16
C ALA C 977 17.48 46.80 24.97
N SER C 978 17.99 45.59 25.17
CA SER C 978 18.14 44.67 24.04
C SER C 978 16.93 43.77 23.82
N PHE C 979 16.25 43.37 24.92
CA PHE C 979 15.17 42.41 24.81
C PHE C 979 13.96 42.98 24.08
N ASN C 980 13.69 44.27 24.27
CA ASN C 980 12.52 44.88 23.66
C ASN C 980 12.68 45.00 22.15
N LYS C 981 13.89 45.36 21.70
CA LYS C 981 14.17 45.38 20.26
C LYS C 981 14.14 43.98 19.68
N ALA C 982 14.59 42.98 20.46
CA ALA C 982 14.52 41.60 20.00
C ALA C 982 13.09 41.12 19.85
N ILE C 983 12.18 41.59 20.71
CA ILE C 983 10.77 41.24 20.55
C ILE C 983 10.17 41.94 19.33
N ASN C 984 10.48 43.23 19.17
CA ASN C 984 9.87 44.02 18.10
C ASN C 984 10.32 43.57 16.71
N ASN C 985 11.57 43.12 16.56
CA ASN C 985 12.02 42.65 15.26
C ASN C 985 11.35 41.34 14.88
N ILE C 986 11.04 40.49 15.87
CA ILE C 986 10.35 39.24 15.58
C ILE C 986 8.89 39.51 15.25
N VAL C 987 8.25 40.46 15.95
CA VAL C 987 6.87 40.81 15.65
C VAL C 987 6.76 41.42 14.26
N ALA C 988 7.71 42.26 13.88
CA ALA C 988 7.73 42.78 12.51
C ALA C 988 8.13 41.72 11.50
N SER C 989 8.79 40.65 11.92
CA SER C 989 9.18 39.59 10.98
C SER C 989 7.99 38.79 10.50
N PHE C 990 7.01 38.54 11.36
CA PHE C 990 5.81 37.82 10.95
C PHE C 990 4.81 38.69 10.22
N SER C 991 5.09 39.98 10.04
CA SER C 991 4.15 40.86 9.37
C SER C 991 4.26 40.80 7.85
N SER C 992 5.07 39.88 7.32
CA SER C 992 5.38 39.59 5.92
C SER C 992 6.21 40.70 5.26
N VAL C 993 6.54 41.77 5.97
CA VAL C 993 7.49 42.75 5.45
C VAL C 993 8.88 42.14 5.63
N ASN C 994 9.38 41.50 4.58
CA ASN C 994 10.45 40.53 4.72
C ASN C 994 11.79 40.99 4.14
N ASP C 995 11.76 41.68 3.00
CA ASP C 995 12.99 42.00 2.30
C ASP C 995 13.77 43.12 2.98
N ALA C 996 13.10 43.99 3.73
CA ALA C 996 13.79 45.04 4.46
C ALA C 996 14.41 44.53 5.75
N ILE C 997 13.79 43.54 6.39
CA ILE C 997 14.30 43.00 7.66
C ILE C 997 15.23 41.82 7.44
N THR C 998 15.28 41.26 6.22
CA THR C 998 16.16 40.12 5.95
C THR C 998 17.62 40.52 5.98
N GLN C 999 17.95 41.69 5.44
CA GLN C 999 19.32 42.18 5.40
C GLN C 999 19.72 42.94 6.65
N THR C 1000 18.91 42.88 7.72
CA THR C 1000 19.27 43.53 8.98
C THR C 1000 20.13 42.62 9.84
N ALA C 1001 19.63 41.45 10.18
CA ALA C 1001 20.33 40.52 11.06
C ALA C 1001 19.98 39.10 10.63
N GLU C 1002 20.29 38.13 11.50
CA GLU C 1002 20.00 36.74 11.23
C GLU C 1002 18.79 36.24 12.01
N ALA C 1003 17.91 37.16 12.45
CA ALA C 1003 16.66 36.75 13.06
C ALA C 1003 15.69 36.19 12.04
N ILE C 1004 15.82 36.58 10.77
CA ILE C 1004 14.94 36.06 9.73
C ILE C 1004 15.27 34.60 9.44
N HIS C 1005 16.50 34.18 9.71
CA HIS C 1005 16.95 32.83 9.40
C HIS C 1005 16.28 31.81 10.30
N THR C 1006 15.85 32.21 11.50
CA THR C 1006 15.15 31.31 12.37
C THR C 1006 13.66 31.29 12.09
N VAL C 1007 13.11 32.43 11.69
CA VAL C 1007 11.66 32.54 11.49
C VAL C 1007 11.24 31.90 10.17
N THR C 1008 12.11 31.95 9.15
CA THR C 1008 11.74 31.46 7.82
C THR C 1008 11.51 29.96 7.80
N ILE C 1009 12.34 29.21 8.55
CA ILE C 1009 12.20 27.77 8.61
C ILE C 1009 10.91 27.37 9.32
N ALA C 1010 10.54 28.11 10.37
CA ALA C 1010 9.31 27.83 11.09
C ALA C 1010 8.09 28.12 10.23
N LEU C 1011 8.14 29.21 9.44
CA LEU C 1011 7.02 29.50 8.55
C LEU C 1011 6.88 28.45 7.46
N ASN C 1012 8.01 27.98 6.93
CA ASN C 1012 7.96 26.94 5.90
C ASN C 1012 7.39 25.64 6.47
N LYS C 1013 7.72 25.32 7.72
CA LYS C 1013 7.20 24.09 8.32
C LYS C 1013 5.70 24.19 8.59
N ILE C 1014 5.24 25.36 9.05
CA ILE C 1014 3.81 25.55 9.29
C ILE C 1014 3.03 25.47 7.98
N GLN C 1015 3.60 25.98 6.89
CA GLN C 1015 2.93 25.84 5.60
C GLN C 1015 2.91 24.39 5.12
N ASP C 1016 4.01 23.67 5.39
CA ASP C 1016 4.14 22.30 4.90
C ASP C 1016 3.13 21.36 5.56
N VAL C 1017 2.83 21.60 6.84
CA VAL C 1017 1.85 20.78 7.55
C VAL C 1017 0.47 20.89 6.90
N VAL C 1018 0.06 22.11 6.57
CA VAL C 1018 -1.27 22.31 5.99
C VAL C 1018 -1.35 21.74 4.59
N ASN C 1019 -0.27 21.88 3.81
CA ASN C 1019 -0.28 21.33 2.44
C ASN C 1019 -0.34 19.81 2.45
N GLN C 1020 0.40 19.17 3.35
CA GLN C 1020 0.34 17.72 3.43
C GLN C 1020 -0.97 17.21 4.01
N GLN C 1021 -1.65 18.02 4.82
CA GLN C 1021 -2.99 17.59 5.24
C GLN C 1021 -4.02 17.72 4.12
N GLY C 1022 -3.85 18.69 3.22
CA GLY C 1022 -4.83 18.85 2.16
C GLY C 1022 -4.65 17.84 1.03
N SER C 1023 -3.40 17.51 0.71
CA SER C 1023 -3.14 16.69 -0.47
C SER C 1023 -3.55 15.25 -0.32
N ALA C 1024 -3.84 14.78 0.89
CA ALA C 1024 -4.31 13.40 1.03
C ALA C 1024 -5.78 13.28 0.65
N LEU C 1025 -6.61 14.21 1.12
CA LEU C 1025 -8.03 14.19 0.77
C LEU C 1025 -8.23 14.55 -0.69
N ASN C 1026 -7.41 15.46 -1.23
CA ASN C 1026 -7.52 15.78 -2.66
C ASN C 1026 -7.13 14.63 -3.56
N HIS C 1027 -6.43 13.62 -3.04
CA HIS C 1027 -6.13 12.42 -3.77
C HIS C 1027 -7.13 11.30 -3.50
N LEU C 1028 -7.71 11.25 -2.31
CA LEU C 1028 -8.72 10.23 -2.04
C LEU C 1028 -10.01 10.50 -2.81
N THR C 1029 -10.43 11.76 -2.88
CA THR C 1029 -11.67 12.07 -3.60
C THR C 1029 -11.53 11.84 -5.09
N SER C 1030 -10.34 12.06 -5.63
CA SER C 1030 -10.11 12.03 -7.07
C SER C 1030 -10.07 10.64 -7.66
N GLN C 1031 -10.19 9.58 -6.86
CA GLN C 1031 -10.20 8.24 -7.42
C GLN C 1031 -11.60 7.70 -7.65
N LEU C 1032 -12.60 8.57 -7.68
CA LEU C 1032 -13.93 8.14 -8.07
C LEU C 1032 -14.19 8.36 -9.54
N ARG C 1033 -13.39 9.19 -10.21
CA ARG C 1033 -13.58 9.39 -11.64
C ARG C 1033 -13.15 8.16 -12.43
N HIS C 1034 -12.19 7.41 -11.92
CA HIS C 1034 -11.65 6.27 -12.65
C HIS C 1034 -12.64 5.13 -12.61
N ASN C 1035 -13.30 4.87 -13.72
CA ASN C 1035 -13.99 3.60 -13.84
C ASN C 1035 -12.98 2.47 -13.94
N PHE C 1036 -13.35 1.33 -13.42
CA PHE C 1036 -12.56 0.15 -13.64
C PHE C 1036 -13.12 -0.51 -14.89
N GLN C 1037 -12.85 -1.78 -15.11
CA GLN C 1037 -13.18 -2.37 -16.41
C GLN C 1037 -14.67 -2.61 -16.56
N ALA C 1038 -15.43 -1.53 -16.68
CA ALA C 1038 -16.88 -1.55 -16.70
C ALA C 1038 -17.34 -0.59 -17.78
N ILE C 1039 -18.61 -0.22 -17.73
CA ILE C 1039 -19.17 0.67 -18.74
C ILE C 1039 -18.88 2.13 -18.40
N SER C 1040 -19.30 2.57 -17.22
CA SER C 1040 -19.08 3.95 -16.81
C SER C 1040 -18.86 3.99 -15.31
N ASN C 1041 -18.43 5.15 -14.83
CA ASN C 1041 -18.16 5.35 -13.42
C ASN C 1041 -19.37 5.80 -12.62
N SER C 1042 -20.56 5.77 -13.20
CA SER C 1042 -21.78 6.17 -12.52
C SER C 1042 -22.66 4.95 -12.34
N ILE C 1043 -23.09 4.71 -11.10
CA ILE C 1043 -23.84 3.49 -10.81
C ILE C 1043 -25.27 3.60 -11.30
N GLN C 1044 -25.85 4.81 -11.28
CA GLN C 1044 -27.20 4.97 -11.81
C GLN C 1044 -27.21 4.80 -13.32
N ALA C 1045 -26.10 5.11 -13.99
CA ALA C 1045 -26.04 4.95 -15.43
C ALA C 1045 -26.03 3.49 -15.86
N ILE C 1046 -25.63 2.58 -15.00
CA ILE C 1046 -25.64 1.16 -15.36
C ILE C 1046 -27.04 0.60 -15.27
N TYR C 1047 -27.76 0.89 -14.19
CA TYR C 1047 -29.10 0.34 -14.03
C TYR C 1047 -30.12 0.97 -14.95
N ASP C 1048 -29.83 2.08 -15.61
CA ASP C 1048 -30.72 2.57 -16.64
C ASP C 1048 -30.54 1.82 -17.94
N ARG C 1049 -29.48 1.04 -18.08
CA ARG C 1049 -29.17 0.43 -19.37
C ARG C 1049 -29.34 -1.08 -19.37
N LEU C 1050 -28.73 -1.78 -18.42
CA LEU C 1050 -28.71 -3.24 -18.43
C LEU C 1050 -29.82 -3.82 -17.54
N ASP C 1051 -30.04 -5.12 -17.72
CA ASP C 1051 -30.97 -5.85 -16.88
C ASP C 1051 -30.33 -6.11 -15.52
N SER C 1052 -31.15 -6.53 -14.55
CA SER C 1052 -30.65 -6.70 -13.19
C SER C 1052 -29.74 -7.92 -13.06
N ILE C 1053 -29.92 -8.94 -13.91
CA ILE C 1053 -29.06 -10.11 -13.84
C ILE C 1053 -27.71 -9.85 -14.47
N GLN C 1054 -27.60 -8.82 -15.31
CA GLN C 1054 -26.37 -8.52 -16.02
C GLN C 1054 -25.60 -7.38 -15.40
N ALA C 1055 -26.22 -6.62 -14.49
CA ALA C 1055 -25.60 -5.42 -13.97
C ALA C 1055 -24.71 -5.67 -12.76
N ASP C 1056 -24.93 -6.77 -12.05
CA ASP C 1056 -24.20 -7.02 -10.82
C ASP C 1056 -22.73 -7.32 -11.09
N GLN C 1057 -22.44 -7.97 -12.21
CA GLN C 1057 -21.07 -8.19 -12.61
C GLN C 1057 -20.35 -6.88 -12.93
N GLN C 1058 -21.11 -5.89 -13.41
CA GLN C 1058 -20.51 -4.59 -13.66
C GLN C 1058 -20.27 -3.84 -12.34
N VAL C 1059 -21.25 -3.87 -11.44
CA VAL C 1059 -21.18 -3.10 -10.21
C VAL C 1059 -20.09 -3.65 -9.27
N ASP C 1060 -19.85 -4.96 -9.33
CA ASP C 1060 -18.85 -5.59 -8.48
C ASP C 1060 -17.44 -5.09 -8.78
N ARG C 1061 -17.16 -4.77 -10.04
CA ARG C 1061 -15.85 -4.26 -10.42
C ARG C 1061 -15.59 -2.87 -9.89
N LEU C 1062 -16.64 -2.09 -9.63
CA LEU C 1062 -16.46 -0.79 -9.00
C LEU C 1062 -16.29 -0.94 -7.50
N ILE C 1063 -17.07 -1.84 -6.90
CA ILE C 1063 -17.03 -2.03 -5.45
C ILE C 1063 -15.66 -2.50 -4.99
N THR C 1064 -15.04 -3.40 -5.76
CA THR C 1064 -13.74 -3.95 -5.41
C THR C 1064 -12.67 -2.87 -5.40
N GLY C 1065 -12.63 -2.04 -6.43
CA GLY C 1065 -11.63 -1.00 -6.51
C GLY C 1065 -11.80 0.08 -5.45
N ARG C 1066 -13.05 0.42 -5.12
CA ARG C 1066 -13.24 1.45 -4.11
C ARG C 1066 -12.88 0.97 -2.71
N LEU C 1067 -13.15 -0.31 -2.39
CA LEU C 1067 -12.69 -0.84 -1.11
C LEU C 1067 -11.17 -0.91 -1.06
N ALA C 1068 -10.53 -1.25 -2.19
CA ALA C 1068 -9.07 -1.26 -2.24
C ALA C 1068 -8.48 0.13 -2.08
N ALA C 1069 -9.23 1.17 -2.45
CA ALA C 1069 -8.76 2.53 -2.21
C ALA C 1069 -8.89 2.91 -0.73
N LEU C 1070 -10.00 2.52 -0.10
CA LEU C 1070 -10.20 2.89 1.31
C LEU C 1070 -9.17 2.25 2.23
N ASN C 1071 -8.79 0.99 1.95
CA ASN C 1071 -7.78 0.35 2.79
C ASN C 1071 -6.43 1.05 2.69
N ALA C 1072 -6.07 1.50 1.49
CA ALA C 1072 -4.82 2.23 1.31
C ALA C 1072 -4.87 3.60 1.96
N PHE C 1073 -6.07 4.17 2.13
CA PHE C 1073 -6.16 5.42 2.87
C PHE C 1073 -5.94 5.20 4.36
N VAL C 1074 -6.55 4.15 4.93
CA VAL C 1074 -6.45 3.89 6.37
C VAL C 1074 -5.01 3.57 6.76
N SER C 1075 -4.32 2.80 5.91
CA SER C 1075 -2.94 2.41 6.21
C SER C 1075 -1.96 3.58 6.15
N GLN C 1076 -2.37 4.74 5.66
CA GLN C 1076 -1.55 5.95 5.72
C GLN C 1076 -1.91 6.81 6.92
N VAL C 1077 -3.21 6.89 7.23
CA VAL C 1077 -3.66 7.68 8.38
C VAL C 1077 -3.06 7.15 9.69
N LEU C 1078 -2.93 5.83 9.80
CA LEU C 1078 -2.38 5.26 11.03
C LEU C 1078 -0.90 5.60 11.21
N ASN C 1079 -0.13 5.60 10.12
CA ASN C 1079 1.28 5.98 10.21
C ASN C 1079 1.44 7.45 10.57
N LYS C 1080 0.54 8.29 10.08
CA LYS C 1080 0.57 9.71 10.46
C LYS C 1080 0.33 9.89 11.96
N TYR C 1081 -0.65 9.15 12.50
CA TYR C 1081 -0.90 9.19 13.95
C TYR C 1081 0.30 8.72 14.76
N THR C 1082 1.00 7.70 14.26
CA THR C 1082 2.16 7.19 14.99
C THR C 1082 3.31 8.20 14.99
N GLU C 1083 3.50 8.91 13.89
CA GLU C 1083 4.52 9.97 13.86
C GLU C 1083 4.19 11.11 14.82
N VAL C 1084 2.91 11.46 14.94
CA VAL C 1084 2.55 12.55 15.86
C VAL C 1084 2.71 12.11 17.32
N ARG C 1085 2.43 10.83 17.62
CA ARG C 1085 2.73 10.29 18.94
C ARG C 1085 4.23 10.32 19.22
N GLY C 1086 5.03 10.11 18.19
CA GLY C 1086 6.47 10.25 18.37
C GLY C 1086 6.90 11.67 18.63
N SER C 1087 6.15 12.65 18.10
CA SER C 1087 6.57 14.04 18.23
C SER C 1087 6.03 14.74 19.48
N ARG C 1088 5.02 14.22 20.16
CA ARG C 1088 4.55 14.90 21.37
C ARG C 1088 5.52 14.78 22.54
N ARG C 1089 6.33 13.71 22.58
CA ARG C 1089 7.18 13.46 23.73
C ARG C 1089 8.28 14.50 23.86
N LEU C 1090 8.81 14.94 22.72
CA LEU C 1090 9.86 15.95 22.74
C LEU C 1090 9.32 17.28 23.24
N ALA C 1091 8.05 17.58 22.92
CA ALA C 1091 7.42 18.78 23.44
C ALA C 1091 7.20 18.69 24.95
N GLN C 1092 6.79 17.52 25.45
CA GLN C 1092 6.66 17.36 26.90
C GLN C 1092 8.00 17.49 27.60
N GLN C 1093 9.07 16.98 26.98
CA GLN C 1093 10.40 17.11 27.60
C GLN C 1093 10.86 18.55 27.62
N LYS C 1094 10.61 19.30 26.55
CA LYS C 1094 11.07 20.69 26.55
C LYS C 1094 10.27 21.55 27.51
N ILE C 1095 8.97 21.29 27.65
CA ILE C 1095 8.18 21.99 28.65
C ILE C 1095 8.67 21.65 30.05
N ASN C 1096 9.01 20.38 30.30
CA ASN C 1096 9.52 20.01 31.61
C ASN C 1096 10.90 20.54 31.92
N GLU C 1097 11.73 20.81 30.91
CA GLU C 1097 13.13 21.13 31.21
C GLU C 1097 13.55 22.56 30.94
N CYS C 1098 12.86 23.31 30.08
CA CYS C 1098 13.27 24.69 29.80
C CYS C 1098 12.34 25.73 30.37
N VAL C 1099 11.06 25.41 30.49
CA VAL C 1099 10.12 26.38 30.99
C VAL C 1099 10.15 26.40 32.49
N LYS C 1100 10.34 25.24 33.12
CA LYS C 1100 10.24 25.12 34.56
C LYS C 1100 11.56 24.89 35.27
N SER C 1101 12.66 24.69 34.55
CA SER C 1101 13.83 24.09 35.20
C SER C 1101 15.16 24.81 34.97
N GLN C 1102 15.36 25.50 33.85
CA GLN C 1102 16.65 26.09 33.45
C GLN C 1102 17.74 25.01 33.38
N SER C 1103 17.65 24.20 32.34
CA SER C 1103 18.63 23.15 32.12
C SER C 1103 19.98 23.75 31.73
N ASN C 1104 21.02 22.90 31.80
CA ASN C 1104 22.38 23.29 31.45
C ASN C 1104 22.99 22.39 30.39
N ARG C 1105 22.18 21.65 29.66
CA ARG C 1105 22.69 20.83 28.56
C ARG C 1105 23.03 21.74 27.39
N TYR C 1106 24.26 21.62 26.89
CA TYR C 1106 24.65 22.42 25.74
C TYR C 1106 23.94 21.91 24.49
N GLY C 1107 23.64 22.83 23.57
CA GLY C 1107 22.95 22.46 22.34
C GLY C 1107 21.51 22.08 22.52
N PHE C 1108 20.93 22.41 23.67
CA PHE C 1108 19.52 22.20 24.00
C PHE C 1108 18.82 23.48 23.60
N CYS C 1109 17.81 23.91 24.35
CA CYS C 1109 17.15 25.19 24.14
C CYS C 1109 18.12 26.36 23.91
N GLY C 1110 18.14 26.89 22.69
CA GLY C 1110 19.06 27.92 22.27
C GLY C 1110 20.46 27.40 22.01
N ASN C 1111 21.27 28.19 21.29
CA ASN C 1111 22.64 27.77 21.04
C ASN C 1111 23.65 28.44 21.96
N GLY C 1112 23.20 29.02 23.08
CA GLY C 1112 24.12 29.67 24.00
C GLY C 1112 23.84 29.35 25.44
N THR C 1113 23.73 30.36 26.28
CA THR C 1113 23.50 30.18 27.71
C THR C 1113 22.04 30.50 28.02
N HIS C 1114 21.28 29.50 28.45
CA HIS C 1114 19.84 29.63 28.59
C HIS C 1114 19.46 30.48 29.80
N ILE C 1115 18.37 31.22 29.66
CA ILE C 1115 17.84 32.02 30.77
C ILE C 1115 16.39 31.63 31.06
N PHE C 1116 15.48 31.83 30.10
CA PHE C 1116 14.11 31.36 30.23
C PHE C 1116 13.53 31.09 28.86
N SER C 1117 12.25 30.73 28.83
CA SER C 1117 11.56 30.43 27.59
C SER C 1117 10.08 30.72 27.75
N ILE C 1118 9.43 31.10 26.64
CA ILE C 1118 8.03 31.50 26.61
C ILE C 1118 7.33 30.70 25.53
N VAL C 1119 6.11 30.25 25.81
CA VAL C 1119 5.35 29.38 24.90
C VAL C 1119 4.15 30.16 24.38
N ASN C 1120 3.82 29.97 23.09
CA ASN C 1120 2.54 30.34 22.52
C ASN C 1120 2.07 29.24 21.58
N SER C 1121 0.81 29.31 21.16
CA SER C 1121 0.24 28.28 20.30
C SER C 1121 0.29 28.72 18.85
N ALA C 1122 -0.06 27.78 17.98
CA ALA C 1122 0.19 27.88 16.54
C ALA C 1122 -0.80 26.92 15.87
N PRO C 1123 -0.90 26.84 14.52
CA PRO C 1123 -1.76 25.79 13.95
C PRO C 1123 -1.25 24.39 14.20
N ASP C 1124 -1.94 23.68 15.08
CA ASP C 1124 -1.65 22.30 15.49
C ASP C 1124 -0.22 22.16 16.03
N GLY C 1125 0.03 22.83 17.14
CA GLY C 1125 1.34 22.74 17.75
C GLY C 1125 1.64 23.95 18.59
N LEU C 1126 2.84 23.95 19.14
CA LEU C 1126 3.33 24.99 20.02
C LEU C 1126 4.43 25.78 19.33
N LEU C 1127 4.73 26.95 19.91
CA LEU C 1127 5.78 27.82 19.37
C LEU C 1127 6.61 28.34 20.52
N PHE C 1128 7.87 27.94 20.59
CA PHE C 1128 8.75 28.29 21.69
C PHE C 1128 9.51 29.57 21.39
N LEU C 1129 9.86 30.29 22.45
CA LEU C 1129 10.64 31.53 22.34
C LEU C 1129 11.76 31.46 23.37
N HIS C 1130 12.92 30.96 22.97
CA HIS C 1130 14.04 30.82 23.89
C HIS C 1130 14.70 32.18 24.09
N THR C 1131 15.53 32.28 25.12
CA THR C 1131 16.22 33.54 25.39
C THR C 1131 17.62 33.24 25.90
N VAL C 1132 18.64 33.63 25.14
CA VAL C 1132 20.01 33.25 25.44
C VAL C 1132 20.85 34.48 25.69
N LEU C 1133 22.12 34.28 26.00
CA LEU C 1133 23.09 35.35 26.15
C LEU C 1133 24.18 35.20 25.09
N LEU C 1134 24.74 36.34 24.66
CA LEU C 1134 25.85 36.32 23.74
C LEU C 1134 26.91 37.30 24.22
N PRO C 1135 28.18 36.92 24.19
CA PRO C 1135 29.23 37.85 24.61
C PRO C 1135 29.57 38.85 23.52
N THR C 1136 30.01 40.03 23.95
CA THR C 1136 30.47 41.05 23.02
C THR C 1136 31.94 41.37 23.21
N ASP C 1137 32.35 41.70 24.43
CA ASP C 1137 33.74 42.00 24.73
C ASP C 1137 34.33 40.92 25.61
N TYR C 1138 35.64 40.98 25.82
CA TYR C 1138 36.31 40.10 26.77
C TYR C 1138 37.59 40.76 27.22
N LYS C 1139 38.14 40.26 28.32
CA LYS C 1139 39.34 40.85 28.91
C LYS C 1139 40.53 39.90 28.85
N ASN C 1140 41.73 40.48 28.95
CA ASN C 1140 42.96 39.70 29.02
C ASN C 1140 43.42 39.65 30.47
N VAL C 1141 43.81 38.46 30.91
CA VAL C 1141 43.98 38.13 32.31
C VAL C 1141 45.26 37.31 32.48
N LYS C 1142 46.11 37.72 33.41
CA LYS C 1142 47.38 37.04 33.66
C LYS C 1142 47.17 35.94 34.68
N ALA C 1143 46.91 34.73 34.21
CA ALA C 1143 46.53 33.64 35.10
C ALA C 1143 47.74 33.08 35.83
N TRP C 1144 47.47 32.20 36.78
CA TRP C 1144 48.48 31.39 37.46
C TRP C 1144 47.91 30.00 37.65
N SER C 1145 48.62 29.16 38.40
CA SER C 1145 48.08 27.83 38.64
C SER C 1145 48.32 27.33 40.05
N GLY C 1146 48.70 28.17 40.98
CA GLY C 1146 48.90 27.72 42.34
C GLY C 1146 50.04 28.45 43.01
N ILE C 1147 50.12 28.25 44.33
CA ILE C 1147 51.06 28.96 45.19
C ILE C 1147 51.93 27.93 45.87
N CYS C 1148 53.25 28.09 45.79
CA CYS C 1148 54.20 27.20 46.45
C CYS C 1148 54.95 27.98 47.52
N VAL C 1149 54.68 27.63 48.77
CA VAL C 1149 55.30 28.29 49.92
C VAL C 1149 56.54 27.50 50.32
N ASP C 1150 57.70 28.16 50.22
CA ASP C 1150 59.00 27.66 50.71
C ASP C 1150 59.42 26.36 50.05
N GLY C 1151 59.03 26.15 48.79
CA GLY C 1151 59.51 25.02 48.03
C GLY C 1151 58.94 23.67 48.40
N ILE C 1152 58.10 23.58 49.42
CA ILE C 1152 57.59 22.31 49.89
C ILE C 1152 56.07 22.30 49.79
N TYR C 1153 55.43 23.21 50.50
CA TYR C 1153 53.99 23.22 50.67
C TYR C 1153 53.34 23.91 49.50
N GLY C 1154 52.41 23.25 48.84
CA GLY C 1154 51.75 23.79 47.67
C GLY C 1154 50.25 23.89 47.88
N TYR C 1155 49.69 25.02 47.45
CA TYR C 1155 48.26 25.28 47.55
C TYR C 1155 47.67 25.46 46.16
N VAL C 1156 46.51 24.86 45.91
CA VAL C 1156 45.77 25.09 44.68
C VAL C 1156 44.30 25.29 45.01
N LEU C 1157 43.55 25.74 44.00
CA LEU C 1157 42.12 25.96 44.14
C LEU C 1157 41.37 24.64 44.21
N ARG C 1158 40.37 24.57 45.07
CA ARG C 1158 39.59 23.34 45.17
C ARG C 1158 38.68 23.17 43.97
N GLN C 1159 37.89 24.17 43.69
CA GLN C 1159 36.91 24.03 42.62
C GLN C 1159 37.59 24.28 41.28
N PRO C 1160 37.27 23.49 40.25
CA PRO C 1160 37.93 23.68 38.95
C PRO C 1160 37.30 24.75 38.07
N ASN C 1161 36.47 25.62 38.62
CA ASN C 1161 35.90 26.73 37.86
C ASN C 1161 36.32 28.09 38.41
N LEU C 1162 37.54 28.19 38.90
CA LEU C 1162 38.04 29.45 39.39
C LEU C 1162 39.43 29.69 38.82
N VAL C 1163 39.81 30.96 38.74
CA VAL C 1163 41.10 31.37 38.19
C VAL C 1163 41.75 32.32 39.19
N LEU C 1164 42.95 32.00 39.62
CA LEU C 1164 43.75 32.93 40.41
C LEU C 1164 44.61 33.74 39.44
N TYR C 1165 44.53 35.07 39.51
CA TYR C 1165 45.27 35.90 38.58
C TYR C 1165 45.89 37.09 39.29
N SER C 1166 46.52 37.96 38.51
CA SER C 1166 47.36 39.04 39.01
C SER C 1166 47.05 40.32 38.26
N ASP C 1167 46.49 41.32 38.94
CA ASP C 1167 46.33 42.64 38.36
C ASP C 1167 47.44 43.56 38.87
N ASN C 1168 48.67 43.20 38.50
CA ASN C 1168 49.89 43.98 38.78
C ASN C 1168 50.11 44.21 40.27
N GLY C 1169 50.33 43.10 40.98
CA GLY C 1169 50.62 43.13 42.40
C GLY C 1169 49.42 42.90 43.28
N VAL C 1170 48.23 42.75 42.70
CA VAL C 1170 47.01 42.47 43.45
C VAL C 1170 46.43 41.17 42.90
N PHE C 1171 46.23 40.20 43.78
CA PHE C 1171 45.71 38.90 43.37
C PHE C 1171 44.22 38.81 43.65
N ARG C 1172 43.47 38.34 42.67
CA ARG C 1172 42.02 38.24 42.75
C ARG C 1172 41.58 36.92 42.15
N VAL C 1173 40.34 36.55 42.41
CA VAL C 1173 39.77 35.29 41.94
C VAL C 1173 38.47 35.59 41.21
N THR C 1174 38.30 35.03 40.02
CA THR C 1174 37.07 35.18 39.26
C THR C 1174 36.66 33.85 38.69
N SER C 1175 35.49 33.82 38.05
CA SER C 1175 35.01 32.60 37.42
C SER C 1175 35.66 32.42 36.06
N ARG C 1176 35.31 31.33 35.38
CA ARG C 1176 35.79 31.09 34.03
C ARG C 1176 34.76 31.36 32.96
N VAL C 1177 33.50 31.59 33.32
CA VAL C 1177 32.45 31.83 32.34
C VAL C 1177 32.11 33.30 32.25
N MET C 1178 31.84 33.95 33.37
CA MET C 1178 31.66 35.38 33.41
C MET C 1178 32.82 36.00 34.18
N PHE C 1179 33.01 37.29 34.02
CA PHE C 1179 34.09 38.01 34.68
C PHE C 1179 33.53 38.71 35.91
N GLN C 1180 33.67 38.09 37.07
CA GLN C 1180 33.17 38.64 38.33
C GLN C 1180 34.28 38.57 39.36
N PRO C 1181 35.04 39.65 39.56
CA PRO C 1181 36.18 39.59 40.47
C PRO C 1181 35.77 39.77 41.92
N ARG C 1182 36.61 39.24 42.80
CA ARG C 1182 36.46 39.40 44.25
C ARG C 1182 37.80 39.09 44.90
N LEU C 1183 37.82 39.02 46.22
CA LEU C 1183 39.10 38.71 46.87
C LEU C 1183 39.20 37.24 47.23
N PRO C 1184 40.40 36.66 47.27
CA PRO C 1184 40.52 35.27 47.69
C PRO C 1184 40.40 35.13 49.20
N VAL C 1185 39.83 34.00 49.62
CA VAL C 1185 39.66 33.67 51.03
C VAL C 1185 40.31 32.31 51.28
N LEU C 1186 40.34 31.92 52.55
CA LEU C 1186 41.01 30.68 52.93
C LEU C 1186 40.25 29.43 52.56
N SER C 1187 38.94 29.51 52.39
CA SER C 1187 38.13 28.33 52.16
C SER C 1187 38.17 27.84 50.72
N ASP C 1188 39.12 28.29 49.92
CA ASP C 1188 39.19 27.92 48.52
C ASP C 1188 40.43 27.11 48.19
N PHE C 1189 41.29 26.86 49.17
CA PHE C 1189 42.60 26.29 48.93
C PHE C 1189 42.76 24.95 49.62
N VAL C 1190 43.44 24.03 48.94
CA VAL C 1190 43.73 22.71 49.48
C VAL C 1190 45.25 22.55 49.49
N GLN C 1191 45.74 21.38 49.87
CA GLN C 1191 47.17 21.22 50.12
C GLN C 1191 47.64 19.89 49.52
N ILE C 1192 48.49 19.97 48.50
CA ILE C 1192 48.66 18.88 47.53
C ILE C 1192 50.07 18.35 47.35
N TYR C 1193 50.85 18.20 48.43
CA TYR C 1193 52.32 18.28 48.52
C TYR C 1193 53.23 18.05 47.31
N ASN C 1194 54.28 18.88 47.25
CA ASN C 1194 55.41 18.97 46.32
C ASN C 1194 55.19 19.62 44.95
N CYS C 1195 54.54 20.79 44.93
CA CYS C 1195 55.08 22.01 44.30
C CYS C 1195 55.69 21.81 42.91
N ASN C 1196 54.81 21.67 41.90
CA ASN C 1196 55.22 21.83 40.51
C ASN C 1196 55.87 23.20 40.28
N VAL C 1197 56.69 23.30 39.22
CA VAL C 1197 57.63 24.41 39.06
C VAL C 1197 56.92 25.73 38.79
N THR C 1198 55.91 25.73 37.94
CA THR C 1198 55.33 26.97 37.44
C THR C 1198 54.31 27.58 38.39
N PHE C 1199 54.63 27.67 39.67
CA PHE C 1199 53.80 28.31 40.67
C PHE C 1199 54.33 29.70 40.96
N VAL C 1200 53.81 30.32 42.01
CA VAL C 1200 54.28 31.61 42.49
C VAL C 1200 55.19 31.38 43.69
N ASN C 1201 56.46 31.73 43.54
CA ASN C 1201 57.40 31.65 44.65
C ASN C 1201 57.11 32.73 45.65
N ILE C 1202 56.78 32.34 46.88
CA ILE C 1202 56.57 33.28 47.97
C ILE C 1202 56.86 32.59 49.30
N SER C 1203 57.49 33.32 50.20
CA SER C 1203 57.76 32.77 51.53
C SER C 1203 56.53 32.92 52.42
N ARG C 1204 56.61 32.32 53.61
CA ARG C 1204 55.46 32.29 54.50
C ARG C 1204 55.21 33.64 55.16
N VAL C 1205 56.24 34.49 55.26
CA VAL C 1205 56.10 35.76 55.97
C VAL C 1205 55.19 36.70 55.19
N GLU C 1206 55.37 36.79 53.88
CA GLU C 1206 54.55 37.69 53.07
C GLU C 1206 53.36 36.99 52.44
N LEU C 1207 52.85 35.92 53.05
CA LEU C 1207 51.70 35.23 52.48
C LEU C 1207 50.43 36.05 52.63
N HIS C 1208 50.35 36.89 53.67
CA HIS C 1208 49.15 37.69 53.91
C HIS C 1208 48.93 38.75 52.86
N THR C 1209 49.95 39.09 52.08
CA THR C 1209 49.75 40.01 50.95
C THR C 1209 49.07 39.33 49.77
N VAL C 1210 49.03 38.00 49.76
CA VAL C 1210 48.25 37.27 48.77
C VAL C 1210 46.85 36.97 49.29
N ILE C 1211 46.77 36.40 50.49
CA ILE C 1211 45.51 36.05 51.12
C ILE C 1211 45.28 37.03 52.27
N PRO C 1212 44.36 37.98 52.13
CA PRO C 1212 43.90 38.71 53.30
C PRO C 1212 43.12 37.79 54.22
N ASP C 1213 43.04 38.18 55.49
CA ASP C 1213 42.43 37.38 56.57
C ASP C 1213 43.10 36.02 56.69
N TYR C 1214 44.42 36.01 56.70
CA TYR C 1214 45.20 34.83 57.05
C TYR C 1214 46.29 35.25 58.03
N VAL C 1215 46.12 34.90 59.30
CA VAL C 1215 47.12 35.16 60.32
C VAL C 1215 47.77 33.84 60.70
N ASP C 1216 49.07 33.75 60.50
CA ASP C 1216 49.84 32.61 60.98
C ASP C 1216 49.86 32.66 62.50
N VAL C 1217 49.25 31.66 63.13
CA VAL C 1217 49.17 31.63 64.58
C VAL C 1217 50.54 31.36 65.18
N ASN C 1218 51.34 30.54 64.50
CA ASN C 1218 52.60 30.04 65.04
C ASN C 1218 53.63 31.16 65.20
N LYS C 1219 53.92 31.86 64.11
CA LYS C 1219 54.93 32.92 64.14
C LYS C 1219 54.47 34.12 64.97
N THR C 1220 53.16 34.37 65.01
CA THR C 1220 52.66 35.48 65.81
C THR C 1220 52.77 35.17 67.30
N LEU C 1221 52.53 33.92 67.68
CA LEU C 1221 52.77 33.54 69.07
C LEU C 1221 54.26 33.40 69.38
N GLN C 1222 55.10 33.19 68.36
CA GLN C 1222 56.53 33.36 68.56
C GLN C 1222 56.86 34.81 68.91
N GLU C 1223 56.23 35.75 68.20
CA GLU C 1223 56.42 37.16 68.52
C GLU C 1223 55.72 37.54 69.81
N PHE C 1224 54.39 37.39 69.83
CA PHE C 1224 53.60 37.81 70.98
C PHE C 1224 53.69 36.75 72.08
C1 NAG D . 3.42 -33.95 -27.84
C2 NAG D . 4.27 -34.60 -26.78
C3 NAG D . 3.95 -36.09 -26.68
C4 NAG D . 2.48 -36.33 -26.44
C5 NAG D . 1.65 -35.56 -27.47
C6 NAG D . 0.18 -35.55 -27.15
C7 NAG D . 6.58 -34.10 -26.10
C8 NAG D . 7.99 -33.93 -26.55
N2 NAG D . 5.69 -34.40 -27.05
O3 NAG D . 4.70 -36.65 -25.60
O4 NAG D . 2.18 -37.71 -26.56
O5 NAG D . 2.05 -34.18 -27.55
O6 NAG D . -0.39 -36.85 -27.29
O7 NAG D . 6.26 -33.98 -24.93
C1 NAG D . 1.82 -38.40 -25.33
C2 NAG D . 1.01 -39.65 -25.69
C3 NAG D . 0.63 -40.43 -24.44
C4 NAG D . 1.86 -40.71 -23.57
C5 NAG D . 2.65 -39.43 -23.31
C6 NAG D . 3.96 -39.69 -22.62
C7 NAG D . -0.75 -40.13 -27.33
C8 NAG D . -1.99 -39.62 -28.01
N2 NAG D . -0.19 -39.30 -26.44
O3 NAG D . 0.04 -41.66 -24.81
O4 NAG D . 1.38 -41.19 -22.31
O5 NAG D . 2.97 -38.78 -24.55
O6 NAG D . 4.42 -41.01 -22.90
O7 NAG D . -0.29 -41.23 -27.56
C1 BMA D . 1.66 -42.52 -21.74
C2 BMA D . 1.74 -43.76 -22.74
C3 BMA D . 1.86 -45.02 -21.84
C4 BMA D . 3.11 -44.91 -20.95
C5 BMA D . 3.03 -43.61 -20.12
C6 BMA D . 4.22 -43.40 -19.25
O2 BMA D . 2.91 -43.77 -23.49
O3 BMA D . 1.89 -46.24 -22.58
O4 BMA D . 3.19 -46.00 -20.08
O5 BMA D . 2.92 -42.50 -21.02
O6 BMA D . 4.10 -44.26 -18.15
C1 MAN D . 0.62 -46.92 -22.41
C2 MAN D . 0.72 -47.90 -21.19
C3 MAN D . 1.65 -49.05 -21.53
C4 MAN D . 1.15 -49.78 -22.77
C5 MAN D . 1.04 -48.81 -23.95
C6 MAN D . 0.35 -49.43 -25.12
O2 MAN D . -0.55 -48.51 -20.91
O3 MAN D . 1.77 -49.95 -20.45
O4 MAN D . 2.06 -50.82 -23.08
O5 MAN D . 0.24 -47.64 -23.59
O6 MAN D . -1.04 -49.49 -24.80
C1 MAN D . -1.06 -47.99 -19.67
C2 MAN D . -1.94 -49.08 -19.01
C3 MAN D . -3.24 -49.25 -19.81
C4 MAN D . -3.95 -47.90 -20.03
C5 MAN D . -2.99 -46.93 -20.71
C6 MAN D . -3.59 -45.54 -20.88
O2 MAN D . -2.36 -48.68 -17.72
O3 MAN D . -4.11 -50.17 -19.19
O4 MAN D . -5.10 -48.08 -20.85
O5 MAN D . -1.80 -46.79 -19.89
O6 MAN D . -4.95 -45.70 -21.25
C1 MAN D . 4.10 -43.48 -16.95
C2 MAN D . 5.40 -43.79 -16.21
C3 MAN D . 5.44 -45.29 -15.90
C4 MAN D . 4.17 -45.75 -15.15
C5 MAN D . 2.90 -45.26 -15.88
C6 MAN D . 1.67 -45.42 -15.05
O2 MAN D . 5.43 -43.17 -14.93
O3 MAN D . 6.61 -45.65 -15.16
O4 MAN D . 4.16 -47.16 -15.10
O5 MAN D . 3.01 -43.83 -16.16
O6 MAN D . 1.47 -44.18 -14.36
C1 NAG E . 11.83 -57.54 -27.88
C2 NAG E . 11.40 -58.80 -27.13
C3 NAG E . 10.79 -59.80 -28.11
C4 NAG E . 9.68 -59.16 -28.93
C5 NAG E . 10.15 -57.85 -29.56
C6 NAG E . 9.02 -57.09 -30.18
C7 NAG E . 12.41 -59.90 -25.20
C8 NAG E . 13.66 -60.46 -24.61
N2 NAG E . 12.52 -59.39 -26.43
O3 NAG E . 10.27 -60.91 -27.37
O4 NAG E . 9.16 -60.01 -29.94
O5 NAG E . 10.71 -56.99 -28.55
O6 NAG E . 8.23 -56.46 -29.18
O7 NAG E . 11.35 -59.90 -24.59
C1 NAG E . 9.99 -60.87 -30.77
C2 NAG E . 9.13 -61.12 -32.03
C3 NAG E . 9.85 -62.07 -32.98
C4 NAG E . 11.24 -61.55 -33.31
C5 NAG E . 12.03 -61.30 -32.03
C6 NAG E . 13.39 -60.68 -32.26
C7 NAG E . 6.69 -60.95 -31.89
C8 NAG E . 5.43 -61.64 -31.48
N2 NAG E . 7.82 -61.64 -31.68
O3 NAG E . 9.09 -62.20 -34.19
O4 NAG E . 11.94 -62.50 -34.12
O5 NAG E . 11.31 -60.39 -31.18
O6 NAG E . 13.64 -59.59 -31.39
O7 NAG E . 6.69 -59.83 -32.39
C1 NAG F . 31.88 -40.28 -40.34
C2 NAG F . 32.79 -41.46 -40.07
C3 NAG F . 34.22 -41.13 -40.47
C4 NAG F . 34.29 -40.60 -41.90
C5 NAG F . 33.28 -39.47 -42.09
C6 NAG F . 33.17 -39.04 -43.53
C7 NAG F . 32.57 -43.09 -38.26
C8 NAG F . 32.54 -43.31 -36.78
N2 NAG F . 32.73 -41.83 -38.66
O3 NAG F . 35.01 -42.30 -40.36
O4 NAG F . 35.56 -40.01 -42.13
O5 NAG F . 31.97 -39.92 -41.70
O6 NAG F . 34.35 -38.37 -43.95
O7 NAG F . 32.43 -44.02 -39.05
C1 NAG F . 36.45 -40.78 -42.93
C2 NAG F . 37.71 -39.92 -43.01
C3 NAG F . 38.85 -40.66 -43.68
C4 NAG F . 39.09 -41.98 -42.96
C5 NAG F . 37.82 -42.80 -43.04
C6 NAG F . 37.92 -44.13 -42.32
C7 NAG F . 37.91 -37.49 -43.28
C8 NAG F . 37.54 -36.30 -44.10
N2 NAG F . 37.44 -38.67 -43.70
O3 NAG F . 40.01 -39.86 -43.62
O4 NAG F . 40.25 -42.69 -43.39
O5 NAG F . 36.77 -42.07 -42.38
O6 NAG F . 36.63 -44.66 -42.06
O7 NAG F . 38.62 -37.40 -42.28
C1 BMA F . 40.45 -42.91 -44.80
C2 BMA F . 41.79 -42.25 -45.18
C3 BMA F . 42.14 -42.57 -46.62
C4 BMA F . 42.25 -44.08 -46.79
C5 BMA F . 40.88 -44.72 -46.46
C6 BMA F . 40.91 -46.23 -46.51
O2 BMA F . 42.85 -42.76 -44.38
O3 BMA F . 43.34 -41.93 -47.01
O4 BMA F . 42.60 -44.39 -48.13
O5 BMA F . 40.46 -44.32 -45.11
O6 BMA F . 41.86 -46.63 -47.49
C1 MAN F . 43.00 -40.77 -47.82
C2 MAN F . 44.23 -40.46 -48.72
C3 MAN F . 45.36 -39.86 -47.87
C4 MAN F . 44.87 -38.67 -47.01
C5 MAN F . 43.69 -39.12 -46.15
C6 MAN F . 43.10 -38.01 -45.32
O2 MAN F . 43.91 -39.47 -49.70
O3 MAN F . 46.45 -39.45 -48.68
O4 MAN F . 45.91 -38.21 -46.17
O5 MAN F . 42.65 -39.65 -47.01
O6 MAN F . 42.61 -37.01 -46.21
C1 NAG G . 17.22 -32.25 -58.25
C2 NAG G . 18.33 -31.39 -58.87
C3 NAG G . 18.91 -32.05 -60.14
C4 NAG G . 19.28 -33.51 -59.89
C5 NAG G . 18.09 -34.25 -59.27
C6 NAG G . 18.39 -35.68 -58.92
C7 NAG G . 16.93 -29.63 -60.00
C8 NAG G . 16.71 -28.16 -60.07
N2 NAG G . 17.91 -30.02 -59.14
O3 NAG G . 20.05 -31.30 -60.56
O4 NAG G . 19.62 -34.15 -61.11
O5 NAG G . 17.70 -33.59 -58.06
O6 NAG G . 17.99 -36.55 -59.97
O7 NAG G . 16.26 -30.42 -60.67
C1 NAG G . 21.04 -34.37 -61.20
C2 NAG G . 21.33 -35.51 -62.18
C3 NAG G . 22.83 -35.70 -62.35
C4 NAG G . 23.50 -34.39 -62.75
C5 NAG G . 23.14 -33.27 -61.75
C6 NAG G . 23.64 -31.92 -62.18
C7 NAG G . 20.03 -37.54 -62.56
C8 NAG G . 19.46 -38.79 -61.95
N2 NAG G . 20.71 -36.75 -61.74
O3 NAG G . 23.08 -36.68 -63.34
O4 NAG G . 24.91 -34.54 -62.77
O5 NAG G . 21.71 -33.17 -61.64
O6 NAG G . 22.62 -31.13 -62.75
O7 NAG G . 19.86 -37.28 -63.75
C1 NAG H . 4.18 -42.73 -53.81
C2 NAG H . 5.22 -43.45 -54.69
C3 NAG H . 5.37 -42.73 -56.02
C4 NAG H . 4.01 -42.59 -56.70
C5 NAG H . 3.08 -41.84 -55.76
C6 NAG H . 1.68 -41.71 -56.30
C7 NAG H . 7.38 -44.52 -54.20
C8 NAG H . 8.65 -44.43 -53.43
N2 NAG H . 6.51 -43.53 -54.02
O3 NAG H . 6.28 -43.43 -56.85
O4 NAG H . 4.12 -41.84 -57.91
O5 NAG H . 2.96 -42.58 -54.54
O6 NAG H . 1.33 -42.87 -57.06
O7 NAG H . 7.15 -45.45 -54.97
C1 NAG H . 3.97 -42.71 -59.05
C2 NAG H . 3.23 -41.97 -60.16
C3 NAG H . 3.15 -42.84 -61.42
C4 NAG H . 4.56 -43.25 -61.84
C5 NAG H . 5.25 -43.96 -60.69
C6 NAG H . 6.70 -44.28 -60.99
C7 NAG H . 1.34 -40.41 -60.11
C8 NAG H . -0.04 -40.15 -59.60
N2 NAG H . 1.89 -41.57 -59.74
O3 NAG H . 2.50 -42.11 -62.44
O4 NAG H . 4.54 -44.12 -62.97
O5 NAG H . 5.27 -43.11 -59.53
O6 NAG H . 7.48 -43.10 -61.06
O7 NAG H . 1.93 -39.60 -60.82
C1 BMA H . 4.73 -43.53 -64.30
C2 BMA H . 5.46 -42.14 -64.33
C3 BMA H . 5.42 -41.61 -65.75
C4 BMA H . 6.05 -42.62 -66.73
C5 BMA H . 5.45 -44.06 -66.55
C6 BMA H . 6.23 -45.11 -67.30
O2 BMA H . 6.84 -42.26 -64.00
O3 BMA H . 6.09 -40.36 -65.87
O4 BMA H . 5.84 -42.19 -68.05
O5 BMA H . 5.46 -44.43 -65.15
O6 BMA H . 7.58 -44.68 -67.43
C1 MAN H . 8.44 -45.47 -66.58
C2 MAN H . 9.69 -44.62 -66.30
C3 MAN H . 10.52 -44.48 -67.59
C4 MAN H . 10.80 -45.85 -68.24
C5 MAN H . 9.47 -46.61 -68.47
C6 MAN H . 9.67 -48.01 -68.98
O2 MAN H . 10.55 -45.25 -65.34
O3 MAN H . 11.75 -43.78 -67.36
O4 MAN H . 11.44 -45.67 -69.50
O5 MAN H . 8.76 -46.70 -67.20
O6 MAN H . 9.96 -48.84 -67.86
C1 NAG I . -9.49 -54.15 -48.66
C2 NAG I . -10.67 -53.57 -47.87
C3 NAG I . -11.27 -54.63 -46.95
C4 NAG I . -11.65 -55.87 -47.76
C5 NAG I . -10.46 -56.40 -48.54
C6 NAG I . -10.79 -57.53 -49.46
C7 NAG I . -10.89 -51.23 -47.12
C8 NAG I . -12.10 -51.12 -48.03
N2 NAG I . -10.26 -52.40 -47.10
O3 NAG I . -12.39 -54.09 -46.27
O4 NAG I . -12.14 -56.90 -46.89
O5 NAG I . -9.92 -55.34 -49.37
O6 NAG I . -10.71 -57.11 -50.82
O7 NAG I . -10.52 -50.28 -46.45
C1 NAG I . -13.57 -57.07 -47.02
C2 NAG I . -14.19 -56.96 -45.62
C3 NAG I . -15.71 -57.10 -45.70
C4 NAG I . -16.30 -56.11 -46.70
C5 NAG I . -15.62 -56.26 -48.06
C6 NAG I . -16.07 -55.22 -49.06
C7 NAG I . -13.47 -57.77 -43.42
C8 NAG I . -12.88 -58.91 -42.66
N2 NAG I . -13.62 -57.97 -44.74
O3 NAG I . -16.28 -56.86 -44.41
O4 NAG I . -17.69 -56.34 -46.84
O5 NAG I . -14.20 -56.09 -47.91
O6 NAG I . -15.41 -53.97 -48.84
O7 NAG I . -13.82 -56.74 -42.87
C1 NAG J . 15.93 -51.64 -49.13
C2 NAG J . 14.74 -52.39 -49.71
C3 NAG J . 15.20 -53.43 -50.72
C4 NAG J . 16.08 -52.80 -51.78
C5 NAG J . 17.21 -51.99 -51.15
C6 NAG J . 17.98 -51.16 -52.15
C7 NAG J . 12.72 -52.62 -48.36
C8 NAG J . 12.04 -53.35 -47.24
N2 NAG J . 13.96 -53.00 -48.65
O3 NAG J . 14.06 -54.03 -51.31
O4 NAG J . 16.63 -53.80 -52.62
O5 NAG J . 16.69 -51.05 -50.19
O6 NAG J . 17.23 -50.03 -52.56
O7 NAG J . 12.16 -51.70 -48.96
C1 NAG J . 16.02 -53.76 -53.92
C2 NAG J . 16.90 -54.53 -54.92
C3 NAG J . 16.26 -54.52 -56.31
C4 NAG J . 14.83 -55.06 -56.23
C5 NAG J . 14.02 -54.28 -55.19
C6 NAG J . 12.64 -54.85 -54.99
C7 NAG J . 19.28 -54.49 -54.33
C8 NAG J . 20.58 -53.77 -54.49
N2 NAG J . 18.24 -53.96 -54.97
O3 NAG J . 17.04 -55.32 -57.19
O4 NAG J . 14.20 -54.94 -57.50
O5 NAG J . 14.69 -54.33 -53.92
O6 NAG J . 12.16 -55.49 -56.16
O7 NAG J . 19.16 -55.49 -53.63
C1 NAG K . 24.41 -21.96 -17.69
C2 NAG K . 25.80 -22.18 -17.08
C3 NAG K . 26.64 -20.91 -17.18
C4 NAG K . 26.63 -20.29 -18.57
C5 NAG K . 25.18 -20.16 -19.05
C6 NAG K . 25.04 -19.69 -20.47
C7 NAG K . 26.50 -23.47 -15.12
C8 NAG K . 26.22 -23.79 -13.69
N2 NAG K . 25.67 -22.60 -15.70
O3 NAG K . 28.00 -21.23 -16.84
O4 NAG K . 27.21 -19.00 -18.46
O5 NAG K . 24.54 -21.45 -18.99
O6 NAG K . 26.04 -20.24 -21.31
O7 NAG K . 27.43 -23.98 -15.73
C1 NAG K . 28.32 -18.67 -19.35
C2 NAG K . 28.38 -17.15 -19.38
C3 NAG K . 29.45 -16.69 -20.36
C4 NAG K . 30.80 -17.29 -19.98
C5 NAG K . 30.67 -18.81 -19.85
C6 NAG K . 31.94 -19.47 -19.30
C7 NAG K . 26.62 -15.45 -19.20
C8 NAG K . 25.27 -15.00 -19.68
N2 NAG K . 27.08 -16.58 -19.75
O3 NAG K . 29.49 -15.28 -20.31
O4 NAG K . 31.75 -17.09 -21.02
O5 NAG K . 29.61 -19.18 -18.96
O6 NAG K . 32.29 -20.61 -20.07
O7 NAG K . 27.25 -14.83 -18.35
C1 BMA K . 32.54 -15.87 -21.14
C2 BMA K . 32.78 -15.07 -19.82
C3 BMA K . 33.54 -13.78 -20.21
C4 BMA K . 34.88 -14.15 -20.89
C5 BMA K . 34.62 -15.08 -22.11
C6 BMA K . 35.88 -15.65 -22.74
O2 BMA K . 33.65 -15.81 -18.99
O3 BMA K . 33.76 -12.77 -19.17
O4 BMA K . 35.54 -12.99 -21.31
O5 BMA K . 33.82 -16.21 -21.69
O6 BMA K . 36.88 -15.88 -21.75
C1 MAN K . 32.88 -12.77 -18.02
C2 MAN K . 31.99 -11.50 -18.00
C3 MAN K . 32.93 -10.31 -17.96
C4 MAN K . 33.77 -10.33 -16.68
C5 MAN K . 34.54 -11.66 -16.57
C6 MAN K . 35.06 -11.85 -15.19
O2 MAN K . 31.28 -11.42 -16.74
O3 MAN K . 32.23 -9.08 -18.06
O4 MAN K . 34.67 -9.25 -16.69
O5 MAN K . 33.65 -12.81 -16.84
O6 MAN K . 33.98 -12.25 -14.37
C1 MAN K . 29.88 -11.12 -16.89
C2 MAN K . 29.52 -9.98 -15.90
C3 MAN K . 29.61 -10.48 -14.48
C4 MAN K . 28.70 -11.70 -14.30
C5 MAN K . 29.13 -12.80 -15.28
C6 MAN K . 28.23 -14.00 -15.24
O2 MAN K . 28.15 -9.62 -16.03
O3 MAN K . 29.26 -9.47 -13.55
O4 MAN K . 28.79 -12.18 -12.97
O5 MAN K . 29.09 -12.27 -16.63
O6 MAN K . 27.12 -13.76 -16.10
C1 MAN K . 28.03 -8.33 -16.65
C2 MAN K . 26.71 -7.68 -16.15
C3 MAN K . 25.49 -8.34 -16.81
C4 MAN K . 25.65 -8.54 -18.34
C5 MAN K . 26.97 -9.26 -18.62
C6 MAN K . 27.27 -9.43 -20.09
O2 MAN K . 26.64 -6.30 -16.51
O3 MAN K . 24.30 -7.61 -16.54
O4 MAN K . 24.58 -9.30 -18.86
O5 MAN K . 28.04 -8.47 -18.06
O6 MAN K . 28.56 -9.99 -20.21
C1 MAN K . 36.91 -17.23 -21.20
C2 MAN K . 38.38 -17.51 -20.78
C3 MAN K . 39.17 -17.97 -21.97
C4 MAN K . 38.62 -19.30 -22.41
C5 MAN K . 37.26 -19.04 -23.03
C6 MAN K . 36.51 -20.31 -23.36
O2 MAN K . 38.44 -18.59 -19.86
O3 MAN K . 40.55 -18.05 -21.70
O4 MAN K . 39.47 -19.88 -23.37
O5 MAN K . 36.38 -18.26 -22.12
O6 MAN K . 35.91 -20.78 -22.16
C1 MAN K . 41.24 -17.08 -22.53
C2 MAN K . 42.73 -17.47 -22.58
C3 MAN K . 43.37 -17.23 -21.22
C4 MAN K . 43.16 -15.77 -20.77
C5 MAN K . 41.66 -15.46 -20.73
C6 MAN K . 41.38 -14.02 -20.43
O2 MAN K . 43.44 -16.62 -23.47
O3 MAN K . 44.76 -17.55 -21.22
O4 MAN K . 43.71 -15.60 -19.48
O5 MAN K . 41.07 -15.76 -22.03
O6 MAN K . 41.66 -13.26 -21.60
C1 NAG L . -22.15 -52.55 -25.09
C2 NAG L . -22.08 -52.30 -23.59
C3 NAG L . -22.18 -53.62 -22.85
C4 NAG L . -23.43 -54.39 -23.26
C5 NAG L . -23.53 -54.52 -24.78
C6 NAG L . -24.86 -55.04 -25.25
C7 NAG L . -20.89 -50.53 -22.41
C8 NAG L . -19.56 -49.90 -22.13
N2 NAG L . -20.88 -51.59 -23.23
O3 NAG L . -22.21 -53.37 -21.45
O4 NAG L . -23.47 -55.68 -22.64
O5 NAG L . -23.37 -53.22 -25.41
O6 NAG L . -25.85 -54.02 -25.24
O7 NAG L . -21.93 -50.09 -21.93
C1 BMA L . -22.34 -56.53 -22.95
C2 BMA L . -21.73 -57.09 -21.64
C3 BMA L . -20.52 -57.97 -22.01
C4 BMA L . -20.88 -59.05 -23.05
C5 BMA L . -21.61 -58.42 -24.26
C6 BMA L . -22.18 -59.47 -25.20
O2 BMA L . -22.65 -57.93 -20.96
O3 BMA L . -19.94 -58.56 -20.86
O4 BMA L . -19.70 -59.69 -23.50
O5 BMA L . -22.72 -57.62 -23.80
O6 BMA L . -23.36 -60.01 -24.60
C1 NAG M . -25.65 -41.85 -43.53
C2 NAG M . -25.19 -43.24 -43.91
C3 NAG M . -25.70 -43.62 -45.30
C4 NAG M . -27.21 -43.43 -45.40
C5 NAG M . -27.59 -42.01 -44.96
C6 NAG M . -29.07 -41.80 -44.88
C7 NAG M . -23.08 -44.41 -43.45
C8 NAG M . -21.60 -44.31 -43.45
N2 NAG M . -23.74 -43.33 -43.86
O3 NAG M . -25.36 -44.98 -45.55
O4 NAG M . -27.64 -43.61 -46.74
O5 NAG M . -27.07 -41.76 -43.63
O6 NAG M . -29.73 -42.96 -44.42
O7 NAG M . -23.67 -45.43 -43.11
C1 NAG M . -28.36 -44.84 -46.88
C2 NAG M . -29.22 -44.75 -48.15
C3 NAG M . -29.95 -46.07 -48.38
C4 NAG M . -28.96 -47.23 -48.41
C5 NAG M . -28.12 -47.23 -47.14
C6 NAG M . -27.03 -48.29 -47.15
C7 NAG M . -30.32 -42.74 -49.01
C8 NAG M . -31.34 -41.68 -48.75
N2 NAG M . -30.17 -43.66 -48.05
O3 NAG M . -30.64 -46.00 -49.62
O4 NAG M . -29.68 -48.46 -48.50
O5 NAG M . -27.47 -45.96 -46.98
O6 NAG M . -26.54 -48.49 -48.47
O7 NAG M . -29.65 -42.77 -50.04
C1 NAG N . -25.75 -41.20 7.65
C2 NAG N . -25.04 -41.78 6.43
C3 NAG N . -25.92 -42.83 5.73
C4 NAG N . -26.45 -43.86 6.73
C5 NAG N . -27.11 -43.15 7.90
C6 NAG N . -27.58 -44.07 9.01
C7 NAG N . -23.43 -40.48 5.12
C8 NAG N . -23.24 -39.35 4.16
N2 NAG N . -24.68 -40.73 5.49
O3 NAG N . -25.16 -43.48 4.73
O4 NAG N . -27.39 -44.69 6.06
O5 NAG N . -26.17 -42.24 8.49
O6 NAG N . -28.73 -44.79 8.63
O7 NAG N . -22.48 -41.13 5.56
C1 NAG N . -26.97 -46.08 6.07
C2 NAG N . -28.11 -46.91 5.50
C3 NAG N . -27.73 -48.38 5.49
C4 NAG N . -26.39 -48.61 4.81
C5 NAG N . -25.32 -47.64 5.35
C6 NAG N . -24.03 -47.67 4.58
C7 NAG N . -30.37 -45.99 5.83
C8 NAG N . -31.54 -45.88 6.76
N2 NAG N . -29.32 -46.70 6.27
O3 NAG N . -28.75 -49.11 4.81
O4 NAG N . -25.98 -49.95 5.13
O5 NAG N . -25.80 -46.29 5.29
O6 NAG N . -24.25 -47.46 3.18
O7 NAG N . -30.36 -45.46 4.72
C1 BMA N . -25.70 -50.91 4.05
C2 BMA N . -27.02 -51.61 3.52
C3 BMA N . -26.64 -52.65 2.46
C4 BMA N . -25.61 -52.14 1.42
C5 BMA N . -24.46 -51.36 2.10
C6 BMA N . -23.47 -50.76 1.13
O2 BMA N . -27.91 -50.71 2.86
O3 BMA N . -27.79 -53.10 1.77
O4 BMA N . -25.05 -53.23 0.69
O5 BMA N . -25.03 -50.31 2.92
O6 BMA N . -22.63 -51.82 0.67
C1 MAN N . -28.08 -54.45 2.17
C2 MAN N . -28.88 -55.10 1.00
C3 MAN N . -30.28 -54.49 0.92
C4 MAN N . -31.01 -54.46 2.28
C5 MAN N . -30.11 -53.79 3.34
C6 MAN N . -30.68 -53.85 4.75
O2 MAN N . -29.08 -56.51 1.22
O3 MAN N . -31.09 -55.18 -0.04
O4 MAN N . -32.21 -53.72 2.16
O5 MAN N . -28.82 -54.46 3.38
O6 MAN N . -29.64 -53.51 5.65
C1 MAN N . -21.30 -51.63 1.21
C2 MAN N . -20.30 -52.47 0.34
C3 MAN N . -20.34 -53.97 0.72
C4 MAN N . -20.28 -54.17 2.26
C5 MAN N . -21.41 -53.39 2.92
C6 MAN N . -21.44 -53.52 4.42
O2 MAN N . -18.96 -52.05 0.52
O3 MAN N . -19.30 -54.70 0.09
O4 MAN N . -20.42 -55.55 2.58
O5 MAN N . -21.24 -51.98 2.60
O6 MAN N . -21.40 -54.91 4.75
C1 NAG O . 6.01 -40.62 18.15
C2 NAG O . 5.33 -40.90 19.48
C3 NAG O . 6.23 -41.78 20.35
C4 NAG O . 6.67 -43.02 19.60
C5 NAG O . 7.23 -42.67 18.23
C6 NAG O . 7.50 -43.87 17.35
C7 NAG O . 3.76 -39.32 20.51
C8 NAG O . 3.61 -38.00 21.21
N2 NAG O . 5.01 -39.66 20.17
O3 NAG O . 5.52 -42.13 21.53
O4 NAG O . 7.71 -43.66 20.32
O5 NAG O . 6.30 -41.85 17.50
O6 NAG O . 8.77 -43.78 16.73
O7 NAG O . 2.81 -40.05 20.27
C1 NAG O . 7.32 -44.89 20.95
C2 NAG O . 8.58 -45.48 21.59
C3 NAG O . 8.24 -46.75 22.38
C4 NAG O . 7.11 -46.49 23.37
C5 NAG O . 5.91 -45.89 22.65
C6 NAG O . 4.80 -45.48 23.60
C7 NAG O . 10.88 -45.55 20.78
C8 NAG O . 11.79 -45.89 19.63
N2 NAG O . 9.58 -45.76 20.58
O3 NAG O . 9.41 -47.18 23.06
O4 NAG O . 6.74 -47.65 24.10
O5 NAG O . 6.30 -44.69 21.96
O6 NAG O . 4.84 -44.09 23.87
O7 NAG O . 11.32 -45.11 21.83
C1 BMA O . 6.52 -48.85 23.31
C2 BMA O . 7.22 -50.03 24.04
C3 BMA O . 6.94 -51.36 23.33
C4 BMA O . 5.43 -51.54 23.01
C5 BMA O . 4.89 -50.28 22.27
C6 BMA O . 3.40 -50.36 22.00
O2 BMA O . 6.74 -50.16 25.37
O3 BMA O . 7.40 -52.46 24.08
O4 BMA O . 5.23 -52.68 22.20
O5 BMA O . 5.14 -49.12 23.11
O6 BMA O . 2.71 -50.18 23.23
C1 NAG P . 33.27 -35.22 23.31
C2 NAG P . 34.08 -36.51 23.42
C3 NAG P . 35.43 -36.23 24.07
C4 NAG P . 36.16 -35.11 23.34
C5 NAG P . 35.26 -33.88 23.26
C6 NAG P . 35.86 -32.74 22.46
C7 NAG P . 32.78 -38.59 23.60
C8 NAG P . 32.08 -39.53 24.52
N2 NAG P . 33.36 -37.53 24.17
O3 NAG P . 36.21 -37.42 24.04
O4 NAG P . 37.36 -34.77 24.04
O5 NAG P . 34.03 -34.23 22.62
O6 NAG P . 34.89 -32.17 21.59
O7 NAG P . 32.83 -38.78 22.39
C1 NAG P . 38.55 -35.14 23.32
C2 NAG P . 39.44 -35.97 24.25
C3 NAG P . 40.71 -36.40 23.54
C4 NAG P . 40.37 -37.14 22.24
C5 NAG P . 39.44 -36.29 21.37
C6 NAG P . 38.95 -37.03 20.14
C7 NAG P . 39.09 -35.38 26.62
C8 NAG P . 39.55 -34.54 27.76
N2 NAG P . 39.76 -35.23 25.47
O3 NAG P . 41.47 -37.25 24.39
O4 NAG P . 41.56 -37.42 21.52
O5 NAG P . 38.27 -35.91 22.11
O6 NAG P . 37.63 -37.54 20.35
O7 NAG P . 38.15 -36.17 26.71
C1 NAG Q . 28.95 -17.66 32.75
C2 NAG Q . 29.61 -18.60 31.73
C3 NAG Q . 29.33 -20.06 32.06
C4 NAG Q . 29.75 -20.36 33.51
C5 NAG Q . 29.08 -19.37 34.47
C6 NAG Q . 29.55 -19.52 35.89
C7 NAG Q . 28.04 -18.31 29.80
C8 NAG Q . 27.97 -17.94 28.34
N2 NAG Q . 29.26 -18.28 30.35
O3 NAG Q . 30.04 -20.90 31.17
O4 NAG Q . 29.61 -21.72 33.93
O5 NAG Q . 29.37 -18.01 34.09
O6 NAG Q . 30.02 -18.29 36.41
O7 NAG Q . 27.02 -18.63 30.42
C1 NAG Q . 28.66 -22.80 33.54
C2 NAG Q . 27.20 -22.45 33.92
C3 NAG Q . 26.26 -23.59 33.52
C4 NAG Q . 26.41 -23.92 32.05
C5 NAG Q . 27.86 -24.28 31.73
C6 NAG Q . 28.10 -24.56 30.26
C7 NAG Q . 26.25 -21.26 35.84
C8 NAG Q . 26.27 -21.10 37.33
N2 NAG Q . 27.08 -22.17 35.34
O3 NAG Q . 24.91 -23.22 33.80
O4 NAG Q . 25.57 -25.01 31.69
O5 NAG Q . 28.72 -23.19 32.08
O6 NAG Q . 26.95 -24.28 29.48
O7 NAG Q . 25.51 -20.60 35.12
C1 NAG R . 38.78 -4.51 57.35
C2 NAG R . 38.36 -5.77 58.11
C3 NAG R . 39.34 -6.07 59.25
C4 NAG R . 40.76 -6.17 58.70
C5 NAG R . 41.11 -4.87 57.97
C6 NAG R . 42.47 -4.91 57.32
C7 NAG R . 36.45 -4.85 59.46
C8 NAG R . 35.00 -5.05 59.76
N2 NAG R . 36.98 -5.72 58.59
O3 NAG R . 38.95 -7.27 59.90
O4 NAG R . 41.70 -6.42 59.75
O5 NAG R . 40.17 -4.63 56.93
O6 NAG R . 42.47 -4.14 56.13
O7 NAG R . 37.09 -3.94 59.98
C1 NAG R . 42.17 -7.79 59.61
C2 NAG R . 43.43 -8.02 60.48
C3 NAG R . 43.86 -9.49 60.41
C4 NAG R . 42.69 -10.43 60.71
C5 NAG R . 41.52 -10.11 59.80
C6 NAG R . 40.29 -10.94 60.10
C7 NAG R . 44.71 -5.93 60.57
C8 NAG R . 45.88 -5.17 60.03
N2 NAG R . 44.51 -7.15 60.06
O3 NAG R . 44.91 -9.72 61.35
O4 NAG R . 43.10 -11.78 60.51
O5 NAG R . 41.15 -8.73 59.98
O6 NAG R . 40.08 -11.93 59.10
O7 NAG R . 43.95 -5.44 61.41
C1 NAG S . 49.30 0.10 39.84
C2 NAG S . 50.43 -0.10 38.85
C3 NAG S . 51.76 -0.15 39.57
C4 NAG S . 51.93 1.12 40.42
C5 NAG S . 50.74 1.28 41.35
C6 NAG S . 50.77 2.55 42.16
C7 NAG S . 50.50 -1.36 36.73
C8 NAG S . 50.23 -2.67 36.07
N2 NAG S . 50.23 -1.30 38.05
O3 NAG S . 52.79 -0.27 38.59
O4 NAG S . 53.09 1.04 41.26
O5 NAG S . 49.52 1.29 40.59
O6 NAG S . 50.92 3.70 41.33
O7 NAG S . 50.96 -0.40 36.12
C1 NAG S . 54.20 1.73 40.67
C2 NAG S . 54.85 2.71 41.65
C3 NAG S . 56.07 3.37 41.01
C4 NAG S . 57.04 2.30 40.51
C5 NAG S . 56.34 1.31 39.59
C6 NAG S . 57.21 0.15 39.19
C7 NAG S . 53.92 4.26 43.32
C8 NAG S . 52.87 5.29 43.61
N2 NAG S . 53.89 3.72 42.09
O3 NAG S . 56.72 4.22 41.93
O4 NAG S . 58.10 2.92 39.80
O5 NAG S . 55.19 0.75 40.26
O6 NAG S . 57.16 -0.89 40.16
O7 NAG S . 54.77 3.94 44.16
C1 NAG T . 51.48 19.94 8.58
C2 NAG T . 50.82 19.68 7.23
C3 NAG T . 51.86 19.33 6.20
C4 NAG T . 52.93 20.41 6.12
C5 NAG T . 53.53 20.65 7.50
C6 NAG T . 54.50 21.81 7.54
C7 NAG T . 48.52 18.81 7.01
C8 NAG T . 47.64 17.62 7.16
N2 NAG T . 49.81 18.62 7.32
O3 NAG T . 51.22 19.16 4.93
O4 NAG T . 53.99 19.98 5.25
O5 NAG T . 52.49 20.96 8.45
O6 NAG T . 55.82 21.37 7.81
O7 NAG T . 48.10 19.90 6.64
C1 NAG T . 53.96 20.70 3.99
C2 NAG T . 55.28 20.43 3.25
C3 NAG T . 55.25 21.12 1.89
C4 NAG T . 54.03 20.69 1.08
C5 NAG T . 52.76 20.95 1.89
C6 NAG T . 51.51 20.42 1.20
C7 NAG T . 57.12 20.06 4.81
C8 NAG T . 58.26 20.69 5.56
N2 NAG T . 56.41 20.88 4.04
O3 NAG T . 56.44 20.78 1.18
O4 NAG T . 53.97 21.44 -0.13
O5 NAG T . 52.84 20.28 3.16
O6 NAG T . 51.59 20.59 -0.21
O7 NAG T . 56.87 18.87 4.91
C1 NAG U . 51.55 6.05 13.39
C2 NAG U . 53.04 5.98 13.01
C3 NAG U . 53.19 5.89 11.50
C4 NAG U . 52.34 4.76 10.92
C5 NAG U . 50.90 4.85 11.41
C6 NAG U . 50.05 3.67 11.03
C7 NAG U . 54.38 7.14 14.69
C8 NAG U . 55.05 8.42 15.06
N2 NAG U . 53.74 7.14 13.52
O3 NAG U . 54.56 5.67 11.19
O4 NAG U . 52.36 4.85 9.49
O5 NAG U . 50.89 4.91 12.84
O6 NAG U . 49.82 2.83 12.15
O7 NAG U . 54.40 6.15 15.41
C1 NAG U . 53.04 3.70 8.96
C2 NAG U . 52.47 3.39 7.57
C3 NAG U . 53.16 2.16 6.99
C4 NAG U . 54.69 2.33 7.00
C5 NAG U . 55.18 2.76 8.39
C6 NAG U . 56.63 3.13 8.41
C7 NAG U . 50.17 3.80 6.82
C8 NAG U . 48.72 3.47 7.02
N2 NAG U . 51.03 3.19 7.64
O3 NAG U . 52.70 1.95 5.66
O4 NAG U . 55.29 1.08 6.68
O5 NAG U . 54.45 3.92 8.85
O6 NAG U . 56.92 4.01 9.49
O7 NAG U . 50.55 4.58 5.95
C1 BMA U . 55.91 1.09 5.39
C2 BMA U . 56.64 -0.25 5.25
C3 BMA U . 57.23 -0.41 3.83
C4 BMA U . 56.18 -0.10 2.74
C5 BMA U . 55.55 1.28 3.00
C6 BMA U . 54.46 1.62 2.01
O2 BMA U . 55.74 -1.34 5.44
O3 BMA U . 57.77 -1.71 3.63
O4 BMA U . 56.79 -0.13 1.47
O5 BMA U . 54.98 1.29 4.32
O6 BMA U . 54.83 1.10 0.73
C1 MAN U . 59.21 -1.63 3.70
C2 MAN U . 59.78 -2.86 2.94
C3 MAN U . 59.59 -4.14 3.77
C4 MAN U . 60.06 -3.99 5.24
C5 MAN U . 59.38 -2.75 5.87
C6 MAN U . 59.86 -2.47 7.28
O2 MAN U . 61.20 -2.74 2.74
O3 MAN U . 60.24 -5.25 3.16
O4 MAN U . 59.71 -5.14 5.99
O5 MAN U . 59.68 -1.59 5.06
O6 MAN U . 61.10 -1.78 7.20
C1 NAG V . 31.82 -2.45 28.93
C2 NAG V . 31.49 -3.44 30.01
C3 NAG V . 32.72 -4.24 30.37
C4 NAG V . 33.31 -4.93 29.13
C5 NAG V . 33.50 -3.92 27.99
C6 NAG V . 33.85 -4.58 26.68
C7 NAG V . 31.40 -1.92 32.01
C8 NAG V . 30.53 -1.49 33.15
N2 NAG V . 30.87 -2.84 31.18
O3 NAG V . 32.35 -5.21 31.34
O4 NAG V . 34.59 -5.49 29.41
O5 NAG V . 32.30 -3.15 27.75
O6 NAG V . 32.80 -4.45 25.74
O7 NAG V . 32.54 -1.47 31.87
C1 NAG V . 34.66 -6.88 29.79
C2 NAG V . 36.12 -7.09 30.23
C3 NAG V . 36.35 -8.46 30.87
C4 NAG V . 35.27 -8.79 31.91
C5 NAG V . 33.89 -8.59 31.30
C6 NAG V . 32.77 -8.81 32.28
C7 NAG V . 38.24 -6.40 29.18
C8 NAG V . 39.01 -6.31 27.90
N2 NAG V . 37.01 -6.92 29.08
O3 NAG V . 37.63 -8.42 31.50
O4 NAG V . 35.30 -10.10 32.46
O5 NAG V . 33.80 -7.23 30.86
O6 NAG V . 33.11 -8.30 33.56
O7 NAG V . 38.71 -6.02 30.25
C1 BMA V . 36.13 -11.18 31.97
C2 BMA V . 36.98 -11.63 33.19
C3 BMA V . 37.64 -13.00 33.00
C4 BMA V . 36.71 -14.02 32.32
C5 BMA V . 36.16 -13.41 31.03
C6 BMA V . 35.30 -14.38 30.24
O2 BMA V . 36.18 -11.74 34.36
O3 BMA V . 38.09 -13.51 34.23
O4 BMA V . 37.41 -15.21 32.02
O5 BMA V . 35.37 -12.25 31.39
O6 BMA V . 35.88 -15.68 30.39
C1 MAN V . 39.51 -13.76 34.15
C2 MAN V . 39.80 -14.99 35.05
C3 MAN V . 39.62 -14.59 36.52
C4 MAN V . 40.44 -13.33 36.87
C5 MAN V . 40.06 -12.18 35.92
C6 MAN V . 40.91 -10.94 36.12
O2 MAN V . 41.16 -15.41 34.93
O3 MAN V . 39.96 -15.65 37.40
O4 MAN V . 40.17 -12.94 38.21
O5 MAN V . 40.25 -12.62 34.54
O6 MAN V . 42.23 -11.22 35.64
C1 MAN V . 35.57 -16.52 29.26
C2 MAN V . 35.26 -17.93 29.83
C3 MAN V . 36.54 -18.54 30.40
C4 MAN V . 37.69 -18.52 29.36
C5 MAN V . 37.90 -17.08 28.85
C6 MAN V . 38.91 -17.01 27.72
O2 MAN V . 34.83 -18.83 28.80
O3 MAN V . 36.34 -19.86 30.88
O4 MAN V . 38.88 -19.01 29.94
O5 MAN V . 36.65 -16.56 28.35
O6 MAN V . 38.34 -17.66 26.59
C1 NAG W . 24.23 5.64 63.06
C2 NAG W . 25.27 4.59 62.67
C3 NAG W . 24.58 3.30 62.16
C4 NAG W . 23.57 2.80 63.18
C5 NAG W . 22.58 3.92 63.54
C6 NAG W . 21.64 3.53 64.65
C7 NAG W . 26.03 5.52 60.47
C8 NAG W . 27.25 5.96 59.72
N2 NAG W . 26.26 5.08 61.71
O3 NAG W . 25.56 2.31 61.92
O4 NAG W . 22.85 1.71 62.63
O5 NAG W . 23.30 5.08 64.01
O6 NAG W . 22.36 3.10 65.81
O7 NAG W . 24.91 5.55 59.95
C1 NAG W . 23.18 0.47 63.29
C2 NAG W . 21.92 -0.41 63.32
C3 NAG W . 22.23 -1.76 63.96
C4 NAG W . 23.40 -2.42 63.25
C5 NAG W . 24.61 -1.48 63.24
C6 NAG W . 25.78 -2.03 62.46
C7 NAG W . 19.63 0.41 63.50
C8 NAG W . 18.62 1.12 64.36
N2 NAG W . 20.84 0.25 64.03
O3 NAG W . 21.08 -2.59 63.87
O4 NAG W . 23.76 -3.63 63.92
O5 NAG W . 24.25 -0.24 62.64
O6 NAG W . 25.37 -3.10 61.60
O7 NAG W . 19.35 0.01 62.38
C1 NAG X . 33.25 5.92 71.96
C2 NAG X . 32.84 4.57 71.39
C3 NAG X . 31.38 4.29 71.75
C4 NAG X . 31.15 4.42 73.25
C5 NAG X . 31.68 5.75 73.77
C6 NAG X . 31.67 5.86 75.28
C7 NAG X . 33.35 3.39 69.32
C8 NAG X . 33.52 3.51 67.82
N2 NAG X . 33.04 4.52 69.95
O3 NAG X . 31.04 2.97 71.31
O4 NAG X . 29.75 4.40 73.53
O5 NAG X . 33.05 5.93 73.36
O6 NAG X . 32.97 5.66 75.80
O7 NAG X . 33.46 2.32 69.90
C1 NAG X . 29.25 3.18 74.11
C2 NAG X . 27.73 3.29 73.99
C3 NAG X . 27.05 1.99 74.41
C4 NAG X . 27.66 0.80 73.69
C5 NAG X . 29.15 0.76 73.97
C6 NAG X . 29.87 -0.36 73.25
C7 NAG X . 26.16 5.13 74.42
C8 NAG X . 25.79 6.24 75.35
N2 NAG X . 27.24 4.41 74.77
O3 NAG X . 25.66 2.09 74.10
O4 NAG X . 27.03 -0.45 74.00
O5 NAG X . 29.72 1.99 73.48
O6 NAG X . 30.67 0.14 72.19
O7 NAG X . 25.51 4.88 73.41
C1 BMA X . 26.73 -0.75 75.38
C2 BMA X . 25.20 -1.03 75.48
C3 BMA X . 24.83 -1.45 76.89
C4 BMA X . 25.71 -2.62 77.37
C5 BMA X . 27.20 -2.24 77.25
C6 BMA X . 28.13 -3.38 77.63
O2 BMA X . 24.83 -2.09 74.62
O3 BMA X . 23.46 -1.81 76.97
O4 BMA X . 25.40 -2.95 78.71
O5 BMA X . 27.49 -1.85 75.87
O6 BMA X . 29.36 -2.83 78.06
C1 NAG Y . -40.31 -16.17 -7.28
C2 NAG Y . -40.73 -15.37 -6.07
C3 NAG Y . -42.10 -14.74 -6.30
C4 NAG Y . -42.11 -13.91 -7.58
C5 NAG Y . -41.58 -14.73 -8.76
C6 NAG Y . -41.34 -13.90 -9.99
C7 NAG Y . -40.31 -15.77 -3.69
C8 NAG Y . -40.40 -16.75 -2.56
N2 NAG Y . -40.75 -16.19 -4.87
O3 NAG Y . -42.44 -13.90 -5.21
O4 NAG Y . -43.44 -13.51 -7.89
O5 NAG Y . -40.31 -15.33 -8.43
O6 NAG Y . -42.56 -13.45 -10.55
O7 NAG Y . -39.84 -14.65 -3.53
C1 NAG Y . -43.73 -12.10 -7.74
C2 NAG Y . -44.95 -11.75 -8.61
C3 NAG Y . -45.33 -10.28 -8.46
C4 NAG Y . -45.50 -9.89 -7.00
C5 NAG Y . -44.28 -10.33 -6.19
C6 NAG Y . -44.48 -10.13 -4.70
C7 NAG Y . -45.66 -12.40 -10.86
C8 NAG Y . -45.24 -12.68 -12.26
N2 NAG Y . -44.70 -12.07 -10.01
O3 NAG Y . -46.54 -10.03 -9.15
O4 NAG Y . -45.56 -8.47 -6.95
O5 NAG Y . -44.01 -11.73 -6.38
O6 NAG Y . -45.86 -10.16 -4.38
O7 NAG Y . -46.84 -12.45 -10.51
C1 BMA Y . -46.72 -7.69 -6.46
C2 BMA Y . -48.18 -8.24 -6.76
C3 BMA Y . -49.16 -7.15 -6.29
C4 BMA Y . -48.94 -6.85 -4.79
C5 BMA Y . -47.47 -6.46 -4.56
C6 BMA Y . -47.16 -6.20 -3.12
O2 BMA Y . -48.51 -9.33 -5.96
O3 BMA Y . -50.53 -7.45 -6.53
O4 BMA Y . -49.76 -5.80 -4.36
O5 BMA Y . -46.64 -7.53 -5.02
O6 BMA Y . -47.69 -4.93 -2.80
C1 MAN Y . -51.01 -6.64 -7.63
C2 MAN Y . -51.63 -5.31 -7.06
C3 MAN Y . -52.92 -5.63 -6.32
C4 MAN Y . -53.90 -6.33 -7.25
C5 MAN Y . -53.27 -7.61 -7.82
C6 MAN Y . -54.11 -8.20 -8.91
O2 MAN Y . -52.01 -4.42 -8.11
O3 MAN Y . -53.50 -4.47 -5.78
O4 MAN Y . -55.08 -6.65 -6.52
O5 MAN Y . -51.97 -7.33 -8.42
O6 MAN Y . -53.94 -7.40 -10.06
C1 MAN Y . -51.13 -3.28 -8.11
C2 MAN Y . -51.91 -2.06 -8.66
C3 MAN Y . -52.16 -2.24 -10.16
C4 MAN Y . -50.85 -2.54 -10.92
C5 MAN Y . -50.20 -3.79 -10.30
C6 MAN Y . -48.86 -4.11 -10.93
O2 MAN Y . -51.14 -0.88 -8.54
O3 MAN Y . -52.78 -1.10 -10.71
O4 MAN Y . -51.12 -2.79 -12.28
O5 MAN Y . -49.97 -3.54 -8.90
O6 MAN Y . -48.96 -3.87 -12.33
C1 MAN Y . -46.61 -4.10 -2.33
C2 MAN Y . -46.85 -3.83 -0.85
C3 MAN Y . -48.20 -3.15 -0.68
C4 MAN Y . -48.31 -1.89 -1.55
C5 MAN Y . -47.90 -2.20 -3.02
C6 MAN Y . -47.70 -0.96 -3.84
O2 MAN Y . -45.90 -2.89 -0.34
O3 MAN Y . -48.46 -2.83 0.68
O4 MAN Y . -49.64 -1.43 -1.54
O5 MAN Y . -46.64 -2.90 -3.03
O6 MAN Y . -46.33 -0.63 -3.76
C1 NAG Z . -63.78 -12.62 0.69
C2 NAG Z . -64.75 -11.45 0.60
C3 NAG Z . -65.91 -11.79 -0.32
C4 NAG Z . -65.39 -12.28 -1.67
C5 NAG Z . -64.36 -13.39 -1.50
C6 NAG Z . -63.68 -13.73 -2.78
C7 NAG Z . -65.39 -9.80 2.29
C8 NAG Z . -65.90 -9.59 3.69
N2 NAG Z . -65.24 -11.07 1.92
O3 NAG Z . -66.72 -10.62 -0.51
O4 NAG Z . -66.43 -12.74 -2.55
O5 NAG Z . -63.32 -12.95 -0.60
O6 NAG Z . -62.74 -12.73 -3.13
O7 NAG Z . -65.12 -8.86 1.55
C1 NAG Z . -67.57 -13.55 -2.09
C2 NAG Z . -68.05 -14.25 -3.36
C3 NAG Z . -69.28 -15.11 -3.06
C4 NAG Z . -69.01 -16.06 -1.90
C5 NAG Z . -68.51 -15.29 -0.68
C6 NAG Z . -68.12 -16.18 0.48
C7 NAG Z . -67.60 -13.27 -5.56
C8 NAG Z . -68.02 -12.23 -6.56
N2 NAG Z . -68.32 -13.31 -4.42
O3 NAG Z . -69.66 -15.84 -4.22
O4 NAG Z . -70.21 -16.76 -1.56
O5 NAG Z . -67.34 -14.53 -1.03
O6 NAG Z . -66.88 -15.81 1.03
O7 NAG Z . -66.66 -14.03 -5.76
C1 NAG AA . -52.59 -36.02 14.20
C2 NAG AA . -53.75 -35.78 15.15
C3 NAG AA . -53.69 -36.77 16.31
C4 NAG AA . -53.57 -38.21 15.82
C5 NAG AA . -52.44 -38.32 14.80
C6 NAG AA . -52.40 -39.68 14.14
C7 NAG AA . -54.81 -33.64 15.67
C8 NAG AA . -54.63 -32.27 16.22
N2 NAG AA . -53.73 -34.42 15.64
O3 NAG AA . -54.87 -36.64 17.10
O4 NAG AA . -53.20 -39.05 16.90
O5 NAG AA . -52.63 -37.36 13.75
O6 NAG AA . -51.98 -40.68 15.06
O7 NAG AA . -55.89 -34.03 15.25
C1 NAG AA . -54.24 -39.88 17.41
C2 NAG AA . -53.55 -40.65 18.53
C3 NAG AA . -54.56 -41.47 19.33
C4 NAG AA . -55.66 -40.54 19.85
C5 NAG AA . -56.34 -39.90 18.65
C6 NAG AA . -57.43 -38.93 19.04
C7 NAG AA . -51.32 -41.67 18.59
C8 NAG AA . -50.36 -42.60 17.92
N2 NAG AA . -52.51 -41.53 18.00
O3 NAG AA . -53.89 -42.08 20.43
O4 NAG AA . -56.57 -41.16 20.75
O5 NAG AA . -55.35 -39.15 17.93
O6 NAG AA . -57.74 -38.06 17.95
O7 NAG AA . -51.04 -41.08 19.63
C1 BMA AA . -57.18 -42.42 20.40
C2 BMA AA . -56.78 -43.44 21.48
C3 BMA AA . -57.51 -44.74 21.25
C4 BMA AA . -59.02 -44.52 21.30
C5 BMA AA . -59.40 -43.52 20.18
C6 BMA AA . -60.87 -43.15 20.20
O2 BMA AA . -57.17 -42.98 22.77
O3 BMA AA . -57.12 -45.72 22.20
O4 BMA AA . -59.70 -45.74 21.12
O5 BMA AA . -58.61 -42.29 20.30
O6 BMA AA . -61.61 -44.25 20.70
C1 MAN AA . -56.19 -46.64 21.57
C2 MAN AA . -56.26 -47.98 22.35
C3 MAN AA . -55.57 -47.83 23.71
C4 MAN AA . -54.16 -47.23 23.58
C5 MAN AA . -54.25 -45.89 22.84
C6 MAN AA . -52.89 -45.26 22.59
O2 MAN AA . -55.54 -49.01 21.66
O3 MAN AA . -55.51 -49.06 24.41
O4 MAN AA . -53.60 -47.01 24.86
O5 MAN AA . -54.87 -46.11 21.54
O6 MAN AA . -52.12 -46.15 21.78
C1 NAG BA . -48.19 -48.65 -6.33
C2 NAG BA . -47.65 -49.86 -5.55
C3 NAG BA . -48.68 -51.01 -5.50
C4 NAG BA . -50.03 -50.51 -5.04
C5 NAG BA . -50.46 -49.32 -5.90
C6 NAG BA . -51.78 -48.71 -5.47
C7 NAG BA . -46.12 -50.84 -7.30
C8 NAG BA . -44.69 -51.23 -7.55
N2 NAG BA . -46.37 -50.34 -6.07
O3 NAG BA . -48.19 -52.02 -4.63
O4 NAG BA . -51.02 -51.53 -5.20
O5 NAG BA . -49.46 -48.28 -5.80
O6 NAG BA . -52.85 -49.23 -6.24
O7 NAG BA . -46.98 -50.96 -8.16
C1 NAG BA . -51.40 -52.08 -3.92
C2 NAG BA . -52.77 -52.73 -4.02
C3 NAG BA . -53.15 -53.39 -2.71
C4 NAG BA . -52.07 -54.37 -2.26
C5 NAG BA . -50.71 -53.67 -2.21
C6 NAG BA . -49.57 -54.61 -1.92
C7 NAG BA . -54.70 -52.00 -5.35
C8 NAG BA . -55.67 -50.89 -5.62
N2 NAG BA . -53.79 -51.76 -4.42
O3 NAG BA . -54.39 -54.07 -2.85
O4 NAG BA . -52.37 -54.87 -0.96
O5 NAG BA . -50.43 -53.06 -3.49
O6 NAG BA . -48.87 -54.96 -3.10
O7 NAG BA . -54.75 -53.07 -5.97
C1 NAG CA . -55.72 -36.87 -16.54
C2 NAG CA . -56.76 -37.84 -15.90
C3 NAG CA . -56.44 -39.27 -16.29
C4 NAG CA . -56.34 -39.41 -17.81
C5 NAG CA . -55.29 -38.44 -18.32
C6 NAG CA . -55.16 -38.45 -19.82
C7 NAG CA . -57.87 -37.91 -13.72
C8 NAG CA . -57.71 -37.73 -12.24
N2 NAG CA . -56.78 -37.70 -14.46
O3 NAG CA . -57.42 -40.15 -15.76
O4 NAG CA . -55.96 -40.72 -18.18
O5 NAG CA . -55.65 -37.10 -17.94
O6 NAG CA . -56.44 -38.64 -20.41
O7 NAG CA . -58.95 -38.23 -14.21
C1 NAG CA . -57.08 -41.43 -18.75
C2 NAG CA . -56.59 -42.35 -19.88
C3 NAG CA . -57.76 -43.18 -20.42
C4 NAG CA . -58.41 -43.96 -19.28
C5 NAG CA . -58.85 -43.00 -18.18
C6 NAG CA . -59.39 -43.72 -16.97
C7 NAG CA . -54.90 -42.04 -21.61
C8 NAG CA . -54.37 -41.14 -22.69
N2 NAG CA . -55.97 -41.60 -20.95
O3 NAG CA . -57.26 -44.05 -21.43
O4 NAG CA . -59.54 -44.70 -19.74
O5 NAG CA . -57.73 -42.22 -17.73
O6 NAG CA . -58.35 -44.41 -16.29
O7 NAG CA . -54.36 -43.12 -21.34
C1 BMA CA . -59.35 -46.11 -20.08
C2 BMA CA . -58.09 -46.81 -19.42
C3 BMA CA . -57.97 -48.21 -20.01
C4 BMA CA . -59.26 -49.01 -19.80
C5 BMA CA . -60.53 -48.23 -20.27
C6 BMA CA . -61.82 -48.87 -19.84
O2 BMA CA . -58.28 -47.00 -18.03
O3 BMA CA . -56.87 -48.91 -19.45
O4 BMA CA . -59.17 -50.23 -20.51
O5 BMA CA . -60.51 -46.89 -19.71
O6 BMA CA . -61.57 -49.61 -18.65
C1 MAN CA . -62.19 -48.97 -17.52
C2 MAN CA . -61.43 -49.42 -16.26
C3 MAN CA . -61.72 -50.92 -15.99
C4 MAN CA . -63.24 -51.21 -15.98
C5 MAN CA . -63.89 -50.70 -17.28
C6 MAN CA . -65.39 -50.82 -17.28
O2 MAN CA . -61.86 -48.72 -15.09
O3 MAN CA . -61.12 -51.37 -14.78
O4 MAN CA . -63.46 -52.61 -15.87
O5 MAN CA . -63.57 -49.28 -17.44
O6 MAN CA . -65.92 -49.69 -16.58
C1 NAG DA . -63.92 -23.98 -27.04
C2 NAG DA . -63.03 -23.00 -27.81
C3 NAG DA . -63.74 -21.67 -28.00
C4 NAG DA . -65.09 -21.87 -28.67
C5 NAG DA . -65.93 -22.86 -27.85
C6 NAG DA . -67.24 -23.24 -28.51
C7 NAG DA . -60.56 -22.93 -27.76
C8 NAG DA . -60.58 -23.30 -29.22
N2 NAG DA . -61.74 -22.81 -27.16
O3 NAG DA . -62.91 -20.80 -28.78
O4 NAG DA . -65.80 -20.64 -28.76
O5 NAG DA . -65.19 -24.10 -27.69
O6 NAG DA . -67.21 -24.58 -28.97
O7 NAG DA . -59.50 -22.75 -27.16
C1 NAG DA . -65.85 -20.17 -30.14
C2 NAG DA . -65.32 -18.74 -30.16
C3 NAG DA . -65.31 -18.19 -31.59
C4 NAG DA . -64.58 -19.14 -32.53
C5 NAG DA . -65.14 -20.56 -32.43
C6 NAG DA . -64.37 -21.56 -33.24
C7 NAG DA . -65.59 -16.83 -28.65
C8 NAG DA . -66.53 -16.05 -27.79
N2 NAG DA . -66.10 -17.89 -29.29
O3 NAG DA . -64.70 -16.91 -31.62
O4 NAG DA . -64.70 -18.68 -33.87
O5 NAG DA . -65.10 -21.00 -31.07
O6 NAG DA . -63.20 -21.97 -32.57
O7 NAG DA . -64.41 -16.51 -28.77
C1 NAG EA . -64.22 -34.59 -3.79
C2 NAG EA . -64.96 -34.45 -5.11
C3 NAG EA . -66.28 -35.21 -5.06
C4 NAG EA . -66.04 -36.67 -4.68
C5 NAG EA . -65.21 -36.76 -3.39
C6 NAG EA . -64.77 -38.16 -3.07
C7 NAG EA . -64.61 -32.44 -6.45
C8 NAG EA . -64.96 -30.99 -6.63
N2 NAG EA . -65.20 -33.05 -5.42
O3 NAG EA . -66.90 -35.14 -6.34
O4 NAG EA . -67.29 -37.32 -4.48
O5 NAG EA . -64.01 -35.98 -3.51
O6 NAG EA . -63.72 -38.56 -3.94
O7 NAG EA . -63.84 -33.01 -7.21
C1 NAG EA . -67.54 -38.26 -5.54
C2 NAG EA . -68.62 -39.24 -5.11
C3 NAG EA . -68.92 -40.23 -6.24
C4 NAG EA . -69.27 -39.48 -7.52
C5 NAG EA . -68.17 -38.48 -7.87
C6 NAG EA . -68.52 -37.62 -9.06
C7 NAG EA . -68.66 -39.62 -2.69
C8 NAG EA . -68.16 -40.46 -1.56
N2 NAG EA . -68.22 -39.95 -3.91
O3 NAG EA . -70.00 -41.06 -5.85
O4 NAG EA . -69.43 -40.40 -8.59
O5 NAG EA . -67.95 -37.59 -6.77
O6 NAG EA . -69.39 -38.30 -9.95
O7 NAG EA . -69.43 -38.68 -2.52
C1 NAG FA . -28.24 -18.47 15.89
C2 NAG FA . -28.43 -18.39 17.40
C3 NAG FA . -27.33 -19.14 18.14
C4 NAG FA . -27.10 -20.54 17.57
C5 NAG FA . -26.97 -20.46 16.06
C6 NAG FA . -26.87 -21.80 15.37
C7 NAG FA . -29.23 -16.55 18.82
C8 NAG FA . -29.11 -15.08 19.13
N2 NAG FA . -28.46 -17.00 17.83
O3 NAG FA . -27.68 -19.26 19.51
O4 NAG FA . -25.89 -21.04 18.14
O5 NAG FA . -28.11 -19.81 15.50
O6 NAG FA . -27.72 -22.76 15.98
O7 NAG FA . -29.96 -17.29 19.45
C1 NAG FA . -25.93 -22.33 18.82
C2 NAG FA . -24.49 -22.82 18.83
C3 NAG FA . -24.42 -24.20 19.45
C4 NAG FA . -25.03 -24.20 20.84
C5 NAG FA . -26.44 -23.60 20.80
C6 NAG FA . -27.04 -23.41 22.18
C7 NAG FA . -22.64 -22.47 17.27
C8 NAG FA . -22.19 -22.54 15.84
N2 NAG FA . -23.91 -22.81 17.51
O3 NAG FA . -23.05 -24.59 19.49
O4 NAG FA . -25.21 -25.54 21.32
O5 NAG FA . -26.45 -22.31 20.16
O6 NAG FA . -28.38 -23.89 22.22
O7 NAG FA . -21.88 -22.15 18.18
C1 BMA FA . -24.14 -26.28 21.99
C2 BMA FA . -23.06 -25.43 22.71
C3 BMA FA . -22.01 -26.43 23.24
C4 BMA FA . -22.67 -27.43 24.23
C5 BMA FA . -23.87 -28.13 23.53
C6 BMA FA . -24.71 -29.00 24.44
O2 BMA FA . -23.63 -24.81 23.84
O3 BMA FA . -20.78 -25.88 23.85
O4 BMA FA . -21.75 -28.39 24.65
O5 BMA FA . -24.75 -27.15 22.95
O6 BMA FA . -24.76 -28.43 25.76
C1 MAN FA . -20.37 -24.53 23.48
C2 MAN FA . -19.07 -24.54 22.66
C3 MAN FA . -18.01 -25.20 23.52
C4 MAN FA . -17.78 -24.39 24.79
C5 MAN FA . -19.10 -24.19 25.56
C6 MAN FA . -18.98 -23.12 26.58
O2 MAN FA . -18.58 -23.19 22.48
O3 MAN FA . -16.79 -25.38 22.83
O4 MAN FA . -16.84 -25.03 25.62
O5 MAN FA . -20.18 -23.78 24.65
O6 MAN FA . -19.02 -21.87 25.89
C1 MAN FA . -18.20 -22.89 21.13
C2 MAN FA . -16.80 -22.21 21.17
C3 MAN FA . -16.91 -20.85 21.81
C4 MAN FA . -17.93 -20.00 21.05
C5 MAN FA . -19.30 -20.71 21.09
C6 MAN FA . -20.36 -20.00 20.28
O2 MAN FA . -16.35 -21.91 19.85
O3 MAN FA . -15.67 -20.19 21.85
O4 MAN FA . -18.06 -18.73 21.65
O5 MAN FA . -19.15 -22.05 20.52
O6 MAN FA . -20.24 -20.41 18.92
C1 MAN FA . -15.27 -22.79 19.49
C2 MAN FA . -14.37 -22.03 18.46
C3 MAN FA . -15.07 -21.97 17.09
C4 MAN FA . -15.67 -23.33 16.65
C5 MAN FA . -16.57 -23.87 17.76
C6 MAN FA . -17.17 -25.22 17.46
O2 MAN FA . -13.15 -22.71 18.25
O3 MAN FA . -14.17 -21.49 16.09
O4 MAN FA . -16.44 -23.17 15.47
O5 MAN FA . -15.78 -23.99 18.96
O6 MAN FA . -17.86 -25.65 18.62
C1 MAN FA . -25.92 -27.58 26.00
C2 MAN FA . -26.21 -27.67 27.53
C3 MAN FA . -27.06 -28.89 27.80
C4 MAN FA . -28.39 -28.69 27.13
C5 MAN FA . -28.17 -28.81 25.63
C6 MAN FA . -29.41 -28.45 24.84
O2 MAN FA . -27.01 -26.58 27.96
O3 MAN FA . -27.20 -29.15 29.18
O4 MAN FA . -29.29 -29.69 27.56
O5 MAN FA . -27.09 -27.89 25.17
O6 MAN FA . -29.48 -27.04 24.75
C1 MAN FA . -26.57 -30.41 29.48
C2 MAN FA . -27.11 -30.91 30.85
C3 MAN FA . -26.57 -30.01 31.96
C4 MAN FA . -25.04 -29.95 31.93
C5 MAN FA . -24.58 -29.44 30.56
C6 MAN FA . -23.08 -29.49 30.39
O2 MAN FA . -26.60 -32.20 31.15
O3 MAN FA . -27.02 -30.44 33.24
O4 MAN FA . -24.58 -29.07 32.93
O5 MAN FA . -25.15 -30.29 29.51
O6 MAN FA . -22.71 -30.84 30.20
C1 NAG GA . -54.81 1.10 -29.61
C2 NAG GA . -54.18 2.33 -28.97
C3 NAG GA . -55.23 3.40 -28.75
C4 NAG GA . -55.95 3.72 -30.07
C5 NAG GA . -56.47 2.44 -30.74
C6 NAG GA . -56.96 2.69 -32.15
C7 NAG GA . -52.27 2.41 -27.43
C8 NAG GA . -51.73 1.99 -26.10
N2 NAG GA . -53.52 2.00 -27.72
O3 NAG GA . -54.61 4.58 -28.24
O4 NAG GA . -57.02 4.65 -29.85
O5 NAG GA . -55.42 1.47 -30.85
O6 NAG GA . -55.88 2.78 -33.06
O7 NAG GA . -51.63 3.11 -28.21
C1 BMA GA . -58.03 4.20 -28.92
C2 BMA GA . -58.28 5.28 -27.84
C3 BMA GA . -59.34 4.76 -26.86
C4 BMA GA . -60.62 4.28 -27.59
C5 BMA GA . -60.27 3.30 -28.73
C6 BMA GA . -61.46 2.98 -29.60
O2 BMA GA . -58.81 6.46 -28.42
O3 BMA GA . -59.67 5.73 -25.87
O4 BMA GA . -61.48 3.63 -26.67
O5 BMA GA . -59.27 3.90 -29.58
O6 BMA GA . -61.69 4.10 -30.45
C1 NAG HA . -49.11 -16.93 -40.07
C2 NAG HA . -50.60 -17.03 -39.78
C3 NAG HA . -51.28 -17.96 -40.79
C4 NAG HA . -50.96 -17.54 -42.21
C5 NAG HA . -49.44 -17.41 -42.40
C6 NAG HA . -49.07 -16.85 -43.75
C7 NAG HA . -51.81 -17.08 -37.65
C8 NAG HA . -51.87 -17.65 -36.28
N2 NAG HA . -50.81 -17.51 -38.42
O3 NAG HA . -52.68 -17.92 -40.56
O4 NAG HA . -51.45 -18.51 -43.13
O5 NAG HA . -48.91 -16.50 -41.42
O6 NAG HA . -50.01 -15.86 -44.17
O7 NAG HA . -52.64 -16.27 -38.05
C1 NAG HA . -52.61 -18.02 -43.84
C2 NAG HA . -52.76 -18.83 -45.11
C3 NAG HA . -54.02 -18.40 -45.87
C4 NAG HA . -55.24 -18.45 -44.97
C5 NAG HA . -54.98 -17.65 -43.70
C6 NAG HA . -56.11 -17.77 -42.69
C7 NAG HA . -50.95 -19.76 -46.48
C8 NAG HA . -49.76 -19.46 -47.34
N2 NAG HA . -51.59 -18.71 -45.97
O3 NAG HA . -54.21 -19.25 -46.99
O4 NAG HA . -56.37 -17.92 -45.64
O5 NAG HA . -53.79 -18.12 -43.04
O6 NAG HA . -56.70 -19.06 -42.74
O7 NAG HA . -51.33 -20.91 -46.27
C1 NAG IA . -34.84 28.10 -20.39
C2 NAG IA . -35.79 26.93 -20.19
C3 NAG IA . -36.89 26.95 -21.26
C4 NAG IA . -37.55 28.32 -21.35
C5 NAG IA . -36.49 29.40 -21.52
C6 NAG IA . -37.04 30.80 -21.51
C7 NAG IA . -35.05 24.81 -19.22
C8 NAG IA . -34.25 23.57 -19.43
N2 NAG IA . -35.07 25.68 -20.24
O3 NAG IA . -37.86 25.96 -20.93
O4 NAG IA . -38.43 28.32 -22.47
O5 NAG IA . -35.56 29.32 -20.43
O6 NAG IA . -37.71 31.11 -22.71
O7 NAG IA . -35.65 25.03 -18.17
C1 NAG IA . -39.81 28.57 -22.07
C2 NAG IA . -40.64 28.73 -23.33
C3 NAG IA . -42.10 28.99 -22.97
C4 NAG IA . -42.64 27.96 -21.99
C5 NAG IA . -41.66 27.77 -20.81
C6 NAG IA . -42.03 26.60 -19.91
C7 NAG IA . -39.44 29.59 -25.29
C8 NAG IA . -38.97 30.82 -26.02
N2 NAG IA . -40.11 29.81 -24.16
O3 NAG IA . -42.87 28.99 -24.17
O4 NAG IA . -43.86 28.47 -21.48
O5 NAG IA . -40.33 27.50 -21.28
O6 NAG IA . -42.18 25.40 -20.67
O7 NAG IA . -39.22 28.46 -25.72
C1 BMA IA . -45.09 27.68 -21.63
C2 BMA IA . -45.79 27.91 -23.05
C3 BMA IA . -47.11 27.12 -23.09
C4 BMA IA . -46.99 25.68 -22.55
C5 BMA IA . -46.17 25.63 -21.24
C6 BMA IA . -45.97 24.23 -20.70
O2 BMA IA . -45.01 27.40 -24.13
O3 BMA IA . -47.61 27.08 -24.41
O4 BMA IA . -48.29 25.15 -22.31
O5 BMA IA . -44.90 26.27 -21.45
O6 BMA IA . -47.19 23.82 -20.09
C1 MAN IA . -48.76 27.93 -24.52
C2 MAN IA . -49.62 27.39 -25.70
C3 MAN IA . -48.91 27.65 -27.03
C4 MAN IA . -48.43 29.11 -27.17
C5 MAN IA . -47.61 29.53 -25.94
C6 MAN IA . -47.23 31.00 -25.93
O2 MAN IA . -50.88 28.04 -25.79
O3 MAN IA . -49.73 27.30 -28.14
O4 MAN IA . -47.64 29.26 -28.34
O5 MAN IA . -48.37 29.28 -24.73
O6 MAN IA . -46.77 31.32 -24.63
C1 MAN IA . -47.00 23.74 -18.66
C2 MAN IA . -48.15 22.84 -18.07
C3 MAN IA . -49.46 23.63 -17.94
C4 MAN IA . -49.26 25.01 -17.29
C5 MAN IA . -48.21 25.79 -18.09
C6 MAN IA . -47.94 27.17 -17.53
O2 MAN IA . -47.83 22.38 -16.77
O3 MAN IA . -50.44 22.88 -17.22
O4 MAN IA . -50.48 25.74 -17.29
O5 MAN IA . -46.97 25.04 -18.06
O6 MAN IA . -49.19 27.84 -17.35
C1 NAG JA . -34.70 25.36 12.97
C2 NAG JA . -34.55 26.87 12.85
C3 NAG JA . -35.25 27.55 14.02
C4 NAG JA . -36.69 27.08 14.15
C5 NAG JA . -36.77 25.56 14.14
C6 NAG JA . -38.17 25.04 14.06
C7 NAG JA . -32.60 27.91 11.79
C8 NAG JA . -31.14 28.21 11.91
N2 NAG JA . -33.15 27.24 12.81
O3 NAG JA . -35.20 28.96 13.83
O4 NAG JA . -37.22 27.51 15.40
O5 NAG JA . -36.07 25.03 12.99
O6 NAG JA . -38.39 23.98 14.99
O7 NAG JA . -33.26 28.26 10.82
C1 NAG JA . -38.18 28.56 15.28
C2 NAG JA . -38.71 28.83 16.70
C3 NAG JA . -39.68 30.00 16.71
C4 NAG JA . -39.04 31.23 16.05
C5 NAG JA . -38.54 30.88 14.66
C6 NAG JA . -37.78 32.01 14.00
C7 NAG JA . -39.22 27.27 18.53
C8 NAG JA . -39.94 26.02 18.91
N2 NAG JA . -39.34 27.64 17.25
O3 NAG JA . -40.03 30.30 18.06
O4 NAG JA . -39.93 32.34 16.01
O5 NAG JA . -37.63 29.77 14.75
O6 NAG JA . -36.38 31.83 14.13
O7 NAG JA . -38.56 27.92 19.33
C1 BMA JA . -41.26 32.07 15.52
C2 BMA JA . -42.26 32.79 16.46
C3 BMA JA . -43.71 32.65 15.92
C4 BMA JA . -43.81 32.98 14.41
C5 BMA JA . -42.75 32.18 13.62
C6 BMA JA . -42.75 32.51 12.14
O2 BMA JA . -41.99 34.18 16.53
O3 BMA JA . -44.61 33.45 16.65
O4 BMA JA . -45.10 32.68 13.93
O5 BMA JA . -41.45 32.49 14.16
O6 BMA JA . -42.17 33.79 11.98
C1 NAG KA . -30.92 18.21 40.04
C2 NAG KA . -32.21 18.36 40.84
C3 NAG KA . -31.90 18.35 42.35
C4 NAG KA . -31.09 17.12 42.72
C5 NAG KA . -29.84 17.04 41.85
C6 NAG KA . -29.04 15.78 42.07
C7 NAG KA . -34.02 19.60 39.74
C8 NAG KA . -34.61 20.95 39.46
N2 NAG KA . -32.91 19.59 40.48
O3 NAG KA . -33.13 18.38 43.06
O4 NAG KA . -30.71 17.20 44.09
O5 NAG KA . -30.23 17.04 40.47
O6 NAG KA . -28.61 15.21 40.85
O7 NAG KA . -34.53 18.57 39.32
C1 NAG KA . -31.38 16.22 44.92
C2 NAG KA . -32.01 16.95 46.10
C3 NAG KA . -32.74 15.96 47.00
C4 NAG KA . -33.76 15.16 46.19
C5 NAG KA . -33.09 14.49 44.99
C6 NAG KA . -34.07 13.80 44.07
C7 NAG KA . -30.78 18.99 46.68
C8 NAG KA . -29.71 19.59 47.54
N2 NAG KA . -31.01 17.69 46.85
O3 NAG KA . -33.41 16.67 48.05
O4 NAG KA . -34.35 14.15 47.01
O5 NAG KA . -32.40 15.48 44.20
O6 NAG KA . -34.37 14.61 42.94
O7 NAG KA . -31.41 19.66 45.86
C1 NAG LA . -11.13 23.14 39.54
C2 NAG LA . -12.36 22.26 39.76
C3 NAG LA . -13.65 23.08 39.64
C4 NAG LA . -13.60 24.28 40.59
C5 NAG LA . -12.33 25.10 40.33
C6 NAG LA . -12.14 26.23 41.33
C7 NAG LA . -12.46 21.06 37.55
C8 NAG LA . -12.48 19.70 36.94
N2 NAG LA . -12.40 21.08 38.90
O3 NAG LA . -14.77 22.26 39.96
O4 NAG LA . -14.77 25.10 40.64
O5 NAG LA . -11.16 24.26 40.44
O6 NAG LA . -10.87 26.15 41.95
O7 NAG LA . -12.49 22.08 36.86
C1 NAG LA . -15.83 25.41 39.62
C2 NAG LA . -15.23 26.20 38.42
C3 NAG LA . -16.34 26.53 37.41
C4 NAG LA . -17.06 25.25 36.98
C5 NAG LA . -17.64 24.53 38.20
C6 NAG LA . -18.32 23.24 37.86
C7 NAG LA . -13.48 27.91 38.28
C8 NAG LA . -12.93 29.17 38.86
N2 NAG LA . -14.58 27.41 38.87
O3 NAG LA . -15.78 27.16 36.27
O4 NAG LA . -18.12 25.58 36.08
O5 NAG LA . -16.58 24.22 39.13
O6 NAG LA . -18.13 22.89 36.49
O7 NAG LA . -12.96 27.36 37.31
C1 NAG MA . 7.04 37.44 57.99
C2 NAG MA . 6.07 38.63 57.91
C3 NAG MA . 5.99 39.35 59.25
C4 NAG MA . 5.61 38.37 60.35
C5 NAG MA . 6.62 37.23 60.38
C6 NAG MA . 6.27 36.15 61.38
C7 NAG MA . 7.51 40.27 56.65
C8 NAG MA . 7.55 41.14 55.43
N2 NAG MA . 6.39 39.55 56.82
O3 NAG MA . 5.05 40.42 59.16
O4 NAG MA . 5.54 39.01 61.62
O5 NAG MA . 6.67 36.59 59.09
O6 NAG MA . 6.68 34.87 60.91
O7 NAG MA . 8.45 40.24 57.44
C1 NAG MA . 4.15 39.10 62.02
C2 NAG MA . 4.03 39.47 63.51
C3 NAG MA . 2.56 39.66 63.90
C4 NAG MA . 1.87 40.63 62.96
C5 NAG MA . 2.05 40.18 61.51
C6 NAG MA . 1.46 41.14 60.51
C7 NAG MA . 5.93 38.47 64.70
C8 NAG MA . 6.39 37.34 65.58
N2 NAG MA . 4.64 38.45 64.35
O3 NAG MA . 2.49 40.16 65.23
O4 NAG MA . 0.47 40.69 63.25
O5 NAG MA . 3.45 40.08 61.22
O6 NAG MA . 0.27 40.62 59.94
O7 NAG MA . 6.70 39.35 64.33
C1 NAG NA . 5.71 16.74 60.86
C2 NAG NA . 5.14 15.50 61.52
C3 NAG NA . 5.17 15.66 63.04
C4 NAG NA . 6.57 15.99 63.52
C5 NAG NA . 7.10 17.21 62.76
C6 NAG NA . 8.53 17.54 63.09
C7 NAG NA . 3.36 13.97 60.79
C8 NAG NA . 1.96 13.85 60.29
N2 NAG NA . 3.80 15.21 61.05
O3 NAG NA . 4.66 14.45 63.60
O4 NAG NA . 6.60 16.31 64.90
O5 NAG NA . 7.04 16.98 61.35
O6 NAG NA . 9.39 16.43 62.90
O7 NAG NA . 4.08 12.98 60.96
C1 NAG NA . 7.00 15.18 65.70
C2 NAG NA . 8.14 15.52 66.66
C3 NAG NA . 8.47 14.31 67.52
C4 NAG NA . 7.22 13.81 68.24
C5 NAG NA . 6.10 13.55 67.25
C6 NAG NA . 4.79 13.20 67.91
C7 NAG NA . 10.16 16.90 66.44
C8 NAG NA . 11.33 17.26 65.57
N2 NAG NA . 9.32 15.98 65.94
O3 NAG NA . 9.46 14.65 68.48
O4 NAG NA . 7.51 12.61 68.95
O5 NAG NA . 5.86 14.72 66.46
O6 NAG NA . 4.05 14.36 68.26
O7 NAG NA . 9.99 17.42 67.53
C1 NAG OA . 16.17 -17.32 50.59
C2 NAG OA . 15.63 -18.20 49.46
C3 NAG OA . 14.91 -19.40 50.03
C4 NAG OA . 15.81 -20.18 50.98
C5 NAG OA . 16.36 -19.25 52.06
C6 NAG OA . 17.38 -19.92 52.95
C7 NAG OA . 14.97 -17.28 47.28
C8 NAG OA . 13.96 -16.49 46.53
N2 NAG OA . 14.74 -17.44 48.58
O3 NAG OA . 14.48 -20.23 48.95
O4 NAG OA . 15.08 -21.22 51.62
O5 NAG OA . 17.02 -18.12 51.46
O6 NAG OA . 16.90 -20.03 54.28
O7 NAG OA . 15.96 -17.77 46.73
C1 NAG OA . 15.42 -22.52 51.09
C2 NAG OA . 14.84 -23.59 52.02
C3 NAG OA . 15.13 -24.98 51.48
C4 NAG OA . 14.64 -25.12 50.04
C5 NAG OA . 15.22 -24.00 49.17
C6 NAG OA . 14.66 -23.99 47.77
C7 NAG OA . 14.71 -22.80 54.34
C8 NAG OA . 15.39 -22.74 55.66
N2 NAG OA . 15.36 -23.45 53.37
O3 NAG OA . 14.50 -25.95 52.30
O4 NAG OA . 15.03 -26.38 49.50
O5 NAG OA . 14.91 -22.72 49.75
O6 NAG OA . 14.44 -25.31 47.30
O7 NAG OA . 13.62 -22.28 54.14
C1 NAG PA . 4.12 -9.15 52.65
C2 NAG PA . 3.81 -10.01 53.87
C3 NAG PA . 3.31 -11.38 53.43
C4 NAG PA . 2.15 -11.26 52.44
C5 NAG PA . 2.53 -10.31 51.30
C6 NAG PA . 1.38 -9.99 50.38
C7 NAG PA . 5.24 -9.37 55.76
C8 NAG PA . 6.50 -9.65 56.51
N2 NAG PA . 5.00 -10.16 54.71
O3 NAG PA . 2.88 -12.11 54.58
O4 NAG PA . 1.86 -12.55 51.91
O5 NAG PA . 2.97 -9.05 51.84
O6 NAG PA . 0.89 -8.67 50.61
O7 NAG PA . 4.49 -8.45 56.07
C1 NAG PA . 0.54 -12.95 52.34
C2 NAG PA . -0.06 -13.86 51.28
C3 NAG PA . -1.46 -14.29 51.70
C4 NAG PA . -1.46 -14.90 53.11
C5 NAG PA . -0.72 -13.97 54.10
C6 NAG PA . -0.51 -14.60 55.45
C7 NAG PA . 0.36 -13.80 48.87
C8 NAG PA . 0.25 -12.98 47.61
N2 NAG PA . -0.10 -13.21 49.99
O3 NAG PA . -1.97 -15.23 50.77
O4 NAG PA . -2.80 -15.04 53.56
O5 NAG PA . 0.58 -13.63 53.60
O6 NAG PA . 0.59 -14.01 56.12
O7 NAG PA . 0.85 -14.93 48.87
C1 BMA PA . -3.20 -16.43 53.63
C2 BMA PA . -4.60 -16.43 54.27
C3 BMA PA . -5.18 -17.86 54.25
C4 BMA PA . -5.08 -18.52 52.87
C5 BMA PA . -3.62 -18.46 52.37
C6 BMA PA . -3.45 -19.01 50.98
O2 BMA PA . -5.50 -15.62 53.52
O3 BMA PA . -6.53 -17.87 54.70
O4 BMA PA . -5.49 -19.87 52.94
O5 BMA PA . -3.20 -17.08 52.35
O6 BMA PA . -4.32 -20.14 50.84
C1 MAN PA . -6.59 -18.37 56.05
C2 MAN PA . -8.02 -18.91 56.30
C3 MAN PA . -9.02 -17.73 56.45
C4 MAN PA . -8.52 -16.65 57.45
C5 MAN PA . -7.11 -16.20 57.06
C6 MAN PA . -6.50 -15.21 58.04
O2 MAN PA . -8.10 -19.64 57.51
O3 MAN PA . -10.31 -18.20 56.83
O4 MAN PA . -9.39 -15.54 57.43
O5 MAN PA . -6.24 -17.36 57.00
O6 MAN PA . -5.99 -15.95 59.15
C1 NAG QA . 2.14 14.36 40.55
C2 NAG QA . 1.50 15.72 40.67
C3 NAG QA . 0.71 15.81 41.97
C4 NAG QA . -0.33 14.69 42.03
C5 NAG QA . 0.31 13.33 41.75
C6 NAG QA . -0.71 12.23 41.59
C7 NAG QA . 3.51 17.09 41.36
C8 NAG QA . 4.31 18.29 40.99
N2 NAG QA . 2.46 16.82 40.55
O3 NAG QA . 0.08 17.08 42.01
O4 NAG QA . -0.93 14.62 43.32
O5 NAG QA . 1.10 13.34 40.55
O6 NAG QA . -0.73 11.75 40.25
O7 NAG QA . 3.79 16.41 42.34
C1 NAG QA . -2.17 15.33 43.56
C2 NAG QA . -2.41 15.22 45.07
C3 NAG QA . -3.57 16.10 45.54
C4 NAG QA . -3.49 17.51 44.95
C5 NAG QA . -3.33 17.43 43.45
C6 NAG QA . -3.17 18.78 42.79
C7 NAG QA . -2.23 13.31 46.61
C8 NAG QA . -2.57 11.87 46.83
N2 NAG QA . -2.63 13.84 45.45
O3 NAG QA . -3.49 16.16 46.96
O4 NAG QA . -4.61 18.37 45.20
O5 NAG QA . -2.13 16.69 43.16
O6 NAG QA . -2.36 19.64 43.59
O7 NAG QA . -1.63 13.98 47.45
C1 BMA QA . -5.86 17.92 45.78
C2 BMA QA . -6.05 18.82 47.06
C3 BMA QA . -7.48 18.78 47.59
C4 BMA QA . -8.54 18.82 46.49
C5 BMA QA . -8.26 17.72 45.47
C6 BMA QA . -9.31 17.62 44.38
O2 BMA QA . -5.75 20.18 46.76
O3 BMA QA . -7.70 19.85 48.50
O4 BMA QA . -9.84 18.64 47.04
O5 BMA QA . -6.97 18.01 44.87
O6 BMA QA . -10.56 17.91 44.99
C1 MAN QA . -8.10 19.33 49.78
C2 MAN QA . -9.05 20.36 50.41
C3 MAN QA . -8.27 21.61 50.80
C4 MAN QA . -7.04 21.26 51.68
C5 MAN QA . -6.17 20.23 50.95
C6 MAN QA . -5.00 19.73 51.80
O2 MAN QA . -9.64 19.87 51.61
O3 MAN QA . -9.09 22.56 51.47
O4 MAN QA . -6.29 22.43 51.94
O5 MAN QA . -6.97 19.07 50.61
O6 MAN QA . -5.53 18.90 52.83
C1 MAN QA . -11.64 17.27 44.28
C2 MAN QA . -12.81 18.28 44.23
C3 MAN QA . -13.38 18.48 45.64
C4 MAN QA . -13.76 17.14 46.29
C5 MAN QA . -12.53 16.19 46.28
C6 MAN QA . -12.86 14.81 46.77
O2 MAN QA . -13.90 17.80 43.44
O3 MAN QA . -14.49 19.37 45.64
O4 MAN QA . -14.18 17.34 47.63
O5 MAN QA . -12.03 16.07 44.92
O6 MAN QA . -13.73 14.20 45.82
C1 NAG RA . 19.76 45.02 46.67
C2 NAG RA . 18.54 44.59 47.49
C3 NAG RA . 17.25 44.76 46.67
C4 NAG RA . 17.14 46.18 46.14
C5 NAG RA . 18.40 46.55 45.36
C6 NAG RA . 18.43 47.99 44.92
C7 NAG RA . 18.77 42.09 47.33
C8 NAG RA . 18.87 40.85 48.16
N2 NAG RA . 18.66 43.23 48.03
O3 NAG RA . 16.13 44.45 47.50
O4 NAG RA . 16.02 46.28 45.27
O5 NAG RA . 19.57 46.37 46.19
O6 NAG RA . 18.25 48.87 46.03
O7 NAG RA . 18.78 42.05 46.10
C1 NAG RA . 14.97 47.09 45.84
C2 NAG RA . 14.27 47.83 44.70
C3 NAG RA . 13.11 48.66 45.25
C4 NAG RA . 12.16 47.80 46.07
C5 NAG RA . 12.94 47.07 47.17
C6 NAG RA . 12.08 46.09 47.94
C7 NAG RA . 15.33 48.62 42.64
C8 NAG RA . 16.33 49.55 42.04
N2 NAG RA . 15.20 48.68 43.97
O3 NAG RA . 12.41 49.26 44.17
O4 NAG RA . 11.15 48.60 46.66
O5 NAG RA . 14.01 46.31 46.59
O6 NAG RA . 10.88 45.79 47.25
O7 NAG RA . 14.68 47.84 41.95
C1 NAG SA . 21.49 49.42 58.43
C2 NAG SA . 20.09 49.47 57.84
C3 NAG SA . 20.05 50.41 56.64
C4 NAG SA . 20.60 51.78 57.01
C5 NAG SA . 21.97 51.66 57.68
C6 NAG SA . 22.47 52.97 58.25
C7 NAG SA . 18.35 47.77 57.52
C8 NAG SA . 18.05 46.37 57.11
N2 NAG SA . 19.63 48.13 57.48
O3 NAG SA . 18.70 50.52 56.17
O4 NAG SA . 20.80 52.56 55.83
O5 NAG SA . 21.89 50.74 58.79
O6 NAG SA . 22.29 52.99 59.66
O7 NAG SA . 17.47 48.56 57.86
C1 NAG SA . 19.85 53.60 55.60
C2 NAG SA . 20.07 54.03 54.15
C3 NAG SA . 19.01 55.03 53.69
C4 NAG SA . 17.60 54.50 54.00
C5 NAG SA . 17.49 54.20 55.48
C6 NAG SA . 16.15 53.63 55.87
C7 NAG SA . 22.10 54.47 52.85
C8 NAG SA . 23.45 55.12 52.86
N2 NAG SA . 21.40 54.59 53.97
O3 NAG SA . 19.14 55.24 52.30
O4 NAG SA . 16.55 55.36 53.55
O5 NAG SA . 18.48 53.21 55.80
O6 NAG SA . 16.27 52.24 56.20
O7 NAG SA . 21.65 53.89 51.87
C1 BMA SA . 16.68 56.78 53.81
C2 BMA SA . 16.58 57.52 52.44
C3 BMA SA . 16.59 59.03 52.64
C4 BMA SA . 15.51 59.46 53.65
C5 BMA SA . 15.69 58.68 54.98
C6 BMA SA . 14.61 58.99 55.99
O2 BMA SA . 15.37 57.20 51.77
O3 BMA SA . 16.40 59.71 51.41
O4 BMA SA . 15.59 60.85 53.89
O5 BMA SA . 15.67 57.25 54.71
O6 BMA SA . 15.12 58.77 57.28
C1 NAG TA . -13.35 13.23 -39.83
C2 NAG TA . -12.22 14.23 -39.76
C3 NAG TA . -11.54 14.35 -41.12
C4 NAG TA . -11.08 12.99 -41.63
C5 NAG TA . -12.23 12.00 -41.58
C6 NAG TA . -11.78 10.58 -41.84
C7 NAG TA . -12.00 16.28 -38.44
C8 NAG TA . -12.63 17.60 -38.09
N2 NAG TA . -12.68 15.53 -39.31
O3 NAG TA . -10.41 15.21 -41.00
O4 NAG TA . -10.65 13.11 -42.98
O5 NAG TA . -12.85 11.98 -40.28
O6 NAG TA . -11.38 10.41 -43.19
O7 NAG TA . -10.94 15.93 -37.97
C1 NAG TA . -9.22 12.94 -43.21
C2 NAG TA . -9.00 12.52 -44.67
C3 NAG TA . -7.51 12.38 -44.97
C4 NAG TA . -6.73 13.63 -44.56
C5 NAG TA . -7.05 14.01 -43.13
C6 NAG TA . -6.44 15.34 -42.73
C7 NAG TA . -10.15 10.99 -46.19
C8 NAG TA . -10.84 9.67 -46.34
N2 NAG TA . -9.70 11.29 -44.97
O3 NAG TA . -7.33 12.16 -46.36
O4 NAG TA . -5.34 13.29 -44.62
O5 NAG TA . -8.47 14.14 -42.93
O6 NAG TA . -6.26 16.16 -43.88
O7 NAG TA . -9.99 11.75 -47.14
C1 BMA TA . -4.35 13.93 -45.50
C2 BMA TA . -4.81 14.36 -46.96
C3 BMA TA . -3.53 14.83 -47.69
C4 BMA TA . -2.87 15.99 -46.92
C5 BMA TA . -2.59 15.53 -45.48
C6 BMA TA . -1.98 16.62 -44.64
O2 BMA TA . -5.62 15.51 -46.95
O3 BMA TA . -3.76 15.22 -49.05
O4 BMA TA . -1.67 16.37 -47.52
O5 BMA TA . -3.82 15.13 -44.88
O6 BMA TA . -0.63 16.73 -45.00
C1 MAN TA . -3.21 14.20 -49.93
C2 MAN TA . -1.73 14.55 -50.29
C3 MAN TA . -1.71 15.78 -51.18
C4 MAN TA . -2.53 15.52 -52.44
C5 MAN TA . -3.97 15.15 -52.07
C6 MAN TA . -4.75 14.68 -53.26
O2 MAN TA . -1.12 13.51 -51.06
O3 MAN TA . -0.38 16.14 -51.53
O4 MAN TA . -2.53 16.69 -53.24
O5 MAN TA . -3.99 14.05 -51.12
O6 MAN TA . -4.29 13.36 -53.55
C1 MAN TA . -0.12 12.86 -50.25
C2 MAN TA . 0.98 12.32 -51.20
C3 MAN TA . 0.44 11.14 -52.00
C4 MAN TA . -0.19 10.07 -51.09
C5 MAN TA . -1.28 10.72 -50.24
C6 MAN TA . -1.89 9.75 -49.24
O2 MAN TA . 2.07 11.80 -50.45
O3 MAN TA . 1.45 10.55 -52.81
O4 MAN TA . -0.76 9.04 -51.87
O5 MAN TA . -0.70 11.81 -49.48
O6 MAN TA . -2.03 8.49 -49.88
C1 MAN TA . 0.19 16.50 -43.85
C2 MAN TA . 0.86 17.83 -43.49
C3 MAN TA . 1.69 18.29 -44.68
C4 MAN TA . 2.68 17.20 -45.13
C5 MAN TA . 1.96 15.84 -45.32
C6 MAN TA . 2.90 14.69 -45.47
O2 MAN TA . 1.79 17.66 -42.43
O3 MAN TA . 2.39 19.50 -44.40
O4 MAN TA . 3.26 17.59 -46.36
O5 MAN TA . 1.14 15.55 -44.15
O6 MAN TA . 3.10 14.15 -44.17
C1 NAG UA . -5.43 28.02 -58.43
C2 NAG UA . -4.24 27.97 -59.36
C3 NAG UA . -4.69 27.68 -60.78
C4 NAG UA . -5.58 26.44 -60.83
C5 NAG UA . -6.70 26.53 -59.80
C6 NAG UA . -7.45 25.23 -59.66
C7 NAG UA . -2.14 29.22 -59.32
C8 NAG UA . -1.51 30.58 -59.26
N2 NAG UA . -3.47 29.20 -59.31
O3 NAG UA . -3.54 27.48 -61.61
O4 NAG UA . -6.14 26.18 -62.12
O5 NAG UA . -6.15 26.80 -58.50
O6 NAG UA . -6.67 24.28 -58.93
O7 NAG UA . -1.47 28.20 -59.36
C1 NAG UA . -6.68 27.24 -62.99
C2 NAG UA . -7.65 26.50 -63.91
C3 NAG UA . -8.25 27.46 -64.93
C4 NAG UA . -8.89 28.66 -64.22
C5 NAG UA . -7.88 29.33 -63.29
C6 NAG UA . -8.47 30.46 -62.48
C7 NAG UA . -7.33 24.10 -64.36
C8 NAG UA . -6.57 23.08 -65.14
N2 NAG UA . -7.00 25.39 -64.57
O3 NAG UA . -9.23 26.79 -65.71
O4 NAG UA . -9.35 29.60 -65.18
O5 NAG UA . -7.36 28.37 -62.35
O6 NAG UA . -8.09 30.37 -61.11
O7 NAG UA . -8.21 23.80 -63.57
C1 NAG VA . -25.40 42.44 -42.65
C2 NAG VA . -24.80 43.64 -43.36
C3 NAG VA . -25.44 44.93 -42.84
C4 NAG VA . -26.96 44.86 -42.90
C5 NAG VA . -27.46 43.57 -42.26
C6 NAG VA . -28.94 43.36 -42.45
C7 NAG VA . -22.50 43.88 -44.16
C8 NAG VA . -21.05 43.91 -43.78
N2 NAG VA . -23.36 43.68 -43.16
O3 NAG VA . -24.98 46.02 -43.62
O4 NAG VA . -27.52 45.92 -42.13
O5 NAG VA . -26.79 42.44 -42.84
O6 NAG VA . -29.69 44.30 -41.70
O7 NAG VA . -22.87 44.03 -45.31
C1 NAG VA . -28.07 46.98 -42.89
C2 NAG VA . -28.59 47.94 -41.81
C3 NAG VA . -29.04 49.26 -42.42
C4 NAG VA . -27.92 49.86 -43.25
C5 NAG VA . -27.55 48.88 -44.34
C6 NAG VA . -26.40 49.35 -45.21
C7 NAG VA . -29.77 47.46 -39.73
C8 NAG VA . -30.94 46.77 -39.09
N2 NAG VA . -29.67 47.34 -41.05
O3 NAG VA . -29.41 50.15 -41.38
O4 NAG VA . -28.17 51.17 -43.74
O5 NAG VA . -27.12 47.65 -43.73
O6 NAG VA . -25.83 48.26 -45.92
O7 NAG VA . -28.95 48.10 -39.07
C1 BMA VA . -29.41 51.45 -44.43
C2 BMA VA . -30.13 52.54 -43.62
C3 BMA VA . -31.38 52.99 -44.37
C4 BMA VA . -30.99 53.52 -45.75
C5 BMA VA . -30.30 52.39 -46.54
C6 BMA VA . -29.78 52.85 -47.89
O2 BMA VA . -29.31 53.69 -43.48
O3 BMA VA . -32.11 53.96 -43.63
O4 BMA VA . -32.14 53.97 -46.44
O5 BMA VA . -29.17 51.86 -45.77
O6 BMA VA . -30.63 53.89 -48.37
C1 MAN VA . -33.24 53.31 -43.02
C2 MAN VA . -34.31 54.41 -42.76
C3 MAN VA . -33.87 55.31 -41.61
C4 MAN VA . -33.47 54.50 -40.36
C5 MAN VA . -32.38 53.49 -40.74
C6 MAN VA . -31.98 52.59 -39.59
O2 MAN VA . -35.55 53.83 -42.36
O3 MAN VA . -34.88 56.26 -41.27
O4 MAN VA . -32.98 55.36 -39.35
O5 MAN VA . -32.89 52.64 -41.81
O6 MAN VA . -33.13 51.85 -39.19
C1 NAG WA . -43.42 26.28 -46.40
C2 NAG WA . -44.44 27.11 -45.59
C3 NAG WA . -45.42 27.86 -46.51
C4 NAG WA . -44.67 28.63 -47.60
C5 NAG WA . -43.71 27.69 -48.32
C6 NAG WA . -42.88 28.38 -49.38
C7 NAG WA . -45.99 25.28 -44.84
C8 NAG WA . -46.58 24.63 -43.63
N2 NAG WA . -45.16 26.31 -44.61
O3 NAG WA . -46.20 28.73 -45.71
O4 NAG WA . -45.59 29.14 -48.54
O5 NAG WA . -42.80 27.11 -47.39
O6 NAG WA . -43.48 28.26 -50.65
O7 NAG WA . -46.24 24.86 -45.98
C1 NAG WA . -45.74 30.57 -48.40
C2 NAG WA . -46.25 31.18 -49.70
C3 NAG WA . -46.49 32.67 -49.53
C4 NAG WA . -47.42 32.94 -48.35
C5 NAG WA . -46.87 32.28 -47.08
C6 NAG WA . -47.82 32.38 -45.92
C7 NAG WA . -45.72 30.52 -52.00
C8 NAG WA . -44.62 30.32 -53.02
N2 NAG WA . -45.33 30.94 -50.79
O3 NAG WA . -47.06 33.21 -50.72
O4 NAG WA . -47.52 34.34 -48.12
O5 NAG WA . -46.67 30.88 -47.33
O6 NAG WA . -48.54 31.17 -45.72
O7 NAG WA . -46.89 30.30 -52.27
C1 NAG XA . -34.10 16.72 -57.42
C2 NAG XA . -34.75 17.93 -58.11
C3 NAG XA . -36.26 17.88 -57.96
C4 NAG XA . -36.79 16.55 -58.45
C5 NAG XA . -36.11 15.43 -57.68
C6 NAG XA . -36.52 14.06 -58.15
C7 NAG XA . -34.12 20.30 -58.30
C8 NAG XA . -33.56 21.49 -57.58
N2 NAG XA . -34.22 19.18 -57.58
O3 NAG XA . -36.86 18.97 -58.65
O4 NAG XA . -38.20 16.45 -58.24
O5 NAG XA . -34.70 15.52 -57.88
O6 NAG XA . -36.74 14.06 -59.55
O7 NAG XA . -34.45 20.35 -59.48
C1 NAG XA . -38.92 16.57 -59.48
C2 NAG XA . -40.14 15.65 -59.46
C3 NAG XA . -40.96 15.85 -60.73
C4 NAG XA . -41.35 17.31 -60.89
C5 NAG XA . -40.09 18.18 -60.87
C6 NAG XA . -40.40 19.65 -60.90
C7 NAG XA . -40.48 13.40 -58.56
C8 NAG XA . -39.97 11.99 -58.50
N2 NAG XA . -39.77 14.26 -59.29
O3 NAG XA . -42.12 15.02 -60.66
O4 NAG XA . -42.06 17.55 -62.09
O5 NAG XA . -39.34 17.93 -59.68
O6 NAG XA . -40.98 20.06 -59.67
O7 NAG XA . -41.50 13.74 -57.96
C1 BMA XA . -43.53 17.57 -62.04
C2 BMA XA . -44.14 17.88 -60.62
C3 BMA XA . -45.65 17.71 -60.71
C4 BMA XA . -46.24 18.62 -61.81
C5 BMA XA . -45.48 18.45 -63.17
C6 BMA XA . -45.85 19.50 -64.19
O2 BMA XA . -43.94 19.24 -60.24
O3 BMA XA . -46.29 18.00 -59.49
O4 BMA XA . -47.61 18.30 -62.01
O5 BMA XA . -44.04 18.55 -62.96
O6 BMA XA . -46.27 20.67 -63.49
C1 MAN XA . -45.28 21.71 -63.64
C2 MAN XA . -45.47 22.67 -62.44
C3 MAN XA . -46.79 23.44 -62.60
C4 MAN XA . -46.92 24.10 -63.99
C5 MAN XA . -46.70 23.05 -65.09
C6 MAN XA . -46.67 23.64 -66.48
O2 MAN XA . -44.45 23.66 -62.40
O3 MAN XA . -46.97 24.41 -61.57
O4 MAN XA . -48.20 24.68 -64.14
O5 MAN XA . -45.44 22.38 -64.88
O6 MAN XA . -45.35 24.15 -66.71
C1 NAG YA . -23.70 6.83 -69.15
C2 NAG YA . -23.07 5.53 -68.66
C3 NAG YA . -21.76 5.25 -69.39
C4 NAG YA . -22.00 5.23 -70.90
C5 NAG YA . -22.65 6.54 -71.34
C6 NAG YA . -23.05 6.55 -72.80
C7 NAG YA . -23.23 4.63 -66.35
C8 NAG YA . -23.98 3.46 -66.93
N2 NAG YA . -22.84 5.58 -67.22
O3 NAG YA . -21.23 4.01 -68.94
O4 NAG YA . -20.77 5.05 -71.60
O5 NAG YA . -23.86 6.76 -70.59
O6 NAG YA . -24.46 6.53 -72.93
O7 NAG YA . -23.00 4.72 -65.15
C1 NAG YA . -20.68 3.73 -72.19
C2 NAG YA . -19.38 3.10 -71.71
C3 NAG YA . -19.23 1.68 -72.27
C4 NAG YA . -20.46 0.84 -71.94
C5 NAG YA . -21.73 1.55 -72.42
C6 NAG YA . -23.00 0.83 -72.00
C7 NAG YA . -17.11 3.98 -71.39
C8 NAG YA . -16.03 4.88 -71.94
N2 NAG YA . -18.24 3.92 -72.10
O3 NAG YA . -18.07 1.06 -71.71
O4 NAG YA . -20.36 -0.44 -72.57
O5 NAG YA . -21.80 2.87 -71.83
O6 NAG YA . -23.33 1.09 -70.65
O7 NAG YA . -16.96 3.36 -70.35
C1 NAG ZA . -27.64 30.49 -60.34
C2 NAG ZA . -27.77 29.56 -61.54
C3 NAG ZA . -28.37 30.31 -62.72
C4 NAG ZA . -29.69 30.98 -62.34
C5 NAG ZA . -29.51 31.82 -61.08
C6 NAG ZA . -30.82 32.34 -60.54
C7 NAG ZA . -26.25 27.67 -61.75
C8 NAG ZA . -24.87 27.23 -62.16
N2 NAG ZA . -26.50 28.97 -61.88
O3 NAG ZA . -28.57 29.39 -63.79
O4 NAG ZA . -30.13 31.80 -63.42
O5 NAG ZA . -28.92 31.04 -60.03
O6 NAG ZA . -31.54 31.30 -59.90
O7 NAG ZA . -27.08 26.88 -61.33
C1 NAG ZA . -31.29 31.22 -64.04
C2 NAG ZA . -32.01 32.28 -64.87
C3 NAG ZA . -33.22 31.69 -65.57
C4 NAG ZA . -32.81 30.47 -66.40
C5 NAG ZA . -32.06 29.47 -65.53
C6 NAG ZA . -31.51 28.30 -66.31
C7 NAG ZA . -31.71 34.55 -63.97
C8 NAG ZA . -32.27 35.60 -63.06
N2 NAG ZA . -32.41 33.41 -64.04
O3 NAG ZA . -33.82 32.67 -66.40
O4 NAG ZA . -33.96 29.84 -66.95
O5 NAG ZA . -30.93 30.11 -64.90
O6 NAG ZA . -32.31 28.03 -67.46
O7 NAG ZA . -30.68 34.72 -64.61
C1 NAG AB . -10.60 29.84 -19.71
C2 NAG AB . -10.09 31.22 -19.31
C3 NAG AB . -10.74 31.68 -18.00
C4 NAG AB . -12.25 31.48 -17.99
C5 NAG AB . -12.60 30.07 -18.45
C6 NAG AB . -14.08 29.81 -18.62
C7 NAG AB . -7.87 32.24 -19.51
C8 NAG AB . -6.40 32.05 -19.30
N2 NAG AB . -8.64 31.21 -19.18
O3 NAG AB . -10.45 33.05 -17.79
O4 NAG AB . -12.70 31.68 -16.66
O5 NAG AB . -11.99 29.83 -19.73
O6 NAG AB . -14.75 30.94 -19.16
O7 NAG AB . -8.34 33.28 -19.94
C1 NAG AB . -13.75 32.66 -16.42
C2 NAG AB . -14.36 32.27 -15.07
C3 NAG AB . -15.53 33.19 -14.75
C4 NAG AB . -15.09 34.65 -14.79
C5 NAG AB . -14.39 34.97 -16.10
C6 NAG AB . -13.78 36.35 -16.13
C7 NAG AB . -14.63 30.10 -13.97
C8 NAG AB . -15.12 28.70 -14.11
N2 NAG AB . -14.78 30.89 -15.06
O3 NAG AB . -16.02 32.82 -13.47
O4 NAG AB . -16.23 35.51 -14.75
O5 NAG AB . -13.33 34.03 -16.37
O6 NAG AB . -14.10 37.01 -17.34
O7 NAG AB . -14.15 30.53 -12.93
C1 BMA AB . -16.88 35.91 -13.51
C2 BMA AB . -15.97 35.91 -12.23
C3 BMA AB . -16.90 36.27 -11.04
C4 BMA AB . -17.52 37.67 -11.27
C5 BMA AB . -18.27 37.70 -12.63
C6 BMA AB . -18.77 39.08 -13.04
O2 BMA AB . -15.03 36.94 -12.33
O3 BMA AB . -16.33 36.19 -9.68
O4 BMA AB . -18.42 37.97 -10.24
O5 BMA AB . -17.39 37.24 -13.68
O6 BMA AB . -17.87 40.09 -12.59
C1 MAN AB . -15.19 35.33 -9.46
C2 MAN AB . -15.54 34.12 -8.58
C3 MAN AB . -16.06 34.68 -7.27
C4 MAN AB . -14.95 35.47 -6.57
C5 MAN AB . -14.44 36.59 -7.49
C6 MAN AB . -13.15 37.14 -6.99
O2 MAN AB . -14.35 33.41 -8.21
O3 MAN AB . -16.54 33.65 -6.39
O4 MAN AB . -15.46 36.04 -5.37
O5 MAN AB . -14.16 36.08 -8.84
O6 MAN AB . -12.13 36.20 -7.31
C1 MAN AB . -14.45 31.98 -8.38
C2 MAN AB . -13.94 31.29 -7.09
C3 MAN AB . -12.45 31.51 -6.96
C4 MAN AB . -11.72 30.98 -8.20
C5 MAN AB . -12.27 31.72 -9.44
C6 MAN AB . -11.69 31.20 -10.73
O2 MAN AB . -14.05 29.87 -7.18
O3 MAN AB . -11.93 30.88 -5.81
O4 MAN AB . -10.34 31.19 -8.09
O5 MAN AB . -13.72 31.55 -9.51
O6 MAN AB . -12.46 30.08 -11.14
C1 MAN AB . -15.09 29.40 -6.31
C2 MAN AB . -14.73 27.94 -5.90
C3 MAN AB . -14.97 26.97 -7.07
C4 MAN AB . -16.33 27.21 -7.78
C5 MAN AB . -16.45 28.67 -8.18
C6 MAN AB . -17.77 29.01 -8.82
O2 MAN AB . -15.57 27.49 -4.85
O3 MAN AB . -14.87 25.63 -6.63
O4 MAN AB . -16.41 26.40 -8.94
O5 MAN AB . -16.35 29.47 -6.97
O6 MAN AB . -17.81 30.42 -9.02
C1 MAN AB . -16.87 40.50 -13.58
C2 MAN AB . -16.52 41.99 -13.25
C3 MAN AB . -17.53 42.88 -13.92
C4 MAN AB . -17.38 42.74 -15.40
C5 MAN AB . -17.92 41.36 -15.78
C6 MAN AB . -17.66 41.03 -17.23
O2 MAN AB . -15.28 42.33 -13.84
O3 MAN AB . -17.39 44.23 -13.52
O4 MAN AB . -18.13 43.73 -16.06
O5 MAN AB . -17.27 40.29 -14.98
O6 MAN AB . -16.32 40.56 -17.34
C1 MAN AB . -18.58 44.61 -12.80
C2 MAN AB . -18.64 46.17 -12.77
C3 MAN AB . -17.54 46.69 -11.85
C4 MAN AB . -17.64 46.08 -10.45
C5 MAN AB . -17.58 44.55 -10.55
C6 MAN AB . -17.81 43.85 -9.24
O2 MAN AB . -19.85 46.61 -12.16
O3 MAN AB . -17.57 48.11 -11.77
O4 MAN AB . -16.58 46.54 -9.64
O5 MAN AB . -18.60 44.07 -11.48
O6 MAN AB . -19.20 43.93 -8.95
C1 NAG BB . -1.28 -5.99 -62.01
C2 NAG BB . 0.01 -6.02 -61.19
C3 NAG BB . 1.20 -5.74 -62.09
C4 NAG BB . 1.23 -6.72 -63.26
C5 NAG BB . -0.12 -6.76 -63.98
C6 NAG BB . -0.21 -7.88 -64.99
C7 NAG BB . 0.31 -5.39 -58.84
C8 NAG BB . 0.20 -4.30 -57.82
N2 NAG BB . -0.04 -5.07 -60.09
O3 NAG BB . 2.40 -5.85 -61.33
O4 NAG BB . 2.28 -6.40 -64.16
O5 NAG BB . -1.19 -6.97 -63.05
O6 NAG BB . -0.48 -9.12 -64.34
O7 NAG BB . 0.70 -6.52 -58.54
C1 BMA BB . 2.20 -5.07 -64.74
C2 BMA BB . 3.56 -4.32 -64.57
C3 BMA BB . 3.42 -2.92 -65.15
C4 BMA BB . 2.90 -2.95 -66.62
C5 BMA BB . 1.62 -3.82 -66.72
C6 BMA BB . 1.21 -4.05 -68.16
O2 BMA BB . 4.59 -4.98 -65.29
O3 BMA BB . 4.65 -2.20 -65.09
O4 BMA BB . 2.61 -1.63 -67.04
O5 BMA BB . 1.87 -5.10 -66.13
O6 BMA BB . 2.08 -5.02 -68.71
C1 NAG CB . -21.92 -12.22 -60.62
C2 NAG CB . -21.80 -11.38 -61.87
C3 NAG CB . -22.88 -11.74 -62.88
C4 NAG CB . -22.89 -13.25 -63.14
C5 NAG CB . -22.97 -14.02 -61.83
C6 NAG CB . -22.84 -15.51 -62.01
C7 NAG CB . -21.15 -9.03 -62.16
C8 NAG CB . -21.33 -7.63 -61.68
N2 NAG CB . -21.86 -9.97 -61.54
O3 NAG CB . -22.64 -11.03 -64.08
O4 NAG CB . -24.02 -13.59 -63.94
O5 NAG CB . -21.91 -13.61 -60.96
O6 NAG CB . -21.90 -15.81 -63.03
O7 NAG CB . -20.40 -9.30 -63.09
C1 NAG CB . -23.61 -13.93 -65.28
C2 NAG CB . -24.72 -14.76 -65.92
C3 NAG CB . -24.38 -15.08 -67.37
C4 NAG CB . -24.06 -13.81 -68.14
C5 NAG CB . -22.98 -13.01 -67.43
C6 NAG CB . -22.72 -11.68 -68.07
C7 NAG CB . -26.16 -16.38 -64.77
C8 NAG CB . -26.21 -17.66 -64.00
N2 NAG CB . -24.95 -15.99 -65.16
O3 NAG CB . -25.48 -15.75 -67.97
O4 NAG CB . -23.62 -14.15 -69.46
O5 NAG CB . -23.38 -12.75 -66.08
O6 NAG CB . -23.90 -11.13 -68.62
O7 NAG CB . -27.17 -15.73 -65.02
C1 NAG DB . 25.04 -13.01 -40.28
C2 NAG DB . 24.07 -12.15 -41.08
C3 NAG DB . 23.91 -12.68 -42.50
C4 NAG DB . 25.26 -12.91 -43.17
C5 NAG DB . 26.15 -13.76 -42.26
C6 NAG DB . 27.55 -13.95 -42.78
C7 NAG DB . 22.22 -10.96 -40.00
C8 NAG DB . 20.88 -11.09 -39.34
N2 NAG DB . 22.77 -12.10 -40.42
O3 NAG DB . 23.14 -11.76 -43.27
O4 NAG DB . 25.05 -13.57 -44.41
O5 NAG DB . 26.26 -13.12 -40.99
O6 NAG DB . 27.59 -14.85 -43.87
O7 NAG DB . 22.76 -9.87 -40.15
C1 NAG DB . 25.53 -12.77 -45.52
C2 NAG DB . 25.44 -13.63 -46.79
C3 NAG DB . 25.93 -12.84 -47.99
C4 NAG DB . 25.27 -11.47 -48.09
C5 NAG DB . 25.29 -10.73 -46.74
C6 NAG DB . 24.45 -9.48 -46.73
C7 NAG DB . 25.63 -16.05 -46.45
C8 NAG DB . 26.56 -17.21 -46.31
N2 NAG DB . 26.20 -14.85 -46.63
O3 NAG DB . 25.70 -13.59 -49.16
O4 NAG DB . 26.02 -10.71 -49.04
O5 NAG DB . 24.78 -11.57 -45.70
O6 NAG DB . 23.11 -9.75 -47.14
O7 NAG DB . 24.40 -16.18 -46.40
C1 BMA DB . 25.34 -10.16 -50.22
C2 BMA DB . 25.25 -11.21 -51.41
C3 BMA DB . 24.63 -10.54 -52.64
C4 BMA DB . 23.36 -9.69 -52.30
C5 BMA DB . 23.59 -8.82 -51.04
C6 BMA DB . 22.37 -8.03 -50.63
O2 BMA DB . 24.40 -12.32 -51.11
O3 BMA DB . 24.27 -11.51 -53.60
O4 BMA DB . 23.06 -8.84 -53.40
O5 BMA DB . 24.02 -9.67 -49.96
O6 BMA DB . 22.26 -6.92 -51.52
C1 MAN DB . 25.18 -11.41 -54.72
C2 MAN DB . 24.43 -11.97 -55.96
C3 MAN DB . 24.26 -13.49 -55.83
C4 MAN DB . 25.58 -14.22 -55.46
C5 MAN DB . 26.21 -13.55 -54.22
C6 MAN DB . 27.59 -14.10 -53.89
O2 MAN DB . 25.17 -11.76 -57.16
O3 MAN DB . 23.72 -14.06 -57.01
O4 MAN DB . 25.32 -15.57 -55.18
O5 MAN DB . 26.37 -12.12 -54.46
O6 MAN DB . 28.21 -13.21 -52.96
C1 MAN DB . 22.55 -5.70 -50.79
C2 MAN DB . 21.96 -4.50 -51.61
C3 MAN DB . 22.88 -4.11 -52.79
C4 MAN DB . 24.37 -4.01 -52.36
C5 MAN DB . 24.79 -5.33 -51.71
C6 MAN DB . 26.24 -5.33 -51.25
O2 MAN DB . 21.83 -3.33 -50.82
O3 MAN DB . 22.46 -2.90 -53.40
O4 MAN DB . 25.18 -3.76 -53.49
O5 MAN DB . 23.95 -5.56 -50.54
O6 MAN DB . 27.05 -4.90 -52.34
C1 NAG EB . 31.29 17.16 -27.24
C2 NAG EB . 32.68 16.57 -27.15
C3 NAG EB . 33.72 17.67 -27.35
C4 NAG EB . 33.46 18.46 -28.63
C5 NAG EB . 32.00 18.92 -28.69
C6 NAG EB . 31.62 19.53 -30.01
C7 NAG EB . 33.21 14.62 -25.77
C8 NAG EB . 33.38 14.09 -24.39
N2 NAG EB . 32.89 15.91 -25.89
O3 NAG EB . 35.02 17.10 -27.40
O4 NAG EB . 34.26 19.64 -28.64
O5 NAG EB . 31.12 17.80 -28.49
O6 NAG EB . 30.88 20.73 -29.83
O7 NAG EB . 33.35 13.91 -26.77
C1 NAG EB . 35.33 19.60 -29.58
C2 NAG EB . 36.01 20.97 -29.52
C3 NAG EB . 37.24 21.00 -30.42
C4 NAG EB . 38.18 19.84 -30.10
C5 NAG EB . 37.42 18.52 -30.18
C6 NAG EB . 38.25 17.34 -29.75
C7 NAG EB . 35.06 23.22 -29.27
C8 NAG EB . 34.04 24.19 -29.78
N2 NAG EB . 35.08 22.03 -29.88
O3 NAG EB . 37.92 22.24 -30.23
O4 NAG EB . 39.33 19.81 -30.95
O5 NAG EB . 36.29 18.57 -29.29
O6 NAG EB . 37.98 16.98 -28.40
O7 NAG EB . 35.82 23.50 -28.36
C1 BMA EB . 39.06 19.95 -32.37
C2 BMA EB . 40.11 20.96 -32.94
C3 BMA EB . 39.98 21.06 -34.47
C4 BMA EB . 39.90 19.66 -35.15
C5 BMA EB . 38.81 18.81 -34.48
C6 BMA EB . 38.73 17.41 -35.05
O2 BMA EB . 41.43 20.51 -32.68
O3 BMA EB . 41.03 21.81 -35.03
O4 BMA EB . 39.60 19.82 -36.53
O5 BMA EB . 39.13 18.70 -33.07
O6 BMA EB . 39.87 16.68 -34.60
C1 NAG FB . 31.27 41.69 -13.21
C2 NAG FB . 31.76 42.84 -14.09
C3 NAG FB . 32.12 44.05 -13.24
C4 NAG FB . 30.96 44.44 -12.32
C5 NAG FB . 30.52 43.23 -11.51
C6 NAG FB . 29.29 43.48 -10.67
C7 NAG FB . 32.83 42.20 -16.20
C8 NAG FB . 34.11 41.78 -16.86
N2 NAG FB . 32.91 42.43 -14.89
O3 NAG FB . 32.47 45.15 -14.08
O4 NAG FB . 31.37 45.48 -11.44
O5 NAG FB . 30.18 42.15 -12.39
O6 NAG FB . 28.37 42.41 -10.75
O7 NAG FB . 31.78 42.31 -16.82
C1 NAG FB . 30.72 46.74 -11.73
C2 NAG FB . 31.79 47.82 -11.86
C3 NAG FB . 31.16 49.16 -12.18
C4 NAG FB . 30.27 49.06 -13.42
C5 NAG FB . 29.24 47.94 -13.26
C6 NAG FB . 28.44 47.68 -14.51
C7 NAG FB . 33.78 47.28 -10.52
C8 NAG FB . 34.47 47.48 -9.21
N2 NAG FB . 32.59 47.90 -10.66
O3 NAG FB . 32.18 50.12 -12.39
O4 NAG FB . 29.59 50.29 -13.64
O5 NAG FB . 29.91 46.70 -12.94
O6 NAG FB . 28.95 46.57 -15.24
O7 NAG FB . 34.26 46.60 -11.42
C1 NAG GB . 33.85 32.46 4.80
C2 NAG GB . 33.19 33.36 3.75
C3 NAG GB . 34.08 33.51 2.51
C4 NAG GB . 35.47 33.97 2.91
C5 NAG GB . 36.07 33.05 3.98
C6 NAG GB . 37.38 33.54 4.53
C7 NAG GB . 31.46 31.80 2.82
C8 NAG GB . 29.99 31.66 2.58
N2 NAG GB . 31.84 32.96 3.40
O3 NAG GB . 33.48 34.44 1.61
O4 NAG GB . 36.39 34.23 1.85
O5 NAG GB . 35.17 32.95 5.10
O6 NAG GB . 37.36 33.63 5.94
O7 NAG GB . 32.26 30.91 2.52
C1 NAG GB . 36.53 33.64 0.48
C2 NAG GB . 36.90 32.14 0.54
C3 NAG GB . 37.05 31.57 -0.86
C4 NAG GB . 35.80 31.82 -1.68
C5 NAG GB . 35.50 33.32 -1.73
C6 NAG GB . 34.22 33.63 -2.48
C7 NAG GB . 38.32 30.87 2.09
C8 NAG GB . 39.63 30.82 2.81
N2 NAG GB . 38.11 31.93 1.32
O3 NAG GB . 37.31 30.16 -0.79
O4 NAG GB . 35.98 31.32 -3.01
O5 NAG GB . 35.33 33.82 -0.40
O6 NAG GB . 33.51 32.46 -2.84
O7 NAG GB . 37.49 29.98 2.20
C1 NAG HB . 50.63 37.89 28.54
C2 NAG HB . 51.85 37.84 27.61
C3 NAG HB . 52.91 38.85 28.05
C4 NAG HB . 52.30 40.24 28.12
C5 NAG HB . 51.11 40.22 29.08
C6 NAG HB . 50.37 41.53 29.16
C7 NAG HB . 52.94 35.72 28.44
C8 NAG HB . 53.44 34.38 27.99
N2 NAG HB . 52.41 36.50 27.47
O3 NAG HB . 53.99 38.82 27.13
O4 NAG HB . 53.26 41.20 28.55
O5 NAG HB . 50.15 39.25 28.63
O6 NAG HB . 48.99 41.34 29.38
O7 NAG HB . 53.02 36.09 29.61
C1 NAG HB . 53.59 42.05 27.42
C2 NAG HB . 54.35 43.31 27.88
C3 NAG HB . 54.80 44.15 26.68
C4 NAG HB . 55.54 43.30 25.66
C5 NAG HB . 54.70 42.08 25.27
C6 NAG HB . 55.41 41.14 24.34
C7 NAG HB . 53.52 43.94 30.10
C8 NAG HB . 52.64 44.86 30.88
N2 NAG HB . 53.54 44.11 28.78
O3 NAG HB . 55.63 45.21 27.13
O4 NAG HB . 55.82 44.07 24.50
O5 NAG HB . 54.38 41.33 26.45
O6 NAG HB . 54.88 41.23 23.02
O7 NAG HB . 54.19 43.07 30.66
C1 NAG IB . 31.69 46.83 28.64
C2 NAG IB . 30.73 47.98 28.38
C3 NAG IB . 31.29 49.26 28.98
C4 NAG IB . 31.59 49.07 30.46
C5 NAG IB . 32.50 47.85 30.65
C6 NAG IB . 32.77 47.51 32.10
C7 NAG IB . 29.25 48.42 26.48
C8 NAG IB . 29.16 48.54 24.99
N2 NAG IB . 30.46 48.14 26.96
O3 NAG IB . 30.33 50.29 28.76
O4 NAG IB . 32.28 50.18 31.02
O5 NAG IB . 31.91 46.69 30.05
O6 NAG IB . 31.56 47.34 32.82
O7 NAG IB . 28.29 48.59 27.21
C1 NAG IB . 31.36 51.05 31.70
C2 NAG IB . 31.83 51.38 33.13
C3 NAG IB . 30.86 52.37 33.78
C4 NAG IB . 30.71 53.61 32.91
C5 NAG IB . 30.29 53.23 31.49
C6 NAG IB . 30.27 54.40 30.54
C7 NAG IB . 32.88 50.04 34.90
C8 NAG IB . 32.87 48.74 35.63
N2 NAG IB . 31.96 50.18 33.94
O3 NAG IB . 31.34 52.74 35.07
O4 NAG IB . 29.71 54.46 33.47
O5 NAG IB . 31.23 52.28 30.95
O6 NAG IB . 31.56 54.65 29.98
O7 NAG IB . 33.68 50.93 35.16
C1 NAG JB . -4.76 43.57 34.64
C2 NAG JB . -5.83 43.02 33.71
C3 NAG JB . -6.77 44.13 33.28
C4 NAG JB . -7.35 44.85 34.50
C5 NAG JB . -6.23 45.34 35.41
C6 NAG JB . -6.72 45.94 36.71
C7 NAG JB . -5.48 41.07 32.26
C8 NAG JB . -4.81 40.56 31.03
N2 NAG JB . -5.26 42.36 32.55
O3 NAG JB . -7.81 43.59 32.48
O4 NAG JB . -8.11 45.99 34.07
O5 NAG JB . -5.37 44.24 35.76
O6 NAG JB . -6.43 47.32 36.77
O7 NAG JB . -6.19 40.37 32.96
C1 NAG JB . -9.53 45.77 34.20
C2 NAG JB . -10.25 47.11 34.03
C3 NAG JB . -11.76 46.92 34.11
C4 NAG JB . -12.22 45.88 33.10
C5 NAG JB . -11.43 44.58 33.29
C6 NAG JB . -11.74 43.53 32.23
C7 NAG JB . -8.85 48.98 34.80
C8 NAG JB . -8.51 49.88 35.95
N2 NAG JB . -9.81 48.07 35.04
O3 NAG JB . -12.40 48.16 33.85
O4 NAG JB . -13.60 45.61 33.27
O5 NAG JB . -10.02 44.84 33.22
O6 NAG JB . -13.11 43.58 31.85
O7 NAG JB . -8.29 49.07 33.72
C1 NAG KB . 4.85 47.56 24.25
C2 NAG KB . 4.38 48.99 24.45
C3 NAG KB . 3.00 49.18 23.82
C4 NAG KB . 2.97 48.70 22.38
C5 NAG KB . 3.54 47.29 22.27
C6 NAG KB . 3.72 46.81 20.85
C7 NAG KB . 5.36 49.94 26.49
C8 NAG KB . 5.16 50.22 27.94
N2 NAG KB . 4.35 49.33 25.87
O3 NAG KB . 2.67 50.56 23.88
O4 NAG KB . 1.63 48.71 21.92
O5 NAG KB . 4.84 47.24 22.88
O6 NAG KB . 5.09 46.82 20.49
O7 NAG KB . 6.39 50.23 25.90
C1 NAG KB . 1.49 49.70 20.87
C2 NAG KB . 0.39 49.25 19.91
C3 NAG KB . 0.24 50.27 18.79
C4 NAG KB . 0.03 51.67 19.35
C5 NAG KB . 1.10 52.01 20.39
C6 NAG KB . 0.84 53.30 21.12
C7 NAG KB . -0.23 46.94 19.37
C8 NAG KB . 0.23 45.64 18.77
N2 NAG KB . 0.67 47.93 19.37
O3 NAG KB . -0.86 49.90 17.97
O4 NAG KB . 0.15 52.62 18.28
O5 NAG KB . 1.17 50.99 21.39
O6 NAG KB . 1.48 53.32 22.39
O7 NAG KB . -1.35 47.08 19.83
C1 BMA KB . -1.12 53.23 17.96
C2 BMA KB . -0.82 54.30 16.90
C3 BMA KB . -2.12 54.92 16.38
C4 BMA KB . -3.13 53.85 15.95
C5 BMA KB . -3.36 52.84 17.10
C6 BMA KB . -4.29 51.71 16.72
O2 BMA KB . -0.14 53.75 15.78
O3 BMA KB . -1.88 55.82 15.31
O4 BMA KB . -4.37 54.45 15.60
O5 BMA KB . -2.08 52.28 17.47
O6 BMA KB . -5.31 52.24 15.88
C1 MAN KB . -1.99 57.18 15.78
C2 MAN KB . -2.29 58.08 14.56
C3 MAN KB . -1.03 58.26 13.68
C4 MAN KB . 0.21 58.64 14.52
C5 MAN KB . 0.41 57.64 15.67
C6 MAN KB . 1.55 58.01 16.60
O2 MAN KB . -2.67 59.40 14.96
O3 MAN KB . -1.23 59.21 12.65
O4 MAN KB . 1.37 58.63 13.70
O5 MAN KB . -0.81 57.60 16.46
O6 MAN KB . 1.10 59.00 17.51
C1 NAG LB . 24.35 30.91 17.51
C2 NAG LB . 25.76 30.87 16.96
C3 NAG LB . 26.27 32.28 16.72
C4 NAG LB . 25.32 33.04 15.80
C5 NAG LB . 23.87 32.95 16.29
C6 NAG LB . 22.88 33.49 15.30
C7 NAG LB . 27.05 30.33 19.05
C8 NAG LB . 28.02 29.35 19.64
N2 NAG LB . 26.68 30.08 17.78
O3 NAG LB . 27.57 32.18 16.14
O4 NAG LB . 25.66 34.42 15.75
O5 NAG LB . 23.49 31.58 16.56
O6 NAG LB . 22.06 32.45 14.77
O7 NAG LB . 26.63 31.29 19.71
C1 NAG LB . 26.53 34.89 14.69
C2 NAG LB . 26.86 36.34 15.07
C3 NAG LB . 27.94 36.94 14.16
C4 NAG LB . 29.13 35.99 13.99
C5 NAG LB . 28.62 34.63 13.56
C6 NAG LB . 29.73 33.61 13.44
C7 NAG LB . 25.42 38.18 15.84
C8 NAG LB . 24.12 38.91 15.62
N2 NAG LB . 25.65 37.16 15.01
O3 NAG LB . 28.36 38.15 14.79
O4 NAG LB . 30.13 36.39 13.04
O5 NAG LB . 27.73 34.14 14.56
O6 NAG LB . 30.68 33.76 14.48
O7 NAG LB . 26.21 38.52 16.70
C1 BMA LB . 29.99 37.50 12.12
C2 BMA LB . 31.19 38.43 12.43
C3 BMA LB . 31.45 39.46 11.32
C4 BMA LB . 31.30 38.86 9.91
C5 BMA LB . 29.94 38.18 9.80
C6 BMA LB . 29.66 37.64 8.41
O2 BMA LB . 32.39 37.68 12.57
O3 BMA LB . 32.74 40.02 11.46
O4 BMA LB . 31.41 39.88 8.93
O5 BMA LB . 29.93 37.08 10.76
O6 BMA LB . 30.23 38.55 7.47
C1 MAN LB . 32.62 41.46 11.58
C2 MAN LB . 33.87 42.07 10.94
C3 MAN LB . 35.10 41.77 11.81
C4 MAN LB . 34.88 42.19 13.28
C5 MAN LB . 33.60 41.51 13.81
C6 MAN LB . 33.24 41.97 15.22
O2 MAN LB . 33.78 43.50 10.88
O3 MAN LB . 36.28 42.39 11.29
O4 MAN LB . 35.99 41.80 14.06
O5 MAN LB . 32.48 41.84 12.95
O6 MAN LB . 32.77 43.32 15.14
C1 MAN LB . 29.55 38.51 6.21
C2 MAN LB . 30.62 38.61 5.10
C3 MAN LB . 31.24 40.02 5.13
C4 MAN LB . 30.17 41.11 5.05
C5 MAN LB . 29.14 40.91 6.18
C6 MAN LB . 27.97 41.87 6.07
O2 MAN LB . 30.05 38.47 3.81
O3 MAN LB . 32.20 40.18 4.09
O4 MAN LB . 30.76 42.39 5.17
O5 MAN LB . 28.60 39.57 6.12
O6 MAN LB . 27.22 41.52 4.91
C1 NAG MB . 53.59 20.99 35.82
C2 NAG MB . 53.51 22.29 35.02
C3 NAG MB . 53.59 22.00 33.52
C4 NAG MB . 54.82 21.17 33.20
C5 NAG MB . 54.85 19.90 34.05
C6 NAG MB . 56.11 19.09 33.89
C7 NAG MB . 51.05 22.78 35.19
C8 NAG MB . 50.07 23.82 35.62
N2 NAG MB . 52.35 23.10 35.35
O3 NAG MB . 53.63 23.23 32.80
O4 NAG MB . 54.80 20.80 31.82
O5 NAG MB . 54.77 20.25 35.44
O6 NAG MB . 57.25 19.89 34.15
O7 NAG MB . 50.68 21.70 34.74
C1 NAG MB . 55.84 21.45 31.07
C2 NAG MB . 56.32 20.51 29.97
C3 NAG MB . 57.38 21.18 29.11
C4 NAG MB . 56.86 22.50 28.56
C5 NAG MB . 56.38 23.39 29.71
C6 NAG MB . 55.73 24.67 29.23
C7 NAG MB . 56.41 18.06 30.15
C8 NAG MB . 57.04 16.89 30.84
N2 NAG MB . 56.83 19.27 30.54
O3 NAG MB . 57.72 20.31 28.03
O4 NAG MB . 57.88 23.17 27.85
O5 NAG MB . 55.39 22.69 30.48
O6 NAG MB . 55.38 24.59 27.85
O7 NAG MB . 55.55 17.93 29.28
C1 NAG NB . 60.77 29.46 41.92
C2 NAG NB . 60.80 29.46 40.41
C3 NAG NB . 61.38 28.15 39.89
C4 NAG NB . 62.74 27.87 40.53
C5 NAG NB . 62.66 27.99 42.05
C6 NAG NB . 64.01 27.94 42.72
C7 NAG NB . 59.26 30.31 38.69
C8 NAG NB . 57.83 30.46 38.27
N2 NAG NB . 59.47 29.69 39.85
O3 NAG NB . 61.50 28.20 38.47
O4 NAG NB . 63.15 26.54 40.26
O5 NAG NB . 62.09 29.26 42.42
O6 NAG NB . 64.44 29.24 43.11
O7 NAG NB . 60.19 30.71 38.00
C1 NAG NB . 64.18 26.39 39.28
C2 NAG NB . 64.18 24.91 38.91
C3 NAG NB . 65.13 24.61 37.74
C4 NAG NB . 64.85 25.55 36.57
C5 NAG NB . 64.96 26.99 37.05
C6 NAG NB . 64.65 28.00 35.97
C7 NAG NB . 64.06 22.87 40.28
C8 NAG NB . 64.53 22.19 41.52
N2 NAG NB . 64.54 24.10 40.07
O3 NAG NB . 64.95 23.27 37.33
O4 NAG NB . 65.66 25.31 35.43
O5 NAG NB . 64.01 27.19 38.10
O6 NAG NB . 63.41 28.64 36.21
O7 NAG NB . 63.28 22.34 39.50
C1 BMA NB . 67.08 25.08 35.62
C2 BMA NB . 67.42 23.70 35.00
C3 BMA NB . 68.93 23.45 35.07
C4 BMA NB . 69.71 24.62 34.46
C5 BMA NB . 69.31 25.95 35.15
C6 BMA NB . 69.99 27.16 34.53
O2 BMA NB . 67.07 23.66 33.63
O3 BMA NB . 69.27 22.24 34.42
O4 BMA NB . 71.10 24.40 34.61
O5 BMA NB . 67.87 26.12 35.05
O6 BMA NB . 70.06 28.17 35.52
C1 NAG OB . 31.41 -48.16 -1.85
C2 NAG OB . 30.37 -47.94 -0.73
C3 NAG OB . 29.51 -49.19 -0.55
C4 NAG OB . 28.86 -49.59 -1.87
C5 NAG OB . 29.95 -49.77 -2.94
C6 NAG OB . 29.37 -50.04 -4.30
C7 NAG OB . 30.73 -46.48 1.22
C8 NAG OB . 31.49 -46.28 2.50
N2 NAG OB . 31.02 -47.59 0.54
O3 NAG OB . 28.49 -48.93 0.42
O4 NAG OB . 28.13 -50.80 -1.71
O5 NAG OB . 30.73 -48.58 -3.05
O6 NAG OB . 28.17 -49.30 -4.51
O7 NAG OB . 29.90 -45.66 0.84
C1 NAG PB . 49.90 -32.10 -21.43
C2 NAG PB . 50.82 -33.27 -21.79
C3 NAG PB . 52.25 -32.77 -22.08
C4 NAG PB . 52.24 -31.65 -23.10
C5 NAG PB . 51.32 -30.54 -22.64
C6 NAG PB . 51.16 -29.43 -23.64
C7 NAG PB . 51.05 -35.57 -20.98
C8 NAG PB . 51.05 -36.46 -19.77
N2 NAG PB . 50.84 -34.27 -20.74
O3 NAG PB . 53.06 -33.84 -22.55
O4 NAG PB . 53.55 -31.14 -23.27
O5 NAG PB . 49.99 -31.08 -22.43
O6 NAG PB . 49.82 -28.97 -23.71
O7 NAG PB . 51.23 -36.01 -22.11
C1 NAG QB . 39.33 -52.92 -26.91
C2 NAG QB . 39.19 -53.07 -28.43
C3 NAG QB . 38.55 -54.41 -28.76
C4 NAG QB . 39.34 -55.55 -28.15
C5 NAG QB . 39.49 -55.34 -26.65
C6 NAG QB . 40.39 -56.36 -25.99
C7 NAG QB . 38.89 -51.24 -30.02
C8 NAG QB . 37.99 -50.14 -30.49
N2 NAG QB . 38.44 -51.97 -29.00
O3 NAG QB . 38.50 -54.56 -30.18
O4 NAG QB . 38.69 -56.79 -28.40
O5 NAG QB . 40.06 -54.05 -26.38
O6 NAG QB . 41.29 -56.93 -26.94
O7 NAG QB . 39.98 -51.46 -30.55
C1 NAG RB . -24.77 -46.00 -25.46
C2 NAG RB . -25.96 -46.97 -25.72
C3 NAG RB . -25.81 -48.22 -24.89
C4 NAG RB . -24.46 -48.88 -25.14
C5 NAG RB . -23.36 -47.88 -24.85
C6 NAG RB . -21.98 -48.42 -25.15
C7 NAG RB . -28.39 -46.63 -25.99
C8 NAG RB . -29.58 -45.85 -25.52
N2 NAG RB . -27.23 -46.31 -25.41
O3 NAG RB . -26.85 -49.14 -25.21
O4 NAG RB . -24.32 -50.00 -24.28
O5 NAG RB . -23.53 -46.71 -25.66
O6 NAG RB . -22.01 -49.32 -26.25
O7 NAG RB . -28.49 -47.50 -26.85
C1 NAG SB . -36.40 -41.27 -32.08
C2 NAG SB . -37.32 -41.44 -33.29
C3 NAG SB . -38.23 -42.65 -33.10
C4 NAG SB . -37.40 -43.90 -32.79
C5 NAG SB . -36.50 -43.62 -31.59
C6 NAG SB . -35.56 -44.76 -31.27
C7 NAG SB . -37.77 -39.31 -34.42
C8 NAG SB . -38.69 -38.14 -34.53
N2 NAG SB . -38.10 -40.24 -33.52
O3 NAG SB . -39.00 -42.87 -34.28
O4 NAG SB . -38.26 -44.98 -32.48
O5 NAG SB . -35.67 -42.47 -31.86
O6 NAG SB . -34.87 -44.55 -30.05
O7 NAG SB . -36.76 -39.42 -35.12
C1 NAG TB . -6.04 -45.76 0.55
C2 NAG TB . -6.26 -46.98 1.45
C3 NAG TB . -6.27 -48.26 0.62
C4 NAG TB . -7.25 -48.15 -0.54
C5 NAG TB . -7.00 -46.87 -1.34
C6 NAG TB . -8.02 -46.63 -2.42
C7 NAG TB . -3.98 -47.16 2.48
C8 NAG TB . -3.26 -47.20 3.79
N2 NAG TB . -5.31 -47.05 2.56
O3 NAG TB . -6.61 -49.37 1.44
O4 NAG TB . -7.10 -49.27 -1.41
O5 NAG TB . -7.05 -45.72 -0.47
O6 NAG TB . -7.53 -47.05 -3.69
O7 NAG TB . -3.36 -47.23 1.41
C1 NAG UB . -15.11 -41.41 21.41
C2 NAG UB . -14.21 -42.17 20.43
C3 NAG UB . -13.04 -42.84 21.16
C4 NAG UB . -12.29 -41.82 22.01
C5 NAG UB . -13.25 -41.08 22.94
C6 NAG UB . -12.57 -39.98 23.74
C7 NAG UB . -15.67 -44.19 20.05
C8 NAG UB . -16.33 -45.00 18.98
N2 NAG UB . -14.96 -43.14 19.61
O3 NAG UB . -12.16 -43.42 20.20
O4 NAG UB . -11.30 -42.49 22.78
O5 NAG UB . -14.29 -40.46 22.18
O6 NAG UB . -11.27 -40.39 24.16
O7 NAG UB . -15.78 -44.49 21.24
C1 NAG VB . 37.59 30.99 74.15
C2 NAG VB . 36.79 30.37 75.29
C3 NAG VB . 36.64 31.37 76.44
C4 NAG VB . 38.00 31.89 76.88
C5 NAG VB . 38.79 32.45 75.69
C6 NAG VB . 40.21 32.80 76.05
C7 NAG VB . 35.24 28.63 74.52
C8 NAG VB . 33.85 28.32 74.07
N2 NAG VB . 35.49 29.91 74.83
O3 NAG VB . 35.99 30.74 77.53
O4 NAG VB . 37.84 32.88 77.89
O5 NAG VB . 38.87 31.47 74.65
O6 NAG VB . 41.11 31.83 75.53
O7 NAG VB . 36.12 27.77 74.60
C1 NAG WB . -49.85 0.38 28.73
C2 NAG WB . -49.23 1.69 28.20
C3 NAG WB . -50.28 2.53 27.48
C4 NAG WB . -50.97 1.72 26.39
C5 NAG WB . -51.53 0.43 26.97
C6 NAG WB . -52.09 -0.49 25.90
C7 NAG WB . -47.34 2.86 29.27
C8 NAG WB . -46.89 3.65 30.46
N2 NAG WB . -48.62 2.46 29.27
O3 NAG WB . -49.68 3.69 26.92
O4 NAG WB . -52.00 2.48 25.78
O5 NAG WB . -50.50 -0.31 27.64
O6 NAG WB . -51.32 -0.44 24.72
O7 NAG WB . -46.57 2.60 28.34
C1 NAG XB . -41.55 -28.39 38.05
C2 NAG XB . -42.85 -28.73 38.77
C3 NAG XB . -42.60 -29.65 39.97
C4 NAG XB . -41.80 -30.86 39.55
C5 NAG XB . -40.52 -30.42 38.87
C6 NAG XB . -39.70 -31.57 38.32
C7 NAG XB . -44.87 -27.42 39.31
C8 NAG XB . -45.40 -26.11 39.79
N2 NAG XB . -43.54 -27.51 39.19
O3 NAG XB . -43.84 -30.07 40.55
O4 NAG XB . -41.49 -31.66 40.69
O5 NAG XB . -40.84 -29.60 37.73
O6 NAG XB . -39.14 -31.27 37.05
O7 NAG XB . -45.61 -28.37 39.05
C1 NAG YB . -61.89 -23.35 26.38
C2 NAG YB . -62.43 -24.59 25.68
C3 NAG YB . -63.73 -24.27 24.96
C4 NAG YB . -64.74 -23.70 25.94
C5 NAG YB . -64.15 -22.48 26.65
C6 NAG YB . -65.05 -21.95 27.75
C7 NAG YB . -61.07 -26.41 24.76
C8 NAG YB . -60.04 -26.80 23.74
N2 NAG YB . -61.45 -25.13 24.75
O3 NAG YB . -64.25 -25.45 24.37
O4 NAG YB . -65.92 -23.31 25.26
O5 NAG YB . -62.90 -22.83 27.28
O6 NAG YB . -65.94 -22.95 28.22
O7 NAG YB . -61.52 -27.22 25.57
C1 NAG ZB . -48.36 -0.12 -32.24
C2 NAG ZB . -49.24 0.38 -33.42
C3 NAG ZB . -50.23 1.42 -32.93
C4 NAG ZB . -51.07 0.88 -31.80
C5 NAG ZB . -50.15 0.43 -30.67
C6 NAG ZB . -50.88 -0.20 -29.52
C7 NAG ZB . -48.73 0.95 -35.77
C8 NAG ZB . -47.74 1.58 -36.69
N2 NAG ZB . -48.40 0.94 -34.47
O3 NAG ZB . -51.09 1.78 -34.02
O4 NAG ZB . -51.92 1.89 -31.31
O5 NAG ZB . -49.22 -0.56 -31.16
O6 NAG ZB . -52.03 -0.90 -29.96
O7 NAG ZB . -49.79 0.48 -36.17
C1 NAG AC . -44.41 -2.97 -45.57
C2 NAG AC . -44.81 -3.65 -46.88
C3 NAG AC . -45.82 -2.80 -47.63
C4 NAG AC . -47.02 -2.46 -46.73
C5 NAG AC . -46.52 -1.83 -45.43
C6 NAG AC . -47.63 -1.57 -44.44
C7 NAG AC . -43.02 -5.08 -47.75
C8 NAG AC . -41.83 -5.17 -48.65
N2 NAG AC . -43.64 -3.90 -47.70
O3 NAG AC . -46.27 -3.47 -48.79
O4 NAG AC . -47.88 -1.56 -47.40
O5 NAG AC . -45.58 -2.71 -44.79
O6 NAG AC . -47.17 -0.82 -43.33
O7 NAG AC . -43.41 -6.04 -47.09
C1 NAG BC . -43.10 15.79 -4.90
C2 NAG BC . -44.01 17.01 -4.75
C3 NAG BC . -45.46 16.65 -5.06
C4 NAG BC . -45.56 15.95 -6.42
C5 NAG BC . -44.56 14.80 -6.50
C6 NAG BC . -44.53 14.15 -7.87
C7 NAG BC . -44.14 17.12 -2.24
C8 NAG BC . -43.90 18.02 -1.07
N2 NAG BC . -43.88 17.66 -3.44
O3 NAG BC . -46.26 17.82 -5.04
O4 NAG BC . -46.87 15.46 -6.61
O5 NAG BC . -43.23 15.25 -6.23
O6 NAG BC . -45.31 12.96 -7.89
O7 NAG BC . -44.56 15.96 -2.09
C1 NAG CC . -32.44 36.35 -5.24
C2 NAG CC . -33.53 35.37 -4.78
C3 NAG CC . -34.09 35.77 -3.42
C4 NAG CC . -32.97 35.95 -2.40
C5 NAG CC . -31.91 36.91 -2.94
C6 NAG CC . -30.71 37.06 -2.01
C7 NAG CC . -35.42 36.15 -6.26
C8 NAG CC . -36.42 35.68 -7.27
N2 NAG CC . -34.60 35.20 -5.78
O3 NAG CC . -34.99 34.76 -2.97
O4 NAG CC . -33.50 36.45 -1.19
O5 NAG CC . -31.41 36.45 -4.20
O6 NAG CC . -31.13 37.05 -0.65
O7 NAG CC . -35.37 37.33 -5.91
C1 NAG DC . 45.66 42.59 63.03
C2 NAG DC . 45.45 44.07 62.75
C3 NAG DC . 46.74 44.85 63.04
C4 NAG DC . 47.21 44.60 64.46
C5 NAG DC . 47.35 43.10 64.71
C6 NAG DC . 47.63 42.78 66.16
C7 NAG DC . 43.74 44.47 61.03
C8 NAG DC . 43.46 44.68 59.58
N2 NAG DC . 45.02 44.29 61.37
O3 NAG DC . 46.48 46.24 62.87
O4 NAG DC . 48.45 45.26 64.69
O5 NAG DC . 46.12 42.43 64.39
O6 NAG DC . 46.48 42.27 66.80
O7 NAG DC . 42.83 44.45 61.87
C1 NAG EC . 13.09 43.85 -34.86
C2 NAG EC . 14.14 42.79 -34.51
C3 NAG EC . 14.86 42.31 -35.77
C4 NAG EC . 13.85 41.83 -36.81
C5 NAG EC . 12.83 42.92 -37.10
C6 NAG EC . 11.73 42.46 -38.01
C7 NAG EC . 15.35 42.69 -32.36
C8 NAG EC . 16.39 43.35 -31.49
N2 NAG EC . 15.11 43.29 -33.54
O3 NAG EC . 15.76 41.25 -35.43
O4 NAG EC . 14.53 41.46 -38.01
O5 NAG EC . 12.19 43.34 -35.87
O6 NAG EC . 11.38 41.10 -37.76
O7 NAG EC . 14.78 41.67 -32.01
C1 NAG FC . -12.84 57.19 -23.32
C2 NAG FC . -12.84 58.41 -24.24
C3 NAG FC . -13.43 59.63 -23.54
C4 NAG FC . -14.80 59.32 -22.95
C5 NAG FC . -14.68 58.11 -22.03
C6 NAG FC . -16.01 57.66 -21.49
C7 NAG FC . -11.25 59.27 -25.90
C8 NAG FC . -9.81 59.52 -26.22
N2 NAG FC . -11.50 58.71 -24.72
O3 NAG FC . -13.55 60.73 -24.45
O4 NAG FC . -15.28 60.44 -22.22
O5 NAG FC . -14.16 57.00 -22.77
O6 NAG FC . -16.11 56.23 -21.46
O7 NAG FC . -12.15 59.59 -26.68
C1 NAG GC . -9.06 53.05 -46.64
C2 NAG GC . -10.39 52.99 -47.39
C3 NAG GC . -10.13 52.74 -48.88
C4 NAG GC . -9.22 53.83 -49.44
C5 NAG GC . -7.93 53.89 -48.63
C6 NAG GC . -7.04 55.04 -49.04
C7 NAG GC . -12.51 52.18 -46.48
C8 NAG GC . -13.26 51.01 -45.93
N2 NAG GC . -11.25 51.95 -46.84
O3 NAG GC . -11.37 52.75 -49.57
O4 NAG GC . -8.91 53.55 -50.79
O5 NAG GC . -8.22 54.07 -47.23
O6 NAG GC . -7.78 56.07 -49.67
O7 NAG GC . -13.02 53.29 -46.58
C1 NAG HC . -3.80 -10.37 -57.06
C2 NAG HC . -3.55 -11.23 -58.33
C3 NAG HC . -2.32 -10.73 -59.08
C4 NAG HC . -2.46 -9.26 -59.40
C5 NAG HC . -2.68 -8.49 -58.11
C6 NAG HC . -2.89 -7.01 -58.33
C7 NAG HC . -3.68 -13.66 -58.78
C8 NAG HC . -3.42 -15.03 -58.23
N2 NAG HC . -3.38 -12.64 -57.97
O3 NAG HC . -2.18 -11.47 -60.29
O4 NAG HC . -1.26 -8.80 -60.01
O5 NAG HC . -3.84 -8.99 -57.43
O6 NAG HC . -3.56 -6.77 -59.56
O7 NAG HC . -4.13 -13.49 -59.91
C1 NAG IC . -10.49 -22.80 -58.55
C2 NAG IC . -11.45 -23.62 -59.40
C3 NAG IC . -10.72 -24.15 -60.64
C4 NAG IC . -10.05 -23.00 -61.40
C5 NAG IC . -9.14 -22.22 -60.45
C6 NAG IC . -8.53 -21.00 -61.09
C7 NAG IC . -13.23 -24.65 -58.09
C8 NAG IC . -13.68 -25.87 -57.33
N2 NAG IC . -12.02 -24.72 -58.65
O3 NAG IC . -11.66 -24.81 -61.50
O4 NAG IC . -9.27 -23.52 -62.47
O5 NAG IC . -9.91 -21.75 -59.32
O6 NAG IC . -7.54 -20.42 -60.24
O7 NAG IC . -13.94 -23.64 -58.18
C1 NAG JC . 18.20 7.25 -41.80
C2 NAG JC . 19.51 7.39 -42.58
C3 NAG JC . 19.22 7.76 -44.04
C4 NAG JC . 18.21 6.80 -44.65
C5 NAG JC . 16.97 6.67 -43.75
C6 NAG JC . 15.99 5.63 -44.25
C7 NAG JC . 20.30 9.62 -41.74
C8 NAG JC . 21.44 10.31 -41.08
N2 NAG JC . 20.46 8.30 -41.97
O3 NAG JC . 20.43 7.74 -44.79
O4 NAG JC . 17.82 7.26 -45.94
O5 NAG JC . 17.35 6.28 -42.42
O6 NAG JC . 14.93 6.24 -44.97
O7 NAG JC . 19.27 10.23 -42.05
C1 NAG KC . 36.73 -2.88 -32.31
C2 NAG KC . 36.03 -1.79 -33.13
C3 NAG KC . 36.83 -0.50 -33.12
C4 NAG KC . 37.16 -0.07 -31.69
C5 NAG KC . 37.84 -1.21 -30.92
C6 NAG KC . 38.09 -0.88 -29.47
C7 NAG KC . 36.57 -2.62 -35.44
C8 NAG KC . 35.96 -3.01 -36.74
N2 NAG KC . 35.71 -2.23 -34.49
O3 NAG KC . 36.08 0.54 -33.76
O4 NAG KC . 38.01 1.06 -31.71
O5 NAG KC . 37.01 -2.39 -30.95
O6 NAG KC . 38.49 0.48 -29.31
O7 NAG KC . 37.79 -2.65 -35.26
C1 NAG LC . 52.99 26.46 66.05
C2 NAG LC . 54.36 25.86 65.74
C3 NAG LC . 55.05 25.41 67.02
C4 NAG LC . 55.13 26.57 68.02
C5 NAG LC . 53.75 27.17 68.26
C6 NAG LC . 53.80 28.42 69.09
C7 NAG LC . 54.46 24.88 63.49
C8 NAG LC . 54.29 23.63 62.68
N2 NAG LC . 54.24 24.74 64.81
O3 NAG LC . 56.36 24.96 66.72
O4 NAG LC . 55.71 26.12 69.24
O5 NAG LC . 53.15 27.54 67.01
O6 NAG LC . 53.60 29.57 68.27
O7 NAG LC . 54.75 25.95 62.99
#